data_3JAC
#
_entry.id   3JAC
#
_cell.length_a   1.000
_cell.length_b   1.000
_cell.length_c   1.000
_cell.angle_alpha   90.00
_cell.angle_beta   90.00
_cell.angle_gamma   90.00
#
_symmetry.space_group_name_H-M   'P 1'
#
_entity_poly.entity_id   1
_entity_poly.type   'polypeptide(L)'
_entity_poly.pdbx_seq_one_letter_code
;(UNK)(UNK)(UNK)(UNK)(UNK)(UNK)(UNK)(UNK)(UNK)(UNK)(UNK)(UNK)(UNK)(UNK)(UNK)(UNK)
(UNK)(UNK)(UNK)(UNK)(UNK)(UNK)(UNK)(UNK)(UNK)(UNK)(UNK)(UNK)(UNK)(UNK)(UNK)(UNK)
(UNK)(UNK)(UNK)(UNK)(UNK)(UNK)(UNK)(UNK)(UNK)(UNK)(UNK)(UNK)(UNK)(UNK)(UNK)(UNK)
(UNK)(UNK)(UNK)(UNK)(UNK)(UNK)(UNK)(UNK)(UNK)(UNK)(UNK)(UNK)(UNK)(UNK)(UNK)(UNK)
(UNK)(UNK)(UNK)(UNK)(UNK)(UNK)(UNK)(UNK)(UNK)(UNK)(UNK)(UNK)(UNK)(UNK)(UNK)(UNK)
(UNK)(UNK)(UNK)(UNK)(UNK)(UNK)(UNK)(UNK)(UNK)(UNK)(UNK)(UNK)(UNK)(UNK)(UNK)(UNK)
(UNK)(UNK)(UNK)(UNK)(UNK)(UNK)(UNK)(UNK)(UNK)(UNK)(UNK)(UNK)(UNK)(UNK)(UNK)(UNK)
(UNK)(UNK)(UNK)(UNK)(UNK)(UNK)(UNK)(UNK)(UNK)(UNK)(UNK)(UNK)(UNK)(UNK)(UNK)(UNK)
(UNK)(UNK)(UNK)(UNK)(UNK)(UNK)(UNK)(UNK)(UNK)(UNK)(UNK)(UNK)(UNK)(UNK)(UNK)(UNK)
(UNK)(UNK)(UNK)(UNK)(UNK)(UNK)(UNK)(UNK)(UNK)(UNK)(UNK)(UNK)(UNK)(UNK)(UNK)(UNK)
(UNK)(UNK)(UNK)(UNK)(UNK)(UNK)(UNK)(UNK)(UNK)(UNK)(UNK)(UNK)(UNK)(UNK)(UNK)(UNK)
(UNK)(UNK)(UNK)(UNK)(UNK)(UNK)(UNK)(UNK)(UNK)(UNK)(UNK)(UNK)(UNK)(UNK)(UNK)(UNK)
(UNK)(UNK)(UNK)(UNK)(UNK)(UNK)(UNK)(UNK)(UNK)(UNK)(UNK)(UNK)(UNK)(UNK)(UNK)(UNK)
(UNK)(UNK)(UNK)(UNK)(UNK)(UNK)(UNK)(UNK)(UNK)(UNK)(UNK)(UNK)(UNK)(UNK)(UNK)(UNK)
(UNK)(UNK)(UNK)(UNK)(UNK)(UNK)(UNK)(UNK)(UNK)(UNK)(UNK)(UNK)(UNK)(UNK)(UNK)(UNK)
(UNK)(UNK)(UNK)(UNK)(UNK)(UNK)(UNK)(UNK)(UNK)(UNK)(UNK)(UNK)(UNK)(UNK)(UNK)(UNK)
(UNK)(UNK)(UNK)(UNK)(UNK)(UNK)(UNK)(UNK)(UNK)(UNK)(UNK)(UNK)(UNK)(UNK)(UNK)(UNK)
(UNK)(UNK)(UNK)(UNK)(UNK)(UNK)(UNK)(UNK)(UNK)(UNK)(UNK)(UNK)(UNK)(UNK)(UNK)(UNK)
(UNK)(UNK)(UNK)(UNK)(UNK)(UNK)(UNK)(UNK)(UNK)(UNK)(UNK)(UNK)(UNK)(UNK)(UNK)(UNK)
(UNK)(UNK)(UNK)(UNK)(UNK)(UNK)(UNK)(UNK)(UNK)(UNK)(UNK)(UNK)(UNK)(UNK)(UNK)(UNK)
(UNK)(UNK)(UNK)(UNK)(UNK)(UNK)(UNK)(UNK)(UNK)(UNK)(UNK)(UNK)(UNK)(UNK)(UNK)(UNK)
(UNK)(UNK)(UNK)(UNK)(UNK)(UNK)(UNK)(UNK)(UNK)(UNK)(UNK)(UNK)(UNK)(UNK)(UNK)(UNK)
(UNK)(UNK)(UNK)(UNK)(UNK)(UNK)(UNK)(UNK)(UNK)(UNK)(UNK)(UNK)(UNK)(UNK)(UNK)(UNK)
(UNK)(UNK)(UNK)(UNK)(UNK)(UNK)(UNK)(UNK)(UNK)(UNK)(UNK)(UNK)(UNK)(UNK)(UNK)(UNK)
(UNK)(UNK)(UNK)(UNK)(UNK)(UNK)(UNK)(UNK)(UNK)(UNK)(UNK)(UNK)(UNK)(UNK)(UNK)(UNK)
(UNK)(UNK)(UNK)(UNK)(UNK)(UNK)(UNK)(UNK)(UNK)(UNK)(UNK)(UNK)(UNK)(UNK)(UNK)(UNK)
(UNK)(UNK)(UNK)(UNK)(UNK)(UNK)(UNK)(UNK)(UNK)(UNK)(UNK)(UNK)(UNK)(UNK)(UNK)(UNK)
(UNK)(UNK)(UNK)(UNK)(UNK)(UNK)(UNK)(UNK)(UNK)(UNK)(UNK)(UNK)(UNK)(UNK)(UNK)(UNK)
(UNK)(UNK)(UNK)(UNK)(UNK)(UNK)(UNK)(UNK)(UNK)(UNK)(UNK)(UNK)(UNK)(UNK)(UNK)(UNK)
(UNK)(UNK)(UNK)(UNK)(UNK)(UNK)(UNK)(UNK)(UNK)(UNK)(UNK)(UNK)(UNK)(UNK)(UNK)(UNK)
(UNK)(UNK)(UNK)(UNK)(UNK)(UNK)(UNK)(UNK)(UNK)(UNK)(UNK)(UNK)(UNK)(UNK)(UNK)(UNK)
(UNK)(UNK)(UNK)(UNK)(UNK)(UNK)(UNK)(UNK)(UNK)(UNK)(UNK)(UNK)(UNK)(UNK)(UNK)(UNK)
(UNK)(UNK)(UNK)(UNK)(UNK)(UNK)(UNK)(UNK)(UNK)(UNK)(UNK)(UNK)(UNK)(UNK)(UNK)(UNK)
(UNK)(UNK)(UNK)(UNK)(UNK)(UNK)(UNK)(UNK)(UNK)(UNK)(UNK)(UNK)(UNK)(UNK)(UNK)(UNK)
(UNK)(UNK)(UNK)(UNK)(UNK)(UNK)(UNK)(UNK)(UNK)(UNK)(UNK)(UNK)(UNK)(UNK)(UNK)(UNK)
(UNK)(UNK)(UNK)(UNK)(UNK)(UNK)(UNK)(UNK)(UNK)(UNK)(UNK)(UNK)(UNK)(UNK)(UNK)(UNK)
(UNK)(UNK)(UNK)(UNK)(UNK)(UNK)(UNK)(UNK)(UNK)(UNK)(UNK)(UNK)(UNK)(UNK)(UNK)(UNK)
(UNK)(UNK)(UNK)(UNK)(UNK)(UNK)(UNK)(UNK)(UNK)(UNK)(UNK)(UNK)(UNK)(UNK)(UNK)(UNK)
(UNK)(UNK)(UNK)(UNK)(UNK)(UNK)(UNK)(UNK)(UNK)(UNK)(UNK)(UNK)(UNK)(UNK)(UNK)(UNK)
(UNK)(UNK)(UNK)(UNK)(UNK)(UNK)(UNK)(UNK)(UNK)(UNK)(UNK)(UNK)(UNK)(UNK)(UNK)(UNK)
(UNK)(UNK)(UNK)(UNK)(UNK)(UNK)(UNK)(UNK)(UNK)(UNK)(UNK)(UNK)(UNK)(UNK)(UNK)(UNK)
(UNK)(UNK)(UNK)(UNK)(UNK)(UNK)(UNK)(UNK)(UNK)(UNK)(UNK)(UNK)(UNK)(UNK)(UNK)(UNK)
(UNK)(UNK)(UNK)(UNK)(UNK)(UNK)(UNK)(UNK)(UNK)(UNK)(UNK)(UNK)(UNK)(UNK)(UNK)(UNK)
(UNK)(UNK)(UNK)(UNK)(UNK)(UNK)(UNK)(UNK)(UNK)(UNK)(UNK)(UNK)(UNK)(UNK)(UNK)(UNK)
(UNK)(UNK)(UNK)(UNK)(UNK)(UNK)(UNK)(UNK)(UNK)(UNK)(UNK)(UNK)(UNK)(UNK)(UNK)(UNK)
(UNK)(UNK)(UNK)(UNK)(UNK)(UNK)(UNK)(UNK)(UNK)(UNK)(UNK)(UNK)(UNK)(UNK)(UNK)(UNK)
(UNK)(UNK)(UNK)(UNK)(UNK)(UNK)(UNK)(UNK)(UNK)(UNK)(UNK)(UNK)(UNK)(UNK)(UNK)(UNK)
(UNK)(UNK)(UNK)(UNK)(UNK)(UNK)(UNK)(UNK)(UNK)(UNK)(UNK)(UNK)(UNK)(UNK)(UNK)(UNK)
(UNK)(UNK)(UNK)(UNK)(UNK)(UNK)(UNK)(UNK)(UNK)(UNK)(UNK)(UNK)(UNK)(UNK)(UNK)(UNK)
(UNK)(UNK)(UNK)(UNK)(UNK)(UNK)(UNK)(UNK)(UNK)(UNK)(UNK)(UNK)(UNK)(UNK)(UNK)(UNK)
(UNK)(UNK)(UNK)(UNK)(UNK)(UNK)(UNK)(UNK)(UNK)(UNK)(UNK)(UNK)(UNK)(UNK)(UNK)(UNK)
(UNK)(UNK)(UNK)(UNK)(UNK)(UNK)(UNK)(UNK)(UNK)(UNK)(UNK)(UNK)(UNK)(UNK)(UNK)(UNK)
(UNK)(UNK)(UNK)(UNK)(UNK)(UNK)(UNK)(UNK)(UNK)(UNK)(UNK)(UNK)(UNK)(UNK)(UNK)(UNK)
(UNK)(UNK)(UNK)(UNK)(UNK)(UNK)(UNK)(UNK)(UNK)(UNK)(UNK)(UNK)(UNK)(UNK)(UNK)(UNK)
(UNK)(UNK)(UNK)(UNK)(UNK)(UNK)(UNK)(UNK)(UNK)(UNK)(UNK)(UNK)(UNK)(UNK)(UNK)(UNK)
(UNK)(UNK)(UNK)(UNK)(UNK)(UNK)(UNK)(UNK)(UNK)(UNK)(UNK)(UNK)(UNK)(UNK)(UNK)(UNK)
(UNK)(UNK)(UNK)(UNK)(UNK)(UNK)(UNK)(UNK)(UNK)(UNK)(UNK)(UNK)(UNK)(UNK)(UNK)(UNK)
(UNK)(UNK)(UNK)(UNK)(UNK)(UNK)(UNK)(UNK)(UNK)(UNK)(UNK)(UNK)(UNK)(UNK)(UNK)(UNK)
(UNK)(UNK)(UNK)(UNK)(UNK)(UNK)(UNK)(UNK)(UNK)(UNK)(UNK)(UNK)(UNK)(UNK)(UNK)(UNK)
(UNK)(UNK)(UNK)(UNK)(UNK)(UNK)(UNK)(UNK)(UNK)(UNK)(UNK)(UNK)(UNK)(UNK)(UNK)(UNK)
(UNK)(UNK)(UNK)(UNK)(UNK)(UNK)(UNK)(UNK)(UNK)(UNK)(UNK)(UNK)(UNK)(UNK)(UNK)(UNK)
(UNK)(UNK)(UNK)(UNK)(UNK)(UNK)(UNK)(UNK)(UNK)(UNK)(UNK)(UNK)(UNK)(UNK)(UNK)(UNK)
(UNK)(UNK)(UNK)(UNK)(UNK)(UNK)(UNK)(UNK)(UNK)(UNK)(UNK)(UNK)(UNK)(UNK)(UNK)(UNK)
(UNK)(UNK)(UNK)(UNK)(UNK)(UNK)(UNK)(UNK)(UNK)(UNK)(UNK)(UNK)(UNK)(UNK)(UNK)(UNK)
(UNK)(UNK)(UNK)(UNK)(UNK)(UNK)(UNK)(UNK)(UNK)(UNK)(UNK)(UNK)(UNK)(UNK)(UNK)(UNK)
(UNK)(UNK)(UNK)(UNK)(UNK)(UNK)(UNK)(UNK)(UNK)(UNK)(UNK)(UNK)(UNK)(UNK)(UNK)(UNK)
(UNK)(UNK)(UNK)(UNK)(UNK)(UNK)(UNK)(UNK)(UNK)(UNK)(UNK)(UNK)(UNK)(UNK)(UNK)(UNK)
(UNK)(UNK)(UNK)(UNK)(UNK)(UNK)(UNK)(UNK)(UNK)(UNK)(UNK)(UNK)(UNK)(UNK)(UNK)(UNK)
(UNK)(UNK)(UNK)(UNK)(UNK)(UNK)(UNK)(UNK)(UNK)(UNK)(UNK)(UNK)(UNK)(UNK)(UNK)(UNK)
(UNK)(UNK)(UNK)(UNK)(UNK)(UNK)(UNK)(UNK)(UNK)(UNK)(UNK)(UNK)(UNK)(UNK)(UNK)(UNK)
(UNK)(UNK)(UNK)(UNK)(UNK)(UNK)(UNK)(UNK)(UNK)(UNK)(UNK)(UNK)(UNK)(UNK)(UNK)(UNK)
(UNK)(UNK)(UNK)(UNK)(UNK)(UNK)(UNK)(UNK)(UNK)(UNK)(UNK)(UNK)(UNK)(UNK)(UNK)(UNK)
(UNK)(UNK)(UNK)(UNK)(UNK)(UNK)(UNK)(UNK)(UNK)(UNK)(UNK)(UNK)(UNK)(UNK)(UNK)(UNK)
(UNK)(UNK)(UNK)(UNK)(UNK)(UNK)(UNK)(UNK)(UNK)(UNK)(UNK)(UNK)(UNK)(UNK)(UNK)(UNK)
(UNK)(UNK)(UNK)(UNK)(UNK)(UNK)(UNK)(UNK)(UNK)(UNK)(UNK)(UNK)(UNK)(UNK)(UNK)(UNK)
(UNK)(UNK)(UNK)(UNK)(UNK)(UNK)(UNK)(UNK)(UNK)(UNK)(UNK)(UNK)(UNK)(UNK)(UNK)(UNK)
(UNK)(UNK)(UNK)(UNK)(UNK)(UNK)(UNK)(UNK)(UNK)(UNK)(UNK)(UNK)(UNK)(UNK)(UNK)(UNK)
(UNK)(UNK)(UNK)(UNK)(UNK)(UNK)(UNK)(UNK)(UNK)(UNK)(UNK)(UNK)(UNK)(UNK)(UNK)(UNK)
(UNK)(UNK)(UNK)(UNK)(UNK)(UNK)(UNK)(UNK)(UNK)(UNK)(UNK)(UNK)(UNK)(UNK)(UNK)(UNK)
(UNK)(UNK)(UNK)(UNK)(UNK)(UNK)(UNK)(UNK)(UNK)(UNK)(UNK)(UNK)(UNK)(UNK)(UNK)(UNK)
(UNK)(UNK)(UNK)(UNK)(UNK)(UNK)(UNK)(UNK)(UNK)(UNK)(UNK)(UNK)(UNK)(UNK)(UNK)(UNK)
(UNK)(UNK)(UNK)(UNK)(UNK)(UNK)(UNK)(UNK)(UNK)(UNK)(UNK)(UNK)(UNK)(UNK)(UNK)(UNK)
(UNK)(UNK)(UNK)(UNK)(UNK)(UNK)(UNK)(UNK)(UNK)(UNK)(UNK)(UNK)(UNK)(UNK)(UNK)(UNK)
(UNK)(UNK)(UNK)(UNK)(UNK)(UNK)(UNK)(UNK)(UNK)(UNK)(UNK)(UNK)(UNK)(UNK)(UNK)(UNK)
(UNK)(UNK)(UNK)(UNK)(UNK)(UNK)(UNK)(UNK)(UNK)(UNK)(UNK)(UNK)(UNK)(UNK)(UNK)(UNK)
(UNK)(UNK)(UNK)(UNK)(UNK)(UNK)(UNK)(UNK)(UNK)(UNK)(UNK)(UNK)(UNK)(UNK)(UNK)(UNK)
(UNK)(UNK)(UNK)(UNK)(UNK)(UNK)(UNK)(UNK)(UNK)(UNK)(UNK)(UNK)(UNK)(UNK)(UNK)(UNK)
(UNK)(UNK)(UNK)(UNK)(UNK)(UNK)(UNK)(UNK)(UNK)(UNK)(UNK)(UNK)(UNK)(UNK)(UNK)(UNK)
(UNK)(UNK)(UNK)(UNK)(UNK)(UNK)(UNK)(UNK)(UNK)(UNK)(UNK)(UNK)(UNK)(UNK)(UNK)(UNK)
(UNK)(UNK)(UNK)(UNK)(UNK)(UNK)(UNK)(UNK)(UNK)(UNK)(UNK)(UNK)(UNK)(UNK)(UNK)(UNK)
(UNK)(UNK)(UNK)(UNK)(UNK)(UNK)(UNK)(UNK)(UNK)(UNK)(UNK)(UNK)(UNK)(UNK)(UNK)(UNK)
(UNK)(UNK)(UNK)(UNK)(UNK)(UNK)(UNK)(UNK)(UNK)(UNK)(UNK)(UNK)(UNK)(UNK)(UNK)(UNK)
(UNK)(UNK)(UNK)(UNK)(UNK)(UNK)(UNK)(UNK)(UNK)(UNK)(UNK)(UNK)(UNK)(UNK)(UNK)(UNK)
(UNK)(UNK)(UNK)(UNK)(UNK)(UNK)(UNK)(UNK)(UNK)(UNK)(UNK)(UNK)(UNK)(UNK)(UNK)(UNK)
(UNK)(UNK)(UNK)(UNK)(UNK)(UNK)(UNK)(UNK)(UNK)(UNK)(UNK)(UNK)(UNK)(UNK)(UNK)(UNK)
(UNK)(UNK)(UNK)(UNK)(UNK)(UNK)(UNK)(UNK)(UNK)(UNK)(UNK)(UNK)(UNK)(UNK)(UNK)(UNK)
(UNK)(UNK)(UNK)(UNK)(UNK)(UNK)(UNK)(UNK)(UNK)(UNK)(UNK)(UNK)(UNK)(UNK)(UNK)(UNK)
(UNK)(UNK)(UNK)(UNK)(UNK)(UNK)(UNK)(UNK)(UNK)(UNK)(UNK)(UNK)(UNK)(UNK)(UNK)(UNK)
(UNK)(UNK)(UNK)(UNK)(UNK)(UNK)(UNK)(UNK)(UNK)(UNK)(UNK)(UNK)(UNK)(UNK)(UNK)(UNK)
(UNK)(UNK)(UNK)(UNK)(UNK)(UNK)(UNK)(UNK)(UNK)(UNK)(UNK)(UNK)(UNK)(UNK)(UNK)(UNK)
(UNK)(UNK)(UNK)(UNK)(UNK)(UNK)(UNK)(UNK)(UNK)(UNK)(UNK)(UNK)(UNK)(UNK)(UNK)(UNK)
(UNK)(UNK)(UNK)(UNK)(UNK)(UNK)(UNK)(UNK)(UNK)(UNK)(UNK)(UNK)(UNK)(UNK)(UNK)(UNK)
(UNK)(UNK)(UNK)(UNK)(UNK)(UNK)(UNK)(UNK)(UNK)(UNK)(UNK)(UNK)(UNK)(UNK)(UNK)(UNK)
(UNK)(UNK)(UNK)(UNK)(UNK)(UNK)(UNK)(UNK)(UNK)(UNK)(UNK)(UNK)(UNK)(UNK)(UNK)(UNK)
(UNK)(UNK)(UNK)(UNK)(UNK)(UNK)(UNK)(UNK)(UNK)(UNK)(UNK)(UNK)(UNK)(UNK)(UNK)(UNK)
(UNK)(UNK)(UNK)(UNK)(UNK)(UNK)(UNK)(UNK)(UNK)(UNK)(UNK)(UNK)(UNK)(UNK)(UNK)(UNK)
(UNK)(UNK)(UNK)(UNK)(UNK)(UNK)(UNK)(UNK)(UNK)(UNK)(UNK)(UNK)(UNK)(UNK)(UNK)(UNK)
(UNK)(UNK)(UNK)(UNK)(UNK)(UNK)(UNK)(UNK)(UNK)(UNK)(UNK)(UNK)(UNK)(UNK)(UNK)(UNK)
(UNK)(UNK)(UNK)(UNK)(UNK)(UNK)(UNK)(UNK)(UNK)(UNK)(UNK)(UNK)(UNK)(UNK)(UNK)(UNK)
(UNK)(UNK)(UNK)(UNK)(UNK)(UNK)(UNK)(UNK)(UNK)(UNK)(UNK)(UNK)(UNK)(UNK)(UNK)(UNK)
(UNK)(UNK)(UNK)(UNK)(UNK)(UNK)(UNK)(UNK)(UNK)(UNK)(UNK)(UNK)(UNK)(UNK)(UNK)(UNK)
(UNK)(UNK)(UNK)(UNK)(UNK)(UNK)(UNK)(UNK)(UNK)(UNK)(UNK)(UNK)(UNK)(UNK)(UNK)(UNK)
(UNK)(UNK)(UNK)(UNK)(UNK)(UNK)(UNK)(UNK)(UNK)(UNK)(UNK)(UNK)(UNK)(UNK)(UNK)(UNK)
(UNK)(UNK)(UNK)(UNK)(UNK)(UNK)(UNK)(UNK)(UNK)(UNK)(UNK)(UNK)(UNK)(UNK)(UNK)(UNK)
(UNK)(UNK)(UNK)(UNK)(UNK)(UNK)(UNK)(UNK)(UNK)(UNK)(UNK)(UNK)(UNK)(UNK)(UNK)(UNK)
(UNK)(UNK)(UNK)(UNK)(UNK)(UNK)(UNK)(UNK)(UNK)(UNK)(UNK)(UNK)(UNK)(UNK)(UNK)(UNK)
(UNK)(UNK)(UNK)(UNK)(UNK)(UNK)(UNK)(UNK)(UNK)(UNK)(UNK)(UNK)(UNK)(UNK)(UNK)(UNK)
(UNK)(UNK)(UNK)(UNK)(UNK)(UNK)(UNK)(UNK)(UNK)(UNK)(UNK)(UNK)(UNK)(UNK)(UNK)(UNK)
(UNK)(UNK)(UNK)(UNK)(UNK)(UNK)(UNK)(UNK)(UNK)(UNK)(UNK)(UNK)(UNK)(UNK)(UNK)(UNK)
(UNK)(UNK)(UNK)(UNK)(UNK)(UNK)(UNK)(UNK)(UNK)(UNK)(UNK)(UNK)(UNK)(UNK)(UNK)(UNK)
(UNK)(UNK)(UNK)(UNK)(UNK)(UNK)(UNK)(UNK)(UNK)(UNK)(UNK)(UNK)(UNK)(UNK)(UNK)(UNK)
(UNK)(UNK)(UNK)(UNK)(UNK)(UNK)(UNK)(UNK)(UNK)(UNK)(UNK)(UNK)(UNK)(UNK)(UNK)(UNK)
(UNK)(UNK)(UNK)(UNK)(UNK)(UNK)(UNK)(UNK)FFHDILHTKYRAATDVYALMFLADIVDIIIIIFGFWAFGK
HSAATDIASSLSDDQVPQAFLFMLLVQFGTMVIDRALYLRKTVLGKLAFQVVLVVAIHIWMFFILPAVTERMFSQNAVAQ
LWYFVKCIYFALSAYQIRCGYPTRILGNFLTKKYNHLNLFLFQGFRLVPFLVELRAVMDWVWTDTTLSLSNWMCVEDIYA
NIFIIKCSRETEKKYPQPKGQKKKKIVKYGMGGLIILFLIAIIWFPLLFMSLIRSVVGVVNQPIDVTVTLKLGGYEPLFT
MSAQQPSIVPFTPQAYEELSQQFDPYPLAMQFISQYSPEDIVTAQIEGSSGALWRISPPSRAQMKQELYNGTADITLRFT
WNFQRDLAKGGTVEYTNEKHTLELAPNSTARRQLAQLLEGRPDQSVVIPHLFPKYIRAPNGPEANPVKQLQPDEEEDYLG
VRIQLRREQVGTGASGEQAGTKASDFLEWWVIELQDCKADCNLLPMVIFSDKVSPPSLGFLAGYGIVGLYVSIVLVVGKF
VRGFFSEISHSIMFEELPCVDRILKLCQDIFLVRETRELELEEELYAKLIFLYRSPETMIKWTRERELEVLFQ
;
_entity_poly.pdbx_strand_id   A,B,C
#
# COMPACT_ATOMS: atom_id res chain seq x y z
N UNK A 201 65.22 2.33 18.51
CA UNK A 201 65.44 2.21 17.07
C UNK A 201 65.70 0.75 16.73
N UNK A 202 65.41 -0.12 17.69
CA UNK A 202 65.65 -1.56 17.55
C UNK A 202 64.40 -2.27 17.06
N UNK A 203 63.26 -1.96 17.68
CA UNK A 203 61.98 -2.57 17.30
C UNK A 203 61.67 -2.33 15.83
N UNK A 204 61.83 -1.07 15.40
CA UNK A 204 61.55 -0.71 14.02
C UNK A 204 62.40 -1.52 13.05
N UNK A 205 63.70 -1.62 13.34
CA UNK A 205 64.62 -2.37 12.51
C UNK A 205 64.18 -3.82 12.36
N UNK A 206 63.83 -4.45 13.48
CA UNK A 206 63.39 -5.83 13.48
C UNK A 206 62.17 -6.03 12.58
N UNK A 207 61.20 -5.15 12.72
CA UNK A 207 59.98 -5.22 11.92
C UNK A 207 60.29 -5.16 10.43
N UNK A 208 61.15 -4.21 10.05
CA UNK A 208 61.54 -4.05 8.65
C UNK A 208 62.15 -5.33 8.10
N UNK A 209 63.07 -5.91 8.85
CA UNK A 209 63.75 -7.13 8.45
C UNK A 209 62.74 -8.26 8.19
N UNK A 210 61.81 -8.43 9.12
CA UNK A 210 60.79 -9.46 9.00
C UNK A 210 59.98 -9.29 7.73
N UNK A 211 59.55 -8.06 7.46
CA UNK A 211 58.76 -7.77 6.26
C UNK A 211 59.52 -8.15 5.00
N UNK A 212 60.79 -7.77 4.93
CA UNK A 212 61.63 -8.07 3.77
C UNK A 212 61.71 -9.58 3.53
N UNK A 213 61.94 -10.33 4.60
CA UNK A 213 62.05 -11.78 4.50
C UNK A 213 60.77 -12.39 3.93
N UNK A 214 59.64 -11.95 4.45
CA UNK A 214 58.34 -12.44 4.00
C UNK A 214 58.16 -12.21 2.50
N UNK A 215 58.46 -11.00 2.05
CA UNK A 215 58.33 -10.64 0.65
C UNK A 215 59.17 -11.57 -0.24
N UNK A 216 60.41 -11.78 0.16
CA UNK A 216 61.32 -12.64 -0.59
C UNK A 216 60.75 -14.05 -0.73
N UNK A 217 60.26 -14.60 0.37
CA UNK A 217 59.69 -15.94 0.37
C UNK A 217 58.53 -16.04 -0.62
N UNK A 218 57.63 -15.07 -0.57
CA UNK A 218 56.48 -15.04 -1.46
C UNK A 218 56.91 -15.05 -2.92
N UNK A 219 57.88 -14.21 -3.27
CA UNK A 219 58.37 -14.12 -4.63
C UNK A 219 58.90 -15.47 -5.11
N UNK A 220 59.70 -16.12 -4.27
CA UNK A 220 60.27 -17.42 -4.60
C UNK A 220 59.20 -18.44 -4.91
N UNK A 221 58.18 -18.50 -4.04
CA UNK A 221 57.07 -19.43 -4.21
C UNK A 221 56.38 -19.22 -5.56
N UNK A 222 56.10 -17.96 -5.88
CA UNK A 222 55.43 -17.63 -7.14
C UNK A 222 56.24 -18.13 -8.33
N UNK A 223 57.54 -17.86 -8.31
CA UNK A 223 58.42 -18.28 -9.39
C UNK A 223 58.37 -19.79 -9.60
N UNK A 224 58.47 -20.53 -8.50
CA UNK A 224 58.42 -22.00 -8.56
C UNK A 224 57.13 -22.47 -9.22
N UNK A 225 56.04 -21.86 -8.75
CA UNK A 225 54.69 -22.16 -9.25
C UNK A 225 54.62 -21.92 -10.76
N UNK A 226 55.15 -20.77 -11.14
CA UNK A 226 55.18 -20.33 -12.55
C UNK A 226 55.92 -21.37 -13.39
N UNK A 227 57.07 -21.78 -12.87
CA UNK A 227 57.94 -22.77 -13.52
C UNK A 227 57.17 -24.07 -13.75
N UNK A 228 56.49 -24.48 -12.70
CA UNK A 228 55.68 -25.71 -12.70
C UNK A 228 54.62 -25.64 -13.80
N UNK A 229 53.96 -24.50 -13.83
CA UNK A 229 52.90 -24.21 -14.82
C UNK A 229 53.45 -24.35 -16.24
N UNK A 230 54.61 -23.75 -16.43
CA UNK A 230 55.32 -23.76 -17.72
C UNK A 230 55.59 -25.20 -18.15
N UNK A 231 56.09 -25.96 -17.20
CA UNK A 231 56.45 -27.38 -17.40
C UNK A 231 55.21 -28.15 -17.86
N UNK A 232 54.12 -27.90 -17.16
CA UNK A 232 52.82 -28.53 -17.43
C UNK A 232 52.39 -28.24 -18.87
N UNK A 233 52.50 -26.98 -19.21
CA UNK A 233 52.14 -26.47 -20.55
C UNK A 233 52.95 -27.22 -21.62
N UNK A 234 54.24 -27.31 -21.36
CA UNK A 234 55.19 -27.99 -22.25
C UNK A 234 54.76 -29.44 -22.48
N UNK A 235 54.35 -30.07 -21.38
CA UNK A 235 53.96 -31.48 -21.35
C UNK A 235 52.80 -31.71 -22.30
N UNK A 236 51.91 -30.72 -22.35
CA UNK A 236 50.75 -30.77 -23.23
C UNK A 236 51.19 -30.55 -24.67
N UNK A 237 52.00 -29.52 -24.89
CA UNK A 237 52.55 -29.24 -26.21
C UNK A 237 53.08 -30.53 -26.81
N UNK A 238 53.42 -31.47 -25.94
CA UNK A 238 53.88 -32.79 -26.36
C UNK A 238 52.70 -33.73 -26.45
N UNK A 239 51.87 -33.74 -25.40
CA UNK A 239 50.66 -34.55 -25.38
C UNK A 239 49.91 -34.36 -26.70
N UNK A 240 49.81 -33.11 -27.14
CA UNK A 240 49.20 -32.79 -28.42
C UNK A 240 50.21 -33.05 -29.54
N UNK A 241 51.48 -33.11 -29.16
CA UNK A 241 52.56 -33.36 -30.11
C UNK A 241 52.41 -34.74 -30.75
N UNK A 242 52.09 -35.73 -29.92
CA UNK A 242 51.89 -37.10 -30.40
C UNK A 242 51.03 -37.09 -31.66
N UNK A 243 49.93 -36.34 -31.60
CA UNK A 243 49.04 -36.20 -32.75
C UNK A 243 49.78 -35.54 -33.90
N UNK A 244 50.00 -34.23 -33.78
CA UNK A 244 50.69 -33.48 -34.82
C UNK A 244 50.68 -31.99 -34.52
N UNK A 245 51.22 -31.20 -35.44
CA UNK A 245 51.27 -29.74 -35.27
C UNK A 245 49.93 -29.21 -34.79
N UNK A 246 49.03 -28.93 -35.73
CA UNK A 246 47.70 -28.46 -35.38
C UNK A 246 47.09 -29.36 -34.31
N UNK A 247 47.63 -30.56 -34.18
CA UNK A 247 47.18 -31.51 -33.17
C UNK A 247 48.00 -31.35 -31.90
N UNK A 248 49.11 -30.62 -32.00
CA UNK A 248 49.98 -30.38 -30.86
C UNK A 248 50.09 -28.89 -30.57
N UNK A 249 50.09 -28.09 -31.64
CA UNK A 249 50.18 -26.64 -31.51
C UNK A 249 49.26 -26.14 -30.42
N UNK A 250 48.03 -26.65 -30.40
CA UNK A 250 47.05 -26.29 -29.39
C UNK A 250 47.57 -26.67 -28.00
N UNK A 251 47.08 -27.77 -27.45
CA UNK A 251 47.57 -28.25 -26.16
C UNK A 251 49.08 -28.25 -26.18
N UNK A 252 49.63 -28.17 -27.38
CA UNK A 252 51.08 -28.13 -27.56
C UNK A 252 51.77 -26.84 -27.17
N UNK A 253 51.14 -25.72 -27.51
CA UNK A 253 51.86 -24.43 -27.55
C UNK A 253 51.14 -23.41 -26.67
N UNK A 254 49.84 -23.37 -26.85
CA UNK A 254 48.96 -22.45 -26.11
C UNK A 254 49.10 -22.69 -24.60
N UNK A 255 49.06 -23.96 -24.25
CA UNK A 255 49.19 -24.42 -22.86
C UNK A 255 50.51 -23.94 -22.26
N UNK A 256 51.55 -24.14 -23.05
CA UNK A 256 52.92 -23.75 -22.67
C UNK A 256 52.97 -22.25 -22.38
N UNK A 257 52.38 -21.50 -23.29
CA UNK A 257 52.31 -20.04 -23.20
C UNK A 257 51.64 -19.62 -21.90
N UNK A 258 50.51 -20.25 -21.60
CA UNK A 258 49.76 -19.94 -20.38
C UNK A 258 50.62 -20.14 -19.13
N UNK A 259 51.32 -21.27 -19.08
CA UNK A 259 52.19 -21.58 -17.95
C UNK A 259 53.24 -20.50 -17.76
N UNK A 260 53.89 -20.11 -18.84
CA UNK A 260 54.92 -19.08 -18.79
C UNK A 260 54.38 -17.78 -18.21
N UNK A 261 53.22 -17.36 -18.70
CA UNK A 261 52.60 -16.13 -18.23
C UNK A 261 52.35 -16.17 -16.72
N UNK A 262 51.79 -17.29 -16.26
CA UNK A 262 51.50 -17.46 -14.84
C UNK A 262 52.77 -17.30 -14.00
N UNK A 263 53.83 -17.98 -14.42
CA UNK A 263 55.11 -17.91 -13.71
C UNK A 263 55.61 -16.48 -13.59
N UNK A 264 55.57 -15.75 -14.70
CA UNK A 264 56.03 -14.37 -14.72
C UNK A 264 55.26 -13.52 -13.72
N UNK A 265 53.94 -13.66 -13.73
CA UNK A 265 53.08 -12.92 -12.81
C UNK A 265 53.46 -13.17 -11.36
N UNK A 266 53.64 -14.44 -11.02
CA UNK A 266 54.00 -14.82 -9.66
C UNK A 266 55.31 -14.15 -9.23
N UNK A 267 56.31 -14.20 -10.10
CA UNK A 267 57.60 -13.61 -9.81
C UNK A 267 57.47 -12.12 -9.52
N UNK A 268 56.72 -11.42 -10.36
CA UNK A 268 56.50 -9.99 -10.19
C UNK A 268 55.90 -9.67 -8.83
N UNK A 269 54.86 -10.42 -8.47
CA UNK A 269 54.18 -10.23 -7.20
C UNK A 269 55.15 -10.38 -6.03
N UNK A 270 55.96 -11.44 -6.06
CA UNK A 270 56.93 -11.69 -5.01
C UNK A 270 57.89 -10.52 -4.84
N UNK A 271 58.42 -10.04 -5.97
CA UNK A 271 59.35 -8.92 -5.95
C UNK A 271 58.73 -7.69 -5.29
N UNK A 272 57.50 -7.37 -5.68
CA UNK A 272 56.79 -6.22 -5.12
C UNK A 272 56.67 -6.33 -3.61
N UNK A 273 56.26 -7.50 -3.14
CA UNK A 273 56.09 -7.74 -1.70
C UNK A 273 57.40 -7.50 -0.95
N UNK A 274 58.49 -8.05 -1.48
CA UNK A 274 59.81 -7.88 -0.86
C UNK A 274 60.18 -6.42 -0.72
N UNK A 275 59.98 -5.66 -1.80
CA UNK A 275 60.30 -4.24 -1.80
C UNK A 275 59.53 -3.50 -0.72
N UNK A 276 58.23 -3.77 -0.64
CA UNK A 276 57.38 -3.13 0.36
C UNK A 276 57.89 -3.39 1.78
N UNK A 277 58.22 -4.65 2.06
CA UNK A 277 58.72 -5.04 3.38
C UNK A 277 59.98 -4.26 3.74
N UNK A 278 60.91 -4.19 2.79
CA UNK A 278 62.16 -3.48 3.01
C UNK A 278 61.91 -2.01 3.37
N UNK A 279 61.04 -1.36 2.60
CA UNK A 279 60.71 0.03 2.85
C UNK A 279 60.16 0.24 4.25
N UNK A 280 59.23 -0.61 4.66
CA UNK A 280 58.64 -0.52 5.99
C UNK A 280 59.71 -0.61 7.08
N UNK A 281 60.60 -1.58 6.94
CA UNK A 281 61.67 -1.78 7.92
C UNK A 281 62.53 -0.52 8.05
N UNK A 282 62.92 0.05 6.91
CA UNK A 282 63.73 1.25 6.91
C UNK A 282 63.05 2.39 7.66
N UNK A 283 61.77 2.60 7.36
CA UNK A 283 61.01 3.66 8.01
C UNK A 283 61.02 3.49 9.53
N UNK A 284 60.75 2.27 9.99
CA UNK A 284 60.72 1.97 11.41
C UNK A 284 62.04 2.32 12.07
N UNK A 285 63.14 1.90 11.45
CA UNK A 285 64.48 2.17 11.99
C UNK A 285 64.71 3.66 12.15
N UNK A 286 64.37 4.43 11.12
CA UNK A 286 64.55 5.87 11.14
C UNK A 286 63.79 6.50 12.31
N UNK A 287 62.54 6.10 12.48
CA UNK A 287 61.71 6.62 13.56
C UNK A 287 62.35 6.38 14.91
N UNK A 288 62.80 5.15 15.13
CA UNK A 288 63.44 4.77 16.38
C UNK A 288 64.64 5.66 16.69
N UNK A 289 65.49 5.85 15.68
CA UNK A 289 66.69 6.67 15.83
C UNK A 289 66.32 8.10 16.26
N UNK A 290 65.34 8.68 15.59
CA UNK A 290 64.89 10.03 15.89
C UNK A 290 64.44 10.14 17.35
N UNK A 291 63.63 9.18 17.79
CA UNK A 291 63.14 9.18 19.15
C UNK A 291 64.28 9.16 20.17
N UNK A 292 65.25 8.29 19.93
CA UNK A 292 66.41 8.17 20.82
C UNK A 292 67.15 9.49 20.94
N UNK A 293 67.39 10.14 19.80
CA UNK A 293 68.09 11.42 19.77
C UNK A 293 67.37 12.46 20.61
N UNK A 294 66.05 12.55 20.42
CA UNK A 294 65.24 13.51 21.17
C UNK A 294 65.37 13.30 22.67
N UNK A 295 65.26 12.04 23.10
CA UNK A 295 65.36 11.70 24.51
C UNK A 295 66.70 12.16 25.09
N UNK A 296 67.78 11.86 24.37
CA UNK A 296 69.11 12.25 24.82
C UNK A 296 69.22 13.75 25.02
N UNK A 447 64.78 13.52 25.14
CA UNK A 447 64.41 14.70 25.90
C UNK A 447 63.48 15.61 25.11
N UNK A 448 63.84 15.86 23.86
CA UNK A 448 63.03 16.72 22.99
C UNK A 448 61.61 16.18 22.84
N UNK A 449 61.51 14.87 22.58
CA UNK A 449 60.21 14.24 22.42
C UNK A 449 59.34 14.41 23.66
N UNK A 450 59.93 14.18 24.83
CA UNK A 450 59.20 14.32 26.09
C UNK A 450 58.66 15.73 26.25
N UNK A 451 59.49 16.73 25.99
CA UNK A 451 59.10 18.12 26.11
C UNK A 451 57.89 18.43 25.22
N UNK A 452 57.97 17.98 23.97
CA UNK A 452 56.89 18.21 23.02
C UNK A 452 55.57 17.63 23.52
N UNK A 453 55.63 16.39 24.01
CA UNK A 453 54.44 15.72 24.52
C UNK A 453 53.80 16.52 25.65
N UNK A 454 54.63 16.97 26.59
CA UNK A 454 54.15 17.75 27.73
C UNK A 454 53.42 19.00 27.28
N UNK A 455 54.04 19.72 26.34
CA UNK A 455 53.45 20.94 25.82
C UNK A 455 52.07 20.69 25.22
N UNK A 456 51.97 19.64 24.41
CA UNK A 456 50.71 19.29 23.77
C UNK A 456 49.62 19.04 24.81
N UNK A 457 49.95 18.26 25.84
CA UNK A 457 49.01 17.92 26.89
C UNK A 457 48.49 19.20 27.57
N UNK A 458 49.40 20.10 27.91
CA UNK A 458 49.03 21.35 28.56
C UNK A 458 48.04 22.15 27.71
N UNK A 459 48.34 22.26 26.42
CA UNK A 459 47.47 23.00 25.51
C UNK A 459 46.07 22.42 25.49
N UNK A 460 45.98 21.10 25.38
CA UNK A 460 44.69 20.41 25.36
C UNK A 460 43.87 20.72 26.61
N UNK A 461 44.52 20.63 27.77
CA UNK A 461 43.86 20.91 29.03
C UNK A 461 43.28 22.32 29.07
N UNK A 462 44.08 23.29 28.65
CA UNK A 462 43.65 24.68 28.63
C UNK A 462 42.41 24.86 27.77
N UNK A 463 42.43 24.28 26.57
CA UNK A 463 41.30 24.37 25.66
C UNK A 463 40.03 23.83 26.28
N UNK A 464 40.13 22.66 26.90
CA UNK A 464 38.98 22.03 27.56
C UNK A 464 38.39 22.95 28.62
N UNK A 465 39.24 23.51 29.45
CA UNK A 465 38.80 24.40 30.53
C UNK A 465 38.03 25.59 29.96
N UNK A 466 38.58 26.21 28.92
CA UNK A 466 37.93 27.36 28.29
C UNK A 466 36.53 27.01 27.80
N UNK A 467 36.42 25.87 27.12
CA UNK A 467 35.14 25.41 26.58
C UNK A 467 34.10 25.27 27.70
N UNK A 468 34.51 24.62 28.78
CA UNK A 468 33.62 24.40 29.92
C UNK A 468 33.10 25.72 30.47
N UNK A 469 34.00 26.69 30.66
CA UNK A 469 33.64 28.00 31.18
C UNK A 469 32.59 28.67 30.29
N UNK A 470 32.83 28.65 28.99
CA UNK A 470 31.91 29.25 28.03
C UNK A 470 30.51 28.65 28.16
N UNK A 471 30.45 27.32 28.21
CA UNK A 471 29.18 26.62 28.32
C UNK A 471 28.42 27.05 29.57
N UNK A 556 62.68 10.33 52.04
CA UNK A 556 62.56 10.90 53.38
C UNK A 556 63.20 12.29 53.44
N UNK A 557 64.42 12.40 52.93
CA UNK A 557 65.13 13.67 52.92
C UNK A 557 64.40 14.71 52.07
N UNK A 558 63.87 14.26 50.93
CA UNK A 558 63.12 15.13 50.05
C UNK A 558 61.86 15.62 50.76
N UNK A 559 61.22 14.72 51.50
CA UNK A 559 60.04 15.06 52.27
C UNK A 559 60.41 16.08 53.35
N UNK A 560 61.58 15.88 53.96
CA UNK A 560 62.07 16.77 55.00
C UNK A 560 62.32 18.17 54.45
N UNK A 561 62.04 19.18 55.27
CA UNK A 561 62.21 20.57 54.87
C UNK A 561 61.37 20.91 53.64
N UNK A 562 61.98 21.55 52.63
CA UNK A 562 61.26 21.97 51.44
C UNK A 562 60.13 22.92 51.83
N UNK A 563 60.38 23.75 52.82
CA UNK A 563 59.39 24.71 53.30
C UNK A 563 59.02 25.71 52.21
N UNK A 564 60.03 26.16 51.47
CA UNK A 564 59.81 27.12 50.39
C UNK A 564 58.91 26.51 49.33
N UNK A 565 59.14 25.24 49.03
CA UNK A 565 58.31 24.51 48.07
C UNK A 565 56.91 24.37 48.64
N UNK A 566 56.74 24.78 49.88
CA UNK A 566 55.44 24.69 50.54
C UNK A 566 54.80 26.09 50.56
N UNK A 567 55.65 27.08 50.81
CA UNK A 567 55.22 28.48 50.90
C UNK A 567 54.66 29.02 49.59
N UNK A 568 55.27 28.61 48.48
CA UNK A 568 54.88 29.14 47.17
C UNK A 568 53.43 28.79 46.87
N UNK A 569 53.03 27.58 47.23
CA UNK A 569 51.64 27.17 47.08
C UNK A 569 50.79 28.07 47.98
N UNK A 570 51.32 28.36 49.17
CA UNK A 570 50.66 29.23 50.12
C UNK A 570 49.81 30.28 49.42
N UNK A 571 50.40 30.92 48.40
CA UNK A 571 49.68 31.94 47.64
C UNK A 571 48.40 31.40 47.03
N UNK A 572 48.50 30.22 46.40
CA UNK A 572 47.36 29.59 45.77
C UNK A 572 46.23 29.36 46.78
N UNK A 573 46.59 28.81 47.94
CA UNK A 573 45.62 28.54 48.99
C UNK A 573 44.87 29.82 49.40
N UNK A 574 45.64 30.88 49.63
CA UNK A 574 45.06 32.16 50.02
C UNK A 574 44.04 32.65 49.01
N UNK A 575 44.41 32.59 47.73
CA UNK A 575 43.54 33.04 46.66
C UNK A 575 42.22 32.27 46.66
N UNK A 576 42.32 30.95 46.79
CA UNK A 576 41.14 30.09 46.81
C UNK A 576 40.19 30.49 47.94
N UNK A 877 39.43 33.95 38.64
CA UNK A 877 39.01 33.01 39.68
C UNK A 877 39.12 31.57 39.20
N UNK A 878 38.64 31.30 37.99
CA UNK A 878 38.69 29.96 37.42
C UNK A 878 40.12 29.46 37.33
N UNK A 879 40.98 30.32 36.79
CA UNK A 879 42.37 29.99 36.51
C UNK A 879 43.16 29.67 37.77
N UNK A 880 42.92 30.42 38.84
CA UNK A 880 43.69 30.26 40.06
C UNK A 880 43.48 28.86 40.64
N UNK A 881 42.24 28.39 40.61
CA UNK A 881 41.95 27.04 41.04
C UNK A 881 42.65 26.03 40.13
N UNK A 882 42.62 26.32 38.83
CA UNK A 882 43.24 25.47 37.84
C UNK A 882 44.76 25.38 38.02
N UNK A 883 45.36 26.53 38.32
CA UNK A 883 46.80 26.60 38.53
C UNK A 883 47.21 25.74 39.71
N UNK A 884 46.38 25.76 40.75
CA UNK A 884 46.68 25.06 41.98
C UNK A 884 46.77 23.54 41.80
N UNK A 885 45.89 22.98 40.99
CA UNK A 885 45.87 21.52 40.84
C UNK A 885 47.27 20.95 40.67
N UNK A 886 48.10 21.65 39.89
CA UNK A 886 49.45 21.17 39.59
C UNK A 886 50.28 21.07 40.86
N UNK A 887 50.15 22.06 41.73
CA UNK A 887 50.85 22.04 43.01
C UNK A 887 50.38 20.86 43.85
N UNK A 888 49.07 20.61 43.81
CA UNK A 888 48.45 19.54 44.58
C UNK A 888 48.96 18.16 44.16
N UNK A 889 49.15 17.97 42.86
CA UNK A 889 49.54 16.67 42.34
C UNK A 889 50.90 16.23 42.87
N UNK A 890 51.84 17.16 42.96
CA UNK A 890 53.15 16.86 43.50
C UNK A 890 53.04 16.44 44.96
N UNK A 891 52.19 17.15 45.70
CA UNK A 891 51.98 16.87 47.12
C UNK A 891 51.39 15.49 47.37
N UNK A 892 50.46 15.08 46.51
CA UNK A 892 49.78 13.81 46.67
C UNK A 892 50.74 12.63 46.55
N UNK A 893 51.69 12.73 45.63
CA UNK A 893 52.66 11.67 45.41
C UNK A 893 53.53 11.45 46.65
N UNK A 894 53.91 12.56 47.30
CA UNK A 894 54.74 12.50 48.49
C UNK A 894 54.05 11.78 49.63
N UNK A 895 52.76 12.01 49.79
CA UNK A 895 51.99 11.43 50.88
C UNK A 895 51.97 9.90 50.80
N UNK A 896 51.83 9.38 49.59
CA UNK A 896 51.80 7.93 49.38
C UNK A 896 52.90 7.23 50.17
N UNK A 997 73.37 25.84 45.85
CA UNK A 997 72.76 26.03 44.53
C UNK A 997 71.26 25.78 44.62
N UNK A 998 70.93 24.67 45.26
CA UNK A 998 69.54 24.25 45.45
C UNK A 998 68.75 25.33 46.19
N UNK A 999 69.37 25.82 47.25
CA UNK A 999 68.80 26.87 48.10
C UNK A 999 68.49 28.12 47.26
N UNK A 1000 69.47 28.47 46.46
CA UNK A 1000 69.39 29.64 45.56
C UNK A 1000 68.19 29.49 44.62
N UNK A 1001 68.11 28.30 44.04
CA UNK A 1001 67.04 27.95 43.10
C UNK A 1001 65.67 28.12 43.77
N UNK A 1002 65.59 27.60 44.98
CA UNK A 1002 64.37 27.66 45.80
C UNK A 1002 63.95 29.11 46.01
N UNK A 1003 64.94 29.92 46.37
CA UNK A 1003 64.76 31.35 46.62
C UNK A 1003 64.19 32.03 45.39
N UNK A 1004 64.80 31.71 44.25
CA UNK A 1004 64.40 32.25 42.95
C UNK A 1004 62.93 31.92 42.66
N UNK A 1005 62.61 30.66 42.90
CA UNK A 1005 61.25 30.14 42.71
C UNK A 1005 60.25 30.93 43.54
N UNK A 1006 60.62 31.13 44.79
CA UNK A 1006 59.81 31.87 45.77
C UNK A 1006 59.54 33.28 45.26
N UNK A 1007 60.62 33.90 44.79
CA UNK A 1007 60.58 35.27 44.26
C UNK A 1007 59.58 35.35 43.09
N UNK A 1008 59.71 34.37 42.22
CA UNK A 1008 58.86 34.25 41.02
C UNK A 1008 57.38 34.18 41.43
N UNK A 1009 57.15 33.33 42.41
CA UNK A 1009 55.80 33.09 42.97
C UNK A 1009 55.22 34.41 43.48
N UNK A 1010 56.05 35.11 44.23
CA UNK A 1010 55.69 36.41 44.82
C UNK A 1010 55.28 37.40 43.73
N UNK A 1011 56.08 37.46 42.67
CA UNK A 1011 55.80 38.37 41.56
C UNK A 1011 54.43 38.08 40.95
N UNK A 1012 54.15 36.80 40.70
CA UNK A 1012 52.88 36.39 40.13
C UNK A 1012 51.71 36.86 40.99
N UNK A 1013 51.81 36.62 42.29
CA UNK A 1013 50.76 37.01 43.23
C UNK A 1013 50.49 38.51 43.16
N UNK A 1014 51.56 39.31 43.17
CA UNK A 1014 51.43 40.76 43.10
C UNK A 1014 50.69 41.20 41.85
N UNK A 1015 51.07 40.63 40.72
CA UNK A 1015 50.44 40.95 39.44
C UNK A 1015 48.94 40.67 39.48
N UNK A 1016 48.59 39.43 39.23
CA UNK A 1016 47.22 39.00 38.98
C UNK A 1016 46.28 39.27 40.14
N UNK A 1017 46.76 39.09 41.37
CA UNK A 1017 45.87 39.34 42.50
C UNK A 1017 45.45 40.80 42.44
N UNK A 1018 46.41 41.68 42.16
CA UNK A 1018 46.11 43.05 41.77
C UNK A 1018 45.41 43.05 40.42
N UNK A 1019 45.90 42.19 39.53
CA UNK A 1019 45.40 42.05 38.17
C UNK A 1019 44.06 41.32 38.10
N UNK A 1120 39.47 41.52 32.48
CA UNK A 1120 40.92 41.69 32.56
C UNK A 1120 41.57 40.58 33.39
N UNK A 1121 41.11 40.42 34.62
CA UNK A 1121 41.68 39.45 35.55
C UNK A 1121 41.54 38.00 35.07
N UNK A 1122 40.39 37.68 34.48
CA UNK A 1122 40.08 36.30 34.12
C UNK A 1122 41.07 35.72 33.10
N UNK A 1123 41.44 36.51 32.11
CA UNK A 1123 42.41 36.07 31.12
C UNK A 1123 43.85 36.32 31.59
N UNK A 1124 44.09 37.52 32.10
CA UNK A 1124 45.42 37.89 32.58
C UNK A 1124 45.88 36.94 33.69
N UNK A 1125 44.99 36.69 34.64
CA UNK A 1125 45.31 35.80 35.75
C UNK A 1125 45.72 34.42 35.26
N UNK A 1126 44.93 33.87 34.33
CA UNK A 1126 45.22 32.55 33.77
C UNK A 1126 46.60 32.50 33.14
N UNK A 1127 46.91 33.52 32.34
CA UNK A 1127 48.20 33.58 31.67
C UNK A 1127 49.35 33.55 32.67
N UNK A 1128 49.22 34.37 33.72
CA UNK A 1128 50.25 34.45 34.75
C UNK A 1128 50.49 33.08 35.39
N UNK A 1129 49.40 32.40 35.75
CA UNK A 1129 49.49 31.09 36.37
C UNK A 1129 50.24 30.11 35.48
N UNK A 1130 49.89 30.08 34.19
CA UNK A 1130 50.54 29.19 33.24
C UNK A 1130 52.04 29.43 33.19
N UNK A 1131 52.46 30.33 32.31
CA UNK A 1131 53.86 30.66 32.12
C UNK A 1131 54.60 30.64 33.46
N UNK A 1132 53.89 30.94 34.53
CA UNK A 1132 54.48 30.93 35.86
C UNK A 1132 55.48 29.79 35.99
N UNK A 1133 55.00 28.62 36.37
CA UNK A 1133 55.85 27.44 36.50
C UNK A 1133 56.57 27.16 35.18
N UNK A 1134 56.12 27.82 34.11
CA UNK A 1134 56.71 27.64 32.80
C UNK A 1134 58.21 27.92 32.83
N UNK A 1135 58.59 29.14 32.46
CA UNK A 1135 60.00 29.53 32.46
C UNK A 1135 60.57 29.45 33.87
N UNK A 1136 59.72 29.69 34.86
CA UNK A 1136 60.14 29.65 36.26
C UNK A 1136 60.67 28.27 36.64
N UNK A 1137 59.77 27.30 36.77
CA UNK A 1137 60.16 25.94 37.12
C UNK A 1137 61.37 25.50 36.31
N UNK A 1138 61.65 26.18 35.21
CA UNK A 1138 62.82 25.85 34.40
C UNK A 1138 64.08 25.80 35.27
N UNK A 1139 64.06 26.53 36.38
CA UNK A 1139 65.22 26.62 37.27
C UNK A 1139 65.59 25.27 37.89
N UNK A 1140 64.58 24.50 38.30
CA UNK A 1140 64.80 23.19 38.88
C UNK A 1140 64.35 22.12 37.91
N UNK A 1141 63.39 22.49 37.07
CA UNK A 1141 62.87 21.63 36.02
C UNK A 1141 64.02 20.92 35.29
N UNK A 1142 65.21 21.49 35.40
CA UNK A 1142 66.39 20.92 34.77
C UNK A 1142 66.52 19.42 35.07
N UNK A 1143 67.21 19.11 36.15
CA UNK A 1143 67.44 17.72 36.55
C UNK A 1143 66.53 16.77 35.77
N UNK A 1144 65.25 17.13 35.68
CA UNK A 1144 64.28 16.31 34.96
C UNK A 1144 64.69 16.11 33.51
N UNK A 1145 65.07 17.21 32.86
CA UNK A 1145 65.49 17.16 31.46
C UNK A 1145 66.67 16.21 31.27
N UNK A 1146 67.66 16.33 32.13
CA UNK A 1146 68.85 15.48 32.05
C UNK A 1146 68.47 14.00 32.14
N UNK A 1147 67.62 13.68 33.11
CA UNK A 1147 67.18 12.30 33.31
C UNK A 1147 66.52 11.74 32.05
N UNK A 1248 47.95 48.17 54.42
CA UNK A 1248 47.71 46.95 55.18
C UNK A 1248 48.46 45.76 54.60
N UNK A 1249 48.33 45.63 53.29
CA UNK A 1249 48.99 44.54 52.55
C UNK A 1249 50.51 44.65 52.62
N UNK A 1250 51.01 45.87 52.45
CA UNK A 1250 52.45 46.12 52.51
C UNK A 1250 53.01 45.82 53.89
N UNK A 1251 52.26 46.21 54.93
CA UNK A 1251 52.69 45.98 56.30
C UNK A 1251 52.79 44.49 56.59
N UNK A 1252 51.83 43.73 56.06
CA UNK A 1252 51.81 42.29 56.25
C UNK A 1252 53.04 41.64 55.61
N UNK A 1253 53.41 42.12 54.43
CA UNK A 1253 54.55 41.57 53.71
C UNK A 1253 55.85 41.76 54.50
N UNK A 1254 56.01 42.94 55.09
CA UNK A 1254 57.16 43.21 55.92
C UNK A 1254 57.13 42.31 57.15
N UNK A 1255 55.93 42.14 57.70
CA UNK A 1255 55.72 41.28 58.86
C UNK A 1255 56.03 39.82 58.52
N UNK A 1256 55.64 39.40 57.33
CA UNK A 1256 55.80 38.02 56.90
C UNK A 1256 57.28 37.62 56.87
N UNK A 1257 58.12 38.52 56.37
CA UNK A 1257 59.55 38.25 56.30
C UNK A 1257 60.12 38.06 57.71
N UNK A 1258 59.68 38.89 58.64
CA UNK A 1258 60.14 38.82 60.01
C UNK A 1258 59.75 37.50 60.68
N UNK A 1259 58.53 37.05 60.43
CA UNK A 1259 58.03 35.82 61.04
C UNK A 1259 58.84 34.60 60.63
N UNK A 1260 59.20 34.54 59.35
CA UNK A 1260 59.99 33.43 58.83
C UNK A 1260 61.36 33.41 59.49
N UNK A 1261 61.93 34.58 59.67
CA UNK A 1261 63.25 34.72 60.29
C UNK A 1261 63.25 34.22 61.72
N UNK A 1262 62.19 34.52 62.46
CA UNK A 1262 62.08 34.13 63.86
C UNK A 1262 62.09 32.61 64.00
N UNK A 1263 61.40 31.94 63.09
CA UNK A 1263 61.27 30.48 63.12
C UNK A 1263 62.54 29.80 62.61
N UNK A 1364 54.93 18.37 75.59
CA UNK A 1364 53.77 19.01 76.21
C UNK A 1364 54.02 20.49 76.47
N UNK A 1365 54.64 20.79 77.61
CA UNK A 1365 54.94 22.17 77.97
C UNK A 1365 55.90 22.80 76.97
N UNK A 1366 56.89 22.02 76.54
CA UNK A 1366 57.88 22.52 75.59
C UNK A 1366 57.22 22.88 74.26
N UNK A 1367 56.28 22.03 73.83
CA UNK A 1367 55.55 22.29 72.59
C UNK A 1367 54.75 23.58 72.72
N UNK A 1368 54.15 23.79 73.88
CA UNK A 1368 53.39 25.01 74.16
C UNK A 1368 54.31 26.22 74.09
N UNK A 1369 55.52 26.07 74.62
CA UNK A 1369 56.49 27.16 74.63
C UNK A 1369 56.87 27.54 73.20
N UNK A 1370 57.07 26.55 72.35
CA UNK A 1370 57.28 26.82 70.93
C UNK A 1370 56.00 27.42 70.34
N UNK A 1371 54.86 26.85 70.74
CA UNK A 1371 53.55 27.28 70.28
C UNK A 1371 53.18 28.71 70.70
N UNK A 1372 53.54 29.06 71.92
CA UNK A 1372 53.09 30.31 72.53
C UNK A 1372 53.55 31.57 71.78
N UNK A 1373 54.79 31.55 71.30
CA UNK A 1373 55.35 32.73 70.64
C UNK A 1373 54.56 33.10 69.38
N UNK A 1374 54.17 32.09 68.62
CA UNK A 1374 53.40 32.31 67.39
C UNK A 1374 52.05 32.94 67.67
N UNK A 1375 51.39 32.48 68.72
CA UNK A 1375 50.06 32.96 69.07
C UNK A 1375 50.06 34.45 69.44
N UNK A 1376 51.08 34.86 70.18
CA UNK A 1376 51.19 36.25 70.62
C UNK A 1376 51.32 37.20 69.45
N UNK A 1377 52.08 36.80 68.44
CA UNK A 1377 52.34 37.65 67.28
C UNK A 1377 51.07 37.99 66.51
N UNK A 1378 50.19 37.01 66.35
CA UNK A 1378 48.96 37.22 65.59
C UNK A 1378 48.08 38.28 66.25
N UNK A 1379 47.98 38.21 67.58
CA UNK A 1379 47.25 39.23 68.33
C UNK A 1379 47.96 40.57 68.18
N UNK A 1380 49.28 40.52 68.21
CA UNK A 1380 50.12 41.71 68.11
C UNK A 1380 49.92 42.42 66.76
N UNK A 1381 49.94 41.64 65.69
CA UNK A 1381 49.77 42.19 64.35
C UNK A 1381 48.44 42.93 64.22
N UNK A 1382 47.37 42.30 64.70
CA UNK A 1382 46.04 42.89 64.64
C UNK A 1382 46.01 44.24 65.36
N UNK A 1383 45.82 44.17 66.67
CA UNK A 1383 45.51 45.33 67.51
C UNK A 1383 46.59 46.40 67.48
N UNK A 1384 47.86 46.00 67.44
CA UNK A 1384 48.92 47.00 67.42
C UNK A 1384 48.72 47.83 66.16
N UNK A 1385 48.44 47.16 65.04
CA UNK A 1385 47.94 47.82 63.85
C UNK A 1385 46.55 48.39 64.14
N UNK A 1386 45.76 47.59 64.85
CA UNK A 1386 44.38 47.90 65.20
C UNK A 1386 44.27 48.96 66.30
N UNK A 1487 31.29 47.45 53.59
CA UNK A 1487 32.41 47.34 54.52
C UNK A 1487 32.60 45.90 54.99
N UNK A 1488 31.55 45.32 55.56
CA UNK A 1488 31.61 43.98 56.11
C UNK A 1488 31.91 42.91 55.08
N UNK A 1489 31.33 43.05 53.89
CA UNK A 1489 31.43 42.01 52.86
C UNK A 1489 32.87 41.75 52.43
N UNK A 1490 33.66 42.80 52.26
CA UNK A 1490 35.06 42.66 51.89
C UNK A 1490 35.94 42.45 53.13
N UNK A 1491 35.73 43.28 54.14
CA UNK A 1491 36.50 43.19 55.38
C UNK A 1491 36.36 41.82 56.01
N UNK A 1492 35.13 41.34 56.11
CA UNK A 1492 34.86 40.03 56.69
C UNK A 1492 35.61 38.93 55.96
N UNK A 1493 35.55 38.95 54.63
CA UNK A 1493 36.24 37.95 53.82
C UNK A 1493 37.73 37.94 54.10
N UNK A 1494 38.33 39.12 54.13
CA UNK A 1494 39.76 39.24 54.39
C UNK A 1494 40.14 38.62 55.74
N UNK A 1495 39.36 38.94 56.77
CA UNK A 1495 39.61 38.41 58.11
C UNK A 1495 39.59 36.90 58.11
N UNK A 1496 38.57 36.32 57.47
CA UNK A 1496 38.43 34.87 57.40
C UNK A 1496 39.66 34.23 56.76
N UNK A 1497 40.10 34.80 55.64
CA UNK A 1497 41.26 34.28 54.92
C UNK A 1497 42.49 34.27 55.81
N UNK A 1498 42.73 35.37 56.51
CA UNK A 1498 43.88 35.50 57.40
C UNK A 1498 43.86 34.41 58.46
N UNK A 1499 42.71 34.22 59.09
CA UNK A 1499 42.55 33.20 60.13
C UNK A 1499 42.92 31.82 59.60
N UNK A 1500 42.39 31.48 58.44
CA UNK A 1500 42.66 30.18 57.83
C UNK A 1500 44.15 29.96 57.61
N UNK A 1501 44.82 30.97 57.06
CA UNK A 1501 46.26 30.89 56.81
C UNK A 1501 47.03 30.62 58.10
N UNK A 1502 46.70 31.35 59.15
CA UNK A 1502 47.36 31.19 60.44
C UNK A 1502 47.22 29.76 60.95
N UNK A 1503 46.01 29.23 60.89
CA UNK A 1503 45.74 27.87 61.35
C UNK A 1503 46.59 26.86 60.60
N UNK A 1504 46.66 26.99 59.28
CA UNK A 1504 47.44 26.09 58.45
C UNK A 1504 48.91 26.10 58.87
N UNK A 1505 49.46 27.30 59.05
CA UNK A 1505 50.85 27.44 59.44
C UNK A 1505 51.13 26.72 60.75
N UNK A 1506 50.92 27.43 61.87
CA UNK A 1506 51.11 26.84 63.19
C UNK A 1506 49.76 26.49 63.82
N UNK A 1507 49.71 25.41 64.59
CA UNK A 1507 48.48 25.04 65.30
C UNK A 1507 47.95 23.67 64.91
N UNK A 1508 48.79 22.86 64.26
CA UNK A 1508 48.40 21.51 63.88
C UNK A 1508 48.12 20.65 65.11
N UNK A 1509 48.95 20.84 66.14
CA UNK A 1509 48.88 20.06 67.37
C UNK A 1509 47.48 19.62 67.80
N UNK A 1510 46.53 20.56 67.87
CA UNK A 1510 45.20 20.24 68.35
C UNK A 1510 44.58 19.15 67.50
N UNK A 1511 44.79 19.23 66.19
CA UNK A 1511 44.30 18.21 65.28
C UNK A 1511 45.05 16.90 65.51
N UNK A 1512 45.52 16.70 66.74
CA UNK A 1512 46.27 15.49 67.08
C UNK A 1512 45.57 14.71 68.18
N UNK A 1513 45.04 15.43 69.17
CA UNK A 1513 44.34 14.81 70.28
C UNK A 1513 43.11 14.05 69.79
N UNK A 1514 42.39 14.65 68.85
CA UNK A 1514 41.19 14.05 68.30
C UNK A 1514 41.54 13.00 67.24
N UNK A 1739 51.69 6.01 22.51
CA UNK A 1739 51.16 7.01 21.59
C UNK A 1739 50.14 7.91 22.27
N UNK A 1740 50.29 8.08 23.59
CA UNK A 1740 49.37 8.90 24.35
C UNK A 1740 49.40 10.35 23.88
N UNK A 1741 50.61 10.85 23.61
CA UNK A 1741 50.75 12.21 23.13
C UNK A 1741 50.07 12.38 21.77
N UNK A 1742 50.23 11.39 20.92
CA UNK A 1742 49.57 11.40 19.61
C UNK A 1742 48.07 11.36 19.81
N UNK A 1743 47.64 10.54 20.77
CA UNK A 1743 46.22 10.44 21.11
C UNK A 1743 45.73 11.78 21.64
N UNK A 1744 46.56 12.43 22.44
CA UNK A 1744 46.21 13.73 23.00
C UNK A 1744 46.03 14.74 21.87
N UNK A 1745 46.91 14.66 20.88
CA UNK A 1745 46.78 15.52 19.72
C UNK A 1745 45.48 15.17 19.02
N UNK A 1746 45.20 13.87 18.93
CA UNK A 1746 43.94 13.39 18.42
C UNK A 1746 42.84 13.86 19.35
N UNK A 1747 43.11 13.78 20.65
CA UNK A 1747 42.17 14.22 21.66
C UNK A 1747 41.88 15.70 21.48
N UNK A 1748 42.94 16.51 21.56
CA UNK A 1748 42.81 17.94 21.34
C UNK A 1748 41.88 18.15 20.16
N UNK A 1749 42.05 17.33 19.14
CA UNK A 1749 41.17 17.35 17.98
C UNK A 1749 39.77 17.00 18.45
N UNK A 1750 39.69 16.01 19.34
CA UNK A 1750 38.44 15.70 20.01
C UNK A 1750 38.07 16.93 20.83
N UNK A 1751 39.09 17.52 21.45
CA UNK A 1751 38.93 18.80 22.14
C UNK A 1751 38.55 19.83 21.09
N UNK A 1752 39.19 19.73 19.93
CA UNK A 1752 38.86 20.60 18.81
C UNK A 1752 37.43 20.33 18.41
N UNK A 1753 37.04 19.06 18.45
CA UNK A 1753 35.67 18.68 18.16
C UNK A 1753 34.76 19.31 19.20
N UNK A 1754 35.20 19.30 20.45
CA UNK A 1754 34.48 20.00 21.51
C UNK A 1754 34.54 21.48 21.13
N UNK A 1755 35.70 21.91 20.66
CA UNK A 1755 35.85 23.23 20.07
C UNK A 1755 34.96 23.26 18.84
N UNK A 1756 34.96 22.14 18.12
CA UNK A 1756 34.09 21.98 16.97
C UNK A 1756 32.65 22.05 17.44
N UNK A 1757 32.38 21.45 18.60
CA UNK A 1757 31.06 21.51 19.19
C UNK A 1757 30.77 22.97 19.48
N UNK A 1758 31.77 23.67 20.00
CA UNK A 1758 31.74 25.11 20.10
C UNK A 1758 31.69 25.65 18.69
N UNK A 1759 32.45 25.01 17.81
CA UNK A 1759 32.51 25.37 16.40
C UNK A 1759 32.98 26.82 16.21
N UNK A 1760 32.29 27.58 15.37
CA UNK A 1760 32.67 28.96 15.11
C UNK A 1760 34.12 28.99 14.60
N UNK A 1761 34.94 29.87 15.18
CA UNK A 1761 36.35 29.95 14.81
C UNK A 1761 37.09 28.66 15.16
N UNK A 1762 36.77 28.10 16.33
CA UNK A 1762 37.48 26.93 16.83
C UNK A 1762 37.33 25.74 15.90
N UNK A 1763 36.12 25.56 15.37
CA UNK A 1763 35.89 24.51 14.39
C UNK A 1763 36.74 24.82 13.17
N UNK A 1764 36.78 26.10 12.81
CA UNK A 1764 37.58 26.56 11.69
C UNK A 1764 39.04 26.17 11.85
N UNK A 1765 39.54 26.26 13.08
CA UNK A 1765 40.94 25.98 13.36
C UNK A 1765 41.28 24.52 13.04
N UNK A 1766 40.36 23.62 13.38
CA UNK A 1766 40.59 22.20 13.16
C UNK A 1766 40.73 21.89 11.67
N UNK A 1767 39.89 22.51 10.85
CA UNK A 1767 39.97 22.33 9.41
C UNK A 1767 41.31 22.86 8.92
N UNK A 1768 41.70 24.00 9.47
CA UNK A 1768 43.01 24.58 9.22
C UNK A 1768 44.07 23.74 9.92
N UNK A 1769 43.74 23.30 11.14
CA UNK A 1769 44.64 22.47 11.91
C UNK A 1769 44.90 21.14 11.21
N UNK A 1770 43.83 20.57 10.63
CA UNK A 1770 43.94 19.27 9.97
C UNK A 1770 44.90 19.36 8.79
N UNK A 1771 44.80 20.44 8.01
CA UNK A 1771 45.72 20.64 6.91
C UNK A 1771 47.13 20.79 7.46
N UNK A 1772 47.24 21.57 8.53
CA UNK A 1772 48.52 21.73 9.21
C UNK A 1772 48.90 20.36 9.77
N UNK A 1773 47.90 19.67 10.31
CA UNK A 1773 48.10 18.33 10.82
C UNK A 1773 48.51 17.39 9.70
N UNK A 1774 47.85 17.54 8.54
CA UNK A 1774 48.20 16.72 7.38
C UNK A 1774 49.62 17.04 6.97
N UNK A 1775 49.96 18.32 6.94
CA UNK A 1775 51.33 18.76 6.75
C UNK A 1775 52.14 18.28 7.94
N UNK A 1776 51.54 18.40 9.11
CA UNK A 1776 52.17 17.99 10.36
C UNK A 1776 52.43 16.48 10.39
N UNK A 1777 51.48 15.72 9.86
CA UNK A 1777 51.56 14.26 9.92
C UNK A 1777 52.77 13.71 9.19
N UNK A 1778 53.07 14.28 8.02
CA UNK A 1778 54.22 13.83 7.26
C UNK A 1778 55.51 14.08 8.03
N UNK A 1779 55.59 15.23 8.68
CA UNK A 1779 56.75 15.61 9.48
C UNK A 1779 56.55 15.22 10.94
N UNK A 1780 55.41 14.62 11.24
CA UNK A 1780 55.03 14.30 12.62
C UNK A 1780 54.52 15.56 13.31
N UNK A 1781 54.27 16.59 12.52
CA UNK A 1781 53.71 17.86 12.95
C UNK A 1781 54.78 18.87 13.36
N UNK A 1782 54.39 20.15 13.44
CA UNK A 1782 55.30 21.20 13.82
C UNK A 1782 54.82 21.90 15.09
N UNK A 1783 55.70 22.01 16.08
CA UNK A 1783 55.38 22.67 17.34
C UNK A 1783 55.09 24.15 17.14
N UNK A 1784 55.86 24.78 16.27
CA UNK A 1784 55.83 26.24 16.11
C UNK A 1784 54.48 26.78 15.63
N UNK A 1785 53.83 26.09 14.69
CA UNK A 1785 52.59 26.61 14.14
C UNK A 1785 51.46 26.37 15.13
N UNK A 1786 51.52 25.24 15.84
CA UNK A 1786 50.45 24.80 16.72
C UNK A 1786 50.18 25.80 17.85
N UNK A 1787 51.22 26.41 18.40
CA UNK A 1787 51.03 27.34 19.51
C UNK A 1787 50.14 28.50 19.07
N UNK A 1788 50.38 28.99 17.86
CA UNK A 1788 49.47 29.94 17.22
C UNK A 1788 48.02 29.64 17.57
N UNK A 1789 47.64 28.36 17.48
CA UNK A 1789 46.29 27.94 17.79
C UNK A 1789 45.91 28.31 19.22
N UNK A 1790 46.80 28.01 20.15
CA UNK A 1790 46.57 28.31 21.56
C UNK A 1790 46.31 29.79 21.78
N UNK A 1791 47.16 30.63 21.18
CA UNK A 1791 47.02 32.08 21.31
C UNK A 1791 45.67 32.55 20.82
N UNK A 1792 45.25 32.06 19.65
CA UNK A 1792 43.96 32.44 19.07
C UNK A 1792 42.82 32.10 20.02
N UNK A 1793 42.38 30.85 19.99
CA UNK A 1793 41.48 30.35 21.01
C UNK A 1793 41.61 31.22 22.27
N UNK A 1794 42.49 30.81 23.19
CA UNK A 1794 42.68 31.55 24.44
C UNK A 1794 42.76 33.06 24.24
N UNK A 1795 43.93 33.53 23.82
CA UNK A 1795 44.16 34.95 23.59
C UNK A 1795 42.98 35.63 22.89
N UNK A 1796 42.51 34.99 21.85
CA UNK A 1796 41.41 35.53 21.06
C UNK A 1796 40.06 35.13 21.64
N UNK A 1797 39.91 33.86 21.97
CA UNK A 1797 38.67 33.35 22.54
C UNK A 1797 38.30 34.09 23.82
N UNK A 1798 39.32 34.22 24.64
CA UNK A 1798 39.18 34.92 25.92
C UNK A 1798 38.60 36.32 25.74
N UNK A 1799 39.21 37.08 24.83
CA UNK A 1799 38.83 38.45 24.51
C UNK A 1799 37.37 38.52 24.05
N UNK A 1800 37.00 37.63 23.14
CA UNK A 1800 35.65 37.60 22.61
C UNK A 1800 34.63 37.41 23.72
N UNK A 1801 34.89 36.45 24.61
CA UNK A 1801 34.00 36.17 25.72
C UNK A 1801 33.79 37.41 26.59
N UNK A 1802 34.88 38.08 26.92
CA UNK A 1802 34.82 39.28 27.75
C UNK A 1802 33.94 40.35 27.12
N UNK A 1803 34.14 40.58 25.82
CA UNK A 1803 33.36 41.57 25.10
C UNK A 1803 31.87 41.26 25.17
N UNK A 1804 31.52 40.01 24.93
CA UNK A 1804 30.12 39.58 24.96
C UNK A 1804 29.49 39.86 26.32
N PHE A 1961 37.43 39.38 13.02
CA PHE A 1961 38.75 39.79 13.49
C PHE A 1961 39.84 38.90 12.90
N PHE A 1962 39.69 37.60 13.11
CA PHE A 1962 40.67 36.64 12.60
C PHE A 1962 40.72 36.68 11.08
N HIS A 1963 39.56 36.78 10.45
CA HIS A 1963 39.47 36.85 8.99
C HIS A 1963 40.19 38.10 8.50
N ASP A 1964 40.02 39.20 9.23
CA ASP A 1964 40.66 40.46 8.89
C ASP A 1964 42.17 40.34 8.97
N ILE A 1965 42.67 39.61 9.98
CA ILE A 1965 44.10 39.46 10.19
C ILE A 1965 44.76 38.77 9.00
N LEU A 1966 44.09 37.74 8.47
CA LEU A 1966 44.58 37.04 7.29
C LEU A 1966 44.61 37.99 6.11
N HIS A 1967 43.56 38.80 6.00
CA HIS A 1967 43.45 39.80 4.95
C HIS A 1967 44.55 40.85 5.03
N THR A 1968 44.89 41.24 6.26
CA THR A 1968 45.82 42.33 6.50
C THR A 1968 47.22 42.05 5.94
N LYS A 1969 47.68 40.82 6.08
CA LYS A 1969 49.02 40.48 5.58
C LYS A 1969 48.96 39.58 4.36
N TYR A 1970 49.56 40.05 3.26
CA TYR A 1970 49.64 39.30 2.02
C TYR A 1970 50.46 38.01 2.15
N ARG A 1971 51.56 38.10 2.88
CA ARG A 1971 52.52 37.00 2.98
C ARG A 1971 51.93 35.74 3.60
N ALA A 1972 51.14 35.90 4.65
CA ALA A 1972 50.53 34.76 5.32
C ALA A 1972 49.60 34.01 4.38
N ALA A 1973 48.83 34.76 3.61
CA ALA A 1973 47.88 34.17 2.67
C ALA A 1973 48.55 33.34 1.57
N THR A 1974 49.67 33.85 1.05
CA THR A 1974 50.35 33.21 -0.07
C THR A 1974 51.72 32.65 0.28
N ASP A 1975 52.45 32.22 -0.75
CA ASP A 1975 53.78 31.62 -0.57
C ASP A 1975 53.69 30.35 0.26
N VAL A 1976 52.96 30.48 1.36
CA VAL A 1976 52.73 29.39 2.31
C VAL A 1976 52.09 28.19 1.60
N TYR A 1977 51.07 28.52 0.83
CA TYR A 1977 50.31 27.53 0.05
C TYR A 1977 51.24 26.77 -0.89
N ALA A 1978 52.07 27.55 -1.58
CA ALA A 1978 53.05 27.03 -2.53
C ALA A 1978 53.99 26.03 -1.83
N LEU A 1979 54.46 26.46 -0.69
CA LEU A 1979 55.37 25.68 0.15
C LEU A 1979 54.73 24.33 0.51
N MET A 1980 53.48 24.43 0.93
CA MET A 1980 52.68 23.26 1.33
C MET A 1980 52.59 22.27 0.16
N PHE A 1981 52.29 22.84 -0.99
CA PHE A 1981 52.15 22.06 -2.24
C PHE A 1981 53.44 21.30 -2.53
N LEU A 1982 54.53 22.04 -2.42
CA LEU A 1982 55.88 21.50 -2.65
C LEU A 1982 56.15 20.32 -1.73
N ALA A 1983 55.80 20.53 -0.47
CA ALA A 1983 55.97 19.51 0.58
C ALA A 1983 55.20 18.24 0.21
N ASP A 1984 53.97 18.46 -0.20
CA ASP A 1984 53.06 17.38 -0.61
C ASP A 1984 53.68 16.57 -1.75
N ILE A 1985 54.19 17.31 -2.71
CA ILE A 1985 54.83 16.73 -3.90
C ILE A 1985 56.00 15.84 -3.48
N VAL A 1986 56.84 16.38 -2.59
CA VAL A 1986 57.98 15.67 -2.01
C VAL A 1986 57.59 14.47 -1.15
N ASP A 1987 56.50 14.61 -0.40
CA ASP A 1987 56.07 13.58 0.52
C ASP A 1987 55.78 12.31 -0.26
N ILE A 1988 55.21 12.47 -1.44
CA ILE A 1988 55.00 11.38 -2.37
C ILE A 1988 56.37 10.82 -2.73
N ILE A 1989 57.36 11.72 -2.82
CA ILE A 1989 58.71 11.39 -3.24
C ILE A 1989 59.66 11.06 -2.07
N ILE A 1990 59.11 10.95 -0.86
CA ILE A 1990 59.95 10.78 0.33
C ILE A 1990 60.82 9.52 0.27
N ILE A 1991 60.25 8.42 -0.21
CA ILE A 1991 58.82 8.25 -0.37
C ILE A 1991 58.32 7.05 0.43
N ILE A 1992 59.26 6.24 0.91
CA ILE A 1992 58.92 4.93 1.48
C ILE A 1992 58.26 4.97 2.85
N PHE A 1993 59.05 4.78 3.90
CA PHE A 1993 58.52 4.72 5.25
C PHE A 1993 57.78 6.01 5.59
N GLY A 1994 56.73 6.29 4.81
CA GLY A 1994 55.96 7.52 5.02
C GLY A 1994 54.61 7.50 4.31
N PHE A 1995 54.62 7.54 2.99
CA PHE A 1995 53.39 7.69 2.22
C PHE A 1995 52.35 6.66 2.63
N TRP A 1996 52.78 5.43 2.87
CA TRP A 1996 51.86 4.37 3.28
C TRP A 1996 51.23 4.76 4.62
N ALA A 1997 52.05 5.30 5.51
CA ALA A 1997 51.56 5.80 6.78
C ALA A 1997 50.59 6.94 6.56
N PHE A 1998 50.91 7.80 5.60
CA PHE A 1998 50.08 8.96 5.30
C PHE A 1998 48.70 8.51 4.82
N GLY A 1999 48.67 7.46 4.00
CA GLY A 1999 47.42 6.94 3.50
C GLY A 1999 46.57 6.45 4.66
N LYS A 2000 47.20 5.77 5.61
CA LYS A 2000 46.51 5.30 6.80
C LYS A 2000 46.01 6.49 7.61
N HIS A 2001 46.83 7.52 7.71
CA HIS A 2001 46.47 8.72 8.44
C HIS A 2001 45.27 9.41 7.80
N SER A 2002 45.28 9.47 6.48
CA SER A 2002 44.19 10.11 5.75
C SER A 2002 42.89 9.36 6.01
N ALA A 2003 42.97 8.04 6.02
CA ALA A 2003 41.80 7.21 6.30
C ALA A 2003 41.31 7.47 7.71
N ALA A 2004 42.25 7.60 8.64
CA ALA A 2004 41.91 7.89 10.02
C ALA A 2004 41.20 9.23 10.09
N THR A 2005 41.77 10.22 9.41
CA THR A 2005 41.19 11.56 9.39
C THR A 2005 39.73 11.52 8.92
N ASP A 2006 39.49 10.80 7.83
CA ASP A 2006 38.15 10.68 7.28
C ASP A 2006 37.17 10.11 8.31
N ILE A 2007 37.59 9.04 8.97
CA ILE A 2007 36.74 8.39 10.00
C ILE A 2007 36.39 9.40 11.09
N ALA A 2008 37.41 10.11 11.53
CA ALA A 2008 37.29 11.13 12.58
C ALA A 2008 36.28 12.20 12.15
N SER A 2009 36.42 12.68 10.91
CA SER A 2009 35.52 13.69 10.38
C SER A 2009 34.08 13.21 10.44
N SER A 2010 33.83 12.05 9.82
CA SER A 2010 32.50 11.46 9.83
C SER A 2010 31.92 11.49 11.23
N LEU A 2011 32.63 10.88 12.18
CA LEU A 2011 32.21 10.87 13.57
C LEU A 2011 31.80 12.27 13.99
N SER A 2012 32.68 13.23 13.75
CA SER A 2012 32.40 14.64 14.10
C SER A 2012 31.05 15.07 13.52
N ASP A 2013 30.87 14.83 12.22
CA ASP A 2013 29.60 15.08 11.58
C ASP A 2013 28.53 14.16 12.15
N ASP A 2014 28.89 12.89 12.31
CA ASP A 2014 27.98 11.92 12.91
C ASP A 2014 27.74 12.29 14.36
N GLN A 2015 28.81 12.65 15.05
CA GLN A 2015 28.71 13.12 16.42
C GLN A 2015 27.95 14.43 16.46
N VAL A 2016 28.25 15.29 15.50
CA VAL A 2016 27.60 16.59 15.42
C VAL A 2016 26.11 16.46 15.16
N PRO A 2017 25.74 15.55 14.27
CA PRO A 2017 24.34 15.38 13.93
C PRO A 2017 23.51 14.93 15.14
N GLN A 2018 23.98 13.87 15.80
CA GLN A 2018 23.31 13.39 16.99
C GLN A 2018 23.37 14.40 18.12
N ALA A 2019 24.54 15.02 18.27
CA ALA A 2019 24.81 15.88 19.42
C ALA A 2019 23.95 17.14 19.53
N PHE A 2020 23.74 17.84 18.42
CA PHE A 2020 23.04 19.13 18.49
C PHE A 2020 21.61 19.00 19.00
N LEU A 2021 20.88 18.03 18.45
CA LEU A 2021 19.52 17.74 18.92
C LEU A 2021 18.55 18.79 18.39
N PHE A 2022 17.26 18.59 18.66
CA PHE A 2022 16.27 19.64 18.49
C PHE A 2022 16.28 20.26 17.08
N MET A 2023 16.25 21.59 17.02
CA MET A 2023 16.35 22.32 15.76
C MET A 2023 17.45 23.38 15.89
N LEU A 2024 18.28 23.51 14.85
CA LEU A 2024 19.41 24.44 14.91
C LEU A 2024 19.35 25.54 13.86
N LEU A 2025 19.52 26.78 14.31
CA LEU A 2025 19.62 27.93 13.42
C LEU A 2025 19.71 27.50 11.96
N VAL A 2026 18.93 28.15 11.10
CA VAL A 2026 18.97 27.86 9.68
C VAL A 2026 20.35 28.17 9.12
N GLN A 2027 20.93 29.27 9.60
CA GLN A 2027 22.26 29.68 9.19
C GLN A 2027 23.28 28.63 9.62
N PHE A 2028 23.08 28.07 10.79
CA PHE A 2028 24.00 27.07 11.34
C PHE A 2028 24.05 25.85 10.42
N GLY A 2029 22.89 25.48 9.89
CA GLY A 2029 22.80 24.35 8.97
C GLY A 2029 23.62 24.66 7.73
N THR A 2030 23.55 25.90 7.26
CA THR A 2030 24.31 26.34 6.10
C THR A 2030 25.80 26.24 6.35
N MET A 2031 26.21 26.62 7.56
CA MET A 2031 27.63 26.57 7.94
C MET A 2031 28.15 25.15 7.89
N VAL A 2032 27.34 24.21 8.37
CA VAL A 2032 27.71 22.81 8.37
C VAL A 2032 27.91 22.34 6.94
N ILE A 2033 27.03 22.78 6.05
CA ILE A 2033 27.14 22.45 4.63
C ILE A 2033 28.44 23.01 4.09
N ASP A 2034 28.79 24.23 4.52
CA ASP A 2034 30.04 24.85 4.12
C ASP A 2034 31.18 23.99 4.64
N ARG A 2035 31.02 23.47 5.85
CA ARG A 2035 32.01 22.59 6.44
C ARG A 2035 32.16 21.33 5.61
N ALA A 2036 31.04 20.80 5.11
CA ALA A 2036 31.06 19.58 4.33
C ALA A 2036 31.88 19.78 3.06
N LEU A 2037 31.70 20.94 2.41
CA LEU A 2037 32.56 21.34 1.31
C LEU A 2037 34.02 21.06 1.61
N TYR A 2038 34.46 21.46 2.81
CA TYR A 2038 35.84 21.26 3.23
C TYR A 2038 36.21 19.79 3.19
N LEU A 2039 35.35 18.94 3.75
CA LEU A 2039 35.58 17.50 3.78
C LEU A 2039 35.78 16.95 2.38
N ARG A 2040 34.88 17.33 1.46
CA ARG A 2040 34.95 16.86 0.09
C ARG A 2040 36.29 17.23 -0.55
N LYS A 2041 36.71 18.48 -0.37
CA LYS A 2041 37.96 18.94 -0.93
C LYS A 2041 39.14 18.11 -0.43
N THR A 2042 39.18 17.87 0.87
CA THR A 2042 40.24 17.08 1.48
C THR A 2042 40.32 15.69 0.85
N VAL A 2043 39.17 15.04 0.73
CA VAL A 2043 39.09 13.70 0.15
C VAL A 2043 39.68 13.68 -1.26
N LEU A 2044 38.83 13.95 -2.25
CA LEU A 2044 39.30 14.04 -3.63
C LEU A 2044 40.65 14.72 -3.64
N GLY A 2045 40.78 15.78 -2.85
CA GLY A 2045 42.04 16.51 -2.75
C GLY A 2045 43.19 15.52 -2.66
N LYS A 2046 43.36 14.92 -1.48
CA LYS A 2046 44.41 13.93 -1.28
C LYS A 2046 44.22 12.76 -2.25
N LEU A 2047 43.08 12.76 -2.94
CA LEU A 2047 42.77 11.69 -3.89
C LEU A 2047 43.90 11.49 -4.88
N ALA A 2048 44.87 12.39 -4.87
CA ALA A 2048 46.02 12.30 -5.76
C ALA A 2048 47.21 11.63 -5.06
N PHE A 2049 46.97 10.46 -4.50
CA PHE A 2049 48.01 9.74 -3.78
C PHE A 2049 47.80 8.22 -3.88
N GLN A 2050 46.61 7.77 -3.47
CA GLN A 2050 46.30 6.34 -3.49
C GLN A 2050 46.73 5.69 -4.81
N VAL A 2051 46.12 6.08 -5.92
CA VAL A 2051 45.05 7.07 -5.96
C VAL A 2051 44.17 6.89 -7.19
N VAL A 2052 44.48 7.64 -8.24
CA VAL A 2052 43.75 7.53 -9.50
C VAL A 2052 44.33 6.39 -10.34
N LEU A 2053 45.60 6.11 -10.13
CA LEU A 2053 46.28 5.02 -10.83
C LEU A 2053 46.44 3.81 -9.92
N VAL A 2054 47.20 4.00 -8.84
CA VAL A 2054 47.42 2.92 -7.88
C VAL A 2054 46.13 2.54 -7.17
N VAL A 2055 45.93 3.07 -5.97
CA VAL A 2055 44.72 2.79 -5.20
C VAL A 2055 43.49 3.39 -5.88
N ALA A 2056 43.38 3.16 -7.18
CA ALA A 2056 42.26 3.67 -7.96
C ALA A 2056 40.93 3.46 -7.23
N ILE A 2057 40.49 2.22 -7.18
CA ILE A 2057 39.25 1.87 -6.50
C ILE A 2057 39.19 2.55 -5.13
N HIS A 2058 40.18 2.25 -4.30
CA HIS A 2058 40.26 2.84 -2.97
C HIS A 2058 40.03 4.35 -3.06
N ILE A 2059 40.72 4.99 -4.01
CA ILE A 2059 40.60 6.42 -4.21
C ILE A 2059 39.14 6.84 -4.22
N TRP A 2060 38.51 6.78 -5.39
CA TRP A 2060 37.11 7.16 -5.53
C TRP A 2060 36.22 6.32 -4.62
N MET A 2061 36.67 5.10 -4.33
CA MET A 2061 35.91 4.19 -3.48
C MET A 2061 34.83 4.94 -2.70
N PHE A 2062 35.19 5.46 -1.53
CA PHE A 2062 34.26 6.21 -0.71
C PHE A 2062 33.68 7.38 -1.49
N PHE A 2063 34.34 7.74 -2.58
CA PHE A 2063 33.89 8.85 -3.42
C PHE A 2063 32.39 8.77 -3.67
N ILE A 2064 31.92 7.59 -4.08
CA ILE A 2064 30.51 7.38 -4.32
C ILE A 2064 29.75 7.28 -3.00
N LEU A 2065 30.33 6.59 -2.03
CA LEU A 2065 29.68 6.34 -0.76
C LEU A 2065 29.65 7.57 0.15
N PRO A 2066 29.36 8.73 -0.42
CA PRO A 2066 29.27 9.95 0.37
C PRO A 2066 28.34 10.96 -0.28
N ALA A 2067 28.42 11.08 -1.60
CA ALA A 2067 27.62 12.06 -2.32
C ALA A 2067 26.14 11.75 -2.16
N VAL A 2068 25.79 10.47 -2.24
CA VAL A 2068 24.40 10.05 -2.07
C VAL A 2068 23.93 10.37 -0.66
N THR A 2069 24.80 10.12 0.32
CA THR A 2069 24.46 10.38 1.72
C THR A 2069 24.22 11.86 1.99
N GLU A 2070 25.05 12.71 1.40
CA GLU A 2070 24.96 14.16 1.62
C GLU A 2070 23.63 14.71 1.13
N ARG A 2071 23.18 14.23 -0.03
CA ARG A 2071 21.92 14.68 -0.60
C ARG A 2071 20.75 14.30 0.29
N MET A 2072 20.79 13.07 0.80
CA MET A 2072 19.74 12.55 1.65
C MET A 2072 19.61 13.31 2.97
N PHE A 2073 20.75 13.64 3.57
CA PHE A 2073 20.73 14.30 4.88
C PHE A 2073 20.07 15.67 4.83
N SER A 2074 20.38 16.44 3.80
CA SER A 2074 19.75 17.74 3.63
C SER A 2074 18.25 17.57 3.38
N GLN A 2075 17.93 16.59 2.54
CA GLN A 2075 16.55 16.27 2.23
C GLN A 2075 15.78 15.77 3.45
N ASN A 2076 16.45 14.94 4.25
CA ASN A 2076 15.80 14.27 5.37
C ASN A 2076 15.27 15.23 6.43
N ALA A 2077 16.05 16.26 6.76
CA ALA A 2077 15.65 17.19 7.81
C ALA A 2077 14.37 17.94 7.46
N VAL A 2078 14.27 18.41 6.22
CA VAL A 2078 13.09 19.13 5.77
C VAL A 2078 12.82 20.30 6.72
N ALA A 2079 11.56 20.49 7.12
CA ALA A 2079 11.21 21.42 8.17
C ALA A 2079 10.68 20.67 9.38
N GLN A 2080 10.24 19.43 9.15
CA GLN A 2080 9.68 18.58 10.18
C GLN A 2080 10.68 18.21 11.27
N LEU A 2081 11.92 17.94 10.85
CA LEU A 2081 12.98 17.49 11.74
C LEU A 2081 12.89 15.98 11.98
N TRP A 2082 13.77 15.46 12.83
CA TRP A 2082 13.84 14.03 13.12
C TRP A 2082 14.58 13.31 12.01
N TYR A 2083 15.15 14.09 11.11
CA TYR A 2083 15.91 13.57 9.97
C TYR A 2083 17.15 12.82 10.45
N PHE A 2084 17.79 13.35 11.50
CA PHE A 2084 19.07 12.84 11.96
C PHE A 2084 19.03 11.38 12.38
N VAL A 2085 17.96 10.98 13.06
CA VAL A 2085 17.87 9.59 13.51
C VAL A 2085 17.88 8.70 12.29
N LYS A 2086 17.12 9.07 11.27
CA LYS A 2086 17.23 8.46 9.96
C LYS A 2086 18.60 8.79 9.38
N CYS A 2087 19.00 10.03 9.57
CA CYS A 2087 20.27 10.56 9.07
C CYS A 2087 21.48 9.86 9.69
N ILE A 2088 21.39 9.60 10.98
CA ILE A 2088 22.52 9.04 11.72
C ILE A 2088 22.92 7.69 11.16
N TYR A 2089 21.92 6.88 10.80
CA TYR A 2089 22.20 5.59 10.18
C TYR A 2089 23.18 5.71 9.02
N PHE A 2090 23.01 6.77 8.23
CA PHE A 2090 23.79 6.96 7.02
C PHE A 2090 25.28 7.12 7.31
N ALA A 2091 25.59 7.86 8.38
CA ALA A 2091 26.97 8.11 8.75
C ALA A 2091 27.69 6.81 9.11
N LEU A 2092 26.98 5.93 9.82
CA LEU A 2092 27.57 4.67 10.26
C LEU A 2092 27.97 3.80 9.08
N SER A 2093 27.14 3.77 8.05
CA SER A 2093 27.43 2.97 6.88
C SER A 2093 28.71 3.46 6.22
N ALA A 2094 28.87 4.78 6.14
CA ALA A 2094 30.07 5.38 5.58
C ALA A 2094 31.27 5.00 6.43
N TYR A 2095 31.10 5.01 7.74
CA TYR A 2095 32.17 4.72 8.68
C TYR A 2095 32.71 3.29 8.53
N GLN A 2096 31.81 2.34 8.32
CA GLN A 2096 32.21 0.94 8.22
C GLN A 2096 33.12 0.72 7.02
N ILE A 2097 32.79 1.37 5.91
CA ILE A 2097 33.62 1.30 4.71
C ILE A 2097 34.98 1.90 4.99
N ARG A 2098 34.99 2.99 5.74
CA ARG A 2098 36.22 3.71 6.05
C ARG A 2098 37.21 2.86 6.84
N CYS A 2099 36.69 2.09 7.79
CA CYS A 2099 37.56 1.26 8.61
C CYS A 2099 38.27 0.24 7.73
N GLY A 2100 37.53 -0.33 6.79
CA GLY A 2100 38.11 -1.20 5.78
C GLY A 2100 39.07 -0.39 4.91
N TYR A 2101 38.66 0.84 4.61
CA TYR A 2101 39.40 1.72 3.72
C TYR A 2101 40.78 2.09 4.24
N PRO A 2102 40.91 2.33 5.54
CA PRO A 2102 42.17 2.85 6.09
C PRO A 2102 43.31 1.87 5.83
N THR A 2103 43.06 0.58 6.05
CA THR A 2103 44.01 -0.45 5.65
C THR A 2103 44.09 -0.40 4.13
N ARG A 2104 42.93 -0.20 3.51
CA ARG A 2104 42.78 -0.15 2.07
C ARG A 2104 43.79 0.75 1.36
N ILE A 2105 44.17 1.85 1.99
CA ILE A 2105 44.88 2.94 1.31
C ILE A 2105 46.19 2.49 0.67
N LEU A 2106 46.95 1.65 1.36
CA LEU A 2106 48.13 1.07 0.75
C LEU A 2106 47.67 -0.15 -0.05
N GLY A 2107 46.90 0.10 -1.10
CA GLY A 2107 46.31 -0.96 -1.89
C GLY A 2107 47.33 -1.84 -2.58
N ASN A 2108 48.36 -1.23 -3.16
CA ASN A 2108 49.43 -2.01 -3.78
C ASN A 2108 50.12 -2.82 -2.69
N PHE A 2109 50.37 -2.15 -1.56
CA PHE A 2109 50.86 -2.81 -0.37
C PHE A 2109 49.80 -3.76 0.20
N LEU A 2110 48.55 -3.30 0.18
CA LEU A 2110 47.45 -4.01 0.82
C LEU A 2110 47.17 -5.39 0.23
N THR A 2111 47.23 -5.51 -1.09
CA THR A 2111 46.91 -6.77 -1.75
C THR A 2111 45.47 -7.17 -1.46
N LYS A 2112 44.60 -7.01 -2.45
CA LYS A 2112 43.18 -7.30 -2.29
C LYS A 2112 42.96 -8.77 -1.96
N LYS A 2113 43.73 -9.64 -2.60
CA LYS A 2113 43.61 -11.08 -2.41
C LYS A 2113 43.91 -11.47 -0.96
N TYR A 2114 44.89 -10.81 -0.36
CA TYR A 2114 45.32 -11.13 0.99
C TYR A 2114 44.23 -10.92 2.03
N ASN A 2115 43.45 -9.86 1.87
CA ASN A 2115 42.41 -9.51 2.84
C ASN A 2115 41.36 -10.60 2.95
N HIS A 2116 40.97 -11.16 1.81
CA HIS A 2116 40.01 -12.25 1.78
C HIS A 2116 40.56 -13.48 2.51
N LEU A 2117 41.85 -13.74 2.31
CA LEU A 2117 42.50 -14.91 2.87
C LEU A 2117 42.48 -14.90 4.40
N ASN A 2118 42.66 -13.70 4.98
CA ASN A 2118 42.69 -13.57 6.43
C ASN A 2118 41.36 -14.01 7.03
N LEU A 2119 40.27 -13.66 6.36
CA LEU A 2119 38.95 -14.06 6.83
C LEU A 2119 38.86 -15.58 6.82
N PHE A 2120 39.43 -16.19 5.78
CA PHE A 2120 39.50 -17.64 5.70
C PHE A 2120 40.14 -18.16 6.98
N LEU A 2121 41.17 -17.45 7.44
CA LEU A 2121 41.82 -17.77 8.69
C LEU A 2121 40.82 -17.62 9.82
N PHE A 2122 39.99 -16.59 9.71
CA PHE A 2122 38.93 -16.35 10.68
C PHE A 2122 37.95 -17.52 10.69
N GLN A 2123 37.69 -18.07 9.50
CA GLN A 2123 36.81 -19.23 9.38
C GLN A 2123 35.38 -18.94 9.86
N GLY A 2124 34.87 -19.74 10.80
CA GLY A 2124 33.47 -19.66 11.19
C GLY A 2124 33.13 -18.29 11.73
N PHE A 2125 34.02 -17.73 12.55
CA PHE A 2125 33.87 -16.35 13.00
C PHE A 2125 33.96 -15.42 11.79
N ARG A 2126 34.92 -15.72 10.91
CA ARG A 2126 35.10 -14.98 9.67
C ARG A 2126 33.88 -15.12 8.77
N LEU A 2127 33.34 -16.34 8.73
CA LEU A 2127 32.21 -16.66 7.87
C LEU A 2127 30.98 -15.84 8.26
N VAL A 2128 30.78 -15.64 9.56
CA VAL A 2128 29.62 -14.91 10.04
C VAL A 2128 29.65 -13.48 9.53
N PRO A 2129 30.83 -12.88 9.49
CA PRO A 2129 30.97 -11.51 9.02
C PRO A 2129 30.56 -11.40 7.55
N PHE A 2130 30.95 -12.38 6.75
CA PHE A 2130 30.61 -12.38 5.33
C PHE A 2130 29.09 -12.48 5.14
N LEU A 2131 28.46 -13.31 5.96
CA LEU A 2131 27.01 -13.48 5.92
C LEU A 2131 26.29 -12.18 6.27
N VAL A 2132 26.85 -11.46 7.23
CA VAL A 2132 26.22 -10.25 7.77
C VAL A 2132 26.04 -9.16 6.73
N GLU A 2133 27.03 -8.99 5.85
CA GLU A 2133 26.97 -7.93 4.86
C GLU A 2133 25.77 -8.12 3.93
N LEU A 2134 25.53 -9.37 3.54
CA LEU A 2134 24.37 -9.72 2.74
C LEU A 2134 24.57 -9.45 1.25
N ARG A 2135 23.56 -9.81 0.46
CA ARG A 2135 23.59 -9.64 -1.00
C ARG A 2135 23.65 -8.18 -1.46
N ALA A 2136 22.89 -7.30 -0.81
CA ALA A 2136 22.73 -5.94 -1.28
C ALA A 2136 24.05 -5.18 -1.29
N VAL A 2137 24.84 -5.35 -0.23
CA VAL A 2137 26.16 -4.74 -0.18
C VAL A 2137 27.05 -5.32 -1.26
N MET A 2138 26.95 -6.64 -1.43
CA MET A 2138 27.77 -7.34 -2.42
C MET A 2138 27.46 -6.90 -3.85
N ASP A 2139 26.18 -6.72 -4.15
CA ASP A 2139 25.77 -6.35 -5.50
C ASP A 2139 26.34 -5.00 -5.87
N TRP A 2140 26.29 -4.06 -4.92
CA TRP A 2140 26.87 -2.75 -5.11
C TRP A 2140 28.38 -2.88 -5.27
N VAL A 2141 28.96 -3.77 -4.46
CA VAL A 2141 30.41 -3.93 -4.42
C VAL A 2141 30.89 -4.75 -5.60
N TRP A 2142 30.14 -5.80 -5.93
CA TRP A 2142 30.46 -6.63 -7.09
C TRP A 2142 30.66 -5.75 -8.32
N THR A 2143 29.85 -4.72 -8.44
CA THR A 2143 29.87 -3.85 -9.62
C THR A 2143 31.20 -3.15 -9.78
N ASP A 2144 31.79 -2.69 -8.67
CA ASP A 2144 33.07 -1.99 -8.74
C ASP A 2144 34.13 -2.93 -9.28
N THR A 2145 34.11 -4.17 -8.81
CA THR A 2145 34.99 -5.21 -9.35
C THR A 2145 34.64 -5.42 -10.82
N THR A 2146 33.34 -5.40 -11.08
CA THR A 2146 32.83 -5.54 -12.44
C THR A 2146 33.29 -4.36 -13.29
N LEU A 2147 33.32 -3.19 -12.68
CA LEU A 2147 33.64 -1.97 -13.41
C LEU A 2147 35.03 -2.03 -14.02
N SER A 2148 35.99 -2.57 -13.28
CA SER A 2148 37.34 -2.72 -13.80
C SER A 2148 37.35 -3.66 -15.00
N LEU A 2149 36.60 -4.76 -14.90
CA LEU A 2149 36.45 -5.71 -16.00
C LEU A 2149 34.99 -6.07 -16.22
N SER A 2150 34.21 -5.15 -16.78
CA SER A 2150 32.77 -5.33 -16.91
C SER A 2150 32.35 -6.51 -17.80
N ASN A 2151 33.01 -6.68 -18.94
CA ASN A 2151 32.62 -7.74 -19.86
C ASN A 2151 32.81 -9.12 -19.23
N TRP A 2152 33.94 -9.31 -18.56
CA TRP A 2152 34.19 -10.53 -17.81
C TRP A 2152 33.20 -10.61 -16.65
N MET A 2153 32.96 -9.47 -16.03
CA MET A 2153 32.08 -9.37 -14.87
C MET A 2153 30.83 -10.22 -15.03
N CYS A 2154 30.10 -10.01 -16.11
CA CYS A 2154 28.88 -10.76 -16.31
C CYS A 2154 29.24 -12.22 -16.17
N VAL A 2155 30.36 -12.61 -16.78
CA VAL A 2155 30.98 -13.89 -16.52
C VAL A 2155 31.48 -13.92 -15.08
N GLU A 2156 32.06 -12.79 -14.67
CA GLU A 2156 32.65 -12.64 -13.34
C GLU A 2156 31.64 -12.78 -12.22
N ASP A 2157 30.44 -12.25 -12.43
CA ASP A 2157 29.44 -12.19 -11.37
C ASP A 2157 29.08 -13.60 -10.91
N ILE A 2158 28.96 -14.52 -11.85
CA ILE A 2158 28.66 -15.91 -11.53
C ILE A 2158 29.79 -16.50 -10.68
N TYR A 2159 31.03 -16.17 -11.05
CA TYR A 2159 32.19 -16.69 -10.34
C TYR A 2159 32.22 -16.23 -8.88
N ALA A 2160 31.89 -14.96 -8.66
CA ALA A 2160 31.91 -14.41 -7.31
C ALA A 2160 30.92 -15.14 -6.42
N ASN A 2161 29.74 -15.42 -6.96
CA ASN A 2161 28.72 -16.18 -6.23
C ASN A 2161 29.25 -17.57 -5.88
N ILE A 2162 29.84 -18.19 -6.90
CA ILE A 2162 30.43 -19.52 -6.78
C ILE A 2162 31.49 -19.54 -5.69
N PHE A 2163 32.34 -18.53 -5.74
CA PHE A 2163 33.44 -18.36 -4.78
C PHE A 2163 32.88 -18.27 -3.35
N ILE A 2164 31.86 -17.45 -3.18
CA ILE A 2164 31.24 -17.27 -1.87
C ILE A 2164 30.85 -18.62 -1.26
N ILE A 2165 30.14 -19.42 -2.04
CA ILE A 2165 29.70 -20.73 -1.58
C ILE A 2165 30.91 -21.61 -1.29
N LYS A 2166 31.92 -21.53 -2.15
CA LYS A 2166 33.13 -22.31 -1.97
C LYS A 2166 33.79 -21.90 -0.66
N CYS A 2167 33.80 -20.60 -0.40
CA CYS A 2167 34.34 -20.08 0.84
C CYS A 2167 33.55 -20.61 2.03
N SER A 2168 32.23 -20.67 1.87
CA SER A 2168 31.36 -21.17 2.91
C SER A 2168 31.66 -22.63 3.22
N ARG A 2169 31.91 -23.42 2.17
CA ARG A 2169 32.20 -24.84 2.33
C ARG A 2169 33.48 -25.04 3.12
N GLU A 2170 34.49 -24.22 2.84
CA GLU A 2170 35.77 -24.31 3.53
C GLU A 2170 35.60 -24.01 5.02
N THR A 2171 34.78 -23.01 5.34
CA THR A 2171 34.54 -22.64 6.72
C THR A 2171 33.89 -23.78 7.48
N GLU A 2172 32.95 -24.46 6.83
CA GLU A 2172 32.28 -25.60 7.43
C GLU A 2172 33.28 -26.71 7.70
N LYS A 2173 34.20 -26.91 6.76
CA LYS A 2173 35.22 -27.94 6.90
C LYS A 2173 36.10 -27.63 8.10
N LYS A 2174 36.46 -26.37 8.25
CA LYS A 2174 37.41 -25.93 9.27
C LYS A 2174 36.98 -26.26 10.69
N TYR A 2175 36.30 -25.31 11.34
CA TYR A 2175 35.87 -25.50 12.72
C TYR A 2175 35.01 -26.75 12.83
N PRO A 2176 34.45 -27.17 11.69
CA PRO A 2176 33.58 -28.34 11.65
C PRO A 2176 34.30 -29.62 12.04
N GLN A 2177 35.53 -29.79 11.57
CA GLN A 2177 36.26 -31.02 11.83
C GLN A 2177 36.50 -31.23 13.32
N PRO A 2178 36.90 -30.16 14.02
CA PRO A 2178 37.03 -30.23 15.48
C PRO A 2178 35.66 -30.46 16.11
N LYS A 2179 34.68 -29.71 15.62
CA LYS A 2179 33.31 -29.78 16.13
C LYS A 2179 32.67 -31.13 15.87
N GLY A 2180 32.95 -31.71 14.71
CA GLY A 2180 32.24 -32.89 14.22
C GLY A 2180 32.41 -34.12 15.10
N GLN A 2181 31.31 -34.85 15.28
CA GLN A 2181 31.28 -36.10 16.04
C GLN A 2181 30.48 -37.13 15.26
N LYS A 2182 30.72 -38.41 15.52
CA LYS A 2182 30.05 -39.46 14.78
C LYS A 2182 28.93 -40.10 15.60
N LYS A 2183 27.73 -40.12 15.03
CA LYS A 2183 26.56 -40.69 15.69
C LYS A 2183 26.30 -39.97 17.01
N LYS A 2184 26.56 -38.66 17.03
CA LYS A 2184 26.34 -37.87 18.24
C LYS A 2184 25.32 -36.76 18.01
N LYS A 2185 24.33 -36.70 18.90
CA LYS A 2185 23.29 -35.68 18.82
C LYS A 2185 23.18 -34.91 20.14
N ILE A 2186 23.11 -33.59 20.06
CA ILE A 2186 22.94 -32.77 21.25
C ILE A 2186 21.57 -32.09 21.25
N VAL A 2187 20.83 -32.29 22.32
CA VAL A 2187 19.48 -31.73 22.45
C VAL A 2187 19.49 -30.21 22.49
N LYS A 2188 20.45 -29.64 23.21
CA LYS A 2188 20.51 -28.20 23.41
C LYS A 2188 20.68 -27.43 22.11
N TYR A 2189 21.55 -27.92 21.24
CA TYR A 2189 21.79 -27.26 19.96
C TYR A 2189 20.52 -27.26 19.12
N GLY A 2190 19.83 -28.39 19.12
CA GLY A 2190 18.59 -28.54 18.37
C GLY A 2190 17.51 -27.60 18.90
N MET A 2191 17.44 -27.49 20.21
CA MET A 2191 16.39 -26.71 20.85
C MET A 2191 16.44 -25.23 20.49
N GLY A 2192 17.64 -24.67 20.44
CA GLY A 2192 17.79 -23.24 20.16
C GLY A 2192 17.29 -22.89 18.76
N GLY A 2193 17.63 -23.73 17.79
CA GLY A 2193 17.17 -23.55 16.41
C GLY A 2193 15.66 -23.68 16.32
N LEU A 2194 15.13 -24.65 17.05
CA LEU A 2194 13.71 -25.00 17.01
C LEU A 2194 12.86 -24.00 17.78
N ILE A 2195 13.36 -23.59 18.95
CA ILE A 2195 12.65 -22.61 19.76
C ILE A 2195 12.57 -21.29 19.00
N ILE A 2196 13.67 -20.93 18.34
CA ILE A 2196 13.71 -19.72 17.53
C ILE A 2196 12.73 -19.83 16.37
N LEU A 2197 12.67 -21.00 15.76
CA LEU A 2197 11.78 -21.23 14.63
C LEU A 2197 10.33 -21.07 15.06
N PHE A 2198 10.00 -21.60 16.24
CA PHE A 2198 8.65 -21.48 16.77
C PHE A 2198 8.33 -20.02 17.02
N LEU A 2199 9.32 -19.29 17.57
CA LEU A 2199 9.15 -17.87 17.82
C LEU A 2199 8.96 -17.11 16.52
N ILE A 2200 9.73 -17.48 15.50
CA ILE A 2200 9.63 -16.85 14.20
C ILE A 2200 8.25 -17.09 13.60
N ALA A 2201 7.75 -18.30 13.75
CA ALA A 2201 6.43 -18.65 13.28
C ALA A 2201 5.37 -17.84 14.04
N ILE A 2202 5.59 -17.70 15.34
CA ILE A 2202 4.68 -16.95 16.19
C ILE A 2202 4.66 -15.48 15.78
N ILE A 2203 5.83 -14.94 15.47
CA ILE A 2203 5.95 -13.56 15.04
C ILE A 2203 5.19 -13.35 13.75
N TRP A 2204 5.33 -14.30 12.84
CA TRP A 2204 4.59 -14.29 11.58
C TRP A 2204 3.10 -14.37 11.86
N PHE A 2205 2.75 -15.22 12.81
CA PHE A 2205 1.35 -15.42 13.19
C PHE A 2205 0.96 -14.33 14.17
N PRO A 2206 1.86 -14.05 15.09
CA PRO A 2206 1.65 -13.03 16.12
C PRO A 2206 1.51 -11.65 15.50
N LEU A 2207 2.31 -11.36 14.48
CA LEU A 2207 2.32 -10.06 13.85
C LEU A 2207 0.95 -9.76 13.24
N LEU A 2208 0.34 -10.76 12.61
CA LEU A 2208 -1.00 -10.60 12.08
C LEU A 2208 -1.96 -10.33 13.22
N PHE A 2209 -1.78 -11.08 14.31
CA PHE A 2209 -2.56 -10.87 15.53
C PHE A 2209 -2.30 -9.49 16.13
N MET A 2210 -1.03 -9.08 16.10
CA MET A 2210 -0.61 -7.81 16.68
C MET A 2210 -1.26 -6.61 16.01
N SER A 2211 -1.37 -6.69 14.68
CA SER A 2211 -1.94 -5.61 13.88
C SER A 2211 -3.25 -5.10 14.47
N LEU A 2212 -4.10 -6.01 14.91
CA LEU A 2212 -5.38 -5.65 15.51
C LEU A 2212 -5.19 -4.51 16.51
N ILE A 2213 -3.96 -4.35 17.00
CA ILE A 2213 -3.63 -3.27 17.91
C ILE A 2213 -4.19 -1.95 17.41
N ARG A 2214 -4.04 -1.72 16.11
CA ARG A 2214 -4.53 -0.49 15.49
C ARG A 2214 -5.94 -0.17 15.96
N SER A 2215 -6.88 -1.06 15.64
CA SER A 2215 -8.27 -0.88 16.03
C SER A 2215 -8.39 -0.42 17.47
N VAL A 2216 -8.53 0.89 17.67
CA VAL A 2216 -8.67 1.45 19.01
C VAL A 2216 -8.51 2.96 18.99
N VAL A 2217 -9.39 3.66 19.69
CA VAL A 2217 -9.34 5.12 19.76
C VAL A 2217 -10.64 5.67 20.33
N GLY A 2218 -10.82 5.54 21.63
CA GLY A 2218 -12.04 5.99 22.28
C GLY A 2218 -11.85 7.11 23.28
N VAL A 2219 -12.75 8.09 23.20
CA VAL A 2219 -12.74 9.22 24.13
C VAL A 2219 -14.15 9.83 24.27
N VAL A 2220 -14.43 10.33 25.47
CA VAL A 2220 -15.77 10.79 25.82
C VAL A 2220 -16.15 12.04 25.04
N ASN A 2221 -17.39 12.08 24.57
CA ASN A 2221 -17.90 13.28 23.93
C ASN A 2221 -19.11 13.82 24.68
N GLN A 2222 -19.01 15.08 25.09
CA GLN A 2222 -20.11 15.78 25.71
C GLN A 2222 -20.36 17.05 24.93
N PRO A 2223 -21.69 17.29 24.54
CA PRO A 2223 -21.82 18.52 23.73
C PRO A 2223 -21.40 19.73 24.54
N ILE A 2224 -20.58 20.58 23.94
CA ILE A 2224 -20.16 21.82 24.56
C ILE A 2224 -21.39 22.71 24.74
N ASP A 2225 -22.24 22.68 23.73
CA ASP A 2225 -23.39 23.58 23.62
C ASP A 2225 -24.62 22.74 23.25
N VAL A 2226 -25.71 23.00 23.95
CA VAL A 2226 -27.00 22.38 23.65
C VAL A 2226 -27.98 23.52 23.37
N THR A 2227 -28.41 23.60 22.11
CA THR A 2227 -29.29 24.68 21.68
C THR A 2227 -30.65 24.11 21.32
N VAL A 2228 -31.69 24.67 21.92
CA VAL A 2228 -33.06 24.22 21.67
C VAL A 2228 -33.93 25.40 21.30
N THR A 2229 -34.93 25.13 20.47
CA THR A 2229 -35.90 26.15 20.09
C THR A 2229 -37.32 25.59 20.09
N LEU A 2230 -38.28 26.48 20.32
CA LEU A 2230 -39.70 26.16 20.13
C LEU A 2230 -40.27 27.19 19.17
N LYS A 2231 -40.85 26.70 18.08
CA LYS A 2231 -41.29 27.56 16.98
C LYS A 2231 -42.66 27.12 16.48
N LEU A 2232 -43.58 28.09 16.39
CA LEU A 2232 -44.92 27.85 15.86
C LEU A 2232 -44.98 28.28 14.41
N GLY A 2233 -45.28 27.33 13.53
CA GLY A 2233 -45.39 27.61 12.11
C GLY A 2233 -44.14 28.31 11.60
N GLY A 2234 -44.35 29.30 10.74
CA GLY A 2234 -43.26 30.11 10.22
C GLY A 2234 -43.03 31.40 11.02
N TYR A 2235 -43.72 31.55 12.15
CA TYR A 2235 -43.59 32.76 12.96
C TYR A 2235 -42.25 32.79 13.69
N GLU A 2236 -41.77 34.00 14.01
CA GLU A 2236 -40.55 34.15 14.78
C GLU A 2236 -40.57 33.22 15.99
N PRO A 2237 -39.49 32.45 16.20
CA PRO A 2237 -39.51 31.42 17.26
C PRO A 2237 -39.91 31.98 18.63
N LEU A 2238 -40.72 31.21 19.34
CA LEU A 2238 -41.22 31.64 20.64
C LEU A 2238 -40.11 31.58 21.70
N PHE A 2239 -39.28 30.55 21.60
CA PHE A 2239 -38.32 30.26 22.64
C PHE A 2239 -37.02 29.77 22.02
N THR A 2240 -35.89 30.31 22.47
CA THR A 2240 -34.57 29.81 22.11
C THR A 2240 -33.71 29.78 23.37
N MET A 2241 -32.87 28.76 23.48
CA MET A 2241 -31.95 28.69 24.61
C MET A 2241 -30.74 27.86 24.24
N SER A 2242 -29.57 28.36 24.61
CA SER A 2242 -28.32 27.63 24.43
C SER A 2242 -27.65 27.43 25.78
N ALA A 2243 -27.55 26.17 26.20
CA ALA A 2243 -26.89 25.79 27.44
C ALA A 2243 -25.42 25.48 27.17
N GLN A 2244 -24.55 26.08 27.98
CA GLN A 2244 -23.11 25.79 27.97
C GLN A 2244 -22.64 25.62 29.41
N GLN A 2245 -21.35 25.39 29.60
CA GLN A 2245 -20.77 25.22 30.95
C GLN A 2245 -21.27 26.27 31.95
N PRO A 2246 -21.61 25.86 33.17
CA PRO A 2246 -21.63 24.51 33.75
C PRO A 2246 -23.04 23.94 33.72
N SER A 2247 -23.88 24.44 32.79
CA SER A 2247 -25.27 23.96 32.67
C SER A 2247 -25.37 22.60 31.99
N ILE A 2248 -24.25 22.11 31.46
CA ILE A 2248 -24.18 20.77 30.90
C ILE A 2248 -23.46 19.90 31.93
N VAL A 2249 -24.22 19.13 32.70
CA VAL A 2249 -23.69 18.48 33.89
C VAL A 2249 -23.46 17.00 33.63
N PRO A 2250 -22.18 16.57 33.62
CA PRO A 2250 -21.93 15.13 33.43
C PRO A 2250 -22.53 14.30 34.55
N PHE A 2251 -22.99 13.11 34.20
CA PHE A 2251 -23.50 12.18 35.21
C PHE A 2251 -22.42 11.81 36.23
N THR A 2252 -22.80 11.86 37.50
CA THR A 2252 -22.02 11.25 38.56
C THR A 2252 -22.42 9.78 38.67
N PRO A 2253 -21.66 8.98 39.42
CA PRO A 2253 -22.14 7.61 39.66
C PRO A 2253 -23.49 7.59 40.37
N GLN A 2254 -23.81 8.62 41.15
CA GLN A 2254 -25.13 8.69 41.78
C GLN A 2254 -26.24 8.86 40.72
N ALA A 2255 -26.01 9.78 39.78
CA ALA A 2255 -26.98 10.00 38.71
C ALA A 2255 -27.17 8.71 37.89
N TYR A 2256 -26.06 8.01 37.65
CA TYR A 2256 -26.13 6.78 36.86
C TYR A 2256 -26.92 5.69 37.60
N GLU A 2257 -26.67 5.59 38.91
CA GLU A 2257 -27.42 4.65 39.74
C GLU A 2257 -28.91 4.98 39.78
N GLU A 2258 -29.24 6.27 39.90
CA GLU A 2258 -30.64 6.68 39.92
C GLU A 2258 -31.33 6.37 38.60
N LEU A 2259 -30.63 6.62 37.49
CA LEU A 2259 -31.17 6.32 36.17
C LEU A 2259 -31.38 4.81 36.03
N SER A 2260 -30.41 4.04 36.51
CA SER A 2260 -30.52 2.58 36.47
C SER A 2260 -31.69 2.07 37.31
N GLN A 2261 -31.93 2.69 38.46
CA GLN A 2261 -33.07 2.31 39.30
C GLN A 2261 -34.39 2.62 38.60
N GLN A 2262 -34.42 3.75 37.90
CA GLN A 2262 -35.63 4.18 37.21
C GLN A 2262 -36.02 3.18 36.12
N PHE A 2263 -35.01 2.65 35.42
CA PHE A 2263 -35.25 1.81 34.26
C PHE A 2263 -34.99 0.33 34.51
N ASP A 2264 -34.72 -0.01 35.78
CA ASP A 2264 -34.43 -1.40 36.14
C ASP A 2264 -35.44 -2.44 35.66
N PRO A 2265 -36.76 -2.13 35.71
CA PRO A 2265 -37.70 -3.19 35.29
C PRO A 2265 -37.65 -3.53 33.79
N TYR A 2266 -36.89 -2.78 33.01
CA TYR A 2266 -36.95 -2.88 31.55
C TYR A 2266 -35.60 -3.27 30.95
N PRO A 2267 -35.44 -4.56 30.60
CA PRO A 2267 -34.16 -5.04 30.05
C PRO A 2267 -33.64 -4.28 28.83
N LEU A 2268 -34.52 -3.88 27.91
CA LEU A 2268 -34.06 -3.16 26.72
C LEU A 2268 -33.48 -1.79 27.07
N ALA A 2269 -34.12 -1.12 28.02
CA ALA A 2269 -33.62 0.16 28.51
C ALA A 2269 -32.28 -0.03 29.19
N MET A 2270 -32.19 -1.06 30.03
CA MET A 2270 -30.94 -1.33 30.73
C MET A 2270 -29.83 -1.72 29.78
N GLN A 2271 -30.17 -2.44 28.71
CA GLN A 2271 -29.16 -2.79 27.69
C GLN A 2271 -28.61 -1.54 27.00
N PHE A 2272 -29.49 -0.57 26.76
CA PHE A 2272 -29.05 0.70 26.21
C PHE A 2272 -28.16 1.45 27.19
N ILE A 2273 -28.63 1.60 28.43
CA ILE A 2273 -27.92 2.35 29.46
C ILE A 2273 -26.53 1.78 29.75
N SER A 2274 -26.41 0.45 29.74
CA SER A 2274 -25.15 -0.21 30.04
C SER A 2274 -24.05 0.03 29.00
N GLN A 2275 -24.42 0.60 27.84
CA GLN A 2275 -23.46 0.90 26.79
C GLN A 2275 -22.72 2.20 27.10
N TYR A 2276 -23.16 2.91 28.13
CA TYR A 2276 -22.63 4.22 28.47
C TYR A 2276 -22.04 4.23 29.87
N SER A 2277 -20.88 4.87 30.02
CA SER A 2277 -20.32 5.18 31.32
C SER A 2277 -20.95 6.49 31.78
N PRO A 2278 -20.92 6.78 33.11
CA PRO A 2278 -21.44 8.07 33.58
C PRO A 2278 -20.84 9.24 32.79
N GLU A 2279 -19.55 9.19 32.47
CA GLU A 2279 -18.90 10.28 31.77
C GLU A 2279 -19.45 10.52 30.36
N ASP A 2280 -20.14 9.52 29.80
CA ASP A 2280 -20.71 9.64 28.48
C ASP A 2280 -22.08 10.30 28.48
N ILE A 2281 -22.61 10.59 29.66
CA ILE A 2281 -23.99 11.09 29.78
C ILE A 2281 -23.97 12.44 30.47
N VAL A 2282 -24.76 13.37 29.95
CA VAL A 2282 -24.92 14.67 30.60
C VAL A 2282 -26.38 15.00 30.81
N THR A 2283 -26.65 15.86 31.78
CA THR A 2283 -27.95 16.52 31.87
C THR A 2283 -27.75 17.97 31.44
N ALA A 2284 -28.38 18.35 30.34
CA ALA A 2284 -28.40 19.74 29.91
C ALA A 2284 -29.53 20.40 30.69
N GLN A 2285 -29.16 21.29 31.61
CA GLN A 2285 -30.12 21.96 32.46
C GLN A 2285 -30.60 23.21 31.73
N ILE A 2286 -31.56 23.01 30.82
CA ILE A 2286 -32.01 24.05 29.91
C ILE A 2286 -32.86 25.08 30.66
N GLU A 2287 -32.45 26.35 30.64
CA GLU A 2287 -33.27 27.41 31.23
C GLU A 2287 -34.54 27.59 30.42
N GLY A 2288 -35.68 27.66 31.11
CA GLY A 2288 -36.95 27.73 30.41
C GLY A 2288 -37.42 29.10 29.98
N SER A 2289 -36.78 30.14 30.48
CA SER A 2289 -37.08 31.49 30.01
C SER A 2289 -36.29 31.73 28.73
N SER A 2290 -36.95 32.12 27.65
CA SER A 2290 -36.23 32.31 26.36
C SER A 2290 -35.04 33.24 26.54
N GLY A 2291 -33.96 32.94 25.84
CA GLY A 2291 -32.75 33.74 25.92
C GLY A 2291 -32.83 35.06 25.17
N ALA A 2292 -33.85 35.20 24.32
CA ALA A 2292 -34.00 36.40 23.51
C ALA A 2292 -35.44 36.91 23.57
N LEU A 2293 -35.58 38.22 23.43
CA LEU A 2293 -36.89 38.82 23.25
C LEU A 2293 -37.55 38.27 21.99
N TRP A 2294 -38.87 38.16 22.05
CA TRP A 2294 -39.64 37.80 20.88
C TRP A 2294 -39.62 39.01 19.94
N ARG A 2295 -39.24 38.75 18.70
CA ARG A 2295 -38.89 39.79 17.73
C ARG A 2295 -39.96 39.93 16.68
N ILE A 2296 -41.08 39.26 16.89
CA ILE A 2296 -42.17 39.27 15.91
C ILE A 2296 -42.66 40.69 15.65
N SER A 2297 -43.09 40.85 14.40
CA SER A 2297 -43.88 41.95 13.91
C SER A 2297 -45.27 41.92 14.52
N PRO A 2298 -45.75 43.14 15.05
CA PRO A 2298 -47.16 43.06 15.49
C PRO A 2298 -48.06 42.51 14.40
N PRO A 2299 -47.88 43.02 13.10
CA PRO A 2299 -48.75 42.40 12.09
C PRO A 2299 -48.58 40.89 12.11
N SER A 2300 -47.36 40.38 12.01
CA SER A 2300 -47.24 38.93 12.12
C SER A 2300 -47.80 38.41 13.44
N ARG A 2301 -47.67 39.19 14.51
CA ARG A 2301 -48.28 38.81 15.78
C ARG A 2301 -49.80 38.72 15.63
N ALA A 2302 -50.37 39.71 14.95
CA ALA A 2302 -51.80 39.69 14.67
C ALA A 2302 -52.20 38.51 13.78
N GLN A 2303 -51.36 38.21 12.78
CA GLN A 2303 -51.62 37.10 11.88
C GLN A 2303 -51.58 35.77 12.65
N MET A 2304 -50.60 35.65 13.54
CA MET A 2304 -50.48 34.45 14.37
C MET A 2304 -51.70 34.24 15.27
N LYS A 2305 -52.13 35.30 15.94
CA LYS A 2305 -53.32 35.20 16.78
C LYS A 2305 -54.53 34.76 15.96
N GLN A 2306 -54.69 35.40 14.80
CA GLN A 2306 -55.79 35.07 13.90
C GLN A 2306 -55.72 33.65 13.38
N GLU A 2307 -54.51 33.20 13.02
CA GLU A 2307 -54.36 31.84 12.52
C GLU A 2307 -54.65 30.81 13.60
N LEU A 2308 -54.17 31.05 14.81
CA LEU A 2308 -54.42 30.15 15.93
C LEU A 2308 -55.92 30.02 16.18
N TYR A 2309 -56.63 31.14 16.24
CA TYR A 2309 -58.08 31.12 16.48
C TYR A 2309 -58.90 30.62 15.29
N ASN A 2310 -58.63 31.16 14.10
CA ASN A 2310 -59.56 31.03 12.98
C ASN A 2310 -59.08 30.14 11.84
N GLY A 2311 -57.82 29.75 11.89
CA GLY A 2311 -57.25 28.95 10.82
C GLY A 2311 -57.99 27.65 10.64
N THR A 2312 -58.13 27.23 9.38
CA THR A 2312 -58.79 25.98 9.06
C THR A 2312 -57.80 24.85 8.74
N ALA A 2313 -56.51 25.15 8.77
CA ALA A 2313 -55.47 24.14 8.55
C ALA A 2313 -54.76 23.86 9.86
N ASP A 2314 -54.02 22.75 9.91
CA ASP A 2314 -53.13 22.49 11.03
C ASP A 2314 -52.09 23.60 11.12
N ILE A 2315 -51.51 23.75 12.31
CA ILE A 2315 -50.34 24.61 12.47
C ILE A 2315 -49.27 23.77 13.17
N THR A 2316 -48.03 23.86 12.70
CA THR A 2316 -46.96 23.04 13.23
C THR A 2316 -46.31 23.68 14.45
N LEU A 2317 -46.11 22.91 15.51
CA LEU A 2317 -45.31 23.33 16.66
C LEU A 2317 -44.06 22.45 16.68
N ARG A 2318 -42.90 23.08 16.63
CA ARG A 2318 -41.64 22.36 16.47
C ARG A 2318 -40.71 22.63 17.64
N PHE A 2319 -40.21 21.55 18.24
CA PHE A 2319 -39.18 21.65 19.27
C PHE A 2319 -37.90 21.05 18.69
N THR A 2320 -36.85 21.87 18.60
CA THR A 2320 -35.61 21.43 17.99
C THR A 2320 -34.49 21.33 19.04
N TRP A 2321 -33.52 20.45 18.76
CA TRP A 2321 -32.30 20.40 19.57
C TRP A 2321 -31.10 20.23 18.65
N ASN A 2322 -29.98 20.83 19.04
CA ASN A 2322 -28.75 20.79 18.25
C ASN A 2322 -27.60 20.76 19.23
N PHE A 2323 -26.81 19.69 19.18
CA PHE A 2323 -25.72 19.52 20.13
C PHE A 2323 -24.40 19.74 19.41
N GLN A 2324 -23.60 20.65 19.95
CA GLN A 2324 -22.26 20.95 19.42
C GLN A 2324 -21.21 20.19 20.21
N ARG A 2325 -20.25 19.61 19.48
CA ARG A 2325 -19.16 18.85 20.08
C ARG A 2325 -17.83 19.48 19.69
N ASP A 2326 -16.80 19.18 20.46
CA ASP A 2326 -15.45 19.69 20.21
C ASP A 2326 -14.64 18.68 19.39
N LEU A 2327 -14.41 19.00 18.12
CA LEU A 2327 -13.70 18.11 17.20
C LEU A 2327 -12.23 17.96 17.55
N ALA A 2328 -11.70 18.89 18.34
CA ALA A 2328 -10.30 18.84 18.75
C ALA A 2328 -10.00 17.60 19.60
N LYS A 2329 -11.03 17.06 20.25
CA LYS A 2329 -10.89 15.86 21.07
C LYS A 2329 -11.03 14.58 20.24
N GLY A 2330 -11.61 14.71 19.06
CA GLY A 2330 -11.86 13.56 18.21
C GLY A 2330 -13.21 13.70 17.52
N GLY A 2331 -13.56 12.70 16.70
CA GLY A 2331 -14.81 12.75 15.98
C GLY A 2331 -14.73 13.55 14.70
N THR A 2332 -15.76 13.45 13.87
CA THR A 2332 -15.77 14.10 12.56
C THR A 2332 -16.98 15.01 12.35
N VAL A 2333 -18.04 14.80 13.12
CA VAL A 2333 -19.28 15.55 12.94
C VAL A 2333 -19.54 16.48 14.13
N GLU A 2334 -19.36 17.78 13.91
CA GLU A 2334 -19.44 18.75 14.99
C GLU A 2334 -20.83 18.85 15.62
N TYR A 2335 -21.86 18.97 14.78
CA TYR A 2335 -23.23 19.15 15.26
C TYR A 2335 -24.06 17.90 14.99
N THR A 2336 -24.86 17.51 15.97
CA THR A 2336 -25.83 16.44 15.77
C THR A 2336 -27.17 16.95 16.30
N ASN A 2337 -28.24 16.69 15.57
CA ASN A 2337 -29.50 17.36 15.83
C ASN A 2337 -30.71 16.58 15.34
N GLU A 2338 -31.88 17.03 15.77
CA GLU A 2338 -33.15 16.53 15.25
C GLU A 2338 -34.25 17.42 15.80
N LYS A 2339 -35.49 17.04 15.56
CA LYS A 2339 -36.61 17.84 16.02
C LYS A 2339 -37.81 16.94 16.29
N HIS A 2340 -38.75 17.47 17.06
CA HIS A 2340 -40.02 16.82 17.29
C HIS A 2340 -41.08 17.82 16.89
N THR A 2341 -42.05 17.39 16.08
CA THR A 2341 -43.10 18.30 15.67
C THR A 2341 -44.47 17.77 16.09
N LEU A 2342 -45.38 18.70 16.35
CA LEU A 2342 -46.77 18.35 16.64
C LEU A 2342 -47.64 19.19 15.70
N GLU A 2343 -48.67 18.61 15.13
CA GLU A 2343 -49.62 19.38 14.34
C GLU A 2343 -50.81 19.75 15.22
N LEU A 2344 -50.94 21.04 15.53
CA LEU A 2344 -52.05 21.52 16.33
C LEU A 2344 -53.30 21.68 15.45
N ALA A 2345 -54.31 20.85 15.71
CA ALA A 2345 -55.52 20.86 14.89
C ALA A 2345 -56.31 22.16 15.03
N PRO A 2346 -56.98 22.58 13.95
CA PRO A 2346 -57.86 23.76 13.98
C PRO A 2346 -58.90 23.64 15.11
N ASN A 2347 -59.15 24.74 15.81
CA ASN A 2347 -60.13 24.77 16.90
C ASN A 2347 -59.82 23.87 18.09
N SER A 2348 -58.63 23.28 18.14
CA SER A 2348 -58.27 22.43 19.27
C SER A 2348 -58.08 23.27 20.52
N THR A 2349 -58.26 22.65 21.68
CA THR A 2349 -58.18 23.38 22.94
C THR A 2349 -56.83 24.06 23.15
N ALA A 2350 -55.75 23.31 22.96
CA ALA A 2350 -54.41 23.88 23.16
C ALA A 2350 -54.14 25.05 22.22
N ARG A 2351 -54.62 24.95 20.99
CA ARG A 2351 -54.44 26.00 20.00
C ARG A 2351 -55.16 27.28 20.42
N ARG A 2352 -56.41 27.14 20.87
CA ARG A 2352 -57.15 28.31 21.32
C ARG A 2352 -56.54 28.90 22.59
N GLN A 2353 -56.07 28.03 23.48
CA GLN A 2353 -55.46 28.48 24.73
C GLN A 2353 -54.14 29.20 24.49
N LEU A 2354 -53.37 28.73 23.51
CA LEU A 2354 -52.13 29.41 23.14
C LEU A 2354 -52.45 30.79 22.59
N ALA A 2355 -53.47 30.88 21.72
CA ALA A 2355 -53.88 32.17 21.17
C ALA A 2355 -54.29 33.14 22.28
N GLN A 2356 -55.02 32.62 23.26
CA GLN A 2356 -55.47 33.40 24.41
C GLN A 2356 -54.30 34.04 25.18
N LEU A 2357 -53.14 33.38 25.19
CA LEU A 2357 -52.01 33.91 25.94
C LEU A 2357 -51.57 35.26 25.41
N LEU A 2358 -51.80 35.49 24.12
CA LEU A 2358 -51.40 36.75 23.50
C LEU A 2358 -52.15 37.94 24.07
N GLU A 2359 -53.29 37.71 24.72
CA GLU A 2359 -54.04 38.83 25.27
C GLU A 2359 -53.31 39.45 26.47
N GLY A 2360 -52.38 38.72 27.07
CA GLY A 2360 -51.50 39.30 28.05
C GLY A 2360 -51.94 39.20 29.50
N ARG A 2361 -52.81 38.25 29.80
CA ARG A 2361 -53.15 37.96 31.19
C ARG A 2361 -52.06 37.06 31.79
N PRO A 2362 -51.26 37.61 32.73
CA PRO A 2362 -50.02 36.97 33.18
C PRO A 2362 -50.18 35.62 33.88
N ASP A 2363 -51.36 35.36 34.43
CA ASP A 2363 -51.59 34.12 35.19
C ASP A 2363 -51.93 32.94 34.28
N GLN A 2364 -52.17 33.22 33.01
CA GLN A 2364 -52.62 32.18 32.10
C GLN A 2364 -51.47 31.39 31.48
N SER A 2365 -51.75 30.15 31.11
CA SER A 2365 -50.78 29.27 30.49
C SER A 2365 -51.47 28.25 29.62
N VAL A 2366 -50.69 27.54 28.81
CA VAL A 2366 -51.21 26.41 28.06
C VAL A 2366 -50.28 25.22 28.24
N VAL A 2367 -50.85 24.02 28.35
CA VAL A 2367 -50.06 22.80 28.39
C VAL A 2367 -50.11 22.13 27.03
N ILE A 2368 -48.93 21.84 26.48
CA ILE A 2368 -48.82 21.06 25.26
C ILE A 2368 -48.33 19.67 25.66
N PRO A 2369 -49.18 18.65 25.52
CA PRO A 2369 -48.74 17.31 25.89
C PRO A 2369 -47.67 16.78 24.93
N HIS A 2370 -46.78 15.93 25.44
CA HIS A 2370 -45.91 15.13 24.61
C HIS A 2370 -45.01 15.95 23.67
N LEU A 2371 -44.39 16.98 24.25
CA LEU A 2371 -43.59 17.91 23.48
C LEU A 2371 -42.07 17.74 23.69
N PHE A 2372 -41.66 17.35 24.89
CA PHE A 2372 -40.25 17.36 25.28
C PHE A 2372 -39.69 15.95 25.38
N PRO A 2373 -38.82 15.55 24.43
CA PRO A 2373 -38.20 14.23 24.59
C PRO A 2373 -37.04 14.33 25.57
N LYS A 2374 -37.22 13.76 26.76
CA LYS A 2374 -36.19 13.91 27.80
C LYS A 2374 -34.87 13.21 27.50
N TYR A 2375 -34.94 12.03 26.88
CA TYR A 2375 -33.76 11.21 26.68
C TYR A 2375 -33.40 11.18 25.22
N ILE A 2376 -32.23 11.71 24.88
CA ILE A 2376 -31.80 11.81 23.49
C ILE A 2376 -30.37 11.28 23.35
N ARG A 2377 -30.10 10.59 22.24
CA ARG A 2377 -28.75 10.12 21.93
C ARG A 2377 -28.03 11.13 21.04
N ALA A 2378 -26.75 11.34 21.32
CA ALA A 2378 -25.90 12.23 20.53
C ALA A 2378 -24.79 11.35 19.97
N PRO A 2379 -25.05 10.74 18.81
CA PRO A 2379 -24.13 9.72 18.31
C PRO A 2379 -23.02 10.38 17.52
N ASN A 2380 -22.17 9.56 16.91
CA ASN A 2380 -21.07 10.10 16.11
C ASN A 2380 -21.57 10.85 14.87
N GLY A 2381 -22.70 10.42 14.33
CA GLY A 2381 -23.27 11.01 13.13
C GLY A 2381 -24.18 12.20 13.43
N PRO A 2382 -24.73 12.81 12.38
CA PRO A 2382 -25.44 14.10 12.50
C PRO A 2382 -26.90 14.03 12.94
N GLU A 2383 -27.43 12.83 13.16
CA GLU A 2383 -28.83 12.68 13.52
C GLU A 2383 -28.93 12.19 14.97
N ALA A 2384 -29.55 13.01 15.81
CA ALA A 2384 -29.64 12.76 17.24
C ALA A 2384 -31.08 12.42 17.61
N ASN A 2385 -31.41 11.15 17.65
CA ASN A 2385 -32.80 10.77 17.89
C ASN A 2385 -33.12 10.54 19.36
N PRO A 2386 -34.37 10.83 19.75
CA PRO A 2386 -34.79 10.43 21.10
C PRO A 2386 -34.59 8.92 21.27
N VAL A 2387 -34.18 8.49 22.46
CA VAL A 2387 -33.88 7.08 22.69
C VAL A 2387 -35.15 6.26 22.81
N LYS A 2388 -35.43 5.43 21.80
CA LYS A 2388 -36.64 4.61 21.82
C LYS A 2388 -36.62 3.59 22.96
N GLN A 2389 -35.45 3.06 23.29
CA GLN A 2389 -35.37 2.07 24.36
C GLN A 2389 -35.80 2.62 25.73
N LEU A 2390 -35.68 3.93 25.90
CA LEU A 2390 -36.10 4.57 27.15
C LEU A 2390 -37.46 5.24 26.99
N GLN A 2391 -37.87 5.43 25.75
CA GLN A 2391 -39.18 6.01 25.41
C GLN A 2391 -39.87 5.15 24.36
N PRO A 2392 -40.24 3.91 24.73
CA PRO A 2392 -40.70 2.94 23.72
C PRO A 2392 -42.02 3.27 23.05
N ASP A 2393 -42.86 4.07 23.69
CA ASP A 2393 -44.10 4.51 23.07
C ASP A 2393 -43.89 5.83 22.32
N GLU A 2394 -42.63 6.15 22.09
CA GLU A 2394 -42.24 7.30 21.28
C GLU A 2394 -42.85 8.62 21.78
N GLU A 2395 -43.58 9.33 20.94
CA GLU A 2395 -44.10 10.63 21.36
C GLU A 2395 -44.98 10.56 22.61
N GLU A 2396 -45.66 9.44 22.82
CA GLU A 2396 -46.51 9.27 24.01
C GLU A 2396 -45.67 9.27 25.29
N ASP A 2397 -44.37 9.03 25.15
CA ASP A 2397 -43.45 9.06 26.28
C ASP A 2397 -42.72 10.39 26.44
N TYR A 2398 -42.99 11.34 25.57
CA TYR A 2398 -42.38 12.67 25.70
C TYR A 2398 -43.15 13.47 26.74
N LEU A 2399 -42.49 14.44 27.36
CA LEU A 2399 -43.09 15.13 28.49
C LEU A 2399 -43.93 16.35 28.07
N GLY A 2400 -45.00 16.61 28.81
CA GLY A 2400 -45.80 17.81 28.60
C GLY A 2400 -45.04 19.06 29.00
N VAL A 2401 -45.34 20.14 28.30
CA VAL A 2401 -44.69 21.43 28.51
C VAL A 2401 -45.73 22.52 28.73
N ARG A 2402 -45.56 23.27 29.81
CA ARG A 2402 -46.44 24.40 30.11
C ARG A 2402 -45.78 25.67 29.57
N ILE A 2403 -46.54 26.43 28.78
CA ILE A 2403 -46.04 27.62 28.10
C ILE A 2403 -46.72 28.88 28.63
N GLN A 2404 -45.95 29.93 28.83
CA GLN A 2404 -46.47 31.22 29.27
C GLN A 2404 -45.80 32.34 28.50
N LEU A 2405 -46.49 33.46 28.40
CA LEU A 2405 -45.97 34.66 27.77
C LEU A 2405 -45.68 35.70 28.85
N ARG A 2406 -44.44 36.18 28.87
CA ARG A 2406 -44.02 37.19 29.84
C ARG A 2406 -43.93 38.57 29.20
N ARG A 2407 -45.08 39.20 28.99
CA ARG A 2407 -45.12 40.54 28.41
C ARG A 2407 -44.86 41.59 29.48
N GLU A 2408 -43.96 42.55 29.22
CA GLU A 2408 -43.64 43.55 30.26
C GLU A 2408 -43.57 45.04 29.83
N GLN A 2409 -44.21 45.91 30.64
CA GLN A 2409 -44.15 47.39 30.49
C GLN A 2409 -42.71 47.86 30.35
N VAL A 2410 -42.33 48.75 29.41
CA VAL A 2410 -43.06 49.55 28.37
C VAL A 2410 -43.83 50.84 28.68
N GLY A 2411 -44.10 51.59 27.61
CA GLY A 2411 -44.70 52.89 27.75
C GLY A 2411 -43.86 53.76 28.66
N SER A 2424 -50.14 49.71 25.40
CA SER A 2424 -49.83 49.07 24.12
C SER A 2424 -49.03 47.80 24.30
N ASP A 2425 -48.20 47.47 23.32
CA ASP A 2425 -47.38 46.27 23.38
C ASP A 2425 -46.34 46.36 24.51
N PHE A 2426 -45.98 45.21 25.07
CA PHE A 2426 -45.01 45.16 26.14
C PHE A 2426 -43.86 44.21 25.79
N LEU A 2427 -42.62 44.63 26.04
CA LEU A 2427 -41.50 43.77 25.68
C LEU A 2427 -42.01 42.35 25.91
N GLU A 2428 -41.74 41.41 24.99
CA GLU A 2428 -42.32 40.09 25.16
C GLU A 2428 -41.30 38.99 25.03
N TRP A 2429 -41.42 37.97 25.88
CA TRP A 2429 -40.65 36.75 25.71
C TRP A 2429 -41.42 35.58 26.28
N TRP A 2430 -41.10 34.38 25.78
CA TRP A 2430 -41.85 33.19 26.18
C TRP A 2430 -41.07 32.39 27.21
N VAL A 2431 -41.82 31.72 28.09
CA VAL A 2431 -41.25 30.88 29.13
C VAL A 2431 -41.89 29.52 29.06
N ILE A 2432 -41.07 28.48 29.03
CA ILE A 2432 -41.57 27.12 29.07
C ILE A 2432 -41.09 26.42 30.34
N GLU A 2433 -41.86 25.44 30.78
CA GLU A 2433 -41.48 24.58 31.91
C GLU A 2433 -42.07 23.21 31.67
N LEU A 2434 -41.47 22.18 32.28
CA LEU A 2434 -42.07 20.86 32.22
C LEU A 2434 -43.37 20.90 33.01
N GLN A 2435 -44.42 20.30 32.46
CA GLN A 2435 -45.74 20.31 33.09
C GLN A 2435 -45.66 19.82 34.53
N ASP A 2436 -44.87 18.77 34.75
CA ASP A 2436 -44.79 18.17 36.09
C ASP A 2436 -43.55 18.58 36.87
N CYS A 2437 -42.99 19.75 36.58
CA CYS A 2437 -41.83 20.23 37.31
C CYS A 2437 -42.16 20.40 38.80
N LYS A 2438 -41.21 20.08 39.65
CA LYS A 2438 -41.42 20.17 41.10
C LYS A 2438 -40.42 21.11 41.76
N ALA A 2439 -39.15 20.71 41.82
CA ALA A 2439 -38.15 21.46 42.58
C ALA A 2439 -37.50 22.60 41.80
N ASP A 2440 -37.40 22.43 40.48
CA ASP A 2440 -36.66 23.39 39.67
C ASP A 2440 -37.43 23.70 38.39
N CYS A 2441 -38.55 24.39 38.51
CA CYS A 2441 -39.37 24.66 37.35
C CYS A 2441 -38.71 25.57 36.31
N ASN A 2442 -37.64 26.27 36.69
CA ASN A 2442 -36.89 27.07 35.72
C ASN A 2442 -36.06 26.23 34.77
N LEU A 2443 -35.90 24.94 35.05
CA LEU A 2443 -35.01 24.07 34.26
C LEU A 2443 -35.78 22.96 33.56
N LEU A 2444 -35.38 22.67 32.33
CA LEU A 2444 -35.90 21.52 31.60
C LEU A 2444 -34.74 20.57 31.35
N PRO A 2445 -34.59 19.57 32.21
CA PRO A 2445 -33.39 18.73 32.11
C PRO A 2445 -33.47 17.69 30.99
N MET A 2446 -32.59 17.84 30.01
CA MET A 2446 -32.52 16.93 28.90
C MET A 2446 -31.31 16.03 29.10
N VAL A 2447 -31.54 14.72 29.11
CA VAL A 2447 -30.49 13.74 29.36
C VAL A 2447 -29.95 13.22 28.03
N ILE A 2448 -28.65 13.41 27.83
CA ILE A 2448 -28.03 13.17 26.54
C ILE A 2448 -26.94 12.12 26.66
N PHE A 2449 -27.07 11.03 25.87
CA PHE A 2449 -26.13 9.92 25.87
C PHE A 2449 -25.25 10.07 24.64
N SER A 2450 -23.96 10.30 24.85
CA SER A 2450 -23.05 10.52 23.74
C SER A 2450 -22.12 9.33 23.50
N ASP A 2451 -22.19 8.75 22.32
CA ASP A 2451 -21.25 7.69 21.96
C ASP A 2451 -19.83 8.24 21.97
N LYS A 2452 -18.87 7.43 22.40
CA LYS A 2452 -17.47 7.86 22.37
C LYS A 2452 -16.98 8.02 20.94
N VAL A 2453 -15.89 8.76 20.77
CA VAL A 2453 -15.30 8.96 19.44
C VAL A 2453 -13.83 8.53 19.41
N SER A 2454 -13.27 8.31 18.23
CA SER A 2454 -11.87 7.90 18.15
C SER A 2454 -11.20 8.66 17.02
N PRO A 2455 -9.90 8.91 17.09
CA PRO A 2455 -9.33 9.73 15.98
C PRO A 2455 -9.33 9.04 14.62
N PRO A 2456 -8.97 7.75 14.57
CA PRO A 2456 -8.89 7.05 13.28
C PRO A 2456 -9.68 5.75 13.22
N SER A 2457 -10.51 5.62 12.19
CA SER A 2457 -11.22 4.37 11.92
C SER A 2457 -10.26 3.23 11.56
N LEU A 2458 -9.21 3.55 10.81
CA LEU A 2458 -8.23 2.56 10.41
C LEU A 2458 -8.57 1.88 9.08
N GLY A 2459 -9.25 0.75 9.16
CA GLY A 2459 -9.49 -0.11 8.00
C GLY A 2459 -10.30 0.60 6.90
N PHE A 2460 -11.28 1.40 7.29
CA PHE A 2460 -12.14 2.04 6.31
C PHE A 2460 -12.89 0.98 5.50
N LEU A 2461 -12.82 1.04 4.17
CA LEU A 2461 -13.56 0.12 3.34
C LEU A 2461 -13.14 -1.31 3.62
N ALA A 2462 -14.11 -2.21 3.69
CA ALA A 2462 -13.86 -3.61 4.03
C ALA A 2462 -12.97 -4.31 3.02
N GLY A 2463 -13.20 -4.04 1.74
CA GLY A 2463 -12.46 -4.70 0.67
C GLY A 2463 -10.97 -4.38 0.75
N TYR A 2464 -10.64 -3.13 1.01
CA TYR A 2464 -9.24 -2.72 1.10
C TYR A 2464 -8.52 -3.41 2.24
N GLY A 2465 -9.18 -3.52 3.38
CA GLY A 2465 -8.60 -4.19 4.54
C GLY A 2465 -8.35 -5.67 4.26
N ILE A 2466 -9.31 -6.31 3.60
CA ILE A 2466 -9.18 -7.72 3.25
C ILE A 2466 -8.03 -7.94 2.28
N VAL A 2467 -7.90 -7.03 1.31
CA VAL A 2467 -6.84 -7.14 0.30
C VAL A 2467 -5.47 -7.06 0.93
N GLY A 2468 -5.30 -6.16 1.89
CA GLY A 2468 -4.01 -5.97 2.54
C GLY A 2468 -3.60 -7.24 3.27
N LEU A 2469 -4.55 -7.87 3.94
CA LEU A 2469 -4.28 -9.13 4.64
C LEU A 2469 -3.90 -10.19 3.62
N TYR A 2470 -4.62 -10.22 2.50
CA TYR A 2470 -4.32 -11.17 1.43
C TYR A 2470 -2.95 -10.90 0.86
N VAL A 2471 -2.63 -9.62 0.68
CA VAL A 2471 -1.31 -9.22 0.20
C VAL A 2471 -0.27 -9.64 1.23
N SER A 2472 -0.60 -9.44 2.50
CA SER A 2472 0.26 -9.83 3.60
C SER A 2472 0.45 -11.34 3.58
N ILE A 2473 -0.63 -12.06 3.31
CA ILE A 2473 -0.58 -13.51 3.28
C ILE A 2473 -0.12 -13.96 1.90
N VAL A 2474 -0.63 -13.28 0.88
CA VAL A 2474 -0.25 -13.56 -0.50
C VAL A 2474 1.20 -13.12 -0.72
N LEU A 2475 1.46 -11.83 -0.47
CA LEU A 2475 2.82 -11.29 -0.60
C LEU A 2475 3.80 -12.19 0.16
N VAL A 2476 3.40 -12.51 1.39
CA VAL A 2476 4.19 -13.34 2.29
C VAL A 2476 4.46 -14.70 1.64
N VAL A 2477 3.40 -15.26 1.09
CA VAL A 2477 3.44 -16.57 0.42
C VAL A 2477 4.46 -16.52 -0.73
N GLY A 2478 4.35 -15.47 -1.50
CA GLY A 2478 5.22 -15.23 -2.66
C GLY A 2478 6.69 -15.21 -2.22
N LYS A 2479 6.98 -14.43 -1.18
CA LYS A 2479 8.33 -14.36 -0.66
C LYS A 2479 8.78 -15.72 -0.12
N PHE A 2480 7.88 -16.38 0.62
CA PHE A 2480 8.15 -17.71 1.15
C PHE A 2480 8.33 -18.72 0.03
N VAL A 2481 7.46 -18.60 -0.97
CA VAL A 2481 7.49 -19.48 -2.14
C VAL A 2481 8.78 -19.31 -2.91
N ARG A 2482 9.24 -18.07 -2.99
CA ARG A 2482 10.36 -17.70 -3.86
C ARG A 2482 11.67 -18.42 -3.53
N GLY A 2483 11.98 -18.58 -2.25
CA GLY A 2483 13.27 -19.16 -1.89
C GLY A 2483 13.41 -20.59 -2.41
N PHE A 2484 12.37 -21.40 -2.25
CA PHE A 2484 12.31 -22.71 -2.88
C PHE A 2484 13.41 -23.63 -2.38
N PHE A 2485 13.74 -24.65 -3.18
CA PHE A 2485 14.91 -25.47 -2.97
C PHE A 2485 15.72 -25.57 -4.27
N SER A 2486 17.00 -25.22 -4.21
CA SER A 2486 17.88 -25.35 -5.37
C SER A 2486 18.55 -26.73 -5.43
N GLU A 2487 17.78 -27.76 -5.76
CA GLU A 2487 18.31 -29.11 -5.77
C GLU A 2487 19.43 -29.33 -6.79
N ILE A 2488 19.24 -28.79 -7.99
CA ILE A 2488 20.24 -28.95 -9.05
C ILE A 2488 21.57 -28.26 -8.71
N SER A 2489 21.47 -27.02 -8.25
CA SER A 2489 22.65 -26.25 -7.86
C SER A 2489 23.36 -26.90 -6.69
N HIS A 2490 22.55 -27.36 -5.73
CA HIS A 2490 23.07 -27.97 -4.51
C HIS A 2490 23.86 -29.24 -4.80
N SER A 2491 23.35 -30.06 -5.72
CA SER A 2491 23.98 -31.35 -5.98
C SER A 2491 25.39 -31.16 -6.51
N ILE A 2492 25.57 -30.22 -7.43
CA ILE A 2492 26.90 -29.92 -7.93
C ILE A 2492 27.79 -29.36 -6.84
N MET A 2493 27.25 -28.44 -6.05
CA MET A 2493 27.98 -27.83 -4.95
C MET A 2493 28.34 -28.82 -3.84
N PHE A 2494 27.38 -29.67 -3.49
CA PHE A 2494 27.56 -30.60 -2.38
C PHE A 2494 28.67 -31.63 -2.61
N GLU A 2495 28.73 -32.15 -3.82
CA GLU A 2495 29.69 -33.19 -4.16
C GLU A 2495 31.14 -32.69 -4.03
N GLU A 2496 31.38 -31.47 -4.48
CA GLU A 2496 32.73 -30.94 -4.50
C GLU A 2496 33.35 -30.81 -3.12
N LEU A 2497 32.57 -30.34 -2.14
CA LEU A 2497 33.11 -30.14 -0.81
C LEU A 2497 33.55 -31.47 -0.19
N PRO A 2498 32.65 -32.45 -0.21
CA PRO A 2498 33.00 -33.81 0.15
C PRO A 2498 33.99 -34.36 -0.88
N CYS A 2499 33.73 -34.04 -2.14
CA CYS A 2499 34.50 -34.55 -3.25
C CYS A 2499 35.91 -33.97 -3.35
N VAL A 2500 36.85 -34.80 -3.81
CA VAL A 2500 38.20 -34.37 -4.09
C VAL A 2500 38.19 -33.48 -5.33
N ASP A 2501 39.16 -32.56 -5.43
CA ASP A 2501 39.19 -31.63 -6.54
C ASP A 2501 39.35 -32.37 -7.85
N ARG A 2502 40.20 -33.40 -7.87
CA ARG A 2502 40.39 -34.20 -9.07
C ARG A 2502 39.08 -34.89 -9.43
N ILE A 2503 38.45 -35.51 -8.43
CA ILE A 2503 37.17 -36.15 -8.61
C ILE A 2503 36.15 -35.08 -8.96
N LEU A 2504 36.26 -33.95 -8.27
CA LEU A 2504 35.42 -32.80 -8.55
C LEU A 2504 35.71 -32.33 -9.95
N LYS A 2505 37.00 -32.35 -10.32
CA LYS A 2505 37.41 -31.92 -11.65
C LYS A 2505 36.78 -32.81 -12.70
N LEU A 2506 36.76 -34.11 -12.45
CA LEU A 2506 36.07 -35.02 -13.35
C LEU A 2506 34.60 -34.66 -13.30
N CYS A 2507 34.12 -34.41 -12.08
CA CYS A 2507 32.79 -33.87 -11.86
C CYS A 2507 32.73 -32.46 -12.45
N GLN A 2508 33.81 -31.72 -12.27
CA GLN A 2508 33.90 -30.32 -12.64
C GLN A 2508 33.74 -30.05 -14.14
N ASP A 2509 34.27 -30.95 -14.97
CA ASP A 2509 34.32 -30.71 -16.41
C ASP A 2509 32.95 -30.57 -17.06
N ILE A 2510 31.99 -31.39 -16.66
CA ILE A 2510 30.66 -31.35 -17.27
C ILE A 2510 30.00 -30.00 -17.02
N PHE A 2511 30.14 -29.50 -15.71
CA PHE A 2511 29.57 -28.16 -15.55
C PHE A 2511 30.43 -27.07 -16.18
N LEU A 2512 29.85 -25.88 -16.32
CA LEU A 2512 30.51 -24.75 -16.94
C LEU A 2512 31.74 -24.35 -16.15
N VAL A 2513 31.75 -24.69 -14.87
CA VAL A 2513 32.82 -24.29 -13.97
C VAL A 2513 34.17 -24.81 -14.47
N ARG A 2514 34.18 -26.04 -14.99
CA ARG A 2514 35.41 -26.59 -15.56
C ARG A 2514 35.83 -25.70 -16.73
N GLU A 2515 34.84 -25.25 -17.49
CA GLU A 2515 35.08 -24.32 -18.60
C GLU A 2515 35.67 -23.04 -18.04
N THR A 2516 35.17 -22.61 -16.89
CA THR A 2516 35.65 -21.40 -16.23
C THR A 2516 37.12 -21.58 -15.90
N ARG A 2517 37.48 -22.78 -15.48
CA ARG A 2517 38.88 -23.10 -15.20
C ARG A 2517 39.66 -22.92 -16.49
N GLU A 2518 39.05 -23.33 -17.60
CA GLU A 2518 39.65 -23.16 -18.91
C GLU A 2518 39.85 -21.67 -19.20
N LEU A 2519 38.88 -20.85 -18.79
CA LEU A 2519 38.99 -19.41 -18.97
C LEU A 2519 40.19 -18.93 -18.17
N GLU A 2520 40.34 -19.49 -16.97
CA GLU A 2520 41.57 -19.32 -16.21
C GLU A 2520 42.73 -19.21 -17.19
N LEU A 2521 42.64 -19.95 -18.28
CA LEU A 2521 43.68 -19.96 -19.29
C LEU A 2521 43.86 -18.57 -19.89
N GLU A 2522 42.76 -17.84 -20.07
CA GLU A 2522 42.83 -16.50 -20.60
C GLU A 2522 43.66 -15.66 -19.65
N GLU A 2523 43.46 -15.84 -18.36
CA GLU A 2523 44.35 -15.30 -17.35
C GLU A 2523 45.74 -15.01 -17.89
N GLU A 2524 46.23 -15.88 -18.77
CA GLU A 2524 47.60 -15.77 -19.27
C GLU A 2524 47.80 -14.44 -20.01
N LEU A 2525 46.81 -14.03 -20.79
CA LEU A 2525 46.87 -12.74 -21.46
C LEU A 2525 46.77 -11.64 -20.42
N TYR A 2526 45.69 -11.67 -19.63
CA TYR A 2526 45.49 -10.72 -18.54
C TYR A 2526 46.79 -10.36 -17.81
N ALA A 2527 46.83 -9.14 -17.29
CA ALA A 2527 47.99 -8.66 -16.54
C ALA A 2527 48.16 -9.49 -15.27
N LYS A 2528 49.41 -9.69 -14.88
CA LYS A 2528 49.73 -10.59 -13.78
C LYS A 2528 49.11 -10.15 -12.46
N LEU A 2529 49.15 -8.85 -12.17
CA LEU A 2529 48.58 -8.36 -10.92
C LEU A 2529 47.08 -8.64 -10.89
N ILE A 2530 46.40 -8.37 -12.00
CA ILE A 2530 45.00 -8.70 -12.12
C ILE A 2530 44.87 -10.22 -12.20
N PHE A 2531 45.92 -10.85 -12.73
CA PHE A 2531 46.00 -12.30 -12.82
C PHE A 2531 45.99 -12.93 -11.45
N LEU A 2532 46.67 -12.27 -10.51
CA LEU A 2532 46.84 -12.81 -9.16
C LEU A 2532 45.50 -13.01 -8.47
N TYR A 2533 44.59 -12.06 -8.66
CA TYR A 2533 43.26 -12.19 -8.08
C TYR A 2533 42.61 -13.42 -8.66
N ARG A 2534 42.79 -13.61 -9.96
CA ARG A 2534 42.35 -14.82 -10.64
C ARG A 2534 43.12 -16.01 -10.07
N SER A 2535 44.40 -15.80 -9.81
CA SER A 2535 45.29 -16.85 -9.32
C SER A 2535 44.84 -17.37 -7.95
N PRO A 2536 44.38 -16.45 -7.10
CA PRO A 2536 43.88 -16.82 -5.79
C PRO A 2536 42.84 -17.93 -5.93
N GLU A 2537 42.08 -17.87 -7.02
CA GLU A 2537 41.05 -18.86 -7.28
C GLU A 2537 41.69 -20.23 -7.49
N THR A 2538 42.83 -20.25 -8.18
CA THR A 2538 43.54 -21.48 -8.43
C THR A 2538 43.96 -22.10 -7.11
N MET A 2539 44.43 -21.25 -6.20
CA MET A 2539 44.77 -21.72 -4.86
C MET A 2539 43.49 -22.23 -4.22
N ILE A 2540 42.41 -21.50 -4.44
CA ILE A 2540 41.09 -21.94 -4.00
C ILE A 2540 40.73 -23.22 -4.73
N LYS A 2541 41.07 -23.25 -6.02
CA LYS A 2541 40.82 -24.44 -6.83
C LYS A 2541 41.62 -25.61 -6.30
N TRP A 2542 42.86 -25.34 -5.91
CA TRP A 2542 43.71 -26.35 -5.32
C TRP A 2542 43.09 -26.84 -4.01
N THR A 2543 42.56 -25.89 -3.24
CA THR A 2543 41.89 -26.19 -1.99
C THR A 2543 40.65 -27.04 -2.26
N ARG A 2544 39.94 -26.71 -3.32
CA ARG A 2544 38.74 -27.44 -3.70
C ARG A 2544 38.97 -28.95 -3.64
N UNK B 201 7.28 -5.67 -67.19
CA UNK B 201 6.93 -7.06 -66.92
C UNK B 201 8.21 -7.88 -66.78
N UNK B 202 9.33 -7.18 -66.65
CA UNK B 202 10.64 -7.79 -66.56
C UNK B 202 11.05 -7.99 -65.10
N UNK B 203 10.88 -6.94 -64.30
CA UNK B 203 11.24 -6.99 -62.89
C UNK B 203 10.49 -8.10 -62.17
N UNK B 204 9.19 -8.18 -62.41
CA UNK B 204 8.35 -9.20 -61.78
C UNK B 204 8.86 -10.60 -62.12
N UNK B 205 9.15 -10.84 -63.39
CA UNK B 205 9.64 -12.14 -63.84
C UNK B 205 10.92 -12.52 -63.12
N UNK B 206 11.85 -11.58 -63.03
CA UNK B 206 13.13 -11.82 -62.36
C UNK B 206 12.92 -12.24 -60.92
N UNK B 207 12.06 -11.51 -60.21
CA UNK B 207 11.77 -11.79 -58.81
C UNK B 207 11.24 -13.21 -58.64
N UNK B 208 10.28 -13.59 -59.49
CA UNK B 208 9.69 -14.92 -59.44
C UNK B 208 10.75 -16.00 -59.60
N UNK B 209 11.62 -15.84 -60.59
CA UNK B 209 12.68 -16.79 -60.84
C UNK B 209 13.58 -16.98 -59.62
N UNK B 210 13.98 -15.86 -59.01
CA UNK B 210 14.84 -15.90 -57.84
C UNK B 210 14.19 -16.69 -56.71
N UNK B 211 12.91 -16.42 -56.45
CA UNK B 211 12.17 -17.10 -55.40
C UNK B 211 12.17 -18.61 -55.62
N UNK B 212 11.87 -19.02 -56.86
CA UNK B 212 11.83 -20.43 -57.21
C UNK B 212 13.17 -21.12 -56.92
N UNK B 213 14.26 -20.48 -57.35
CA UNK B 213 15.60 -21.01 -57.14
C UNK B 213 15.88 -21.23 -55.66
N UNK B 214 15.56 -20.23 -54.85
CA UNK B 214 15.77 -20.31 -53.41
C UNK B 214 15.04 -21.50 -52.81
N UNK B 215 13.77 -21.65 -53.17
CA UNK B 215 12.95 -22.75 -52.67
C UNK B 215 13.59 -24.11 -53.00
N UNK B 216 14.01 -24.26 -54.24
CA UNK B 216 14.64 -25.51 -54.68
C UNK B 216 15.86 -25.84 -53.84
N UNK B 217 16.72 -24.84 -53.63
CA UNK B 217 17.93 -25.03 -52.85
C UNK B 217 17.61 -25.51 -51.44
N UNK B 218 16.65 -24.86 -50.81
CA UNK B 218 16.23 -25.22 -49.45
C UNK B 218 15.79 -26.68 -49.38
N UNK B 219 14.95 -27.08 -50.33
CA UNK B 219 14.46 -28.46 -50.38
C UNK B 219 15.60 -29.46 -50.46
N UNK B 220 16.55 -29.19 -51.37
CA UNK B 220 17.70 -30.06 -51.55
C UNK B 220 18.48 -30.24 -50.24
N UNK B 221 18.74 -29.12 -49.56
CA UNK B 221 19.48 -29.14 -48.31
C UNK B 221 18.78 -30.03 -47.28
N UNK B 222 17.47 -29.84 -47.14
CA UNK B 222 16.68 -30.62 -46.19
C UNK B 222 16.81 -32.11 -46.46
N UNK B 223 16.66 -32.49 -47.73
CA UNK B 223 16.76 -33.90 -48.13
C UNK B 223 18.10 -34.49 -47.73
N UNK B 224 19.18 -33.76 -48.03
CA UNK B 224 20.53 -34.22 -47.70
C UNK B 224 20.65 -34.47 -46.20
N UNK B 225 20.16 -33.50 -45.45
CA UNK B 225 20.17 -33.53 -43.98
C UNK B 225 19.43 -34.77 -43.48
N UNK B 226 18.26 -34.97 -44.07
CA UNK B 226 17.39 -36.11 -43.73
C UNK B 226 18.14 -37.42 -43.95
N UNK B 227 18.78 -37.49 -45.11
CA UNK B 227 19.56 -38.67 -45.52
C UNK B 227 20.64 -38.97 -44.49
N UNK B 228 21.33 -37.91 -44.12
CA UNK B 228 22.43 -37.97 -43.13
C UNK B 228 21.90 -38.54 -41.81
N UNK B 229 20.77 -38.01 -41.40
CA UNK B 229 20.10 -38.41 -40.16
C UNK B 229 19.80 -39.92 -40.19
N UNK B 230 19.25 -40.32 -41.32
CA UNK B 230 18.88 -41.73 -41.57
C UNK B 230 20.10 -42.63 -41.42
N UNK B 231 21.18 -42.19 -42.04
CA UNK B 231 22.46 -42.90 -42.03
C UNK B 231 22.94 -43.08 -40.59
N UNK B 232 22.86 -41.99 -39.86
CA UNK B 232 23.27 -41.94 -38.44
C UNK B 232 22.48 -42.98 -37.64
N UNK B 233 21.19 -42.96 -37.87
CA UNK B 233 20.24 -43.87 -37.21
C UNK B 233 20.64 -45.32 -37.48
N UNK B 234 20.91 -45.58 -38.73
CA UNK B 234 21.32 -46.92 -39.21
C UNK B 234 22.57 -47.37 -38.47
N UNK B 235 23.55 -46.48 -38.36
CA UNK B 235 24.74 -46.74 -37.58
C UNK B 235 24.27 -47.24 -36.21
N UNK B 236 23.08 -46.81 -35.83
CA UNK B 236 22.46 -47.26 -34.60
C UNK B 236 22.55 -48.78 -34.53
N UNK B 237 22.70 -49.40 -35.71
CA UNK B 237 22.88 -50.85 -35.78
C UNK B 237 23.91 -51.28 -34.76
N UNK B 238 25.05 -50.60 -34.76
CA UNK B 238 26.09 -50.86 -33.78
C UNK B 238 25.52 -50.65 -32.38
N UNK B 239 25.12 -49.42 -32.08
CA UNK B 239 24.53 -49.10 -30.78
C UNK B 239 23.49 -50.14 -30.40
N UNK B 240 22.97 -50.85 -31.39
CA UNK B 240 21.98 -51.89 -31.18
C UNK B 240 22.47 -53.25 -31.65
N UNK B 241 22.47 -53.47 -32.96
CA UNK B 241 22.88 -54.74 -33.54
C UNK B 241 24.15 -55.30 -32.88
N UNK B 242 24.87 -54.45 -32.17
CA UNK B 242 26.09 -54.87 -31.47
C UNK B 242 25.86 -56.20 -30.77
N UNK B 243 25.32 -56.13 -29.55
CA UNK B 243 25.02 -57.32 -28.77
C UNK B 243 24.32 -58.34 -29.65
N UNK B 244 25.00 -58.79 -30.71
CA UNK B 244 24.40 -59.71 -31.66
C UNK B 244 23.13 -59.10 -32.23
N UNK B 245 22.54 -59.78 -33.21
CA UNK B 245 21.31 -59.30 -33.83
C UNK B 245 20.30 -58.91 -32.76
N UNK B 246 20.31 -59.64 -31.65
CA UNK B 246 19.39 -59.38 -30.55
C UNK B 246 19.36 -57.89 -30.22
N UNK B 247 20.50 -57.37 -29.79
CA UNK B 247 20.60 -55.96 -29.43
C UNK B 247 20.32 -55.06 -30.63
N UNK B 248 20.33 -55.65 -31.82
CA UNK B 248 20.08 -54.89 -33.03
C UNK B 248 18.67 -54.31 -33.05
N UNK B 249 17.70 -55.08 -32.54
CA UNK B 249 16.33 -54.62 -32.48
C UNK B 249 16.26 -53.21 -31.89
N UNK B 250 17.33 -52.82 -31.20
CA UNK B 250 17.41 -51.51 -30.58
C UNK B 250 17.56 -50.40 -31.62
N UNK B 251 18.24 -49.32 -31.22
CA UNK B 251 18.45 -48.17 -32.10
C UNK B 251 18.84 -48.61 -33.50
N UNK B 252 19.51 -49.75 -33.58
CA UNK B 252 19.90 -50.30 -34.87
C UNK B 252 18.75 -50.24 -35.86
N UNK B 253 17.53 -50.22 -35.32
CA UNK B 253 16.32 -50.14 -36.17
C UNK B 253 15.63 -48.79 -35.95
N UNK B 254 15.48 -48.47 -34.68
CA UNK B 254 14.83 -47.23 -34.25
C UNK B 254 15.55 -46.02 -34.83
N UNK B 255 16.87 -46.07 -34.70
CA UNK B 255 17.77 -45.02 -35.20
C UNK B 255 17.56 -44.82 -36.70
N UNK B 256 17.54 -45.95 -37.39
CA UNK B 256 17.35 -45.98 -38.85
C UNK B 256 16.04 -45.29 -39.23
N UNK B 257 15.01 -45.67 -38.50
CA UNK B 257 13.65 -45.13 -38.69
C UNK B 257 13.66 -43.61 -38.54
N UNK B 258 14.31 -43.12 -37.49
CA UNK B 258 14.40 -41.69 -37.23
C UNK B 258 15.03 -40.96 -38.41
N UNK B 259 16.15 -41.50 -38.90
CA UNK B 259 16.85 -40.89 -40.03
C UNK B 259 15.95 -40.77 -41.24
N UNK B 260 15.23 -41.85 -41.56
CA UNK B 260 14.33 -41.88 -42.70
C UNK B 260 13.27 -40.78 -42.58
N UNK B 261 12.67 -40.67 -41.41
CA UNK B 261 11.64 -39.67 -41.16
C UNK B 261 12.16 -38.26 -41.41
N UNK B 262 13.34 -37.97 -40.88
CA UNK B 262 13.97 -36.67 -41.04
C UNK B 262 14.16 -36.33 -42.51
N UNK B 263 14.69 -37.28 -43.27
CA UNK B 263 14.92 -37.10 -44.70
C UNK B 263 13.63 -36.74 -45.42
N UNK B 264 12.58 -37.49 -45.14
CA UNK B 264 11.29 -37.26 -45.77
C UNK B 264 10.79 -35.84 -45.51
N UNK B 265 10.86 -35.42 -44.25
CA UNK B 265 10.42 -34.09 -43.86
C UNK B 265 11.17 -33.01 -44.65
N UNK B 266 12.49 -33.14 -44.73
CA UNK B 266 13.31 -32.19 -45.46
C UNK B 266 12.88 -32.07 -46.91
N UNK B 267 12.68 -33.22 -47.56
CA UNK B 267 12.27 -33.25 -48.96
C UNK B 267 10.95 -32.49 -49.15
N UNK B 268 9.99 -32.77 -48.29
CA UNK B 268 8.68 -32.11 -48.37
C UNK B 268 8.82 -30.60 -48.29
N UNK B 269 9.60 -30.13 -47.32
CA UNK B 269 9.81 -28.71 -47.13
C UNK B 269 10.38 -28.06 -48.39
N UNK B 270 11.40 -28.69 -48.97
CA UNK B 270 12.04 -28.18 -50.18
C UNK B 270 11.02 -28.03 -51.30
N UNK B 271 10.21 -29.07 -51.51
CA UNK B 271 9.20 -29.05 -52.56
C UNK B 271 8.24 -27.88 -52.38
N UNK B 272 7.75 -27.69 -51.16
CA UNK B 272 6.83 -26.60 -50.86
C UNK B 272 7.44 -25.25 -51.22
N UNK B 273 8.68 -25.03 -50.81
CA UNK B 273 9.37 -23.79 -51.07
C UNK B 273 9.44 -23.51 -52.58
N UNK B 274 9.83 -24.53 -53.35
CA UNK B 274 9.94 -24.40 -54.79
C UNK B 274 8.61 -23.97 -55.41
N UNK B 275 7.53 -24.64 -54.99
CA UNK B 275 6.21 -24.33 -55.51
C UNK B 275 5.84 -22.87 -55.25
N UNK B 276 6.07 -22.41 -54.02
CA UNK B 276 5.77 -21.03 -53.66
C UNK B 276 6.50 -20.04 -54.55
N UNK B 277 7.80 -20.28 -54.75
CA UNK B 277 8.62 -19.41 -55.58
C UNK B 277 8.05 -19.31 -57.00
N UNK B 278 7.72 -20.46 -57.57
CA UNK B 278 7.16 -20.50 -58.92
C UNK B 278 5.90 -19.66 -59.03
N UNK B 279 5.00 -19.83 -58.06
CA UNK B 279 3.74 -19.09 -58.05
C UNK B 279 3.99 -17.58 -58.04
N UNK B 280 4.90 -17.15 -57.17
CA UNK B 280 5.23 -15.73 -57.05
C UNK B 280 5.72 -15.17 -58.39
N UNK B 281 6.63 -15.90 -59.03
CA UNK B 281 7.17 -15.47 -60.32
C UNK B 281 6.08 -15.29 -61.35
N UNK B 282 5.18 -16.27 -61.44
CA UNK B 282 4.07 -16.21 -62.38
C UNK B 282 3.22 -14.96 -62.16
N UNK B 283 2.44 -14.91 -61.11
CA UNK B 283 2.00 -13.59 -60.65
C UNK B 283 2.82 -12.40 -61.27
N UNK B 284 4.02 -12.11 -60.75
CA UNK B 284 4.76 -10.92 -61.13
C UNK B 284 4.72 -10.70 -62.64
N UNK B 285 4.95 -11.77 -63.41
CA UNK B 285 4.93 -11.69 -64.86
C UNK B 285 3.58 -11.19 -65.36
N UNK B 286 2.50 -11.76 -64.83
CA UNK B 286 1.15 -11.37 -65.23
C UNK B 286 0.92 -9.89 -64.99
N UNK B 287 1.30 -9.40 -63.81
CA UNK B 287 1.14 -8.00 -63.47
C UNK B 287 1.86 -7.09 -64.47
N UNK B 288 3.10 -7.43 -64.78
CA UNK B 288 3.90 -6.66 -65.72
C UNK B 288 3.20 -6.56 -67.08
N UNK B 289 2.73 -7.70 -67.57
CA UNK B 289 2.05 -7.74 -68.87
C UNK B 289 0.84 -6.81 -68.88
N UNK B 290 0.03 -6.88 -67.83
CA UNK B 290 -1.16 -6.05 -67.72
C UNK B 290 -0.81 -4.56 -67.80
N UNK B 291 0.21 -4.17 -67.03
CA UNK B 291 0.65 -2.78 -67.01
C UNK B 291 1.05 -2.30 -68.40
N UNK B 292 1.83 -3.12 -69.10
CA UNK B 292 2.29 -2.78 -70.44
C UNK B 292 1.11 -2.54 -71.38
N UNK B 293 0.14 -3.45 -71.34
CA UNK B 293 -1.05 -3.34 -72.19
C UNK B 293 -1.78 -2.02 -71.94
N UNK B 294 -1.98 -1.70 -70.67
CA UNK B 294 -2.68 -0.47 -70.29
C UNK B 294 -1.97 0.75 -70.87
N UNK B 295 -0.65 0.80 -70.71
CA UNK B 295 0.15 1.92 -71.22
C UNK B 295 -0.04 2.08 -72.72
N UNK B 296 0.05 0.98 -73.45
CA UNK B 296 -0.11 1.01 -74.91
C UNK B 296 -1.46 1.59 -75.30
N UNK B 447 -1.39 3.22 -71.16
CA UNK B 447 -2.25 4.38 -71.23
C UNK B 447 -3.40 4.28 -70.26
N UNK B 448 -4.06 3.12 -70.22
CA UNK B 448 -5.18 2.89 -69.32
C UNK B 448 -4.77 3.11 -67.87
N UNK B 449 -3.65 2.52 -67.48
CA UNK B 449 -3.15 2.65 -66.12
C UNK B 449 -2.94 4.12 -65.74
N UNK B 450 -2.30 4.87 -66.63
CA UNK B 450 -2.04 6.28 -66.38
C UNK B 450 -3.34 7.05 -66.13
N UNK B 451 -4.34 6.81 -66.99
CA UNK B 451 -5.62 7.47 -66.87
C UNK B 451 -6.25 7.20 -65.51
N UNK B 452 -6.25 5.94 -65.10
CA UNK B 452 -6.83 5.54 -63.82
C UNK B 452 -6.17 6.30 -62.67
N UNK B 453 -4.83 6.33 -62.68
CA UNK B 453 -4.08 7.02 -61.64
C UNK B 453 -4.48 8.49 -61.54
N UNK B 454 -4.56 9.15 -62.69
CA UNK B 454 -4.92 10.56 -62.73
C UNK B 454 -6.29 10.79 -62.09
N UNK B 455 -7.26 9.96 -62.48
CA UNK B 455 -8.62 10.07 -61.95
C UNK B 455 -8.63 9.96 -60.42
N UNK B 456 -7.92 8.96 -59.91
CA UNK B 456 -7.83 8.74 -58.46
C UNK B 456 -7.30 9.97 -57.74
N UNK B 457 -6.21 10.53 -58.27
CA UNK B 457 -5.59 11.71 -57.68
C UNK B 457 -6.58 12.87 -57.60
N UNK B 458 -7.28 13.11 -58.71
CA UNK B 458 -8.26 14.19 -58.77
C UNK B 458 -9.33 14.03 -57.69
N UNK B 459 -9.86 12.82 -57.57
CA UNK B 459 -10.90 12.53 -56.58
C UNK B 459 -10.41 12.84 -55.17
N UNK B 460 -9.20 12.39 -54.85
CA UNK B 460 -8.62 12.62 -53.54
C UNK B 460 -8.53 14.12 -53.23
N UNK B 461 -8.04 14.89 -54.19
CA UNK B 461 -7.89 16.32 -54.02
C UNK B 461 -9.23 16.98 -53.71
N UNK B 462 -10.25 16.62 -54.48
CA UNK B 462 -11.59 17.17 -54.29
C UNK B 462 -12.09 16.90 -52.88
N UNK B 463 -11.94 15.66 -52.42
CA UNK B 463 -12.39 15.26 -51.08
C UNK B 463 -11.72 16.13 -50.01
N UNK B 464 -10.40 16.29 -50.12
CA UNK B 464 -9.64 17.08 -49.17
C UNK B 464 -10.17 18.51 -49.10
N UNK B 465 -10.40 19.12 -50.26
CA UNK B 465 -10.90 20.48 -50.33
C UNK B 465 -12.24 20.62 -49.60
N UNK B 466 -13.14 19.69 -49.88
CA UNK B 466 -14.46 19.69 -49.25
C UNK B 466 -14.35 19.65 -47.73
N UNK B 467 -13.51 18.75 -47.23
CA UNK B 467 -13.31 18.60 -45.79
C UNK B 467 -12.84 19.91 -45.16
N UNK B 468 -11.86 20.53 -45.79
CA UNK B 468 -11.31 21.79 -45.30
C UNK B 468 -12.39 22.86 -45.19
N UNK B 469 -13.19 22.99 -46.24
CA UNK B 469 -14.27 23.97 -46.28
C UNK B 469 -15.24 23.77 -45.12
N UNK B 470 -15.65 22.52 -44.91
CA UNK B 470 -16.57 22.18 -43.83
C UNK B 470 -16.02 22.60 -42.48
N UNK B 471 -14.75 22.28 -42.24
CA UNK B 471 -14.11 22.62 -40.98
C UNK B 471 -14.13 24.13 -40.73
N UNK B 556 10.49 26.86 -77.41
CA UNK B 556 10.38 28.25 -77.83
C UNK B 556 9.12 28.48 -78.65
N UNK B 557 8.91 27.63 -79.65
CA UNK B 557 7.73 27.75 -80.50
C UNK B 557 6.45 27.57 -79.69
N UNK B 558 6.47 26.61 -78.78
CA UNK B 558 5.32 26.36 -77.91
C UNK B 558 5.05 27.59 -77.05
N UNK B 559 6.11 28.19 -76.54
CA UNK B 559 6.00 29.41 -75.74
C UNK B 559 5.42 30.53 -76.60
N UNK B 560 5.85 30.59 -77.86
CA UNK B 560 5.37 31.61 -78.79
C UNK B 560 3.88 31.44 -79.07
N UNK B 561 3.19 32.56 -79.22
CA UNK B 561 1.76 32.56 -79.47
C UNK B 561 0.99 31.87 -78.35
N UNK B 562 0.09 30.96 -78.68
CA UNK B 562 -0.73 30.28 -77.69
C UNK B 562 -1.55 31.31 -76.90
N UNK B 563 -2.00 32.35 -77.60
CA UNK B 563 -2.77 33.41 -76.97
C UNK B 563 -4.10 32.88 -76.43
N UNK B 564 -4.73 31.99 -77.19
CA UNK B 564 -6.00 31.41 -76.79
C UNK B 564 -5.80 30.60 -75.51
N UNK B 565 -4.70 29.88 -75.43
CA UNK B 565 -4.37 29.11 -74.24
C UNK B 565 -4.10 30.06 -73.09
N UNK B 566 -4.08 31.35 -73.39
CA UNK B 566 -3.84 32.37 -72.39
C UNK B 566 -5.17 33.02 -72.01
N UNK B 567 -5.99 33.25 -73.03
CA UNK B 567 -7.29 33.89 -72.88
C UNK B 567 -8.26 33.10 -72.01
N UNK B 568 -8.23 31.77 -72.16
CA UNK B 568 -9.17 30.91 -71.46
C UNK B 568 -9.00 31.07 -69.95
N UNK B 569 -7.76 31.15 -69.51
CA UNK B 569 -7.48 31.40 -68.10
C UNK B 569 -8.06 32.76 -67.74
N UNK B 570 -7.91 33.71 -68.66
CA UNK B 570 -8.44 35.06 -68.49
C UNK B 570 -9.70 35.05 -67.63
N UNK B 571 -10.61 34.13 -67.94
CA UNK B 571 -11.86 34.02 -67.20
C UNK B 571 -11.60 33.76 -65.72
N UNK B 572 -10.71 32.82 -65.42
CA UNK B 572 -10.37 32.49 -64.05
C UNK B 572 -9.85 33.71 -63.29
N UNK B 573 -8.94 34.45 -63.92
CA UNK B 573 -8.37 35.64 -63.30
C UNK B 573 -9.47 36.66 -62.95
N UNK B 574 -10.37 36.90 -63.89
CA UNK B 574 -11.46 37.84 -63.68
C UNK B 574 -12.31 37.44 -62.47
N UNK B 575 -12.66 36.16 -62.41
CA UNK B 575 -13.48 35.65 -61.30
C UNK B 575 -12.80 35.90 -59.96
N UNK B 576 -11.51 35.58 -59.89
CA UNK B 576 -10.74 35.77 -58.66
C UNK B 576 -10.78 37.22 -58.21
N UNK B 877 -17.16 30.28 -55.01
CA UNK B 877 -15.95 31.08 -54.81
C UNK B 877 -14.75 30.19 -54.54
N UNK B 878 -14.96 29.21 -53.67
CA UNK B 878 -13.93 28.21 -53.37
C UNK B 878 -13.60 27.39 -54.61
N UNK B 879 -14.63 27.06 -55.38
CA UNK B 879 -14.49 26.26 -56.59
C UNK B 879 -13.61 26.94 -57.64
N UNK B 880 -13.77 28.26 -57.76
CA UNK B 880 -13.07 29.03 -58.78
C UNK B 880 -11.56 28.96 -58.60
N UNK B 881 -11.12 29.00 -57.35
CA UNK B 881 -9.69 28.93 -57.03
C UNK B 881 -9.11 27.61 -57.52
N UNK B 882 -9.88 26.54 -57.36
CA UNK B 882 -9.45 25.19 -57.73
C UNK B 882 -9.16 25.10 -59.23
N UNK B 883 -9.99 25.76 -60.03
CA UNK B 883 -9.87 25.70 -61.48
C UNK B 883 -8.53 26.25 -61.95
N UNK B 884 -8.06 27.32 -61.30
CA UNK B 884 -6.80 27.95 -61.69
C UNK B 884 -5.65 26.97 -61.51
N UNK B 885 -5.68 26.21 -60.42
CA UNK B 885 -4.68 25.17 -60.18
C UNK B 885 -4.33 24.43 -61.47
N UNK B 886 -5.35 24.13 -62.27
CA UNK B 886 -5.14 23.46 -63.54
C UNK B 886 -4.30 24.34 -64.47
N UNK B 887 -4.61 25.63 -64.47
CA UNK B 887 -3.86 26.61 -65.25
C UNK B 887 -2.42 26.72 -64.76
N UNK B 888 -2.25 26.65 -63.43
CA UNK B 888 -0.94 26.84 -62.81
C UNK B 888 0.07 25.78 -63.24
N UNK B 889 -0.37 24.53 -63.36
CA UNK B 889 0.53 23.44 -63.71
C UNK B 889 1.14 23.67 -65.08
N UNK B 890 0.32 24.13 -66.02
CA UNK B 890 0.81 24.48 -67.35
C UNK B 890 1.79 25.65 -67.28
N UNK B 891 1.46 26.62 -66.44
CA UNK B 891 2.27 27.82 -66.28
C UNK B 891 3.66 27.53 -65.75
N UNK B 892 3.75 26.61 -64.80
CA UNK B 892 5.02 26.28 -64.16
C UNK B 892 6.03 25.73 -65.16
N UNK B 893 5.55 24.88 -66.06
CA UNK B 893 6.42 24.27 -67.06
C UNK B 893 7.04 25.33 -67.98
N UNK B 894 6.23 26.33 -68.34
CA UNK B 894 6.69 27.39 -69.23
C UNK B 894 7.82 28.21 -68.61
N UNK B 895 7.72 28.46 -67.31
CA UNK B 895 8.71 29.28 -66.61
C UNK B 895 10.09 28.62 -66.64
N UNK B 896 10.12 27.30 -66.47
CA UNK B 896 11.38 26.56 -66.47
C UNK B 896 12.28 26.99 -67.62
N UNK B 997 -5.75 22.17 -87.79
CA UNK B 997 -6.40 21.28 -86.82
C UNK B 997 -6.20 21.81 -85.40
N UNK B 998 -4.95 22.17 -85.13
CA UNK B 998 -4.53 22.71 -83.83
C UNK B 998 -5.34 23.96 -83.50
N UNK B 999 -5.43 24.83 -84.50
CA UNK B 999 -6.17 26.09 -84.40
C UNK B 999 -7.63 25.83 -84.03
N UNK B 1000 -8.19 24.88 -84.74
CA UNK B 1000 -9.59 24.46 -84.56
C UNK B 1000 -9.82 24.00 -83.11
N UNK B 1001 -8.88 23.18 -82.66
CA UNK B 1001 -8.91 22.62 -81.31
C UNK B 1001 -8.91 23.75 -80.27
N UNK B 1002 -8.02 24.69 -80.51
CA UNK B 1002 -7.85 25.87 -79.64
C UNK B 1002 -9.17 26.64 -79.55
N UNK B 1003 -9.75 26.84 -80.71
CA UNK B 1003 -11.04 27.56 -80.85
C UNK B 1003 -12.11 26.88 -80.01
N UNK B 1004 -12.16 25.56 -80.17
CA UNK B 1004 -13.11 24.70 -79.46
C UNK B 1004 -12.97 24.88 -77.95
N UNK B 1005 -11.71 24.83 -77.52
CA UNK B 1005 -11.34 24.98 -76.11
C UNK B 1005 -11.86 26.31 -75.57
N UNK B 1006 -11.60 27.34 -76.36
CA UNK B 1006 -12.01 28.72 -76.03
C UNK B 1006 -13.52 28.79 -75.83
N UNK B 1007 -14.21 28.18 -76.77
CA UNK B 1007 -15.68 28.12 -76.77
C UNK B 1007 -16.19 27.47 -75.49
N UNK B 1008 -15.55 26.35 -75.17
CA UNK B 1008 -15.87 25.56 -73.97
C UNK B 1008 -15.72 26.43 -72.71
N UNK B 1009 -14.61 27.13 -72.68
CA UNK B 1009 -14.26 28.03 -71.57
C UNK B 1009 -15.35 29.09 -71.40
N UNK B 1010 -15.73 29.66 -72.52
CA UNK B 1010 -16.76 30.71 -72.58
C UNK B 1010 -18.08 30.17 -71.99
N UNK B 1011 -18.46 28.97 -72.41
CA UNK B 1011 -19.69 28.36 -71.92
C UNK B 1011 -19.68 28.22 -70.40
N UNK B 1012 -18.57 27.72 -69.87
CA UNK B 1012 -18.43 27.54 -68.43
C UNK B 1012 -18.63 28.87 -67.69
N UNK B 1013 -17.97 29.91 -68.17
CA UNK B 1013 -18.07 31.23 -67.56
C UNK B 1013 -19.52 31.71 -67.50
N UNK B 1014 -20.21 31.57 -68.63
CA UNK B 1014 -21.61 31.99 -68.72
C UNK B 1014 -22.46 31.28 -67.68
N UNK B 1015 -22.30 29.96 -67.58
CA UNK B 1015 -23.05 29.16 -66.63
C UNK B 1015 -22.84 29.65 -65.20
N UNK B 1016 -21.75 29.17 -64.60
CA UNK B 1016 -21.50 29.31 -63.17
C UNK B 1016 -21.40 30.76 -62.72
N UNK B 1017 -20.81 31.63 -63.52
CA UNK B 1017 -20.70 33.02 -63.12
C UNK B 1017 -22.11 33.55 -62.93
N UNK B 1018 -23.00 33.22 -63.86
CA UNK B 1018 -24.43 33.39 -63.67
C UNK B 1018 -24.90 32.44 -62.58
N UNK B 1019 -24.37 31.22 -62.61
CA UNK B 1019 -24.72 30.15 -61.68
C UNK B 1019 -24.10 30.35 -60.30
N UNK B 1120 -26.34 27.07 -54.22
CA UNK B 1120 -26.42 26.69 -55.63
C UNK B 1120 -25.07 26.84 -56.33
N UNK B 1121 -24.53 28.05 -56.28
CA UNK B 1121 -23.28 28.38 -56.97
C UNK B 1121 -22.09 27.58 -56.46
N UNK B 1122 -22.02 27.37 -55.15
CA UNK B 1122 -20.86 26.75 -54.52
C UNK B 1122 -20.61 25.33 -55.03
N UNK B 1123 -21.68 24.55 -55.18
CA UNK B 1123 -21.55 23.19 -55.70
C UNK B 1123 -21.57 23.18 -57.22
N UNK B 1124 -22.52 23.90 -57.80
CA UNK B 1124 -22.65 23.96 -59.25
C UNK B 1124 -21.38 24.49 -59.89
N UNK B 1125 -20.85 25.58 -59.35
CA UNK B 1125 -19.64 26.18 -59.86
C UNK B 1125 -18.47 25.19 -59.86
N UNK B 1126 -18.30 24.49 -58.75
CA UNK B 1126 -17.23 23.50 -58.62
C UNK B 1126 -17.34 22.43 -59.69
N UNK B 1127 -18.55 21.90 -59.89
CA UNK B 1127 -18.79 20.87 -60.89
C UNK B 1127 -18.38 21.35 -62.29
N UNK B 1128 -18.80 22.56 -62.64
CA UNK B 1128 -18.49 23.13 -63.93
C UNK B 1128 -16.98 23.21 -64.15
N UNK B 1129 -16.27 23.72 -63.15
CA UNK B 1129 -14.82 23.84 -63.23
C UNK B 1129 -14.16 22.49 -63.49
N UNK B 1130 -14.58 21.48 -62.75
CA UNK B 1130 -14.03 20.13 -62.90
C UNK B 1130 -14.21 19.63 -64.32
N UNK B 1131 -15.34 18.96 -64.56
CA UNK B 1131 -15.65 18.41 -65.87
C UNK B 1131 -15.08 19.28 -66.98
N UNK B 1132 -14.65 20.48 -66.62
CA UNK B 1132 -14.06 21.41 -67.57
C UNK B 1132 -13.07 20.70 -68.48
N UNK B 1133 -11.83 20.60 -68.02
CA UNK B 1133 -10.79 19.92 -68.78
C UNK B 1133 -11.27 18.56 -69.25
N UNK B 1134 -12.21 17.98 -68.50
CA UNK B 1134 -12.74 16.66 -68.83
C UNK B 1134 -13.02 16.52 -70.32
N UNK B 1135 -14.22 16.92 -70.74
CA UNK B 1135 -14.61 16.84 -72.14
C UNK B 1135 -13.57 17.51 -73.02
N UNK B 1136 -13.06 18.65 -72.56
CA UNK B 1136 -12.05 19.40 -73.31
C UNK B 1136 -10.80 18.56 -73.54
N UNK B 1137 -10.16 18.14 -72.45
CA UNK B 1137 -8.96 17.33 -72.53
C UNK B 1137 -9.12 16.23 -73.57
N UNK B 1138 -10.35 15.90 -73.91
CA UNK B 1138 -10.64 14.86 -74.88
C UNK B 1138 -9.86 15.09 -76.17
N UNK B 1139 -10.00 16.27 -76.75
CA UNK B 1139 -9.32 16.61 -77.99
C UNK B 1139 -7.81 16.58 -77.82
N UNK B 1140 -7.34 17.09 -76.69
CA UNK B 1140 -5.90 17.12 -76.41
C UNK B 1140 -5.42 15.80 -75.83
N UNK B 1141 -6.30 15.10 -75.13
CA UNK B 1141 -5.96 13.83 -74.52
C UNK B 1141 -5.19 12.93 -75.48
N UNK B 1142 -5.31 13.23 -76.78
CA UNK B 1142 -4.63 12.46 -77.81
C UNK B 1142 -3.12 12.57 -77.70
N UNK B 1143 -2.59 13.75 -77.98
CA UNK B 1143 -1.15 14.00 -77.92
C UNK B 1143 -0.52 13.39 -76.67
N UNK B 1144 -1.25 13.46 -75.57
CA UNK B 1144 -0.75 12.93 -74.30
C UNK B 1144 -1.05 11.44 -74.18
N UNK B 1145 -2.27 11.05 -74.50
CA UNK B 1145 -2.68 9.65 -74.43
C UNK B 1145 -1.80 8.77 -75.31
N UNK B 1146 -1.59 9.22 -76.55
CA UNK B 1146 -0.76 8.48 -77.50
C UNK B 1146 0.64 8.26 -76.94
N UNK B 1147 1.25 9.32 -76.41
CA UNK B 1147 2.59 9.23 -75.85
C UNK B 1147 2.67 8.19 -74.74
N UNK B 1248 -24.97 45.46 -70.27
CA UNK B 1248 -23.58 45.86 -70.11
C UNK B 1248 -22.62 44.72 -70.43
N UNK B 1249 -22.93 43.56 -69.86
CA UNK B 1249 -22.14 42.36 -70.08
C UNK B 1249 -22.16 41.90 -71.53
N UNK B 1250 -23.33 41.93 -72.14
CA UNK B 1250 -23.49 41.55 -73.55
C UNK B 1250 -22.73 42.48 -74.47
N UNK B 1251 -22.78 43.78 -74.16
CA UNK B 1251 -22.09 44.78 -74.96
C UNK B 1251 -20.59 44.55 -74.92
N UNK B 1252 -20.08 44.21 -73.74
CA UNK B 1252 -18.67 43.96 -73.57
C UNK B 1252 -18.21 42.76 -74.40
N UNK B 1253 -19.04 41.72 -74.44
CA UNK B 1253 -18.71 40.51 -75.19
C UNK B 1253 -18.58 40.81 -76.68
N UNK B 1254 -19.50 41.62 -77.20
CA UNK B 1254 -19.42 42.04 -78.59
C UNK B 1254 -18.17 42.86 -78.81
N UNK B 1255 -17.87 43.74 -77.86
CA UNK B 1255 -16.68 44.57 -77.91
C UNK B 1255 -15.41 43.73 -77.86
N UNK B 1256 -15.43 42.68 -77.04
CA UNK B 1256 -14.26 41.84 -76.84
C UNK B 1256 -13.84 41.15 -78.14
N UNK B 1257 -14.82 40.70 -78.91
CA UNK B 1257 -14.53 40.05 -80.18
C UNK B 1257 -13.86 41.02 -81.14
N UNK B 1258 -14.36 42.26 -81.15
CA UNK B 1258 -13.81 43.29 -82.02
C UNK B 1258 -12.36 43.62 -81.67
N UNK B 1259 -12.06 43.70 -80.38
CA UNK B 1259 -10.72 44.06 -79.92
C UNK B 1259 -9.68 43.04 -80.35
N UNK B 1260 -10.04 41.76 -80.26
CA UNK B 1260 -9.13 40.69 -80.66
C UNK B 1260 -8.83 40.78 -82.15
N UNK B 1261 -9.86 41.09 -82.93
CA UNK B 1261 -9.73 41.20 -84.38
C UNK B 1261 -8.78 42.33 -84.78
N UNK B 1262 -8.86 43.44 -84.06
CA UNK B 1262 -8.03 44.60 -84.36
C UNK B 1262 -6.55 44.28 -84.17
N UNK B 1263 -6.25 43.52 -83.13
CA UNK B 1263 -4.87 43.17 -82.80
C UNK B 1263 -4.35 42.06 -83.71
N UNK B 1364 10.43 52.87 -79.04
CA UNK B 1364 9.99 54.02 -78.26
C UNK B 1364 8.69 54.59 -78.81
N UNK B 1365 8.80 55.48 -79.80
CA UNK B 1365 7.64 56.09 -80.41
C UNK B 1365 6.75 55.06 -81.08
N UNK B 1366 7.38 54.10 -81.74
CA UNK B 1366 6.64 53.04 -82.43
C UNK B 1366 5.84 52.20 -81.45
N UNK B 1367 6.44 51.91 -80.29
CA UNK B 1367 5.77 51.15 -79.25
C UNK B 1367 4.56 51.93 -78.75
N UNK B 1368 4.72 53.24 -78.59
CA UNK B 1368 3.64 54.10 -78.17
C UNK B 1368 2.51 54.09 -79.20
N UNK B 1369 2.88 54.09 -80.46
CA UNK B 1369 1.90 54.07 -81.54
C UNK B 1369 1.07 52.79 -81.49
N UNK B 1370 1.73 51.66 -81.26
CA UNK B 1370 1.01 50.41 -81.02
C UNK B 1370 0.20 50.52 -79.74
N UNK B 1371 0.83 51.11 -78.72
CA UNK B 1371 0.21 51.30 -77.41
C UNK B 1371 -1.00 52.22 -77.42
N UNK B 1372 -0.92 53.29 -78.21
CA UNK B 1372 -1.92 54.36 -78.18
C UNK B 1372 -3.33 53.90 -78.55
N UNK B 1373 -3.43 53.04 -79.56
CA UNK B 1373 -4.73 52.59 -80.04
C UNK B 1373 -5.52 51.88 -78.96
N UNK B 1374 -4.85 51.03 -78.19
CA UNK B 1374 -5.50 50.28 -77.12
C UNK B 1374 -6.05 51.20 -76.04
N UNK B 1375 -5.29 52.23 -75.68
CA UNK B 1375 -5.68 53.16 -74.63
C UNK B 1375 -6.95 53.93 -74.98
N UNK B 1376 -7.07 54.34 -76.24
CA UNK B 1376 -8.21 55.10 -76.70
C UNK B 1376 -9.51 54.30 -76.59
N UNK B 1377 -9.43 53.02 -76.91
CA UNK B 1377 -10.60 52.15 -76.92
C UNK B 1377 -11.23 52.03 -75.53
N UNK B 1378 -10.39 51.91 -74.50
CA UNK B 1378 -10.90 51.73 -73.15
C UNK B 1378 -11.70 52.95 -72.70
N UNK B 1379 -11.21 54.14 -73.03
CA UNK B 1379 -11.95 55.37 -72.75
C UNK B 1379 -13.23 55.39 -73.56
N UNK B 1380 -13.12 54.92 -74.79
CA UNK B 1380 -14.25 54.89 -75.73
C UNK B 1380 -15.36 53.98 -75.22
N UNK B 1381 -14.99 52.79 -74.77
CA UNK B 1381 -15.96 51.82 -74.26
C UNK B 1381 -16.76 52.41 -73.10
N UNK B 1382 -16.04 53.03 -72.15
CA UNK B 1382 -16.68 53.62 -70.99
C UNK B 1382 -17.71 54.68 -71.40
N UNK B 1383 -17.22 55.88 -71.63
CA UNK B 1383 -18.05 57.07 -71.80
C UNK B 1383 -19.01 56.98 -72.96
N UNK B 1384 -18.60 56.38 -74.07
CA UNK B 1384 -19.50 56.28 -75.21
C UNK B 1384 -20.72 55.49 -74.74
N UNK B 1385 -20.46 54.40 -74.02
CA UNK B 1385 -21.51 53.71 -73.26
C UNK B 1385 -22.00 54.63 -72.14
N UNK B 1386 -21.04 55.30 -71.52
CA UNK B 1386 -21.29 56.20 -70.39
C UNK B 1386 -21.91 57.53 -70.81
N UNK B 1487 -25.25 50.44 -54.34
CA UNK B 1487 -24.78 50.84 -55.67
C UNK B 1487 -23.27 50.76 -55.78
N UNK B 1488 -22.59 51.47 -54.90
CA UNK B 1488 -21.13 51.54 -54.92
C UNK B 1488 -20.44 50.20 -54.70
N UNK B 1489 -20.99 49.38 -53.80
CA UNK B 1489 -20.36 48.13 -53.40
C UNK B 1489 -20.19 47.16 -54.57
N UNK B 1490 -21.21 47.05 -55.40
CA UNK B 1490 -21.14 46.17 -56.57
C UNK B 1490 -20.49 46.90 -57.76
N UNK B 1491 -20.96 48.11 -58.02
CA UNK B 1491 -20.44 48.90 -59.12
C UNK B 1491 -18.93 49.11 -58.99
N UNK B 1492 -18.49 49.48 -57.79
CA UNK B 1492 -17.07 49.72 -57.53
C UNK B 1492 -16.24 48.47 -57.83
N UNK B 1493 -16.71 47.32 -57.34
CA UNK B 1493 -16.02 46.06 -57.56
C UNK B 1493 -15.85 45.78 -59.06
N UNK B 1494 -16.93 45.94 -59.80
CA UNK B 1494 -16.90 45.70 -61.24
C UNK B 1494 -15.85 46.57 -61.93
N UNK B 1495 -15.84 47.86 -61.59
CA UNK B 1495 -14.90 48.79 -62.17
C UNK B 1495 -13.46 48.35 -61.92
N UNK B 1496 -13.16 47.98 -60.67
CA UNK B 1496 -11.83 47.53 -60.31
C UNK B 1496 -11.39 46.34 -61.14
N UNK B 1497 -12.29 45.35 -61.27
CA UNK B 1497 -11.99 44.15 -62.04
C UNK B 1497 -11.64 44.50 -63.49
N UNK B 1498 -12.44 45.37 -64.10
CA UNK B 1498 -12.20 45.78 -65.48
C UNK B 1498 -10.83 46.40 -65.64
N UNK B 1499 -10.48 47.32 -64.74
CA UNK B 1499 -9.19 47.99 -64.77
C UNK B 1499 -8.04 46.98 -64.73
N UNK B 1500 -8.13 46.03 -63.81
CA UNK B 1500 -7.10 45.01 -63.66
C UNK B 1500 -6.91 44.23 -64.95
N UNK B 1501 -8.01 43.80 -65.55
CA UNK B 1501 -7.96 43.04 -66.79
C UNK B 1501 -7.24 43.82 -67.89
N UNK B 1502 -7.60 45.09 -68.04
CA UNK B 1502 -6.99 45.95 -69.05
C UNK B 1502 -5.48 46.03 -68.87
N UNK B 1503 -5.05 46.25 -67.63
CA UNK B 1503 -3.63 46.35 -67.31
C UNK B 1503 -2.90 45.08 -67.72
N UNK B 1504 -3.45 43.93 -67.37
CA UNK B 1504 -2.85 42.65 -67.69
C UNK B 1504 -2.66 42.49 -69.20
N UNK B 1505 -3.70 42.81 -69.95
CA UNK B 1505 -3.65 42.71 -71.41
C UNK B 1505 -2.53 43.56 -71.98
N UNK B 1506 -2.83 44.82 -72.27
CA UNK B 1506 -1.83 45.75 -72.77
C UNK B 1506 -1.35 46.69 -71.67
N UNK B 1507 -0.07 47.07 -71.70
CA UNK B 1507 0.46 48.00 -70.72
C UNK B 1507 1.44 47.33 -69.75
N UNK B 1508 2.00 46.20 -70.18
CA UNK B 1508 3.00 45.50 -69.38
C UNK B 1508 4.22 46.39 -69.17
N UNK B 1509 4.60 47.09 -70.23
CA UNK B 1509 5.77 47.96 -70.21
C UNK B 1509 5.95 48.74 -68.91
N UNK B 1510 5.40 49.95 -68.86
CA UNK B 1510 5.61 50.84 -67.73
C UNK B 1510 6.49 50.22 -66.63
N UNK B 1511 6.25 48.95 -66.33
CA UNK B 1511 7.07 48.23 -65.36
C UNK B 1511 8.52 48.11 -65.84
N UNK B 1512 8.68 47.86 -67.13
CA UNK B 1512 9.96 47.55 -67.76
C UNK B 1512 11.03 48.55 -67.33
N UNK B 1513 10.66 49.82 -67.28
CA UNK B 1513 11.59 50.87 -66.89
C UNK B 1513 12.09 50.66 -65.47
N UNK B 1514 11.18 50.26 -64.58
CA UNK B 1514 11.52 50.01 -63.19
C UNK B 1514 12.16 48.63 -63.02
N UNK B 1739 4.29 3.33 -56.93
CA UNK B 1739 3.03 2.99 -56.29
C UNK B 1739 2.36 4.23 -55.69
N UNK B 1740 2.64 5.39 -56.29
CA UNK B 1740 2.09 6.65 -55.81
C UNK B 1740 0.57 6.64 -55.91
N UNK B 1741 0.05 6.12 -57.02
CA UNK B 1741 -1.38 6.05 -57.21
C UNK B 1741 -2.02 5.15 -56.16
N UNK B 1742 -1.37 4.03 -55.87
CA UNK B 1742 -1.83 3.12 -54.84
C UNK B 1742 -1.79 3.82 -53.50
N UNK B 1743 -0.73 4.57 -53.28
CA UNK B 1743 -0.58 5.35 -52.05
C UNK B 1743 -1.68 6.39 -51.97
N UNK B 1744 -1.99 7.00 -53.10
CA UNK B 1744 -3.04 8.01 -53.16
C UNK B 1744 -4.37 7.37 -52.78
N UNK B 1745 -4.61 6.16 -53.27
CA UNK B 1745 -5.80 5.42 -52.90
C UNK B 1745 -5.75 5.16 -51.41
N UNK B 1746 -4.57 4.80 -50.93
CA UNK B 1746 -4.34 4.66 -49.50
C UNK B 1746 -4.51 6.02 -48.85
N UNK B 1747 -4.00 7.04 -49.52
CA UNK B 1747 -4.11 8.42 -49.02
C UNK B 1747 -5.58 8.78 -48.94
N UNK B 1748 -6.27 8.72 -50.07
CA UNK B 1748 -7.69 9.00 -50.10
C UNK B 1748 -8.33 8.35 -48.89
N UNK B 1749 -7.88 7.14 -48.59
CA UNK B 1749 -8.33 6.44 -47.39
C UNK B 1749 -7.89 7.24 -46.18
N UNK B 1750 -6.68 7.77 -46.24
CA UNK B 1750 -6.20 8.71 -45.24
C UNK B 1750 -7.11 9.93 -45.36
N UNK B 1751 -7.42 10.30 -46.60
CA UNK B 1751 -8.39 11.34 -46.87
C UNK B 1751 -9.73 10.86 -46.34
N UNK B 1752 -10.00 9.58 -46.54
CA UNK B 1752 -11.20 8.95 -46.01
C UNK B 1752 -11.14 9.03 -44.49
N UNK B 1753 -9.95 8.83 -43.95
CA UNK B 1753 -9.74 8.95 -42.51
C UNK B 1753 -10.03 10.38 -42.10
N UNK B 1754 -9.58 11.33 -42.91
CA UNK B 1754 -9.92 12.72 -42.70
C UNK B 1754 -11.43 12.82 -42.85
N UNK B 1755 -11.95 12.10 -43.85
CA UNK B 1755 -13.38 11.93 -44.00
C UNK B 1755 -13.85 11.16 -42.78
N UNK B 1756 -13.05 10.19 -42.37
CA UNK B 1756 -13.31 9.43 -41.17
C UNK B 1756 -13.28 10.40 -39.98
N UNK B 1757 -12.34 11.33 -40.02
CA UNK B 1757 -12.25 12.35 -38.98
C UNK B 1757 -13.54 13.14 -39.03
N UNK B 1758 -13.98 13.45 -40.25
CA UNK B 1758 -15.31 13.98 -40.47
C UNK B 1758 -16.30 12.91 -40.06
N UNK B 1759 -15.95 11.67 -40.38
CA UNK B 1759 -16.76 10.51 -40.04
C UNK B 1759 -18.17 10.60 -40.63
N UNK B 1760 -19.20 10.33 -39.84
CA UNK B 1760 -20.56 10.37 -40.32
C UNK B 1760 -20.71 9.42 -41.52
N UNK B 1761 -21.30 9.89 -42.60
CA UNK B 1761 -21.44 9.08 -43.81
C UNK B 1761 -20.08 8.76 -44.42
N UNK B 1762 -19.18 9.73 -44.41
CA UNK B 1762 -17.89 9.58 -45.05
C UNK B 1762 -17.09 8.45 -44.42
N UNK B 1763 -17.13 8.36 -43.10
CA UNK B 1763 -16.47 7.27 -42.41
C UNK B 1763 -17.14 5.98 -42.84
N UNK B 1764 -18.46 6.03 -42.97
CA UNK B 1764 -19.24 4.88 -43.43
C UNK B 1764 -18.76 4.39 -44.78
N UNK B 1765 -18.43 5.32 -45.66
CA UNK B 1765 -18.00 4.99 -47.01
C UNK B 1765 -16.73 4.16 -47.00
N UNK B 1766 -15.80 4.51 -46.11
CA UNK B 1766 -14.52 3.81 -46.03
C UNK B 1766 -14.72 2.35 -45.63
N UNK B 1767 -15.62 2.10 -44.68
CA UNK B 1767 -15.92 0.74 -44.26
C UNK B 1767 -16.52 -0.01 -45.44
N UNK B 1768 -17.40 0.68 -46.15
CA UNK B 1768 -17.98 0.17 -47.39
C UNK B 1768 -16.91 0.17 -48.47
N UNK B 1769 -16.11 1.23 -48.49
CA UNK B 1769 -15.03 1.34 -49.46
C UNK B 1769 -14.00 0.23 -49.26
N UNK B 1770 -13.69 -0.07 -47.99
CA UNK B 1770 -12.69 -1.08 -47.68
C UNK B 1770 -13.13 -2.44 -48.20
N UNK B 1771 -14.40 -2.77 -48.02
CA UNK B 1771 -14.93 -4.02 -48.56
C UNK B 1771 -14.83 -3.98 -50.08
N UNK B 1772 -15.20 -2.85 -50.66
CA UNK B 1772 -15.06 -2.66 -52.09
C UNK B 1772 -13.59 -2.70 -52.41
N UNK B 1773 -12.79 -2.07 -51.54
CA UNK B 1773 -11.35 -2.09 -51.69
C UNK B 1773 -10.83 -3.51 -51.56
N UNK B 1774 -11.37 -4.25 -50.60
CA UNK B 1774 -10.97 -5.64 -50.43
C UNK B 1774 -11.35 -6.43 -51.67
N UNK B 1775 -12.56 -6.18 -52.16
CA UNK B 1775 -12.98 -6.72 -53.45
C UNK B 1775 -12.10 -6.10 -54.52
N UNK B 1776 -11.85 -4.81 -54.36
CA UNK B 1776 -11.01 -4.05 -55.28
C UNK B 1776 -9.59 -4.56 -55.30
N UNK B 1777 -9.07 -4.92 -54.13
CA UNK B 1777 -7.68 -5.32 -54.00
C UNK B 1777 -7.35 -6.56 -54.81
N UNK B 1778 -8.26 -7.54 -54.80
CA UNK B 1778 -8.05 -8.77 -55.57
C UNK B 1778 -7.97 -8.47 -57.06
N UNK B 1779 -8.84 -7.57 -57.50
CA UNK B 1779 -8.88 -7.16 -58.90
C UNK B 1779 -8.05 -5.91 -59.14
N UNK B 1780 -7.42 -5.42 -58.08
CA UNK B 1780 -6.67 -4.16 -58.12
C UNK B 1780 -7.64 -2.99 -58.06
N UNK B 1781 -8.89 -3.30 -57.73
CA UNK B 1781 -9.98 -2.33 -57.55
C UNK B 1781 -10.74 -2.05 -58.83
N UNK B 1782 -11.94 -1.47 -58.69
CA UNK B 1782 -12.79 -1.18 -59.83
C UNK B 1782 -13.06 0.31 -59.98
N UNK B 1783 -13.42 0.73 -61.18
CA UNK B 1783 -13.70 2.14 -61.45
C UNK B 1783 -15.18 2.36 -61.76
N UNK B 1784 -15.73 1.50 -62.61
CA UNK B 1784 -17.13 1.60 -62.99
C UNK B 1784 -18.02 1.83 -61.77
N UNK B 1785 -17.58 1.30 -60.63
CA UNK B 1785 -18.30 1.46 -59.39
C UNK B 1785 -17.67 2.57 -58.55
N UNK B 1786 -16.35 2.67 -58.60
CA UNK B 1786 -15.63 3.70 -57.86
C UNK B 1786 -16.31 5.06 -58.03
N UNK B 1787 -15.97 5.77 -59.10
CA UNK B 1787 -16.56 7.07 -59.38
C UNK B 1787 -18.07 7.01 -59.20
N UNK B 1788 -18.67 5.90 -59.64
CA UNK B 1788 -20.11 5.72 -59.51
C UNK B 1788 -20.58 6.08 -58.10
N UNK B 1789 -20.53 5.09 -57.20
CA UNK B 1789 -20.92 5.31 -55.82
C UNK B 1789 -20.31 6.60 -55.29
N UNK B 1790 -19.15 6.96 -55.83
CA UNK B 1790 -18.47 8.19 -55.43
C UNK B 1790 -19.45 9.34 -55.35
N UNK B 1791 -20.15 9.59 -56.45
CA UNK B 1791 -21.15 10.65 -56.51
C UNK B 1791 -22.03 10.60 -55.27
N UNK B 1792 -22.62 9.43 -55.01
CA UNK B 1792 -23.46 9.24 -53.84
C UNK B 1792 -22.78 9.81 -52.61
N UNK B 1793 -21.46 9.95 -52.68
CA UNK B 1793 -20.69 10.50 -51.58
C UNK B 1793 -20.71 12.02 -51.61
N UNK B 1794 -19.68 12.61 -52.21
CA UNK B 1794 -19.58 14.06 -52.30
C UNK B 1794 -20.90 14.68 -52.70
N UNK B 1795 -21.40 14.31 -53.88
CA UNK B 1795 -22.67 14.82 -54.38
C UNK B 1795 -23.73 14.80 -53.29
N UNK B 1796 -24.22 13.60 -52.99
CA UNK B 1796 -25.24 13.44 -51.96
C UNK B 1796 -24.88 14.24 -50.71
N UNK B 1797 -23.67 14.01 -50.20
CA UNK B 1797 -23.21 14.72 -49.00
C UNK B 1797 -22.90 16.18 -49.32
N UNK B 1798 -23.06 16.56 -50.59
CA UNK B 1798 -22.79 17.93 -51.02
C UNK B 1798 -23.98 18.84 -50.73
N UNK B 1799 -25.19 18.31 -50.85
CA UNK B 1799 -26.39 19.09 -50.61
C UNK B 1799 -26.70 19.18 -49.12
N UNK B 1800 -25.89 18.52 -48.31
CA UNK B 1800 -26.09 18.52 -46.86
C UNK B 1800 -25.58 19.82 -46.23
N UNK B 1801 -24.37 20.22 -46.62
CA UNK B 1801 -23.78 21.44 -46.11
C UNK B 1801 -24.66 22.66 -46.38
N UNK B 1802 -25.13 22.76 -47.62
CA UNK B 1802 -25.99 23.87 -48.01
C UNK B 1802 -27.25 23.94 -47.14
N UNK B 1803 -27.89 22.79 -46.95
CA UNK B 1803 -29.10 22.72 -46.14
C UNK B 1803 -28.85 23.22 -44.72
N UNK B 1804 -27.76 22.76 -44.13
CA UNK B 1804 -27.40 23.16 -42.77
C UNK B 1804 -27.24 24.68 -42.67
N PHE B 1961 -30.89 9.92 -45.69
CA PHE B 1961 -31.07 9.99 -47.14
C PHE B 1961 -30.38 8.81 -47.83
N PHE B 1962 -29.08 8.66 -47.56
CA PHE B 1962 -28.32 7.57 -48.15
C PHE B 1962 -28.85 6.22 -47.72
N HIS B 1963 -29.21 6.12 -46.44
CA HIS B 1963 -29.76 4.88 -45.91
C HIS B 1963 -31.07 4.56 -46.60
N ASP B 1964 -31.87 5.58 -46.85
CA ASP B 1964 -33.14 5.44 -47.54
C ASP B 1964 -32.95 4.93 -48.97
N ILE B 1965 -31.91 5.44 -49.63
CA ILE B 1965 -31.64 5.06 -51.02
C ILE B 1965 -31.35 3.57 -51.13
N LEU B 1966 -30.57 3.04 -50.19
CA LEU B 1966 -30.29 1.61 -50.16
C LEU B 1966 -31.58 0.83 -49.94
N HIS B 1967 -32.43 1.35 -49.05
CA HIS B 1967 -33.72 0.75 -48.75
C HIS B 1967 -34.64 0.75 -49.98
N THR B 1968 -34.58 1.83 -50.75
CA THR B 1968 -35.49 2.03 -51.87
C THR B 1968 -35.36 0.95 -52.95
N LYS B 1969 -34.13 0.54 -53.24
CA LYS B 1969 -33.92 -0.47 -54.28
C LYS B 1969 -33.49 -1.81 -53.69
N TYR B 1970 -34.27 -2.83 -53.97
CA TYR B 1970 -33.97 -4.19 -53.52
C TYR B 1970 -32.69 -4.76 -54.13
N ARG B 1971 -32.48 -4.47 -55.41
CA ARG B 1971 -31.38 -5.06 -56.16
C ARG B 1971 -30.00 -4.68 -55.62
N ALA B 1972 -29.84 -3.41 -55.24
CA ALA B 1972 -28.57 -2.94 -54.72
C ALA B 1972 -28.20 -3.66 -53.43
N ALA B 1973 -29.19 -3.86 -52.56
CA ALA B 1973 -28.99 -4.53 -51.28
C ALA B 1973 -28.55 -5.98 -51.44
N THR B 1974 -29.15 -6.69 -52.39
CA THR B 1974 -28.90 -8.12 -52.56
C THR B 1974 -28.20 -8.46 -53.87
N ASP B 1975 -28.11 -9.75 -54.14
CA ASP B 1975 -27.44 -10.26 -55.36
C ASP B 1975 -25.96 -9.85 -55.35
N VAL B 1976 -25.75 -8.58 -55.04
CA VAL B 1976 -24.42 -7.99 -54.97
C VAL B 1976 -23.55 -8.75 -53.95
N TYR B 1977 -24.16 -8.97 -52.81
CA TYR B 1977 -23.52 -9.68 -51.69
C TYR B 1977 -23.07 -11.07 -52.14
N ALA B 1978 -24.00 -11.74 -52.81
CA ALA B 1978 -23.78 -13.10 -53.34
C ALA B 1978 -22.58 -13.10 -54.28
N LEU B 1979 -22.59 -12.13 -55.16
CA LEU B 1979 -21.52 -11.95 -56.16
C LEU B 1979 -20.17 -11.80 -55.47
N MET B 1980 -20.17 -10.95 -54.46
CA MET B 1980 -18.97 -10.67 -53.66
C MET B 1980 -18.43 -11.96 -53.04
N PHE B 1981 -19.36 -12.71 -52.47
CA PHE B 1981 -19.05 -13.99 -51.81
C PHE B 1981 -18.38 -14.93 -52.81
N LEU B 1982 -18.98 -15.00 -53.98
CA LEU B 1982 -18.51 -15.85 -55.09
C LEU B 1982 -17.07 -15.48 -55.44
N ALA B 1983 -16.87 -14.18 -55.57
CA ALA B 1983 -15.55 -13.62 -55.91
C ALA B 1983 -14.51 -14.04 -54.88
N ASP B 1984 -14.90 -13.91 -53.63
CA ASP B 1984 -14.06 -14.26 -52.47
C ASP B 1984 -13.64 -15.73 -52.57
N ILE B 1985 -14.62 -16.60 -52.78
CA ILE B 1985 -14.32 -18.01 -52.98
C ILE B 1985 -13.48 -18.18 -54.25
N VAL B 1986 -13.88 -17.47 -55.29
CA VAL B 1986 -13.12 -17.42 -56.54
C VAL B 1986 -11.77 -16.76 -56.33
N ASP B 1987 -11.77 -15.68 -55.55
CA ASP B 1987 -10.56 -14.91 -55.28
C ASP B 1987 -9.51 -15.74 -54.55
N ILE B 1988 -9.96 -16.54 -53.60
CA ILE B 1988 -9.04 -17.32 -52.77
C ILE B 1988 -8.25 -18.32 -53.61
N ILE B 1989 -8.95 -18.99 -54.53
CA ILE B 1989 -8.32 -19.96 -55.41
C ILE B 1989 -8.50 -19.57 -56.87
N ILE B 1990 -7.41 -19.58 -57.63
CA ILE B 1990 -7.41 -19.20 -59.03
C ILE B 1990 -5.99 -18.85 -59.50
N ILE B 1991 -5.63 -17.57 -59.41
CA ILE B 1991 -4.32 -17.12 -59.84
C ILE B 1991 -3.22 -17.72 -58.96
N ILE B 1992 -2.11 -18.05 -59.59
CA ILE B 1992 -0.96 -18.64 -58.88
C ILE B 1992 -0.66 -17.82 -57.64
N PHE B 1993 -0.30 -16.55 -57.86
CA PHE B 1993 -0.04 -15.64 -56.75
C PHE B 1993 -1.07 -14.52 -56.76
N GLY B 1994 -1.69 -14.31 -55.61
CA GLY B 1994 -2.74 -13.29 -55.47
C GLY B 1994 -3.28 -13.35 -54.06
N PHE B 1995 -3.53 -14.56 -53.59
CA PHE B 1995 -3.97 -14.77 -52.21
C PHE B 1995 -2.91 -14.32 -51.20
N TRP B 1996 -1.65 -14.63 -51.50
CA TRP B 1996 -0.56 -14.25 -50.61
C TRP B 1996 -0.50 -12.74 -50.51
N ALA B 1997 -0.69 -12.07 -51.64
CA ALA B 1997 -0.74 -10.62 -51.68
C ALA B 1997 -1.94 -10.13 -50.88
N PHE B 1998 -3.06 -10.84 -51.00
CA PHE B 1998 -4.28 -10.47 -50.30
C PHE B 1998 -4.07 -10.54 -48.80
N GLY B 1999 -3.35 -11.56 -48.34
CA GLY B 1999 -3.08 -11.71 -46.92
C GLY B 1999 -2.28 -10.52 -46.43
N LYS B 2000 -1.29 -10.11 -47.23
CA LYS B 2000 -0.48 -8.96 -46.90
C LYS B 2000 -1.34 -7.71 -46.86
N HIS B 2001 -2.25 -7.60 -47.84
CA HIS B 2001 -3.15 -6.46 -47.92
C HIS B 2001 -4.07 -6.40 -46.70
N SER B 2002 -4.55 -7.57 -46.28
CA SER B 2002 -5.45 -7.63 -45.13
C SER B 2002 -4.71 -7.15 -43.88
N ALA B 2003 -3.46 -7.57 -43.76
CA ALA B 2003 -2.64 -7.16 -42.63
C ALA B 2003 -2.44 -5.66 -42.67
N ALA B 2004 -2.20 -5.12 -43.87
CA ALA B 2004 -2.03 -3.69 -44.04
C ALA B 2004 -3.30 -2.98 -43.61
N THR B 2005 -4.44 -3.50 -44.07
CA THR B 2005 -5.73 -2.92 -43.73
C THR B 2005 -5.90 -2.82 -42.22
N ASP B 2006 -5.60 -3.91 -41.52
CA ASP B 2006 -5.73 -3.95 -40.07
C ASP B 2006 -4.88 -2.87 -39.41
N ILE B 2007 -3.64 -2.74 -39.84
CA ILE B 2007 -2.73 -1.73 -39.30
C ILE B 2007 -3.33 -0.33 -39.47
N ALA B 2008 -3.80 -0.10 -40.68
CA ALA B 2008 -4.42 1.18 -41.05
C ALA B 2008 -5.61 1.48 -40.14
N SER B 2009 -6.43 0.46 -39.96
CA SER B 2009 -7.63 0.52 -39.13
C SER B 2009 -7.24 0.93 -37.70
N SER B 2010 -6.22 0.25 -37.20
CA SER B 2010 -5.69 0.48 -35.85
C SER B 2010 -5.26 1.94 -35.70
N LEU B 2011 -4.54 2.40 -36.70
CA LEU B 2011 -4.03 3.78 -36.75
C LEU B 2011 -5.19 4.77 -36.66
N SER B 2012 -6.20 4.49 -37.46
CA SER B 2012 -7.42 5.31 -37.53
C SER B 2012 -8.07 5.40 -36.15
N ASP B 2013 -8.28 4.25 -35.53
CA ASP B 2013 -8.79 4.22 -34.16
C ASP B 2013 -7.77 4.83 -33.21
N ASP B 2014 -6.51 4.46 -33.39
CA ASP B 2014 -5.43 5.03 -32.60
C ASP B 2014 -5.30 6.51 -32.90
N GLN B 2015 -5.37 6.85 -34.18
CA GLN B 2015 -5.36 8.24 -34.60
C GLN B 2015 -6.61 8.93 -34.10
N VAL B 2016 -7.74 8.23 -34.20
CA VAL B 2016 -9.02 8.77 -33.77
C VAL B 2016 -9.04 9.03 -32.28
N PRO B 2017 -8.48 8.10 -31.50
CA PRO B 2017 -8.49 8.26 -30.06
C PRO B 2017 -7.70 9.48 -29.62
N GLN B 2018 -6.48 9.59 -30.10
CA GLN B 2018 -5.64 10.75 -29.78
C GLN B 2018 -6.23 12.03 -30.36
N ALA B 2019 -6.71 11.93 -31.60
CA ALA B 2019 -7.13 13.10 -32.35
C ALA B 2019 -8.32 13.87 -31.79
N PHE B 2020 -9.35 13.18 -31.32
CA PHE B 2020 -10.57 13.87 -30.90
C PHE B 2020 -10.33 14.79 -29.71
N LEU B 2021 -9.63 14.29 -28.70
CA LEU B 2021 -9.26 15.09 -27.55
C LEU B 2021 -10.46 15.27 -26.62
N PHE B 2022 -10.24 15.92 -25.49
CA PHE B 2022 -11.32 16.45 -24.65
C PHE B 2022 -12.37 15.37 -24.31
N MET B 2023 -13.65 15.72 -24.46
CA MET B 2023 -14.76 14.79 -24.27
C MET B 2023 -15.66 14.82 -25.51
N LEU B 2024 -16.09 13.65 -25.97
CA LEU B 2024 -16.90 13.57 -27.18
C LEU B 2024 -18.30 13.00 -26.94
N LEU B 2025 -19.31 13.70 -27.45
CA LEU B 2025 -20.69 13.22 -27.43
C LEU B 2025 -20.76 11.77 -26.97
N VAL B 2026 -21.69 11.47 -26.07
CA VAL B 2026 -21.88 10.12 -25.59
C VAL B 2026 -22.31 9.22 -26.76
N GLN B 2027 -23.17 9.76 -27.62
CA GLN B 2027 -23.64 9.06 -28.79
C GLN B 2027 -22.46 8.75 -29.72
N PHE B 2028 -21.54 9.70 -29.83
CA PHE B 2028 -20.39 9.56 -30.71
C PHE B 2028 -19.55 8.37 -30.26
N GLY B 2029 -19.41 8.20 -28.96
CA GLY B 2029 -18.67 7.08 -28.41
C GLY B 2029 -19.34 5.77 -28.82
N THR B 2030 -20.67 5.77 -28.79
CA THR B 2030 -21.43 4.59 -29.19
C THR B 2030 -21.20 4.26 -30.66
N MET B 2031 -21.13 5.29 -31.49
CA MET B 2031 -20.92 5.10 -32.92
C MET B 2031 -19.56 4.46 -33.18
N VAL B 2032 -18.55 4.89 -32.42
CA VAL B 2032 -17.21 4.34 -32.56
C VAL B 2032 -17.23 2.86 -32.20
N ILE B 2033 -17.99 2.52 -31.17
CA ILE B 2033 -18.15 1.13 -30.77
C ILE B 2033 -18.80 0.35 -31.89
N ASP B 2034 -19.78 0.97 -32.53
CA ASP B 2034 -20.46 0.36 -33.67
C ASP B 2034 -19.43 0.15 -34.77
N ARG B 2035 -18.54 1.12 -34.93
CA ARG B 2035 -17.47 1.04 -35.91
C ARG B 2035 -16.55 -0.14 -35.58
N ALA B 2036 -16.27 -0.32 -34.30
CA ALA B 2036 -15.38 -1.40 -33.88
C ALA B 2036 -15.97 -2.75 -34.26
N LEU B 2037 -17.27 -2.90 -34.06
CA LEU B 2037 -17.98 -4.08 -34.57
C LEU B 2037 -17.55 -4.41 -36.00
N TYR B 2038 -17.52 -3.38 -36.84
CA TYR B 2038 -17.13 -3.57 -38.24
C TYR B 2038 -15.74 -4.18 -38.35
N LEU B 2039 -14.80 -3.62 -37.59
CA LEU B 2039 -13.42 -4.11 -37.60
C LEU B 2039 -13.36 -5.59 -37.24
N ARG B 2040 -14.05 -5.96 -36.17
CA ARG B 2040 -14.08 -7.34 -35.72
C ARG B 2040 -14.57 -8.28 -36.82
N LYS B 2041 -15.68 -7.90 -37.45
CA LYS B 2041 -16.25 -8.70 -38.53
C LYS B 2041 -15.25 -8.93 -39.65
N THR B 2042 -15.24 -8.02 -40.62
CA THR B 2042 -14.30 -8.12 -41.73
C THR B 2042 -13.42 -9.34 -41.51
N VAL B 2043 -12.80 -9.41 -40.35
CA VAL B 2043 -11.99 -10.55 -39.98
C VAL B 2043 -12.89 -11.75 -39.72
N LEU B 2044 -14.12 -11.47 -39.31
CA LEU B 2044 -15.11 -12.51 -39.06
C LEU B 2044 -15.10 -13.52 -40.19
N GLY B 2045 -15.21 -13.03 -41.41
CA GLY B 2045 -15.17 -13.89 -42.60
C GLY B 2045 -13.77 -14.44 -42.78
N LYS B 2046 -12.78 -13.54 -42.82
CA LYS B 2046 -11.39 -13.94 -42.97
C LYS B 2046 -10.94 -14.76 -41.77
N LEU B 2047 -11.69 -14.68 -40.68
CA LEU B 2047 -11.37 -15.41 -39.46
C LEU B 2047 -10.98 -16.85 -39.78
N ALA B 2048 -11.78 -17.51 -40.61
CA ALA B 2048 -11.53 -18.88 -41.01
C ALA B 2048 -11.86 -19.09 -42.47
N PHE B 2049 -12.31 -18.02 -43.13
CA PHE B 2049 -12.65 -18.08 -44.54
C PHE B 2049 -11.70 -17.21 -45.36
N GLN B 2050 -10.80 -16.50 -44.68
CA GLN B 2050 -9.83 -15.64 -45.34
C GLN B 2050 -8.90 -16.44 -46.26
N VAL B 2051 -8.32 -17.52 -45.76
CA VAL B 2051 -8.54 -17.99 -44.39
C VAL B 2051 -7.29 -18.64 -43.82
N VAL B 2052 -7.01 -18.38 -42.55
CA VAL B 2052 -5.86 -18.97 -41.87
C VAL B 2052 -6.00 -20.47 -41.79
N LEU B 2053 -6.49 -21.08 -42.86
CA LEU B 2053 -6.69 -22.52 -42.93
C LEU B 2053 -5.48 -23.26 -42.35
N VAL B 2054 -4.30 -22.93 -42.86
CA VAL B 2054 -3.06 -23.52 -42.37
C VAL B 2054 -2.61 -22.80 -41.10
N VAL B 2055 -2.16 -21.56 -41.27
CA VAL B 2055 -1.72 -20.75 -40.13
C VAL B 2055 -2.91 -20.28 -39.31
N ALA B 2056 -3.78 -21.21 -38.96
CA ALA B 2056 -4.96 -20.89 -38.16
C ALA B 2056 -4.60 -19.98 -37.00
N ILE B 2057 -3.41 -20.19 -36.45
CA ILE B 2057 -2.92 -19.37 -35.36
C ILE B 2057 -3.15 -17.90 -35.65
N HIS B 2058 -3.21 -17.57 -36.94
CA HIS B 2058 -3.45 -16.20 -37.38
C HIS B 2058 -4.61 -15.60 -36.58
N ILE B 2059 -5.82 -15.85 -37.05
CA ILE B 2059 -7.02 -15.39 -36.35
C ILE B 2059 -6.93 -15.78 -34.88
N TRP B 2060 -5.82 -16.41 -34.52
CA TRP B 2060 -5.61 -16.87 -33.15
C TRP B 2060 -4.97 -15.77 -32.30
N MET B 2061 -3.65 -15.85 -32.14
CA MET B 2061 -2.93 -14.91 -31.30
C MET B 2061 -3.36 -13.49 -31.60
N PHE B 2062 -3.53 -13.18 -32.88
CA PHE B 2062 -3.96 -11.85 -33.29
C PHE B 2062 -5.35 -11.54 -32.76
N PHE B 2063 -6.24 -12.53 -32.82
CA PHE B 2063 -7.61 -12.34 -32.37
C PHE B 2063 -7.66 -12.02 -30.89
N ILE B 2064 -6.84 -12.72 -30.11
CA ILE B 2064 -6.78 -12.48 -28.67
C ILE B 2064 -6.28 -11.08 -28.37
N LEU B 2065 -5.28 -10.64 -29.14
CA LEU B 2065 -4.65 -9.34 -28.90
C LEU B 2065 -5.51 -8.16 -29.36
N PRO B 2066 -6.81 -8.22 -29.08
CA PRO B 2066 -7.69 -7.13 -29.43
C PRO B 2066 -8.90 -7.07 -28.51
N ALA B 2067 -9.45 -8.23 -28.18
CA ALA B 2067 -10.64 -8.29 -27.35
C ALA B 2067 -10.36 -7.72 -25.97
N VAL B 2068 -9.20 -8.05 -25.42
CA VAL B 2068 -8.80 -7.53 -24.13
C VAL B 2068 -8.65 -6.00 -24.18
N THR B 2069 -8.06 -5.52 -25.27
CA THR B 2069 -7.85 -4.09 -25.46
C THR B 2069 -9.16 -3.32 -25.55
N GLU B 2070 -10.13 -3.89 -26.26
CA GLU B 2070 -11.41 -3.23 -26.46
C GLU B 2070 -12.15 -3.03 -25.15
N ARG B 2071 -12.12 -4.04 -24.29
CA ARG B 2071 -12.78 -3.97 -23.00
C ARG B 2071 -12.16 -2.87 -22.13
N MET B 2072 -10.84 -2.80 -22.15
CA MET B 2072 -10.10 -1.82 -21.36
C MET B 2072 -10.39 -0.38 -21.77
N PHE B 2073 -10.45 -0.15 -23.08
CA PHE B 2073 -10.63 1.20 -23.59
C PHE B 2073 -11.96 1.80 -23.17
N SER B 2074 -13.03 1.01 -23.25
CA SER B 2074 -14.34 1.47 -22.81
C SER B 2074 -14.31 1.73 -21.31
N GLN B 2075 -13.68 0.81 -20.58
CA GLN B 2075 -13.54 0.94 -19.13
C GLN B 2075 -12.70 2.14 -18.74
N ASN B 2076 -11.62 2.36 -19.49
CA ASN B 2076 -10.65 3.39 -19.15
C ASN B 2076 -11.22 4.81 -19.14
N ALA B 2077 -12.05 5.12 -20.14
CA ALA B 2077 -12.58 6.47 -20.25
C ALA B 2077 -13.46 6.84 -19.05
N VAL B 2078 -14.31 5.92 -18.64
CA VAL B 2078 -15.20 6.16 -17.50
C VAL B 2078 -16.00 7.45 -17.73
N ALA B 2079 -16.09 8.29 -16.71
CA ALA B 2079 -16.64 9.63 -16.87
C ALA B 2079 -15.55 10.67 -16.64
N GLN B 2080 -14.48 10.25 -15.98
CA GLN B 2080 -13.35 11.11 -15.65
C GLN B 2080 -12.61 11.61 -16.89
N LEU B 2081 -12.44 10.71 -17.86
CA LEU B 2081 -11.67 10.99 -19.08
C LEU B 2081 -10.17 10.78 -18.84
N TRP B 2082 -9.38 11.08 -19.86
CA TRP B 2082 -7.92 10.89 -19.79
C TRP B 2082 -7.59 9.42 -20.01
N TYR B 2083 -8.60 8.65 -20.37
CA TYR B 2083 -8.44 7.22 -20.64
C TYR B 2083 -7.53 6.97 -21.84
N PHE B 2084 -7.65 7.83 -22.84
CA PHE B 2084 -6.98 7.64 -24.11
C PHE B 2084 -5.46 7.59 -23.98
N VAL B 2085 -4.89 8.45 -23.14
CA VAL B 2085 -3.45 8.47 -22.99
C VAL B 2085 -3.01 7.11 -22.47
N LYS B 2086 -3.74 6.60 -21.48
CA LYS B 2086 -3.59 5.21 -21.07
C LYS B 2086 -4.04 4.31 -22.21
N CYS B 2087 -5.14 4.70 -22.85
CA CYS B 2087 -5.74 3.96 -23.95
C CYS B 2087 -4.83 3.88 -25.17
N ILE B 2088 -4.14 4.98 -25.46
CA ILE B 2088 -3.33 5.06 -26.67
C ILE B 2088 -2.24 4.01 -26.64
N TYR B 2089 -1.63 3.82 -25.48
CA TYR B 2089 -0.61 2.79 -25.34
C TYR B 2089 -1.08 1.45 -25.90
N PHE B 2090 -2.34 1.12 -25.64
CA PHE B 2090 -2.88 -0.18 -26.02
C PHE B 2090 -2.87 -0.39 -27.53
N ALA B 2091 -3.21 0.66 -28.27
CA ALA B 2091 -3.26 0.57 -29.72
C ALA B 2091 -1.89 0.25 -30.30
N LEU B 2092 -0.85 0.86 -29.74
CA LEU B 2092 0.51 0.68 -30.23
C LEU B 2092 0.95 -0.77 -30.11
N SER B 2093 0.60 -1.41 -28.98
CA SER B 2093 0.97 -2.79 -28.75
C SER B 2093 0.34 -3.69 -29.81
N ALA B 2094 -0.92 -3.41 -30.13
CA ALA B 2094 -1.62 -4.15 -31.17
C ALA B 2094 -0.94 -3.94 -32.51
N TYR B 2095 -0.50 -2.71 -32.76
CA TYR B 2095 0.12 -2.35 -34.03
C TYR B 2095 1.43 -3.11 -34.26
N GLN B 2096 2.23 -3.26 -33.21
CA GLN B 2096 3.53 -3.90 -33.34
C GLN B 2096 3.37 -5.35 -33.77
N ILE B 2097 2.37 -6.02 -33.20
CA ILE B 2097 2.08 -7.40 -33.57
C ILE B 2097 1.66 -7.47 -35.02
N ARG B 2098 0.88 -6.48 -35.45
CA ARG B 2098 0.35 -6.43 -36.80
C ARG B 2098 1.46 -6.33 -37.85
N CYS B 2099 2.48 -5.54 -37.56
CA CYS B 2099 3.58 -5.37 -38.50
C CYS B 2099 4.26 -6.70 -38.73
N GLY B 2100 4.46 -7.45 -37.64
CA GLY B 2100 4.97 -8.80 -37.71
C GLY B 2100 3.96 -9.67 -38.45
N TYR B 2101 2.68 -9.42 -38.16
CA TYR B 2101 1.59 -10.21 -38.71
C TYR B 2101 1.47 -10.14 -40.22
N PRO B 2102 1.67 -8.96 -40.80
CA PRO B 2102 1.42 -8.78 -42.23
C PRO B 2102 2.30 -9.70 -43.07
N THR B 2103 3.58 -9.80 -42.70
CA THR B 2103 4.45 -10.80 -43.30
C THR B 2103 3.91 -12.15 -42.89
N ARG B 2104 3.47 -12.22 -41.65
CA ARG B 2104 2.93 -13.44 -41.04
C ARG B 2104 1.89 -14.17 -41.90
N ILE B 2105 1.08 -13.41 -42.62
CA ILE B 2105 -0.15 -13.94 -43.23
C ILE B 2105 0.12 -15.11 -44.18
N LEU B 2106 1.18 -15.02 -44.98
CA LEU B 2106 1.56 -16.15 -45.79
C LEU B 2106 2.42 -17.05 -44.92
N GLY B 2107 1.80 -17.64 -43.90
CA GLY B 2107 2.53 -18.44 -42.92
C GLY B 2107 3.17 -19.68 -43.52
N ASN B 2108 2.44 -20.38 -44.39
CA ASN B 2108 3.01 -21.54 -45.06
C ASN B 2108 4.16 -21.06 -45.93
N PHE B 2109 3.92 -19.96 -46.64
CA PHE B 2109 4.96 -19.27 -47.38
C PHE B 2109 6.00 -18.67 -46.43
N LEU B 2110 5.51 -18.11 -45.34
CA LEU B 2110 6.34 -17.36 -44.39
C LEU B 2110 7.44 -18.19 -43.73
N THR B 2111 7.11 -19.41 -43.34
CA THR B 2111 8.06 -20.26 -42.64
C THR B 2111 8.49 -19.61 -41.32
N LYS B 2112 7.97 -20.14 -40.22
CA LYS B 2112 8.25 -19.57 -38.90
C LYS B 2112 9.73 -19.64 -38.56
N LYS B 2113 10.36 -20.73 -38.95
CA LYS B 2113 11.77 -20.94 -38.67
C LYS B 2113 12.64 -19.88 -39.36
N TYR B 2114 12.26 -19.52 -40.58
CA TYR B 2114 13.03 -18.57 -41.38
C TYR B 2114 13.12 -17.19 -40.72
N ASN B 2115 12.04 -16.74 -40.11
CA ASN B 2115 11.99 -15.41 -39.51
C ASN B 2115 13.02 -15.26 -38.38
N HIS B 2116 13.15 -16.30 -37.56
CA HIS B 2116 14.13 -16.30 -36.49
C HIS B 2116 15.56 -16.23 -37.05
N LEU B 2117 15.78 -16.94 -38.15
CA LEU B 2117 17.10 -17.02 -38.77
C LEU B 2117 17.58 -15.65 -39.24
N ASN B 2118 16.67 -14.85 -39.77
CA ASN B 2118 17.02 -13.55 -40.30
C ASN B 2118 17.58 -12.67 -39.18
N LEU B 2119 16.99 -12.76 -38.00
CA LEU B 2119 17.46 -12.00 -36.86
C LEU B 2119 18.89 -12.42 -36.55
N PHE B 2120 19.15 -13.73 -36.64
CA PHE B 2120 20.49 -14.25 -36.45
C PHE B 2120 21.43 -13.50 -37.39
N LEU B 2121 20.95 -13.25 -38.60
CA LEU B 2121 21.70 -12.47 -39.57
C LEU B 2121 21.90 -11.07 -39.01
N PHE B 2122 20.85 -10.56 -38.37
CA PHE B 2122 20.90 -9.25 -37.73
C PHE B 2122 21.98 -9.25 -36.64
N GLN B 2123 22.08 -10.37 -35.93
CA GLN B 2123 23.10 -10.51 -34.89
C GLN B 2123 22.93 -9.49 -33.76
N GLY B 2124 23.97 -8.71 -33.46
CA GLY B 2124 23.97 -7.85 -32.29
C GLY B 2124 22.85 -6.83 -32.36
N PHE B 2125 22.63 -6.26 -33.53
CA PHE B 2125 21.47 -5.40 -33.75
C PHE B 2125 20.21 -6.23 -33.60
N ARG B 2126 20.23 -7.43 -34.15
CA ARG B 2126 19.12 -8.37 -34.04
C ARG B 2126 18.92 -8.79 -32.59
N LEU B 2127 20.02 -8.99 -31.88
CA LEU B 2127 19.99 -9.43 -30.49
C LEU B 2127 19.29 -8.42 -29.60
N VAL B 2128 19.54 -7.15 -29.87
CA VAL B 2128 18.96 -6.07 -29.06
C VAL B 2128 17.44 -6.11 -29.13
N PRO B 2129 16.91 -6.39 -30.33
CA PRO B 2129 15.47 -6.46 -30.51
C PRO B 2129 14.86 -7.58 -29.67
N PHE B 2130 15.54 -8.71 -29.63
CA PHE B 2130 15.06 -9.85 -28.85
C PHE B 2130 15.02 -9.51 -27.36
N LEU B 2131 16.05 -8.80 -26.90
CA LEU B 2131 16.14 -8.37 -25.51
C LEU B 2131 15.00 -7.41 -25.15
N VAL B 2132 14.67 -6.55 -26.10
CA VAL B 2132 13.69 -5.49 -25.87
C VAL B 2132 12.29 -6.03 -25.53
N GLU B 2133 11.88 -7.10 -26.20
CA GLU B 2133 10.55 -7.65 -25.98
C GLU B 2133 10.38 -8.09 -24.53
N LEU B 2134 11.41 -8.73 -23.99
CA LEU B 2134 11.43 -9.13 -22.59
C LEU B 2134 10.69 -10.44 -22.33
N ARG B 2135 10.72 -10.88 -21.08
CA ARG B 2135 10.08 -12.13 -20.67
C ARG B 2135 8.55 -12.13 -20.80
N ALA B 2136 7.92 -11.02 -20.43
CA ALA B 2136 6.46 -10.99 -20.35
C ALA B 2136 5.80 -11.23 -21.69
N VAL B 2137 6.34 -10.62 -22.75
CA VAL B 2137 5.84 -10.86 -24.08
C VAL B 2137 6.07 -12.32 -24.48
N MET B 2138 7.24 -12.83 -24.13
CA MET B 2138 7.61 -14.20 -24.46
C MET B 2138 6.71 -15.23 -23.78
N ASP B 2139 6.38 -14.99 -22.51
CA ASP B 2139 5.58 -15.92 -21.75
C ASP B 2139 4.19 -16.05 -22.38
N TRP B 2140 3.63 -14.91 -22.77
CA TRP B 2140 2.35 -14.90 -23.47
C TRP B 2140 2.48 -15.62 -24.80
N VAL B 2141 3.61 -15.38 -25.47
CA VAL B 2141 3.84 -15.90 -26.81
C VAL B 2141 4.24 -17.36 -26.74
N TRP B 2142 5.09 -17.70 -25.78
CA TRP B 2142 5.48 -19.08 -25.57
C TRP B 2142 4.27 -19.99 -25.50
N THR B 2143 3.22 -19.50 -24.85
CA THR B 2143 2.01 -20.28 -24.63
C THR B 2143 1.34 -20.71 -25.94
N ASP B 2144 1.31 -19.79 -26.91
CA ASP B 2144 0.69 -20.10 -28.18
C ASP B 2144 1.43 -21.24 -28.87
N THR B 2145 2.75 -21.19 -28.80
CA THR B 2145 3.58 -22.28 -29.30
C THR B 2145 3.28 -23.51 -28.46
N THR B 2146 3.13 -23.30 -27.15
CA THR B 2146 2.78 -24.34 -26.22
C THR B 2146 1.42 -24.91 -26.55
N LEU B 2147 0.51 -24.04 -26.96
CA LEU B 2147 -0.87 -24.43 -27.21
C LEU B 2147 -0.96 -25.49 -28.31
N SER B 2148 -0.16 -25.34 -29.35
CA SER B 2148 -0.14 -26.32 -30.43
C SER B 2148 0.35 -27.67 -29.90
N LEU B 2149 1.38 -27.64 -29.06
CA LEU B 2149 1.90 -28.84 -28.42
C LEU B 2149 2.11 -28.62 -26.92
N SER B 2150 1.02 -28.56 -26.17
CA SER B 2150 1.10 -28.22 -24.76
C SER B 2150 1.89 -29.20 -23.89
N ASN B 2151 1.70 -30.50 -24.11
CA ASN B 2151 2.38 -31.50 -23.29
C ASN B 2151 3.90 -31.42 -23.45
N TRP B 2152 4.34 -31.29 -24.69
CA TRP B 2152 5.74 -31.07 -24.99
C TRP B 2152 6.18 -29.73 -24.43
N MET B 2153 5.28 -28.74 -24.57
CA MET B 2153 5.55 -27.37 -24.15
C MET B 2153 6.25 -27.32 -22.80
N CYS B 2154 5.66 -27.95 -21.80
CA CYS B 2154 6.25 -27.92 -20.47
C CYS B 2154 7.70 -28.36 -20.63
N VAL B 2155 7.90 -29.41 -21.42
CA VAL B 2155 9.23 -29.78 -21.89
C VAL B 2155 9.74 -28.69 -22.82
N GLU B 2156 8.84 -28.20 -23.66
CA GLU B 2156 9.17 -27.20 -24.66
C GLU B 2156 9.63 -25.88 -24.06
N ASP B 2157 9.01 -25.48 -22.96
CA ASP B 2157 9.28 -24.18 -22.38
C ASP B 2157 10.73 -24.05 -21.97
N ILE B 2158 11.28 -25.12 -21.41
CA ILE B 2158 12.69 -25.13 -21.03
C ILE B 2158 13.57 -24.96 -22.26
N TYR B 2159 13.20 -25.63 -23.34
CA TYR B 2159 13.96 -25.57 -24.59
C TYR B 2159 14.01 -24.16 -25.16
N ALA B 2160 12.88 -23.46 -25.11
CA ALA B 2160 12.81 -22.11 -25.65
C ALA B 2160 13.76 -21.18 -24.90
N ASN B 2161 13.79 -21.32 -23.59
CA ASN B 2161 14.71 -20.55 -22.75
C ASN B 2161 16.15 -20.85 -23.15
N ILE B 2162 16.42 -22.13 -23.28
CA ILE B 2162 17.74 -22.64 -23.65
C ILE B 2162 18.17 -22.05 -25.01
N PHE B 2163 17.23 -22.11 -25.93
CA PHE B 2163 17.43 -21.59 -27.29
C PHE B 2163 17.81 -20.11 -27.25
N ILE B 2164 17.06 -19.34 -26.47
CA ILE B 2164 17.29 -17.91 -26.35
C ILE B 2164 18.75 -17.63 -25.98
N ILE B 2165 19.21 -18.30 -24.93
CA ILE B 2165 20.58 -18.14 -24.47
C ILE B 2165 21.56 -18.57 -25.56
N LYS B 2166 21.23 -19.66 -26.23
CA LYS B 2166 22.08 -20.17 -27.30
C LYS B 2166 22.15 -19.13 -28.41
N CYS B 2167 21.01 -18.50 -28.69
CA CYS B 2167 20.95 -17.44 -29.69
C CYS B 2167 21.82 -16.27 -29.24
N SER B 2168 21.78 -15.96 -27.95
CA SER B 2168 22.57 -14.87 -27.41
C SER B 2168 24.05 -15.15 -27.56
N ARG B 2169 24.45 -16.40 -27.33
CA ARG B 2169 25.85 -16.78 -27.44
C ARG B 2169 26.36 -16.60 -28.86
N GLU B 2170 25.53 -16.96 -29.84
CA GLU B 2170 25.90 -16.82 -31.24
C GLU B 2170 26.11 -15.36 -31.61
N THR B 2171 25.24 -14.49 -31.10
CA THR B 2171 25.33 -13.07 -31.37
C THR B 2171 26.63 -12.50 -30.85
N GLU B 2172 27.02 -12.95 -29.66
CA GLU B 2172 28.27 -12.52 -29.04
C GLU B 2172 29.45 -12.97 -29.90
N LYS B 2173 29.36 -14.19 -30.42
CA LYS B 2173 30.42 -14.73 -31.26
C LYS B 2173 30.56 -13.88 -32.52
N LYS B 2174 29.43 -13.50 -33.09
CA LYS B 2174 29.40 -12.81 -34.37
C LYS B 2174 30.17 -11.50 -34.38
N TYR B 2175 29.47 -10.40 -34.11
CA TYR B 2175 30.08 -9.08 -34.12
C TYR B 2175 31.26 -9.06 -33.17
N PRO B 2176 31.26 -9.98 -32.21
CA PRO B 2176 32.31 -10.06 -31.20
C PRO B 2176 33.67 -10.35 -31.80
N GLN B 2177 33.72 -11.25 -32.77
CA GLN B 2177 35.00 -11.64 -33.35
C GLN B 2177 35.71 -10.47 -34.02
N PRO B 2178 34.95 -9.68 -34.79
CA PRO B 2178 35.50 -8.46 -35.37
C PRO B 2178 35.88 -7.48 -34.26
N LYS B 2179 34.97 -7.33 -33.30
CA LYS B 2179 35.15 -6.43 -32.18
C LYS B 2179 36.31 -6.83 -31.28
N GLY B 2180 36.48 -8.13 -31.08
CA GLY B 2180 37.40 -8.65 -30.08
C GLY B 2180 38.87 -8.29 -30.33
N GLN B 2181 39.56 -7.97 -29.26
CA GLN B 2181 40.98 -7.65 -29.27
C GLN B 2181 41.66 -8.37 -28.12
N LYS B 2182 42.96 -8.60 -28.24
CA LYS B 2182 43.69 -9.34 -27.20
C LYS B 2182 44.51 -8.40 -26.32
N LYS B 2183 44.29 -8.49 -25.02
CA LYS B 2183 45.00 -7.65 -24.06
C LYS B 2183 44.75 -6.18 -24.36
N LYS B 2184 43.54 -5.86 -24.79
CA LYS B 2184 43.19 -4.47 -25.11
C LYS B 2184 42.03 -3.98 -24.25
N LYS B 2185 42.22 -2.82 -23.62
CA LYS B 2185 41.19 -2.22 -22.79
C LYS B 2185 40.90 -0.79 -23.22
N ILE B 2186 39.63 -0.44 -23.34
CA ILE B 2186 39.24 0.93 -23.69
C ILE B 2186 38.55 1.61 -22.52
N VAL B 2187 39.07 2.77 -22.14
CA VAL B 2187 38.53 3.53 -21.02
C VAL B 2187 37.10 4.01 -21.27
N LYS B 2188 36.85 4.47 -22.49
CA LYS B 2188 35.56 5.06 -22.83
C LYS B 2188 34.40 4.08 -22.69
N TYR B 2189 34.62 2.85 -23.14
CA TYR B 2189 33.58 1.84 -23.05
C TYR B 2189 33.25 1.54 -21.60
N GLY B 2190 34.28 1.44 -20.78
CA GLY B 2190 34.13 1.17 -19.35
C GLY B 2190 33.38 2.30 -18.66
N MET B 2191 33.70 3.54 -19.03
CA MET B 2191 33.13 4.71 -18.39
C MET B 2191 31.62 4.81 -18.55
N GLY B 2192 31.13 4.51 -19.74
CA GLY B 2192 29.70 4.63 -20.01
C GLY B 2192 28.89 3.67 -19.14
N GLY B 2193 29.37 2.43 -19.01
CA GLY B 2193 28.72 1.44 -18.17
C GLY B 2193 28.75 1.86 -16.70
N LEU B 2194 29.89 2.41 -16.29
CA LEU B 2194 30.14 2.76 -14.90
C LEU B 2194 29.42 4.05 -14.51
N ILE B 2195 29.44 5.02 -15.42
CA ILE B 2195 28.76 6.29 -15.18
C ILE B 2195 27.26 6.04 -15.06
N ILE B 2196 26.75 5.17 -15.93
CA ILE B 2196 25.34 4.80 -15.89
C ILE B 2196 25.01 4.09 -14.59
N LEU B 2197 25.91 3.22 -14.15
CA LEU B 2197 25.72 2.47 -12.92
C LEU B 2197 25.66 3.41 -11.72
N PHE B 2198 26.54 4.41 -11.72
CA PHE B 2198 26.54 5.40 -10.65
C PHE B 2198 25.23 6.17 -10.66
N LEU B 2199 24.77 6.52 -11.86
CA LEU B 2199 23.51 7.23 -12.02
C LEU B 2199 22.35 6.37 -11.53
N ILE B 2200 22.39 5.08 -11.86
CA ILE B 2200 21.35 4.16 -11.45
C ILE B 2200 21.33 4.05 -9.93
N ALA B 2201 22.51 3.98 -9.32
CA ALA B 2201 22.62 3.95 -7.87
C ALA B 2201 22.08 5.23 -7.27
N ILE B 2202 22.38 6.35 -7.91
CA ILE B 2202 21.91 7.65 -7.45
C ILE B 2202 20.39 7.73 -7.53
N ILE B 2203 19.84 7.20 -8.61
CA ILE B 2203 18.38 7.19 -8.79
C ILE B 2203 17.73 6.37 -7.69
N TRP B 2204 18.34 5.23 -7.39
CA TRP B 2204 17.86 4.39 -6.29
C TRP B 2204 17.98 5.15 -4.97
N PHE B 2205 19.09 5.87 -4.82
CA PHE B 2205 19.35 6.63 -3.61
C PHE B 2205 18.63 7.97 -3.72
N PRO B 2206 18.69 8.55 -4.91
CA PRO B 2206 17.99 9.80 -5.20
C PRO B 2206 16.58 9.52 -5.71
N LEU B 2207 16.46 8.50 -6.56
CA LEU B 2207 15.15 8.10 -7.08
C LEU B 2207 14.30 7.52 -5.96
N LEU B 2208 14.84 6.53 -5.25
CA LEU B 2208 14.16 5.94 -4.12
C LEU B 2208 13.94 7.01 -3.05
N PHE B 2209 14.90 7.92 -2.93
CA PHE B 2209 14.80 9.02 -1.99
C PHE B 2209 13.71 9.98 -2.43
N MET B 2210 13.26 9.84 -3.66
CA MET B 2210 12.20 10.69 -4.21
C MET B 2210 10.90 10.50 -3.44
N SER B 2211 10.99 9.89 -2.26
CA SER B 2211 9.83 9.67 -1.43
C SER B 2211 9.29 10.98 -0.86
N LEU B 2212 10.17 11.73 -0.19
CA LEU B 2212 9.80 13.01 0.40
C LEU B 2212 9.16 13.92 -0.65
N ILE B 2213 9.20 13.50 -1.90
CA ILE B 2213 8.63 14.27 -3.00
C ILE B 2213 7.25 14.81 -2.62
N ARG B 2214 6.63 14.20 -1.63
CA ARG B 2214 5.31 14.62 -1.16
C ARG B 2214 5.38 15.13 0.27
N SER B 2215 5.97 16.31 0.44
CA SER B 2215 6.10 16.91 1.76
C SER B 2215 5.99 18.43 1.69
N VAL B 2216 4.76 18.92 1.57
CA VAL B 2216 4.51 20.35 1.49
C VAL B 2216 3.11 20.63 0.96
N VAL B 2217 2.49 21.69 1.48
CA VAL B 2217 1.15 22.07 1.05
C VAL B 2217 0.54 23.10 1.99
N GLY B 2218 0.84 24.37 1.74
CA GLY B 2218 0.32 25.45 2.56
C GLY B 2218 0.55 26.82 1.95
N VAL B 2219 -0.16 27.81 2.49
CA VAL B 2219 -0.05 29.19 2.03
C VAL B 2219 -0.30 30.15 3.19
N VAL B 2220 -1.47 30.79 3.18
CA VAL B 2220 -1.85 31.71 4.24
C VAL B 2220 -3.30 31.53 4.65
N ASN B 2221 -3.54 31.57 5.95
CA ASN B 2221 -4.90 31.54 6.46
C ASN B 2221 -5.21 32.80 7.26
N GLN B 2222 -6.26 33.50 6.84
CA GLN B 2222 -6.75 34.66 7.56
C GLN B 2222 -8.22 34.42 7.84
N PRO B 2223 -8.63 34.62 9.17
CA PRO B 2223 -10.06 34.32 9.37
C PRO B 2223 -10.92 35.26 8.53
N ILE B 2224 -11.88 34.68 7.83
CA ILE B 2224 -12.83 35.46 7.05
C ILE B 2224 -13.66 36.31 7.99
N ASP B 2225 -14.00 35.71 9.12
CA ASP B 2225 -14.93 36.29 10.09
C ASP B 2225 -14.31 36.15 11.48
N VAL B 2226 -14.37 37.23 12.24
CA VAL B 2226 -13.94 37.25 13.62
C VAL B 2226 -15.15 37.68 14.45
N THR B 2227 -15.66 36.76 15.25
CA THR B 2227 -16.85 37.00 16.05
C THR B 2227 -16.50 37.00 17.52
N VAL B 2228 -16.86 38.06 18.23
CA VAL B 2228 -16.57 38.20 19.64
C VAL B 2228 -17.84 38.53 20.40
N THR B 2229 -17.90 38.07 21.65
CA THR B 2229 -19.03 38.39 22.51
C THR B 2229 -18.56 38.72 23.92
N LEU B 2230 -19.36 39.53 24.61
CA LEU B 2230 -19.19 39.77 26.04
C LEU B 2230 -20.50 39.43 26.73
N LYS B 2231 -20.42 38.53 27.69
CA LYS B 2231 -21.62 37.98 28.33
C LYS B 2231 -21.42 37.89 29.85
N LEU B 2232 -22.40 38.41 30.58
CA LEU B 2232 -22.41 38.36 32.04
C LEU B 2232 -23.31 37.23 32.50
N GLY B 2233 -22.71 36.26 33.21
CA GLY B 2233 -23.46 35.14 33.72
C GLY B 2233 -24.23 34.45 32.63
N GLY B 2234 -25.47 34.05 32.94
CA GLY B 2234 -26.35 33.45 31.96
C GLY B 2234 -27.28 34.45 31.29
N TYR B 2235 -27.09 35.74 31.55
CA TYR B 2235 -27.95 36.78 30.98
C TYR B 2235 -27.69 36.96 29.49
N GLU B 2236 -28.69 37.42 28.76
CA GLU B 2236 -28.52 37.71 27.33
C GLU B 2236 -27.25 38.52 27.11
N PRO B 2237 -26.41 38.09 26.15
CA PRO B 2237 -25.09 38.73 25.98
C PRO B 2237 -25.17 40.25 25.83
N LEU B 2238 -24.25 40.95 26.47
CA LEU B 2238 -24.23 42.41 26.44
C LEU B 2238 -23.78 42.92 25.09
N PHE B 2239 -22.82 42.22 24.50
CA PHE B 2239 -22.16 42.72 23.30
C PHE B 2239 -21.85 41.55 22.37
N THR B 2240 -22.16 41.73 21.09
CA THR B 2240 -21.76 40.79 20.05
C THR B 2240 -21.28 41.58 18.85
N MET B 2241 -20.25 41.08 18.18
CA MET B 2241 -19.76 41.73 16.98
C MET B 2241 -19.06 40.73 16.09
N SER B 2242 -19.36 40.79 14.79
CA SER B 2242 -18.68 39.96 13.79
C SER B 2242 -18.02 40.87 12.78
N ALA B 2243 -16.68 40.82 12.74
CA ALA B 2243 -15.89 41.58 11.78
C ALA B 2243 -15.62 40.72 10.54
N GLN B 2244 -15.88 41.30 9.37
CA GLN B 2244 -15.56 40.69 8.08
C GLN B 2244 -14.90 41.76 7.20
N GLN B 2245 -14.56 41.39 5.96
CA GLN B 2245 -13.93 42.33 5.02
C GLN B 2245 -14.61 43.71 5.00
N PRO B 2246 -13.83 44.79 4.98
CA PRO B 2246 -12.38 44.91 5.02
C PRO B 2246 -11.90 45.21 6.43
N SER B 2247 -12.70 44.85 7.44
CA SER B 2247 -12.36 45.09 8.85
C SER B 2247 -11.31 44.11 9.38
N ILE B 2248 -10.98 43.11 8.58
CA ILE B 2248 -9.90 42.18 8.90
C ILE B 2248 -8.71 42.57 8.03
N VAL B 2249 -7.76 43.30 8.60
CA VAL B 2249 -6.72 43.98 7.83
C VAL B 2249 -5.40 43.21 7.93
N PRO B 2250 -4.95 42.63 6.80
CA PRO B 2250 -3.66 41.94 6.85
C PRO B 2250 -2.52 42.90 7.18
N PHE B 2251 -1.53 42.41 7.91
CA PHE B 2251 -0.34 43.20 8.20
C PHE B 2251 0.39 43.61 6.92
N THR B 2252 0.75 44.88 6.87
CA THR B 2252 1.71 45.36 5.87
C THR B 2252 3.11 45.16 6.44
N PRO B 2253 4.15 45.33 5.60
CA PRO B 2253 5.50 45.31 6.19
C PRO B 2253 5.70 46.41 7.23
N GLN B 2254 4.98 47.52 7.12
CA GLN B 2254 5.06 48.56 8.13
C GLN B 2254 4.50 48.07 9.48
N ALA B 2255 3.33 47.44 9.44
CA ALA B 2255 2.74 46.89 10.66
C ALA B 2255 3.67 45.85 11.29
N TYR B 2256 4.30 45.03 10.45
CA TYR B 2256 5.19 43.99 10.96
C TYR B 2256 6.43 44.62 11.62
N GLU B 2257 6.98 45.65 10.98
CA GLU B 2257 8.10 46.38 11.55
C GLU B 2257 7.74 47.04 12.88
N GLU B 2258 6.56 47.65 12.96
CA GLU B 2258 6.11 48.29 14.19
C GLU B 2258 5.94 47.27 15.31
N LEU B 2259 5.36 46.11 14.97
CA LEU B 2259 5.20 45.05 15.95
C LEU B 2259 6.55 44.54 16.42
N SER B 2260 7.48 44.40 15.48
CA SER B 2260 8.84 43.97 15.83
C SER B 2260 9.55 44.97 16.72
N GLN B 2261 9.34 46.26 16.49
CA GLN B 2261 9.93 47.30 17.33
C GLN B 2261 9.35 47.25 18.74
N GLN B 2262 8.05 46.98 18.82
CA GLN B 2262 7.37 46.91 20.10
C GLN B 2262 7.93 45.79 20.97
N PHE B 2263 8.23 44.66 20.34
CA PHE B 2263 8.64 43.46 21.09
C PHE B 2263 10.12 43.16 20.98
N ASP B 2264 10.87 44.07 20.37
CA ASP B 2264 12.33 43.88 20.20
C ASP B 2264 13.10 43.51 21.45
N PRO B 2265 12.77 44.11 22.63
CA PRO B 2265 13.59 43.76 23.79
C PRO B 2265 13.41 42.32 24.29
N TYR B 2266 12.48 41.58 23.72
CA TYR B 2266 12.08 40.27 24.25
C TYR B 2266 12.31 39.15 23.26
N PRO B 2267 13.42 38.39 23.42
CA PRO B 2267 13.74 37.31 22.48
C PRO B 2267 12.64 36.27 22.27
N LEU B 2268 11.92 35.89 23.33
CA LEU B 2268 10.86 34.88 23.17
C LEU B 2268 9.72 35.40 22.30
N ALA B 2269 9.37 36.67 22.49
CA ALA B 2269 8.35 37.30 21.67
C ALA B 2269 8.81 37.38 20.23
N MET B 2270 10.07 37.77 20.03
CA MET B 2270 10.59 37.87 18.69
C MET B 2270 10.69 36.51 18.02
N GLN B 2271 11.01 35.47 18.78
CA GLN B 2271 11.03 34.10 18.24
C GLN B 2271 9.64 33.68 17.75
N PHE B 2272 8.62 34.06 18.50
CA PHE B 2272 7.25 33.80 18.07
C PHE B 2272 6.92 34.57 16.80
N ILE B 2273 7.17 35.88 16.82
CA ILE B 2273 6.83 36.76 15.70
C ILE B 2273 7.52 36.34 14.40
N SER B 2274 8.77 35.91 14.50
CA SER B 2274 9.54 35.53 13.32
C SER B 2274 9.01 34.28 12.60
N GLN B 2275 8.08 33.56 13.23
CA GLN B 2275 7.49 32.38 12.63
C GLN B 2275 6.40 32.77 11.63
N TYR B 2276 6.06 34.06 11.61
CA TYR B 2276 4.95 34.56 10.80
C TYR B 2276 5.43 35.59 9.80
N SER B 2277 4.92 35.50 8.56
CA SER B 2277 5.10 36.55 7.57
C SER B 2277 3.98 37.57 7.81
N PRO B 2278 4.16 38.80 7.30
CA PRO B 2278 3.08 39.81 7.44
C PRO B 2278 1.73 39.24 6.96
N GLU B 2279 1.73 38.48 5.86
CA GLU B 2279 0.49 37.96 5.31
C GLU B 2279 -0.22 36.97 6.25
N ASP B 2280 0.50 36.42 7.22
CA ASP B 2280 -0.08 35.49 8.17
C ASP B 2280 -0.76 36.18 9.34
N ILE B 2281 -0.65 37.50 9.42
CA ILE B 2281 -1.13 38.23 10.58
C ILE B 2281 -2.18 39.24 10.13
N VAL B 2282 -3.27 39.34 10.90
CA VAL B 2282 -4.28 40.36 10.63
C VAL B 2282 -4.57 41.17 11.88
N THR B 2283 -5.07 42.39 11.69
CA THR B 2283 -5.73 43.12 12.76
C THR B 2283 -7.22 43.10 12.49
N ALA B 2284 -7.97 42.46 13.38
CA ALA B 2284 -9.43 42.52 13.33
C ALA B 2284 -9.83 43.80 14.02
N GLN B 2285 -10.36 44.74 13.24
CA GLN B 2285 -10.74 46.03 13.76
C GLN B 2285 -12.18 45.92 14.26
N ILE B 2286 -12.33 45.41 15.48
CA ILE B 2286 -13.63 45.07 16.01
C ILE B 2286 -14.38 46.34 16.42
N GLU B 2287 -15.56 46.56 15.85
CA GLU B 2287 -16.40 47.69 16.25
C GLU B 2287 -16.90 47.48 17.67
N GLY B 2288 -16.79 48.51 18.50
CA GLY B 2288 -17.13 48.36 19.91
C GLY B 2288 -18.59 48.55 20.28
N SER B 2289 -19.38 49.10 19.36
CA SER B 2289 -20.81 49.18 19.59
C SER B 2289 -21.43 47.83 19.22
N SER B 2290 -22.18 47.22 20.13
CA SER B 2290 -22.76 45.89 19.84
C SER B 2290 -23.52 45.90 18.53
N GLY B 2291 -23.44 44.80 17.79
CA GLY B 2291 -24.12 44.68 16.51
C GLY B 2291 -25.62 44.43 16.62
N ALA B 2292 -26.08 44.10 17.83
CA ALA B 2292 -27.48 43.79 18.04
C ALA B 2292 -27.99 44.49 19.29
N LEU B 2293 -29.29 44.81 19.27
CA LEU B 2293 -29.96 45.30 20.45
C LEU B 2293 -29.89 44.26 21.56
N TRP B 2294 -29.82 44.76 22.80
CA TRP B 2294 -29.90 43.88 23.95
C TRP B 2294 -31.35 43.40 24.04
N ARG B 2295 -31.50 42.09 24.14
CA ARG B 2295 -32.79 41.41 23.96
C ARG B 2295 -33.32 40.90 25.28
N ILE B 2296 -32.67 41.30 26.37
CA ILE B 2296 -33.04 40.82 27.69
C ILE B 2296 -34.49 41.17 28.01
N SER B 2297 -35.06 40.35 28.87
CA SER B 2297 -36.34 40.59 29.47
C SER B 2297 -36.25 41.50 30.71
N PRO B 2298 -37.20 42.39 30.92
CA PRO B 2298 -37.09 43.31 32.06
C PRO B 2298 -36.54 42.68 33.34
N PRO B 2299 -37.21 41.53 33.80
CA PRO B 2299 -36.69 41.01 35.08
C PRO B 2299 -35.30 40.45 34.86
N SER B 2300 -35.15 39.77 33.72
CA SER B 2300 -33.85 39.26 33.28
C SER B 2300 -32.91 40.44 33.32
N ARG B 2301 -33.65 41.52 33.29
CA ARG B 2301 -32.89 42.75 33.52
C ARG B 2301 -32.93 43.13 34.98
N ALA B 2302 -34.11 43.02 35.59
CA ALA B 2302 -34.25 43.28 37.02
C ALA B 2302 -33.44 42.28 37.86
N GLN B 2303 -33.47 41.01 37.44
CA GLN B 2303 -32.72 39.97 38.15
C GLN B 2303 -31.22 40.24 38.07
N MET B 2304 -30.76 40.65 36.88
CA MET B 2304 -29.35 40.97 36.69
C MET B 2304 -28.91 42.15 37.57
N LYS B 2305 -29.69 43.21 37.60
CA LYS B 2305 -29.36 44.35 38.45
C LYS B 2305 -29.28 43.92 39.91
N GLN B 2306 -30.27 43.15 40.34
CA GLN B 2306 -30.31 42.65 41.70
C GLN B 2306 -29.13 41.72 42.03
N GLU B 2307 -28.78 40.85 41.09
CA GLU B 2307 -27.66 39.95 41.32
C GLU B 2307 -26.34 40.70 41.41
N LEU B 2308 -26.15 41.67 40.51
CA LEU B 2308 -24.94 42.49 40.53
C LEU B 2308 -24.79 43.21 41.87
N TYR B 2309 -25.86 43.85 42.34
CA TYR B 2309 -25.81 44.57 43.62
C TYR B 2309 -25.77 43.65 44.85
N ASN B 2310 -26.67 42.67 44.90
CA ASN B 2310 -26.96 41.97 46.15
C ASN B 2310 -26.48 40.53 46.21
N GLY B 2311 -26.04 40.00 45.07
CA GLY B 2311 -25.62 38.62 45.01
C GLY B 2311 -24.49 38.33 45.96
N THR B 2312 -24.52 37.14 46.56
CA THR B 2312 -23.46 36.72 47.48
C THR B 2312 -22.47 35.75 46.83
N ALA B 2313 -22.69 35.40 45.56
CA ALA B 2313 -21.77 34.55 44.83
C ALA B 2313 -21.04 35.37 43.78
N ASP B 2314 -19.95 34.81 43.25
CA ASP B 2314 -19.30 35.41 42.10
C ASP B 2314 -20.27 35.45 40.92
N ILE B 2315 -20.00 36.35 39.98
CA ILE B 2315 -20.70 36.33 38.70
C ILE B 2315 -19.64 36.31 37.60
N THR B 2316 -19.83 35.48 36.59
CA THR B 2316 -18.83 35.33 35.54
C THR B 2316 -19.02 36.37 34.44
N LEU B 2317 -17.92 37.01 34.03
CA LEU B 2317 -17.90 37.85 32.84
C LEU B 2317 -17.01 37.18 31.80
N ARG B 2318 -17.57 36.90 30.63
CA ARG B 2318 -16.89 36.09 29.62
C ARG B 2318 -16.72 36.88 28.34
N PHE B 2319 -15.48 36.91 27.84
CA PHE B 2319 -15.19 37.49 26.53
C PHE B 2319 -14.78 36.34 25.62
N THR B 2320 -15.54 36.12 24.55
CA THR B 2320 -15.27 35.02 23.64
C THR B 2320 -14.78 35.51 22.28
N TRP B 2321 -14.02 34.67 21.60
CA TRP B 2321 -13.64 34.93 20.21
C TRP B 2321 -13.75 33.63 19.41
N ASN B 2322 -14.13 33.76 18.14
CA ASN B 2322 -14.31 32.60 17.26
C ASN B 2322 -13.90 33.06 15.87
N PHE B 2323 -12.88 32.42 15.32
CA PHE B 2323 -12.36 32.82 14.02
C PHE B 2323 -12.76 31.78 12.98
N GLN B 2324 -13.41 32.24 11.92
CA GLN B 2324 -13.81 31.39 10.80
C GLN B 2324 -12.79 31.48 9.69
N ARG B 2325 -12.44 30.33 9.11
CA ARG B 2325 -11.49 30.25 8.01
C ARG B 2325 -12.16 29.61 6.81
N ASP B 2326 -11.57 29.84 5.64
CA ASP B 2326 -12.08 29.29 4.38
C ASP B 2326 -11.37 27.97 4.04
N LEU B 2327 -12.10 26.86 4.20
CA LEU B 2327 -11.53 25.52 3.97
C LEU B 2327 -11.20 25.27 2.50
N ALA B 2328 -11.81 26.05 1.61
CA ALA B 2328 -11.56 25.90 0.18
C ALA B 2328 -10.10 26.18 -0.18
N LYS B 2329 -9.41 26.96 0.65
CA LYS B 2329 -8.00 27.28 0.44
C LYS B 2329 -7.08 26.21 1.03
N GLY B 2330 -7.62 25.41 1.94
CA GLY B 2330 -6.83 24.40 2.63
C GLY B 2330 -7.24 24.31 4.09
N GLY B 2331 -6.59 23.42 4.83
CA GLY B 2331 -6.92 23.24 6.23
C GLY B 2331 -8.10 22.31 6.43
N THR B 2332 -8.32 21.92 7.68
CA THR B 2332 -9.36 20.96 8.02
C THR B 2332 -10.35 21.47 9.07
N VAL B 2333 -9.93 22.47 9.85
CA VAL B 2333 -10.75 22.98 10.95
C VAL B 2333 -11.25 24.40 10.67
N GLU B 2334 -12.54 24.52 10.37
CA GLU B 2334 -13.10 25.81 9.95
C GLU B 2334 -13.03 26.89 11.02
N TYR B 2335 -13.46 26.55 12.24
CA TYR B 2335 -13.53 27.51 13.33
C TYR B 2335 -12.49 27.20 14.38
N THR B 2336 -11.81 28.23 14.87
CA THR B 2336 -10.91 28.08 16.00
C THR B 2336 -11.28 29.17 17.01
N ASN B 2337 -11.31 28.83 18.28
CA ASN B 2337 -11.91 29.72 19.27
C ASN B 2337 -11.39 29.48 20.68
N GLU B 2338 -11.72 30.40 21.57
CA GLU B 2338 -11.47 30.25 23.00
C GLU B 2338 -12.17 31.40 23.70
N LYS B 2339 -11.95 31.51 25.00
CA LYS B 2339 -12.58 32.56 25.78
C LYS B 2339 -11.70 32.95 26.94
N HIS B 2340 -11.97 34.13 27.49
CA HIS B 2340 -11.34 34.59 28.71
C HIS B 2340 -12.45 34.92 29.67
N THR B 2341 -12.37 34.42 30.90
CA THR B 2341 -13.40 34.70 31.88
C THR B 2341 -12.81 35.40 33.10
N LEU B 2342 -13.63 36.24 33.73
CA LEU B 2342 -13.28 36.88 34.98
C LEU B 2342 -14.42 36.62 35.96
N GLU B 2343 -14.09 36.29 37.20
CA GLU B 2343 -15.12 36.18 38.23
C GLU B 2343 -15.23 37.48 38.99
N LEU B 2344 -16.34 38.18 38.81
CA LEU B 2344 -16.57 39.44 39.52
C LEU B 2344 -17.06 39.14 40.94
N ALA B 2345 -16.24 39.48 41.94
CA ALA B 2345 -16.57 39.19 43.33
C ALA B 2345 -17.78 39.99 43.81
N PRO B 2346 -18.57 39.39 44.74
CA PRO B 2346 -19.70 40.09 45.36
C PRO B 2346 -19.26 41.42 45.98
N ASN B 2347 -20.07 42.47 45.81
CA ASN B 2347 -19.77 43.79 46.38
C ASN B 2347 -18.52 44.47 45.84
N SER B 2348 -17.90 43.91 44.80
CA SER B 2348 -16.71 44.52 44.23
C SER B 2348 -17.08 45.82 43.52
N THR B 2349 -16.11 46.72 43.41
CA THR B 2349 -16.38 48.03 42.82
C THR B 2349 -16.89 47.94 41.38
N ALA B 2350 -16.22 47.16 40.55
CA ALA B 2350 -16.62 47.02 39.15
C ALA B 2350 -18.03 46.44 39.02
N ARG B 2351 -18.36 45.48 39.89
CA ARG B 2351 -19.67 44.87 39.87
C ARG B 2351 -20.77 45.88 40.21
N ARG B 2352 -20.54 46.67 41.25
CA ARG B 2352 -21.53 47.69 41.61
C ARG B 2352 -21.63 48.77 40.54
N GLN B 2353 -20.50 49.13 39.95
CA GLN B 2353 -20.48 50.16 38.92
C GLN B 2353 -21.18 49.69 37.65
N LEU B 2354 -21.03 48.40 37.31
CA LEU B 2354 -21.75 47.84 36.18
C LEU B 2354 -23.26 47.87 36.43
N ALA B 2355 -23.66 47.49 37.65
CA ALA B 2355 -25.08 47.54 38.02
C ALA B 2355 -25.64 48.96 37.89
N GLN B 2356 -24.85 49.93 38.34
CA GLN B 2356 -25.23 51.34 38.25
C GLN B 2356 -25.52 51.80 36.82
N LEU B 2357 -24.84 51.20 35.84
CA LEU B 2357 -25.04 51.61 34.46
C LEU B 2357 -26.48 51.39 34.01
N LEU B 2358 -27.14 50.39 34.61
CA LEU B 2358 -28.52 50.07 34.24
C LEU B 2358 -29.49 51.20 34.58
N GLU B 2359 -29.09 52.13 35.46
CA GLU B 2359 -29.98 53.21 35.80
C GLU B 2359 -30.15 54.20 34.65
N GLY B 2360 -29.22 54.17 33.70
CA GLY B 2360 -29.41 54.91 32.46
C GLY B 2360 -28.86 56.32 32.43
N ARG B 2361 -27.90 56.61 33.29
CA ARG B 2361 -27.17 57.87 33.20
C ARG B 2361 -26.08 57.75 32.13
N PRO B 2362 -26.25 58.47 31.00
CA PRO B 2362 -25.46 58.23 29.79
C PRO B 2362 -23.95 58.50 29.92
N ASP B 2363 -23.56 59.33 30.88
CA ASP B 2363 -22.16 59.72 31.05
C ASP B 2363 -21.37 58.68 31.83
N GLN B 2364 -22.07 57.72 32.43
CA GLN B 2364 -21.40 56.77 33.30
C GLN B 2364 -20.81 55.57 32.54
N SER B 2365 -19.78 54.98 33.13
CA SER B 2365 -19.12 53.83 32.55
C SER B 2365 -18.48 53.00 33.63
N VAL B 2366 -18.04 51.79 33.28
CA VAL B 2366 -17.24 50.98 34.19
C VAL B 2366 -16.02 50.45 33.44
N VAL B 2367 -14.89 50.40 34.12
CA VAL B 2367 -13.70 49.79 33.56
C VAL B 2367 -13.52 48.40 34.16
N ILE B 2368 -13.38 47.41 33.28
CA ILE B 2368 -13.04 46.06 33.68
C ILE B 2368 -11.58 45.81 33.31
N PRO B 2369 -10.69 45.70 34.31
CA PRO B 2369 -9.29 45.47 33.98
C PRO B 2369 -9.07 44.08 33.37
N HIS B 2370 -8.07 43.97 32.51
CA HIS B 2370 -7.55 42.67 32.09
C HIS B 2370 -8.59 41.77 31.42
N LEU B 2371 -9.36 42.36 30.51
CA LEU B 2371 -10.46 41.68 29.85
C LEU B 2371 -10.16 41.27 28.40
N PHE B 2372 -9.38 42.08 27.70
CA PHE B 2372 -9.21 41.91 26.25
C PHE B 2372 -7.82 41.38 25.92
N PRO B 2373 -7.73 40.12 25.47
CA PRO B 2373 -6.40 39.64 25.04
C PRO B 2373 -6.12 40.13 23.62
N LYS B 2374 -5.19 41.08 23.49
CA LYS B 2374 -4.95 41.67 22.19
C LYS B 2374 -4.34 40.73 21.16
N TYR B 2375 -3.42 39.86 21.60
CA TYR B 2375 -2.68 39.01 20.69
C TYR B 2375 -3.12 37.58 20.83
N ILE B 2376 -3.68 37.03 19.77
CA ILE B 2376 -4.22 35.67 19.79
C ILE B 2376 -3.72 34.87 18.59
N ARG B 2377 -3.42 33.60 18.80
CA ARG B 2377 -3.03 32.70 17.72
C ARG B 2377 -4.24 31.96 17.18
N ALA B 2378 -4.30 31.81 15.86
CA ALA B 2378 -5.36 31.06 15.19
C ALA B 2378 -4.69 29.92 14.47
N PRO B 2379 -4.50 28.80 15.18
CA PRO B 2379 -3.68 27.72 14.64
C PRO B 2379 -4.51 26.82 13.76
N ASN B 2380 -3.91 25.74 13.29
CA ASN B 2380 -4.64 24.80 12.44
C ASN B 2380 -5.78 24.11 13.18
N GLY B 2381 -5.60 23.90 14.48
CA GLY B 2381 -6.57 23.22 15.31
C GLY B 2381 -7.63 24.15 15.87
N PRO B 2382 -8.58 23.61 16.64
CA PRO B 2382 -9.78 24.35 17.06
C PRO B 2382 -9.63 25.24 18.30
N GLU B 2383 -8.45 25.27 18.90
CA GLU B 2383 -8.24 26.04 20.12
C GLU B 2383 -7.31 27.21 19.82
N ALA B 2384 -7.82 28.42 20.00
CA ALA B 2384 -7.11 29.65 19.66
C ALA B 2384 -6.73 30.38 20.93
N ASN B 2385 -5.53 30.16 21.43
CA ASN B 2385 -5.15 30.76 22.70
C ASN B 2385 -4.46 32.11 22.56
N PRO B 2386 -4.65 32.99 23.56
CA PRO B 2386 -3.84 34.21 23.57
C PRO B 2386 -2.36 33.84 23.57
N VAL B 2387 -1.54 34.63 22.87
CA VAL B 2387 -0.12 34.29 22.73
C VAL B 2387 0.64 34.61 24.02
N LYS B 2388 1.08 33.58 24.73
CA LYS B 2388 1.81 33.78 25.97
C LYS B 2388 3.14 34.48 25.74
N GLN B 2389 3.80 34.19 24.62
CA GLN B 2389 5.10 34.82 24.36
C GLN B 2389 5.01 36.34 24.23
N LEU B 2390 3.84 36.85 23.86
CA LEU B 2390 3.63 38.28 23.74
C LEU B 2390 2.91 38.84 24.96
N GLN B 2391 2.29 37.94 25.72
CA GLN B 2391 1.58 38.27 26.95
C GLN B 2391 2.00 37.33 28.08
N PRO B 2392 3.28 37.43 28.49
CA PRO B 2392 3.85 36.41 29.40
C PRO B 2392 3.25 36.38 30.80
N ASP B 2393 2.69 37.49 31.26
CA ASP B 2393 2.01 37.50 32.54
C ASP B 2393 0.53 37.16 32.39
N GLU B 2394 0.19 36.61 31.23
CA GLU B 2394 -1.15 36.09 30.96
C GLU B 2394 -2.23 37.14 31.16
N GLU B 2395 -3.22 36.87 32.01
CA GLU B 2395 -4.33 37.82 32.15
C GLU B 2395 -3.88 39.22 32.58
N GLU B 2396 -2.78 39.31 33.32
CA GLU B 2396 -2.26 40.61 33.75
C GLU B 2396 -1.81 41.46 32.56
N ASP B 2397 -1.56 40.79 31.42
CA ASP B 2397 -1.18 41.48 30.20
C ASP B 2397 -2.35 41.75 29.25
N TYR B 2398 -3.55 41.37 29.64
CA TYR B 2398 -4.73 41.65 28.83
C TYR B 2398 -5.17 43.09 29.09
N LEU B 2399 -5.85 43.70 28.13
CA LEU B 2399 -6.15 45.12 28.21
C LEU B 2399 -7.47 45.40 28.94
N GLY B 2400 -7.52 46.51 29.66
CA GLY B 2400 -8.75 46.96 30.28
C GLY B 2400 -9.76 47.43 29.26
N VAL B 2401 -11.04 47.23 29.59
CA VAL B 2401 -12.14 47.57 28.71
C VAL B 2401 -13.14 48.46 29.44
N ARG B 2402 -13.49 49.58 28.82
CA ARG B 2402 -14.49 50.50 29.37
C ARG B 2402 -15.83 50.16 28.74
N ILE B 2403 -16.84 49.95 29.59
CA ILE B 2403 -18.17 49.53 29.16
C ILE B 2403 -19.20 50.62 29.43
N GLN B 2404 -20.09 50.83 28.48
CA GLN B 2404 -21.19 51.79 28.63
C GLN B 2404 -22.47 51.21 28.07
N LEU B 2405 -23.59 51.69 28.59
CA LEU B 2405 -24.91 51.31 28.11
C LEU B 2405 -25.52 52.47 27.33
N ARG B 2406 -25.89 52.21 26.08
CA ARG B 2406 -26.55 53.20 25.22
C ARG B 2406 -28.04 52.95 25.20
N ARG B 2407 -28.82 54.00 25.32
CA ARG B 2407 -30.27 53.87 25.36
C ARG B 2407 -30.95 55.17 24.98
N GLU B 2408 -31.83 55.10 24.00
CA GLU B 2408 -32.52 56.26 23.51
C GLU B 2408 -33.93 55.89 23.08
N GLN B 2409 -34.81 56.83 23.36
CA GLN B 2409 -36.22 56.82 23.05
C GLN B 2409 -36.40 56.54 21.49
N VAL B 2410 -37.63 56.52 20.98
CA VAL B 2410 -38.86 56.71 21.73
C VAL B 2410 -39.34 58.27 21.82
N GLY B 2411 -39.97 58.61 22.92
CA GLY B 2411 -40.31 60.00 23.17
C GLY B 2411 -40.92 60.68 21.96
N SER B 2424 -38.00 56.60 30.12
CA SER B 2424 -38.37 55.35 30.76
C SER B 2424 -37.62 54.17 30.17
N ASP B 2425 -38.23 53.53 29.17
CA ASP B 2425 -37.63 52.38 28.51
C ASP B 2425 -37.49 52.58 27.01
N PHE B 2426 -36.26 52.63 26.53
CA PHE B 2426 -35.98 52.82 25.10
C PHE B 2426 -34.86 51.88 24.68
N LEU B 2427 -34.98 51.31 23.47
CA LEU B 2427 -33.96 50.38 22.98
C LEU B 2427 -32.67 50.48 23.80
N GLU B 2428 -32.02 49.34 24.01
CA GLU B 2428 -30.75 49.32 24.72
C GLU B 2428 -29.71 48.51 23.96
N TRP B 2429 -28.47 48.99 23.97
CA TRP B 2429 -27.34 48.21 23.49
C TRP B 2429 -26.08 48.64 24.20
N TRP B 2430 -25.10 47.74 24.25
CA TRP B 2430 -23.89 47.99 25.00
C TRP B 2430 -22.76 48.39 24.07
N VAL B 2431 -21.86 49.23 24.59
CA VAL B 2431 -20.71 49.71 23.84
C VAL B 2431 -19.47 49.47 24.69
N ILE B 2432 -18.46 48.85 24.08
CA ILE B 2432 -17.20 48.65 24.75
C ILE B 2432 -16.09 49.40 24.00
N GLU B 2433 -15.05 49.77 24.73
CA GLU B 2433 -13.85 50.38 24.14
C GLU B 2433 -12.65 49.97 24.97
N LEU B 2434 -11.47 49.99 24.38
CA LEU B 2434 -10.27 49.75 25.16
C LEU B 2434 -10.10 50.94 26.11
N GLN B 2435 -9.75 50.64 27.36
CA GLN B 2435 -9.61 51.67 28.38
C GLN B 2435 -8.65 52.77 27.93
N ASP B 2436 -7.57 52.37 27.27
CA ASP B 2436 -6.56 53.34 26.87
C ASP B 2436 -6.63 53.72 25.39
N CYS B 2437 -7.81 53.61 24.78
CA CYS B 2437 -7.96 53.99 23.38
C CYS B 2437 -7.65 55.48 23.19
N LYS B 2438 -7.02 55.80 22.06
CA LYS B 2438 -6.63 57.18 21.78
C LYS B 2438 -7.27 57.68 20.49
N ALA B 2439 -6.82 57.17 19.35
CA ALA B 2439 -7.24 57.72 18.06
C ALA B 2439 -8.53 57.11 17.53
N ASP B 2440 -8.82 55.87 17.89
CA ASP B 2440 -9.95 55.17 17.32
C ASP B 2440 -10.70 54.40 18.39
N CYS B 2441 -11.35 55.12 19.29
CA CYS B 2441 -12.04 54.47 20.39
C CYS B 2441 -13.21 53.57 19.97
N ASN B 2442 -13.69 53.75 18.75
CA ASN B 2442 -14.74 52.87 18.24
C ASN B 2442 -14.24 51.45 17.90
N LEU B 2443 -12.92 51.27 17.86
CA LEU B 2443 -12.32 50.00 17.41
C LEU B 2443 -11.54 49.33 18.52
N LEU B 2444 -11.66 48.01 18.59
CA LEU B 2444 -10.85 47.20 19.50
C LEU B 2444 -9.99 46.28 18.64
N PRO B 2445 -8.75 46.70 18.38
CA PRO B 2445 -7.94 45.92 17.42
C PRO B 2445 -7.34 44.66 18.02
N MET B 2446 -7.77 43.53 17.49
CA MET B 2446 -7.28 42.24 17.93
C MET B 2446 -6.32 41.72 16.87
N VAL B 2447 -5.10 41.42 17.29
CA VAL B 2447 -4.04 40.97 16.38
C VAL B 2447 -3.98 39.45 16.38
N ILE B 2448 -4.16 38.86 15.21
CA ILE B 2448 -4.34 37.43 15.08
C ILE B 2448 -3.27 36.83 14.18
N PHE B 2449 -2.51 35.87 14.73
CA PHE B 2449 -1.44 35.20 14.02
C PHE B 2449 -1.94 33.84 13.58
N SER B 2450 -2.04 33.63 12.27
CA SER B 2450 -2.58 32.38 11.75
C SER B 2450 -1.50 31.50 11.14
N ASP B 2451 -1.34 30.30 11.68
CA ASP B 2451 -0.43 29.33 11.08
C ASP B 2451 -0.89 29.00 9.65
N LYS B 2452 0.06 28.80 8.75
CA LYS B 2452 -0.30 28.40 7.39
C LYS B 2452 -0.91 27.00 7.38
N VAL B 2453 -1.62 26.68 6.29
CA VAL B 2453 -2.22 25.35 6.14
C VAL B 2453 -1.77 24.68 4.85
N SER B 2454 -1.93 23.37 4.74
CA SER B 2454 -1.52 22.67 3.52
C SER B 2454 -2.59 21.66 3.16
N PRO B 2455 -2.75 21.33 1.88
CA PRO B 2455 -3.85 20.39 1.58
C PRO B 2455 -3.65 18.99 2.13
N PRO B 2456 -2.45 18.42 2.00
CA PRO B 2456 -2.21 17.05 2.44
C PRO B 2456 -1.04 16.88 3.40
N SER B 2457 -1.29 16.23 4.54
CA SER B 2457 -0.23 15.87 5.48
C SER B 2457 0.76 14.87 4.87
N LEU B 2458 0.25 13.94 4.09
CA LEU B 2458 1.09 12.93 3.46
C LEU B 2458 1.28 11.67 4.31
N GLY B 2459 2.34 11.64 5.10
CA GLY B 2459 2.75 10.45 5.84
C GLY B 2459 1.69 9.97 6.83
N PHE B 2460 1.03 10.91 7.49
CA PHE B 2460 0.05 10.54 8.51
C PHE B 2460 0.76 9.77 9.64
N LEU B 2461 0.26 8.59 9.98
CA LEU B 2461 0.83 7.85 11.11
C LEU B 2461 2.28 7.52 10.83
N ALA B 2462 3.12 7.66 11.86
CA ALA B 2462 4.55 7.46 11.73
C ALA B 2462 4.92 6.03 11.34
N GLY B 2463 4.23 5.06 11.93
CA GLY B 2463 4.53 3.66 11.68
C GLY B 2463 4.32 3.28 10.22
N TYR B 2464 3.23 3.78 9.63
CA TYR B 2464 2.92 3.47 8.24
C TYR B 2464 3.99 4.02 7.30
N GLY B 2465 4.45 5.24 7.56
CA GLY B 2465 5.48 5.86 6.74
C GLY B 2465 6.79 5.08 6.83
N ILE B 2466 7.14 4.65 8.04
CA ILE B 2466 8.35 3.87 8.26
C ILE B 2466 8.28 2.54 7.52
N VAL B 2467 7.12 1.90 7.57
CA VAL B 2467 6.93 0.61 6.94
C VAL B 2467 7.11 0.69 5.42
N GLY B 2468 6.59 1.75 4.82
CA GLY B 2468 6.68 1.92 3.38
C GLY B 2468 8.14 2.04 2.95
N LEU B 2469 8.91 2.80 3.72
CA LEU B 2469 10.34 2.94 3.45
C LEU B 2469 11.03 1.59 3.58
N TYR B 2470 10.65 0.84 4.62
CA TYR B 2470 11.19 -0.49 4.84
C TYR B 2470 10.81 -1.41 3.70
N VAL B 2471 9.56 -1.30 3.25
CA VAL B 2471 9.08 -2.07 2.12
C VAL B 2471 9.85 -1.66 0.88
N SER B 2472 10.08 -0.36 0.75
CA SER B 2472 10.84 0.19 -0.35
C SER B 2472 12.27 -0.34 -0.29
N ILE B 2473 12.81 -0.41 0.92
CA ILE B 2473 14.17 -0.89 1.10
C ILE B 2473 14.16 -2.41 1.19
N VAL B 2474 13.16 -2.93 1.90
CA VAL B 2474 12.98 -4.37 2.02
C VAL B 2474 12.55 -4.95 0.68
N LEU B 2475 11.43 -4.44 0.16
CA LEU B 2475 10.93 -4.88 -1.15
C LEU B 2475 12.07 -4.81 -2.18
N VAL B 2476 12.75 -3.68 -2.15
CA VAL B 2476 13.88 -3.41 -3.05
C VAL B 2476 14.95 -4.49 -2.89
N VAL B 2477 15.25 -4.77 -1.64
CA VAL B 2477 16.26 -5.77 -1.25
C VAL B 2477 15.89 -7.13 -1.83
N GLY B 2478 14.62 -7.46 -1.64
CA GLY B 2478 14.04 -8.73 -2.12
C GLY B 2478 14.23 -8.85 -3.63
N LYS B 2479 13.86 -7.80 -4.37
CA LYS B 2479 14.02 -7.81 -5.81
C LYS B 2479 15.50 -7.88 -6.18
N PHE B 2480 16.33 -7.11 -5.49
CA PHE B 2480 17.77 -7.13 -5.71
C PHE B 2480 18.35 -8.50 -5.35
N VAL B 2481 17.88 -9.04 -4.23
CA VAL B 2481 18.32 -10.34 -3.74
C VAL B 2481 17.96 -11.44 -4.73
N ARG B 2482 16.78 -11.30 -5.34
CA ARG B 2482 16.19 -12.35 -6.15
C ARG B 2482 17.02 -12.75 -7.37
N GLY B 2483 17.61 -11.77 -8.05
CA GLY B 2483 18.34 -12.08 -9.28
C GLY B 2483 19.52 -13.02 -9.02
N PHE B 2484 20.29 -12.74 -7.98
CA PHE B 2484 21.31 -13.67 -7.51
C PHE B 2484 22.39 -13.89 -8.57
N PHE B 2485 23.09 -15.02 -8.44
CA PHE B 2485 23.98 -15.50 -9.49
C PHE B 2485 23.68 -16.97 -9.81
N SER B 2486 23.43 -17.27 -11.08
CA SER B 2486 23.20 -18.65 -11.50
C SER B 2486 24.50 -19.35 -11.89
N GLU B 2487 25.32 -19.68 -10.90
CA GLU B 2487 26.63 -20.27 -11.18
C GLU B 2487 26.53 -21.64 -11.87
N ILE B 2488 25.62 -22.49 -11.39
CA ILE B 2488 25.45 -23.82 -11.95
C ILE B 2488 24.97 -23.79 -13.41
N SER B 2489 23.95 -22.97 -13.66
CA SER B 2489 23.41 -22.83 -15.01
C SER B 2489 24.44 -22.22 -15.94
N HIS B 2490 25.16 -21.24 -15.44
CA HIS B 2490 26.16 -20.52 -16.23
C HIS B 2490 27.30 -21.43 -16.66
N SER B 2491 27.74 -22.31 -15.77
CA SER B 2491 28.89 -23.15 -16.06
C SER B 2491 28.60 -24.06 -17.24
N ILE B 2492 27.41 -24.67 -17.26
CA ILE B 2492 27.02 -25.50 -18.39
C ILE B 2492 26.90 -24.67 -19.66
N MET B 2493 26.26 -23.50 -19.54
CA MET B 2493 26.09 -22.61 -20.68
C MET B 2493 27.40 -22.05 -21.22
N PHE B 2494 28.28 -21.65 -20.31
CA PHE B 2494 29.54 -21.01 -20.69
C PHE B 2494 30.46 -21.91 -21.50
N GLU B 2495 30.55 -23.16 -21.08
CA GLU B 2495 31.46 -24.11 -21.71
C GLU B 2495 31.10 -24.37 -23.16
N GLU B 2496 29.80 -24.49 -23.44
CA GLU B 2496 29.34 -24.83 -24.78
C GLU B 2496 29.71 -23.78 -25.82
N LEU B 2497 29.57 -22.51 -25.48
CA LEU B 2497 29.85 -21.46 -26.45
C LEU B 2497 31.32 -21.46 -26.86
N PRO B 2498 32.19 -21.46 -25.86
CA PRO B 2498 33.61 -21.66 -26.09
C PRO B 2498 33.83 -23.08 -26.60
N CYS B 2499 33.10 -24.02 -25.99
CA CYS B 2499 33.23 -25.44 -26.28
C CYS B 2499 32.72 -25.85 -27.65
N VAL B 2500 33.39 -26.84 -28.25
CA VAL B 2500 32.94 -27.45 -29.49
C VAL B 2500 31.69 -28.27 -29.21
N ASP B 2501 30.84 -28.42 -30.22
CA ASP B 2501 29.59 -29.15 -30.05
C ASP B 2501 29.85 -30.59 -29.65
N ARG B 2502 30.84 -31.21 -30.28
CA ARG B 2502 31.21 -32.58 -29.94
C ARG B 2502 31.69 -32.64 -28.49
N ILE B 2503 32.58 -31.70 -28.15
CA ILE B 2503 33.08 -31.59 -26.78
C ILE B 2503 31.91 -31.23 -25.89
N LEU B 2504 31.08 -30.32 -26.38
CA LEU B 2504 29.87 -29.93 -25.70
C LEU B 2504 28.97 -31.14 -25.59
N LYS B 2505 28.92 -31.93 -26.66
CA LYS B 2505 28.09 -33.12 -26.68
C LYS B 2505 28.55 -34.10 -25.61
N LEU B 2506 29.86 -34.26 -25.48
CA LEU B 2506 30.39 -35.08 -24.40
C LEU B 2506 30.01 -34.40 -23.10
N CYS B 2507 30.15 -33.08 -23.09
CA CYS B 2507 29.67 -32.25 -22.01
C CYS B 2507 28.15 -32.32 -21.97
N GLN B 2508 27.54 -32.33 -23.15
CA GLN B 2508 26.09 -32.28 -23.33
C GLN B 2508 25.35 -33.47 -22.73
N ASP B 2509 25.94 -34.65 -22.83
CA ASP B 2509 25.24 -35.87 -22.45
C ASP B 2509 24.83 -35.92 -20.97
N ILE B 2510 25.71 -35.48 -20.08
CA ILE B 2510 25.41 -35.53 -18.65
C ILE B 2510 24.19 -34.67 -18.33
N PHE B 2511 24.16 -33.42 -18.95
CA PHE B 2511 22.93 -32.66 -18.68
C PHE B 2511 21.73 -33.20 -19.45
N LEU B 2512 20.54 -32.77 -19.04
CA LEU B 2512 19.29 -33.22 -19.63
C LEU B 2512 19.22 -32.83 -21.10
N VAL B 2513 19.98 -31.81 -21.47
CA VAL B 2513 19.94 -31.28 -22.83
C VAL B 2513 20.33 -32.36 -23.85
N ARG B 2514 21.30 -33.19 -23.50
CA ARG B 2514 21.68 -34.29 -24.36
C ARG B 2514 20.48 -35.21 -24.52
N GLU B 2515 19.75 -35.40 -23.42
CA GLU B 2515 18.52 -36.18 -23.44
C GLU B 2515 17.52 -35.52 -24.36
N THR B 2516 17.49 -34.19 -24.33
CA THR B 2516 16.59 -33.43 -25.17
C THR B 2516 16.92 -33.71 -26.63
N ARG B 2517 18.21 -33.83 -26.92
CA ARG B 2517 18.65 -34.17 -28.27
C ARG B 2517 18.09 -35.54 -28.60
N GLU B 2518 18.08 -36.42 -27.61
CA GLU B 2518 17.51 -37.75 -27.77
C GLU B 2518 16.03 -37.62 -28.10
N LEU B 2519 15.35 -36.68 -27.45
CA LEU B 2519 13.94 -36.45 -27.71
C LEU B 2519 13.79 -36.03 -29.16
N GLU B 2520 14.71 -35.19 -29.61
CA GLU B 2520 14.87 -34.90 -31.03
C GLU B 2520 14.47 -36.14 -31.82
N LEU B 2521 14.82 -37.30 -31.27
CA LEU B 2521 14.54 -38.57 -31.91
C LEU B 2521 13.03 -38.75 -32.09
N GLU B 2522 12.24 -38.30 -31.12
CA GLU B 2522 10.80 -38.40 -31.22
C GLU B 2522 10.34 -37.60 -32.44
N GLU B 2523 10.95 -36.43 -32.64
CA GLU B 2523 10.81 -35.70 -33.87
C GLU B 2523 10.42 -36.60 -35.06
N GLU B 2524 10.97 -37.81 -35.09
CA GLU B 2524 10.75 -38.70 -36.21
C GLU B 2524 9.26 -39.03 -36.37
N LEU B 2525 8.58 -39.25 -35.25
CA LEU B 2525 7.14 -39.47 -35.29
C LEU B 2525 6.43 -38.20 -35.71
N TYR B 2526 6.69 -37.13 -34.95
CA TYR B 2526 6.15 -35.81 -35.27
C TYR B 2526 6.11 -35.51 -36.77
N ALA B 2527 5.13 -34.70 -37.16
CA ALA B 2527 4.98 -34.32 -38.57
C ALA B 2527 6.19 -33.50 -39.01
N LYS B 2528 6.56 -33.66 -40.28
CA LYS B 2528 7.78 -33.05 -40.78
C LYS B 2528 7.78 -31.53 -40.70
N LEU B 2529 6.65 -30.90 -41.04
CA LEU B 2529 6.59 -29.45 -40.98
C LEU B 2529 6.80 -28.97 -39.55
N ILE B 2530 6.14 -29.63 -38.60
CA ILE B 2530 6.36 -29.35 -37.19
C ILE B 2530 7.76 -29.81 -36.82
N PHE B 2531 8.22 -30.84 -37.53
CA PHE B 2531 9.56 -31.39 -37.34
C PHE B 2531 10.61 -30.34 -37.68
N LEU B 2532 10.34 -29.57 -38.72
CA LEU B 2532 11.30 -28.60 -39.24
C LEU B 2532 11.65 -27.57 -38.18
N TYR B 2533 10.65 -27.13 -37.42
CA TYR B 2533 10.91 -26.17 -36.35
C TYR B 2533 11.86 -26.83 -35.35
N ARG B 2534 11.61 -28.10 -35.08
CA ARG B 2534 12.51 -28.90 -34.27
C ARG B 2534 13.86 -29.03 -34.98
N SER B 2535 13.79 -29.20 -36.30
CA SER B 2535 14.98 -29.39 -37.12
C SER B 2535 15.90 -28.17 -37.06
N PRO B 2536 15.31 -26.98 -37.04
CA PRO B 2536 16.08 -25.75 -36.94
C PRO B 2536 17.02 -25.84 -35.76
N GLU B 2537 16.58 -26.50 -34.70
CA GLU B 2537 17.39 -26.68 -33.51
C GLU B 2537 18.63 -27.49 -33.84
N THR B 2538 18.46 -28.51 -34.67
CA THR B 2538 19.58 -29.36 -35.05
C THR B 2538 20.62 -28.52 -35.78
N MET B 2539 20.14 -27.63 -36.64
CA MET B 2539 21.03 -26.70 -37.32
C MET B 2539 21.68 -25.83 -36.25
N ILE B 2540 20.87 -25.42 -35.29
CA ILE B 2540 21.38 -24.69 -34.13
C ILE B 2540 22.33 -25.60 -33.36
N LYS B 2541 21.95 -26.86 -33.25
CA LYS B 2541 22.78 -27.85 -32.58
C LYS B 2541 24.10 -28.01 -33.32
N TRP B 2542 24.01 -28.02 -34.64
CA TRP B 2542 25.21 -28.11 -35.47
C TRP B 2542 26.07 -26.87 -35.25
N THR B 2543 25.40 -25.72 -35.15
CA THR B 2543 26.09 -24.46 -34.87
C THR B 2543 26.75 -24.51 -33.50
N ARG B 2544 26.05 -25.10 -32.54
CA ARG B 2544 26.57 -25.23 -31.18
C ARG B 2544 28.01 -25.70 -31.19
N UNK C 201 -17.39 -63.50 17.43
CA UNK C 201 -16.00 -63.55 17.85
C UNK C 201 -15.17 -64.15 16.71
N UNK C 202 -15.78 -64.27 15.55
CA UNK C 202 -15.15 -64.88 14.38
C UNK C 202 -14.49 -63.82 13.50
N UNK C 203 -15.22 -62.74 13.23
CA UNK C 203 -14.71 -61.66 12.39
C UNK C 203 -13.42 -61.08 12.97
N UNK C 204 -13.43 -60.81 14.28
CA UNK C 204 -12.28 -60.25 14.96
C UNK C 204 -11.06 -61.15 14.80
N UNK C 205 -11.25 -62.45 15.03
CA UNK C 205 -10.17 -63.42 14.91
C UNK C 205 -9.56 -63.39 13.51
N UNK C 206 -10.41 -63.40 12.49
CA UNK C 206 -9.95 -63.37 11.11
C UNK C 206 -9.08 -62.15 10.84
N UNK C 207 -9.56 -61.00 11.27
CA UNK C 207 -8.83 -59.74 11.08
C UNK C 207 -7.43 -59.81 11.69
N UNK C 208 -7.36 -60.31 12.93
CA UNK C 208 -6.09 -60.43 13.64
C UNK C 208 -5.12 -61.30 12.86
N UNK C 209 -5.59 -62.45 12.40
CA UNK C 209 -4.76 -63.37 11.63
C UNK C 209 -4.18 -62.70 10.39
N UNK C 210 -5.03 -62.00 9.65
CA UNK C 210 -4.60 -61.31 8.44
C UNK C 210 -3.49 -60.31 8.74
N UNK C 211 -3.68 -59.52 9.78
CA UNK C 211 -2.69 -58.52 10.18
C UNK C 211 -1.34 -59.17 10.46
N UNK C 212 -1.36 -60.25 11.24
CA UNK C 212 -0.13 -60.97 11.59
C UNK C 212 0.61 -61.43 10.34
N UNK C 213 -0.12 -62.03 9.41
CA UNK C 213 0.46 -62.52 8.17
C UNK C 213 1.16 -61.40 7.40
N UNK C 214 0.48 -60.27 7.27
CA UNK C 214 1.02 -59.12 6.56
C UNK C 214 2.34 -58.67 7.18
N UNK C 215 2.36 -58.56 8.51
CA UNK C 215 3.56 -58.13 9.22
C UNK C 215 4.73 -59.06 8.94
N UNK C 216 4.48 -60.37 9.01
CA UNK C 216 5.51 -61.36 8.77
C UNK C 216 6.10 -61.20 7.37
N UNK C 217 5.24 -61.05 6.37
CA UNK C 217 5.67 -60.89 4.99
C UNK C 217 6.59 -59.68 4.84
N UNK C 218 6.19 -58.55 5.43
CA UNK C 218 6.96 -57.33 5.36
C UNK C 218 8.36 -57.53 5.94
N UNK C 219 8.43 -58.16 7.11
CA UNK C 219 9.70 -58.42 7.77
C UNK C 219 10.63 -59.24 6.88
N UNK C 220 10.09 -60.30 6.29
CA UNK C 220 10.87 -61.16 5.41
C UNK C 220 11.46 -60.38 4.25
N UNK C 221 10.63 -59.55 3.61
CA UNK C 221 11.07 -58.75 2.48
C UNK C 221 12.24 -57.84 2.87
N UNK C 222 12.11 -57.17 4.01
CA UNK C 222 13.14 -56.27 4.49
C UNK C 222 14.46 -57.00 4.67
N UNK C 223 14.40 -58.17 5.32
CA UNK C 223 15.60 -58.97 5.56
C UNK C 223 16.30 -59.32 4.25
N UNK C 224 15.52 -59.78 3.27
CA UNK C 224 16.07 -60.15 1.96
C UNK C 224 16.81 -58.95 1.34
N UNK C 225 16.13 -57.82 1.40
CA UNK C 225 16.64 -56.56 0.86
C UNK C 225 17.98 -56.20 1.53
N UNK C 226 17.96 -56.33 2.84
CA UNK C 226 19.14 -56.05 3.68
C UNK C 226 20.31 -56.92 3.25
N UNK C 227 20.00 -58.19 3.08
CA UNK C 227 20.98 -59.21 2.67
C UNK C 227 21.62 -58.81 1.33
N UNK C 228 20.73 -58.43 0.42
CA UNK C 228 21.13 -58.01 -0.94
C UNK C 228 22.10 -56.84 -0.86
N UNK C 229 21.72 -55.88 -0.03
CA UNK C 229 22.51 -54.66 0.20
C UNK C 229 23.91 -55.01 0.69
N UNK C 230 23.93 -55.91 1.66
CA UNK C 230 25.17 -56.41 2.28
C UNK C 230 26.08 -57.02 1.21
N UNK C 231 25.45 -57.85 0.39
CA UNK C 231 26.15 -58.55 -0.71
C UNK C 231 26.80 -57.53 -1.65
N UNK C 232 26.00 -56.53 -1.99
CA UNK C 232 26.43 -55.44 -2.89
C UNK C 232 27.66 -54.75 -2.31
N UNK C 233 27.57 -54.45 -1.02
CA UNK C 233 28.63 -53.78 -0.27
C UNK C 233 29.93 -54.60 -0.36
N UNK C 234 29.75 -55.88 -0.12
CA UNK C 234 30.86 -56.85 -0.14
C UNK C 234 31.55 -56.83 -1.51
N UNK C 235 30.72 -56.77 -2.55
CA UNK C 235 31.16 -56.81 -3.93
C UNK C 235 32.08 -55.63 -4.21
N UNK C 236 31.78 -54.51 -3.58
CA UNK C 236 32.64 -53.34 -3.66
C UNK C 236 33.99 -53.80 -3.14
N UNK C 237 33.94 -54.69 -2.14
CA UNK C 237 35.16 -55.32 -1.64
C UNK C 237 35.83 -56.11 -2.76
N UNK C 238 35.02 -56.80 -3.57
CA UNK C 238 35.54 -57.50 -4.73
C UNK C 238 36.14 -56.47 -5.67
N UNK C 239 35.45 -55.33 -5.79
CA UNK C 239 35.93 -54.21 -6.58
C UNK C 239 37.18 -53.63 -5.93
N UNK C 240 36.99 -52.62 -5.09
CA UNK C 240 38.11 -52.01 -4.38
C UNK C 240 39.01 -53.09 -3.79
N UNK C 241 38.37 -54.10 -3.19
CA UNK C 241 39.10 -55.20 -2.58
C UNK C 241 40.18 -55.74 -3.52
N UNK C 242 40.06 -55.39 -4.80
CA UNK C 242 41.01 -55.86 -5.81
C UNK C 242 42.35 -55.13 -5.72
N UNK C 243 42.30 -53.80 -5.76
CA UNK C 243 43.50 -52.98 -5.71
C UNK C 243 44.46 -53.46 -4.64
N UNK C 244 43.98 -53.53 -3.40
CA UNK C 244 44.79 -53.98 -2.28
C UNK C 244 44.10 -53.68 -0.96
N UNK C 245 44.80 -53.93 0.14
CA UNK C 245 44.25 -53.66 1.47
C UNK C 245 43.62 -52.27 1.49
N UNK C 246 44.45 -51.26 1.72
CA UNK C 246 43.98 -49.88 1.67
C UNK C 246 43.42 -49.60 0.29
N UNK C 247 43.97 -50.28 -0.71
CA UNK C 247 43.51 -50.14 -2.09
C UNK C 247 42.10 -50.70 -2.22
N UNK C 248 41.45 -50.90 -1.07
CA UNK C 248 40.09 -51.44 -1.04
C UNK C 248 39.42 -51.05 0.27
N UNK C 249 40.15 -50.34 1.12
CA UNK C 249 39.66 -49.94 2.43
C UNK C 249 38.22 -49.45 2.39
N UNK C 250 37.96 -48.41 1.60
CA UNK C 250 36.63 -47.80 1.58
C UNK C 250 35.61 -48.72 0.92
N UNK C 251 35.96 -49.27 -0.24
CA UNK C 251 35.13 -50.26 -0.92
C UNK C 251 35.10 -51.58 -0.14
N UNK C 252 36.26 -51.97 0.36
CA UNK C 252 36.46 -53.29 0.94
C UNK C 252 35.69 -53.58 2.21
N UNK C 253 35.60 -52.59 3.09
CA UNK C 253 35.23 -52.86 4.49
C UNK C 253 34.03 -51.99 4.87
N UNK C 254 34.14 -50.73 4.53
CA UNK C 254 33.10 -49.72 4.80
C UNK C 254 31.77 -50.15 4.17
N UNK C 255 31.88 -50.55 2.92
CA UNK C 255 30.73 -51.02 2.13
C UNK C 255 30.04 -52.20 2.83
N UNK C 256 30.88 -53.13 3.25
CA UNK C 256 30.43 -54.34 3.95
C UNK C 256 29.64 -53.96 5.22
N UNK C 257 30.24 -53.03 5.95
CA UNK C 257 29.66 -52.53 7.20
C UNK C 257 28.27 -51.94 6.94
N UNK C 258 28.17 -51.13 5.90
CA UNK C 258 26.89 -50.51 5.54
C UNK C 258 25.82 -51.56 5.28
N UNK C 259 26.17 -52.57 4.50
CA UNK C 259 25.24 -53.64 4.17
C UNK C 259 24.72 -54.33 5.43
N UNK C 260 25.63 -54.65 6.34
CA UNK C 260 25.27 -55.31 7.59
C UNK C 260 24.27 -54.48 8.38
N UNK C 261 24.55 -53.19 8.51
CA UNK C 261 23.67 -52.27 9.23
C UNK C 261 22.26 -52.28 8.65
N UNK C 262 22.18 -52.17 7.32
CA UNK C 262 20.89 -52.15 6.64
C UNK C 262 20.09 -53.42 6.95
N UNK C 263 20.75 -54.57 6.85
CA UNK C 263 20.10 -55.84 7.12
C UNK C 263 19.52 -55.89 8.53
N UNK C 264 20.32 -55.46 9.51
CA UNK C 264 19.89 -55.44 10.90
C UNK C 264 18.63 -54.60 11.07
N UNK C 265 18.64 -53.40 10.50
CA UNK C 265 17.50 -52.49 10.58
C UNK C 265 16.23 -53.14 10.04
N UNK C 266 16.34 -53.76 8.87
CA UNK C 266 15.21 -54.42 8.23
C UNK C 266 14.62 -55.50 9.15
N UNK C 267 15.49 -56.33 9.72
CA UNK C 267 15.06 -57.40 10.60
C UNK C 267 14.26 -56.85 11.79
N UNK C 268 14.81 -55.80 12.41
CA UNK C 268 14.15 -55.18 13.56
C UNK C 268 12.74 -54.69 13.20
N UNK C 269 12.63 -54.01 12.07
CA UNK C 269 11.34 -53.50 11.61
C UNK C 269 10.33 -54.62 11.46
N UNK C 270 10.74 -55.71 10.81
CA UNK C 270 9.87 -56.85 10.59
C UNK C 270 9.35 -57.41 11.91
N UNK C 271 10.26 -57.59 12.87
CA UNK C 271 9.89 -58.11 14.17
C UNK C 271 8.82 -57.25 14.84
N UNK C 272 9.05 -55.93 14.82
CA UNK C 272 8.12 -54.99 15.43
C UNK C 272 6.72 -55.12 14.82
N UNK C 273 6.67 -55.17 13.49
CA UNK C 273 5.40 -55.30 12.78
C UNK C 273 4.65 -56.55 13.22
N UNK C 274 5.36 -57.68 13.27
CA UNK C 274 4.76 -58.95 13.67
C UNK C 274 4.15 -58.85 15.07
N UNK C 275 4.90 -58.28 16.00
CA UNK C 275 4.43 -58.13 17.38
C UNK C 275 3.14 -57.33 17.43
N UNK C 276 3.11 -56.21 16.72
CA UNK C 276 1.93 -55.35 16.68
C UNK C 276 0.70 -56.12 16.19
N UNK C 277 0.87 -56.86 15.10
CA UNK C 277 -0.21 -57.64 14.53
C UNK C 277 -0.78 -58.63 15.54
N UNK C 278 0.11 -59.35 16.21
CA UNK C 278 -0.29 -60.32 17.21
C UNK C 278 -1.13 -59.68 18.31
N UNK C 279 -0.66 -58.55 18.82
CA UNK C 279 -1.37 -57.83 19.87
C UNK C 279 -2.79 -57.47 19.44
N UNK C 280 -2.90 -56.92 18.23
CA UNK C 280 -4.20 -56.53 17.70
C UNK C 280 -5.16 -57.71 17.65
N UNK C 281 -4.68 -58.84 17.14
CA UNK C 281 -5.50 -60.04 17.03
C UNK C 281 -6.03 -60.47 18.41
N UNK C 282 -5.14 -60.49 19.39
CA UNK C 282 -5.51 -60.88 20.75
C UNK C 282 -6.62 -59.99 21.29
N UNK C 283 -6.46 -58.68 21.12
CA UNK C 283 -7.45 -57.72 21.60
C UNK C 283 -8.82 -57.99 20.98
N UNK C 284 -8.84 -58.20 19.66
CA UNK C 284 -10.08 -58.47 18.96
C UNK C 284 -10.79 -59.70 19.52
N UNK C 285 -10.02 -60.77 19.71
CA UNK C 285 -10.58 -62.01 20.25
C UNK C 285 -11.23 -61.79 21.61
N UNK C 286 -10.52 -61.09 22.49
CA UNK C 286 -11.03 -60.79 23.82
C UNK C 286 -12.36 -60.06 23.76
N UNK C 287 -12.43 -59.03 22.92
CA UNK C 287 -13.65 -58.24 22.76
C UNK C 287 -14.82 -59.12 22.34
N UNK C 288 -14.59 -59.96 21.34
CA UNK C 288 -15.63 -60.86 20.84
C UNK C 288 -16.17 -61.75 21.95
N UNK C 289 -15.26 -62.35 22.72
CA UNK C 289 -15.64 -63.23 23.82
C UNK C 289 -16.54 -62.50 24.82
N UNK C 290 -16.14 -61.29 25.21
CA UNK C 290 -16.90 -60.49 26.16
C UNK C 290 -18.32 -60.25 25.65
N UNK C 291 -18.44 -59.85 24.39
CA UNK C 291 -19.73 -59.59 23.80
C UNK C 291 -20.64 -60.81 23.86
N UNK C 292 -20.10 -61.97 23.49
CA UNK C 292 -20.85 -63.21 23.51
C UNK C 292 -21.39 -63.50 24.91
N UNK C 293 -20.53 -63.37 25.91
CA UNK C 293 -20.91 -63.62 27.29
C UNK C 293 -22.08 -62.73 27.71
N UNK C 294 -21.97 -61.45 27.40
CA UNK C 294 -23.02 -60.49 27.74
C UNK C 294 -24.36 -60.89 27.13
N UNK C 295 -24.34 -61.25 25.85
CA UNK C 295 -25.56 -61.66 25.15
C UNK C 295 -26.21 -62.85 25.85
N UNK C 296 -25.41 -63.86 26.17
CA UNK C 296 -25.92 -65.05 26.84
C UNK C 296 -26.60 -64.70 28.14
N UNK C 447 -26.77 -60.63 26.37
CA UNK C 447 -27.91 -60.01 27.05
C UNK C 447 -27.49 -58.74 27.77
N UNK C 448 -26.40 -58.82 28.52
CA UNK C 448 -25.90 -57.67 29.26
C UNK C 448 -25.61 -56.49 28.34
N UNK C 449 -24.94 -56.77 27.23
CA UNK C 449 -24.61 -55.72 26.27
C UNK C 449 -25.86 -55.03 25.75
N UNK C 450 -26.86 -55.82 25.38
CA UNK C 450 -28.11 -55.28 24.86
C UNK C 450 -28.77 -54.35 25.87
N UNK C 451 -28.82 -54.78 27.13
CA UNK C 451 -29.43 -53.98 28.19
C UNK C 451 -28.72 -52.63 28.32
N UNK C 452 -27.40 -52.66 28.34
CA UNK C 452 -26.60 -51.44 28.46
C UNK C 452 -26.93 -50.46 27.34
N UNK C 453 -26.97 -50.97 26.11
CA UNK C 453 -27.27 -50.14 24.95
C UNK C 453 -28.62 -49.46 25.09
N UNK C 454 -29.63 -50.23 25.47
CA UNK C 454 -30.98 -49.70 25.64
C UNK C 454 -31.00 -48.56 26.66
N UNK C 455 -30.34 -48.76 27.79
CA UNK C 455 -30.28 -47.76 28.84
C UNK C 455 -29.68 -46.45 28.32
N UNK C 456 -28.56 -46.58 27.61
CA UNK C 456 -27.88 -45.42 27.05
C UNK C 456 -28.81 -44.61 26.13
N UNK C 457 -29.49 -45.33 25.23
CA UNK C 457 -30.42 -44.69 24.30
C UNK C 457 -31.49 -43.90 25.03
N UNK C 458 -32.08 -44.52 26.05
CA UNK C 458 -33.13 -43.87 26.83
C UNK C 458 -32.64 -42.58 27.45
N UNK C 459 -31.46 -42.63 28.05
CA UNK C 459 -30.86 -41.45 28.69
C UNK C 459 -30.70 -40.32 27.69
N UNK C 460 -30.15 -40.63 26.53
CA UNK C 460 -29.94 -39.64 25.49
C UNK C 460 -31.24 -38.95 25.10
N UNK C 461 -32.28 -39.75 24.88
CA UNK C 461 -33.58 -39.23 24.50
C UNK C 461 -34.11 -38.25 25.55
N UNK C 462 -34.03 -38.63 26.81
CA UNK C 462 -34.49 -37.80 27.90
C UNK C 462 -33.78 -36.45 27.90
N UNK C 463 -32.46 -36.48 27.76
CA UNK C 463 -31.66 -35.26 27.74
C UNK C 463 -32.11 -34.33 26.63
N UNK C 464 -32.29 -34.88 25.43
CA UNK C 464 -32.73 -34.09 24.28
C UNK C 464 -34.06 -33.39 24.55
N UNK C 465 -35.01 -34.15 25.10
CA UNK C 465 -36.33 -33.60 25.41
C UNK C 465 -36.22 -32.42 26.37
N UNK C 466 -35.44 -32.59 27.41
CA UNK C 466 -35.25 -31.54 28.41
C UNK C 466 -34.71 -30.26 27.77
N UNK C 467 -33.69 -30.42 26.94
CA UNK C 467 -33.09 -29.28 26.25
C UNK C 467 -34.11 -28.52 25.42
N UNK C 468 -34.90 -29.26 24.65
CA UNK C 468 -35.92 -28.65 23.80
C UNK C 468 -36.90 -27.83 24.63
N UNK C 469 -37.37 -28.40 25.73
CA UNK C 469 -38.32 -27.72 26.61
C UNK C 469 -37.75 -26.41 27.11
N UNK C 470 -36.50 -26.44 27.58
CA UNK C 470 -35.84 -25.25 28.09
C UNK C 470 -35.79 -24.16 27.04
N UNK C 471 -35.39 -24.52 25.83
CA UNK C 471 -35.31 -23.56 24.73
C UNK C 471 -36.65 -22.89 24.47
N UNK C 556 -51.07 -63.52 14.53
CA UNK C 556 -52.52 -63.44 14.59
C UNK C 556 -53.02 -63.60 16.01
N UNK C 557 -52.54 -64.65 16.69
CA UNK C 557 -52.94 -64.91 18.07
C UNK C 557 -52.52 -63.78 18.98
N UNK C 558 -51.31 -63.26 18.76
CA UNK C 558 -50.80 -62.15 19.55
C UNK C 558 -51.68 -60.92 19.33
N UNK C 559 -52.08 -60.70 18.08
CA UNK C 559 -52.97 -59.60 17.74
C UNK C 559 -54.31 -59.78 18.45
N UNK C 560 -54.77 -61.03 18.48
CA UNK C 560 -56.05 -61.35 19.12
C UNK C 560 -55.99 -61.07 20.61
N UNK C 561 -57.11 -60.61 21.17
CA UNK C 561 -57.20 -60.29 22.58
C UNK C 561 -56.18 -59.21 22.97
N UNK C 562 -55.44 -59.43 24.05
CA UNK C 562 -54.49 -58.45 24.54
C UNK C 562 -55.20 -57.15 24.88
N UNK C 563 -56.42 -57.27 25.40
CA UNK C 563 -57.22 -56.11 25.76
C UNK C 563 -56.54 -55.28 26.86
N UNK C 564 -55.97 -55.98 27.83
CA UNK C 564 -55.28 -55.31 28.94
C UNK C 564 -54.11 -54.51 28.40
N UNK C 565 -53.38 -55.09 27.45
CA UNK C 565 -52.27 -54.41 26.82
C UNK C 565 -52.79 -53.21 26.03
N UNK C 566 -54.11 -53.10 25.95
CA UNK C 566 -54.74 -52.00 25.23
C UNK C 566 -55.24 -50.97 26.25
N UNK C 567 -55.79 -51.49 27.34
CA UNK C 567 -56.37 -50.66 28.40
C UNK C 567 -55.33 -49.78 29.08
N UNK C 568 -54.13 -50.32 29.28
CA UNK C 568 -53.10 -49.60 30.02
C UNK C 568 -52.74 -48.30 29.30
N UNK C 569 -52.68 -48.36 27.97
CA UNK C 569 -52.44 -47.16 27.18
C UNK C 569 -53.61 -46.21 27.41
N UNK C 570 -54.81 -46.80 27.48
CA UNK C 570 -56.03 -46.03 27.74
C UNK C 570 -55.74 -44.80 28.59
N UNK C 571 -54.99 -45.00 29.67
CA UNK C 571 -54.65 -43.91 30.57
C UNK C 571 -53.92 -42.79 29.82
N UNK C 572 -52.93 -43.16 29.02
CA UNK C 572 -52.16 -42.19 28.25
C UNK C 572 -53.07 -41.36 27.35
N UNK C 573 -53.96 -42.03 26.64
CA UNK C 573 -54.88 -41.36 25.73
C UNK C 573 -55.73 -40.32 26.48
N UNK C 574 -56.28 -40.72 27.62
CA UNK C 574 -57.11 -39.84 28.43
C UNK C 574 -56.34 -38.58 28.83
N UNK C 575 -55.11 -38.77 29.31
CA UNK C 575 -54.28 -37.65 29.72
C UNK C 575 -54.06 -36.66 28.59
N UNK C 576 -53.73 -37.18 27.41
CA UNK C 576 -53.50 -36.35 26.23
C UNK C 576 -54.73 -35.51 25.91
N UNK C 877 -47.17 -32.35 31.58
CA UNK C 877 -47.84 -32.40 30.29
C UNK C 877 -46.90 -32.90 29.19
N UNK C 878 -45.71 -32.32 29.18
CA UNK C 878 -44.68 -32.71 28.22
C UNK C 878 -44.26 -34.16 28.45
N UNK C 879 -44.12 -34.53 29.71
CA UNK C 879 -43.73 -35.88 30.08
C UNK C 879 -44.79 -36.88 29.63
N UNK C 880 -46.05 -36.50 29.79
CA UNK C 880 -47.16 -37.36 29.39
C UNK C 880 -47.15 -37.63 27.89
N UNK C 881 -46.84 -36.60 27.11
CA UNK C 881 -46.80 -36.73 25.66
C UNK C 881 -45.71 -37.72 25.26
N UNK C 882 -44.57 -37.64 25.95
CA UNK C 882 -43.45 -38.54 25.67
C UNK C 882 -43.84 -40.00 25.90
N UNK C 883 -44.59 -40.24 26.96
CA UNK C 883 -45.01 -41.59 27.30
C UNK C 883 -45.89 -42.19 26.20
N UNK C 884 -46.75 -41.36 25.63
CA UNK C 884 -47.66 -41.80 24.58
C UNK C 884 -46.87 -42.25 23.35
N UNK C 885 -45.81 -41.53 23.04
CA UNK C 885 -44.98 -41.86 21.88
C UNK C 885 -44.33 -43.22 22.04
N UNK C 886 -43.87 -43.54 23.25
CA UNK C 886 -43.24 -44.82 23.52
C UNK C 886 -44.22 -45.96 23.29
N UNK C 887 -45.45 -45.77 23.73
CA UNK C 887 -46.52 -46.74 23.51
C UNK C 887 -46.79 -46.87 22.03
N UNK C 888 -46.78 -45.75 21.33
CA UNK C 888 -47.05 -45.70 19.90
C UNK C 888 -46.06 -46.51 19.08
N UNK C 889 -44.79 -46.42 19.45
CA UNK C 889 -43.73 -47.09 18.70
C UNK C 889 -43.93 -48.60 18.68
N UNK C 890 -44.30 -49.15 19.84
CA UNK C 890 -44.62 -50.58 19.93
C UNK C 890 -45.84 -50.87 19.06
N UNK C 891 -46.81 -49.97 19.10
CA UNK C 891 -48.03 -50.10 18.31
C UNK C 891 -47.74 -50.05 16.82
N UNK C 892 -46.83 -49.17 16.43
CA UNK C 892 -46.51 -48.97 15.02
C UNK C 892 -45.95 -50.26 14.39
N UNK C 893 -45.10 -50.95 15.14
CA UNK C 893 -44.52 -52.20 14.67
C UNK C 893 -45.62 -53.22 14.46
N UNK C 894 -46.57 -53.25 15.38
CA UNK C 894 -47.73 -54.15 15.28
C UNK C 894 -48.58 -53.83 14.06
N UNK C 895 -48.74 -52.54 13.78
CA UNK C 895 -49.58 -52.09 12.67
C UNK C 895 -49.02 -52.57 11.33
N UNK C 896 -47.70 -52.52 11.19
CA UNK C 896 -47.05 -52.95 9.96
C UNK C 896 -47.62 -54.27 9.47
N UNK C 997 -50.17 -67.80 33.87
CA UNK C 997 -49.01 -66.98 34.24
C UNK C 997 -49.04 -65.65 33.48
N UNK C 998 -49.28 -65.79 32.18
CA UNK C 998 -49.37 -64.64 31.27
C UNK C 998 -50.45 -63.67 31.72
N UNK C 999 -51.59 -64.25 32.04
CA UNK C 999 -52.76 -63.50 32.52
C UNK C 999 -52.40 -62.70 33.77
N UNK C 1000 -51.75 -63.39 34.68
CA UNK C 1000 -51.30 -62.82 35.96
C UNK C 1000 -50.39 -61.61 35.71
N UNK C 1001 -49.47 -61.82 34.80
CA UNK C 1001 -48.49 -60.79 34.41
C UNK C 1001 -49.22 -59.55 33.88
N UNK C 1002 -50.18 -59.82 33.02
CA UNK C 1002 -51.01 -58.77 32.40
C UNK C 1002 -51.71 -57.95 33.49
N UNK C 1003 -52.28 -58.68 34.42
CA UNK C 1003 -53.02 -58.10 35.55
C UNK C 1003 -52.11 -57.16 36.34
N UNK C 1004 -50.92 -57.68 36.61
CA UNK C 1004 -49.88 -56.94 37.36
C UNK C 1004 -49.55 -55.62 36.65
N UNK C 1005 -49.36 -55.75 35.35
CA UNK C 1005 -49.03 -54.62 34.48
C UNK C 1005 -50.12 -53.55 34.58
N UNK C 1006 -51.35 -54.02 34.50
CA UNK C 1006 -52.55 -53.17 34.57
C UNK C 1006 -52.55 -52.39 35.89
N UNK C 1007 -52.29 -53.13 36.95
CA UNK C 1007 -52.25 -52.59 38.31
C UNK C 1007 -51.21 -51.47 38.40
N UNK C 1008 -50.05 -51.77 37.85
CA UNK C 1008 -48.92 -50.83 37.82
C UNK C 1008 -49.33 -49.53 37.12
N UNK C 1009 -49.96 -49.73 35.98
CA UNK C 1009 -50.45 -48.60 35.14
C UNK C 1009 -51.39 -47.72 35.95
N UNK C 1010 -52.32 -48.39 36.63
CA UNK C 1010 -53.33 -47.74 37.47
C UNK C 1010 -52.65 -46.88 38.54
N UNK C 1011 -51.64 -47.45 39.20
CA UNK C 1011 -50.91 -46.75 40.24
C UNK C 1011 -50.29 -45.47 39.71
N UNK C 1012 -49.63 -45.57 38.55
CA UNK C 1012 -48.98 -44.42 37.94
C UNK C 1012 -49.99 -43.30 37.67
N UNK C 1013 -51.14 -43.66 37.10
CA UNK C 1013 -52.18 -42.69 36.79
C UNK C 1013 -52.63 -41.94 38.05
N UNK C 1014 -52.88 -42.70 39.12
CA UNK C 1014 -53.31 -42.12 40.39
C UNK C 1014 -52.30 -41.10 40.90
N UNK C 1015 -51.03 -41.48 40.88
CA UNK C 1015 -49.97 -40.59 41.34
C UNK C 1015 -49.96 -39.28 40.57
N UNK C 1016 -49.30 -39.31 39.42
CA UNK C 1016 -48.96 -38.13 38.65
C UNK C 1016 -50.17 -37.32 38.20
N UNK C 1017 -51.26 -38.00 37.83
CA UNK C 1017 -52.43 -37.27 37.40
C UNK C 1017 -52.88 -36.40 38.56
N UNK C 1018 -52.90 -36.98 39.77
CA UNK C 1018 -52.99 -36.21 41.00
C UNK C 1018 -51.75 -35.36 41.17
N UNK C 1019 -50.60 -35.97 40.85
CA UNK C 1019 -49.29 -35.34 40.97
C UNK C 1019 -49.02 -34.30 39.88
N UNK C 1120 -43.95 -29.13 40.20
CA UNK C 1120 -44.04 -30.44 40.83
C UNK C 1120 -44.41 -31.52 39.82
N UNK C 1121 -45.54 -31.32 39.14
CA UNK C 1121 -46.06 -32.29 38.19
C UNK C 1121 -45.13 -32.55 37.00
N UNK C 1122 -44.50 -31.49 36.50
CA UNK C 1122 -43.69 -31.58 35.29
C UNK C 1122 -42.52 -32.53 35.43
N UNK C 1123 -41.84 -32.50 36.57
CA UNK C 1123 -40.73 -33.40 36.81
C UNK C 1123 -41.21 -34.74 37.38
N UNK C 1124 -42.09 -34.66 38.38
CA UNK C 1124 -42.63 -35.86 39.01
C UNK C 1124 -43.33 -36.75 37.99
N UNK C 1125 -44.18 -36.15 37.16
CA UNK C 1125 -44.91 -36.88 36.15
C UNK C 1125 -43.96 -37.62 35.20
N UNK C 1126 -42.93 -36.93 34.74
CA UNK C 1126 -41.94 -37.52 33.84
C UNK C 1126 -41.29 -38.74 34.47
N UNK C 1127 -40.87 -38.61 35.72
CA UNK C 1127 -40.23 -39.70 36.43
C UNK C 1127 -41.12 -40.93 36.50
N UNK C 1128 -42.39 -40.71 36.85
CA UNK C 1128 -43.36 -41.79 36.95
C UNK C 1128 -43.49 -42.54 35.63
N UNK C 1129 -43.62 -41.78 34.54
CA UNK C 1129 -43.76 -42.37 33.21
C UNK C 1129 -42.56 -43.26 32.88
N UNK C 1130 -41.36 -42.75 33.13
CA UNK C 1130 -40.14 -43.50 32.86
C UNK C 1130 -40.13 -44.83 33.61
N UNK C 1131 -40.46 -44.77 34.89
CA UNK C 1131 -40.49 -45.98 35.72
C UNK C 1131 -41.44 -47.03 35.15
N UNK C 1132 -42.64 -46.58 34.78
CA UNK C 1132 -43.64 -47.49 34.22
C UNK C 1132 -43.11 -48.18 32.96
N UNK C 1133 -42.51 -47.40 32.07
CA UNK C 1133 -41.97 -47.95 30.83
C UNK C 1133 -40.93 -49.03 31.11
N UNK C 1134 -40.01 -48.74 32.03
CA UNK C 1134 -38.97 -49.69 32.39
C UNK C 1134 -39.57 -51.01 32.88
N UNK C 1135 -39.81 -51.10 34.18
CA UNK C 1135 -40.39 -52.30 34.78
C UNK C 1135 -41.44 -52.89 33.86
N UNK C 1136 -42.01 -52.06 33.00
CA UNK C 1136 -43.02 -52.50 32.04
C UNK C 1136 -42.58 -53.80 31.39
N UNK C 1137 -41.32 -53.83 30.95
CA UNK C 1137 -40.77 -55.03 30.33
C UNK C 1137 -40.34 -56.02 31.39
N UNK C 1138 -40.13 -55.57 32.62
CA UNK C 1138 -39.81 -56.54 33.66
C UNK C 1138 -40.55 -57.84 33.33
N UNK C 1139 -41.83 -57.87 33.65
CA UNK C 1139 -42.68 -59.03 33.36
C UNK C 1139 -42.87 -59.35 31.87
N UNK C 1140 -43.07 -58.31 31.05
CA UNK C 1140 -43.36 -58.48 29.63
C UNK C 1140 -42.15 -58.99 28.86
N UNK C 1141 -41.00 -58.42 29.17
CA UNK C 1141 -39.71 -58.81 28.62
C UNK C 1141 -39.37 -60.25 28.98
N UNK C 1142 -40.38 -60.99 29.44
CA UNK C 1142 -40.21 -62.39 29.82
C UNK C 1142 -39.37 -63.14 28.78
N UNK C 1143 -40.04 -63.66 27.76
CA UNK C 1143 -39.36 -64.39 26.70
C UNK C 1143 -38.26 -63.53 26.09
N UNK C 1144 -38.20 -62.26 26.48
CA UNK C 1144 -37.21 -61.33 25.97
C UNK C 1144 -35.81 -61.68 26.47
N UNK C 1145 -35.28 -60.85 27.37
CA UNK C 1145 -33.94 -61.06 27.90
C UNK C 1145 -33.39 -62.43 27.51
N UNK C 1146 -34.22 -63.46 27.70
CA UNK C 1146 -33.82 -64.82 27.38
C UNK C 1146 -33.42 -64.94 25.91
N UNK C 1147 -34.24 -64.39 25.02
CA UNK C 1147 -33.98 -64.44 23.59
C UNK C 1147 -32.62 -63.81 23.26
N UNK C 1248 -66.57 -38.15 42.27
CA UNK C 1248 -66.89 -38.42 40.87
C UNK C 1248 -65.91 -39.40 40.26
N UNK C 1249 -64.63 -39.14 40.50
CA UNK C 1249 -63.55 -39.99 39.99
C UNK C 1249 -63.60 -41.39 40.59
N UNK C 1250 -63.84 -41.47 41.89
CA UNK C 1250 -63.94 -42.75 42.60
C UNK C 1250 -65.12 -43.56 42.10
N UNK C 1251 -66.24 -42.89 41.86
CA UNK C 1251 -67.45 -43.56 41.38
C UNK C 1251 -67.21 -44.16 40.01
N UNK C 1252 -66.49 -43.43 39.17
CA UNK C 1252 -66.18 -43.89 37.83
C UNK C 1252 -65.32 -45.15 37.87
N UNK C 1253 -64.36 -45.18 38.79
CA UNK C 1253 -63.46 -46.32 38.90
C UNK C 1253 -64.23 -47.58 39.28
N UNK C 1254 -65.17 -47.45 40.21
CA UNK C 1254 -66.02 -48.57 40.59
C UNK C 1254 -66.86 -49.00 39.39
N UNK C 1255 -67.37 -48.02 38.66
CA UNK C 1255 -68.17 -48.26 37.47
C UNK C 1255 -67.35 -48.96 36.40
N UNK C 1256 -66.10 -48.55 36.25
CA UNK C 1256 -65.22 -49.07 35.22
C UNK C 1256 -65.01 -50.57 35.38
N UNK C 1257 -64.82 -51.01 36.62
CA UNK C 1257 -64.62 -52.42 36.90
C UNK C 1257 -65.86 -53.23 36.49
N UNK C 1258 -67.03 -52.68 36.79
CA UNK C 1258 -68.29 -53.33 36.46
C UNK C 1258 -68.48 -53.49 34.95
N UNK C 1259 -68.12 -52.44 34.20
CA UNK C 1259 -68.31 -52.44 32.76
C UNK C 1259 -67.47 -53.53 32.08
N UNK C 1260 -66.24 -53.70 32.55
CA UNK C 1260 -65.36 -54.71 32.00
C UNK C 1260 -65.93 -56.11 32.24
N UNK C 1261 -66.48 -56.30 33.43
CA UNK C 1261 -67.06 -57.58 33.81
C UNK C 1261 -68.24 -57.96 32.92
N UNK C 1262 -69.07 -56.96 32.60
CA UNK C 1262 -70.25 -57.19 31.78
C UNK C 1262 -69.87 -57.69 30.39
N UNK C 1263 -68.81 -57.12 29.84
CA UNK C 1263 -68.35 -57.47 28.50
C UNK C 1263 -67.60 -58.79 28.49
N UNK C 1364 -76.17 -57.12 11.74
CA UNK C 1364 -77.01 -55.93 11.70
C UNK C 1364 -77.75 -55.74 13.03
N UNK C 1365 -78.90 -56.39 13.16
CA UNK C 1365 -79.70 -56.28 14.37
C UNK C 1365 -78.94 -56.84 15.58
N UNK C 1366 -78.24 -57.95 15.36
CA UNK C 1366 -77.49 -58.59 16.43
C UNK C 1366 -76.37 -57.67 16.93
N UNK C 1367 -75.72 -56.98 15.99
CA UNK C 1367 -74.67 -56.04 16.34
C UNK C 1367 -75.24 -54.90 17.18
N UNK C 1368 -76.42 -54.44 16.80
CA UNK C 1368 -77.12 -53.39 17.53
C UNK C 1368 -77.44 -53.86 18.95
N UNK C 1369 -77.86 -55.11 19.06
CA UNK C 1369 -78.19 -55.69 20.36
C UNK C 1369 -76.98 -55.71 21.27
N UNK C 1370 -75.82 -56.10 20.73
CA UNK C 1370 -74.57 -56.00 21.47
C UNK C 1370 -74.26 -54.53 21.74
N UNK C 1371 -74.48 -53.70 20.72
CA UNK C 1371 -74.23 -52.26 20.79
C UNK C 1371 -75.12 -51.53 21.80
N UNK C 1372 -76.38 -51.92 21.87
CA UNK C 1372 -77.39 -51.20 22.63
C UNK C 1372 -77.10 -51.13 24.13
N UNK C 1373 -76.61 -52.23 24.70
CA UNK C 1373 -76.37 -52.28 26.14
C UNK C 1373 -75.33 -51.25 26.57
N UNK C 1374 -74.28 -51.09 25.78
CA UNK C 1374 -73.23 -50.13 26.09
C UNK C 1374 -73.74 -48.70 26.10
N UNK C 1375 -74.59 -48.37 25.13
CA UNK C 1375 -75.13 -47.02 25.00
C UNK C 1375 -75.97 -46.62 26.20
N UNK C 1376 -76.78 -47.54 26.69
CA UNK C 1376 -77.66 -47.28 27.82
C UNK C 1376 -76.88 -46.93 29.09
N UNK C 1377 -75.77 -47.63 29.29
CA UNK C 1377 -74.96 -47.44 30.50
C UNK C 1377 -74.40 -46.02 30.59
N UNK C 1378 -73.94 -45.48 29.47
CA UNK C 1378 -73.33 -44.15 29.46
C UNK C 1378 -74.34 -43.09 29.90
N UNK C 1379 -75.57 -43.21 29.40
CA UNK C 1379 -76.64 -42.31 29.82
C UNK C 1379 -76.93 -42.52 31.29
N UNK C 1380 -76.90 -43.79 31.70
CA UNK C 1380 -77.18 -44.18 33.08
C UNK C 1380 -76.18 -43.58 34.04
N UNK C 1381 -74.90 -43.70 33.70
CA UNK C 1381 -73.83 -43.17 34.54
C UNK C 1381 -74.00 -41.67 34.77
N UNK C 1382 -74.27 -40.93 33.70
CA UNK C 1382 -74.45 -39.49 33.79
C UNK C 1382 -75.59 -39.14 34.76
N UNK C 1383 -76.80 -39.17 34.22
CA UNK C 1383 -77.99 -38.64 34.89
C UNK C 1383 -78.29 -39.32 36.21
N UNK C 1384 -78.08 -40.63 36.31
CA UNK C 1384 -78.36 -41.30 37.56
C UNK C 1384 -77.47 -40.67 38.63
N UNK C 1385 -76.21 -40.46 38.28
CA UNK C 1385 -75.32 -39.61 39.06
C UNK C 1385 -75.82 -38.16 38.99
N UNK C 1386 -76.24 -37.78 37.78
CA UNK C 1386 -76.72 -36.44 37.49
C UNK C 1386 -78.12 -36.16 38.04
N UNK C 1487 -66.06 -22.62 36.16
CA UNK C 1487 -66.86 -23.84 36.15
C UNK C 1487 -66.81 -24.55 34.80
N UNK C 1488 -67.18 -23.82 33.74
CA UNK C 1488 -67.25 -24.38 32.40
C UNK C 1488 -65.90 -24.86 31.87
N UNK C 1489 -64.85 -24.10 32.17
CA UNK C 1489 -63.53 -24.36 31.59
C UNK C 1489 -62.99 -25.74 31.99
N UNK C 1490 -63.16 -26.12 33.26
CA UNK C 1490 -62.72 -27.43 33.72
C UNK C 1490 -63.78 -28.49 33.46
N UNK C 1491 -65.02 -28.18 33.81
CA UNK C 1491 -66.13 -29.11 33.62
C UNK C 1491 -66.28 -29.50 32.15
N UNK C 1492 -66.24 -28.51 31.27
CA UNK C 1492 -66.35 -28.75 29.84
C UNK C 1492 -65.27 -29.71 29.35
N UNK C 1493 -64.04 -29.45 29.75
CA UNK C 1493 -62.90 -30.28 29.35
C UNK C 1493 -63.12 -31.74 29.78
N UNK C 1494 -63.53 -31.93 31.01
CA UNK C 1494 -63.78 -33.27 31.54
C UNK C 1494 -64.82 -34.01 30.71
N UNK C 1495 -65.92 -33.34 30.41
CA UNK C 1495 -66.99 -33.92 29.61
C UNK C 1495 -66.47 -34.39 28.25
N UNK C 1496 -65.71 -33.53 27.59
CA UNK C 1496 -65.16 -33.84 26.28
C UNK C 1496 -64.30 -35.10 26.33
N UNK C 1497 -63.42 -35.17 27.33
CA UNK C 1497 -62.54 -36.31 27.49
C UNK C 1497 -63.34 -37.60 27.64
N UNK C 1498 -64.36 -37.58 28.49
CA UNK C 1498 -65.20 -38.75 28.72
C UNK C 1498 -65.83 -39.23 27.42
N UNK C 1499 -66.39 -38.29 26.65
CA UNK C 1499 -67.04 -38.63 25.38
C UNK C 1499 -66.06 -39.32 24.44
N UNK C 1500 -64.86 -38.77 24.31
CA UNK C 1500 -63.84 -39.34 23.44
C UNK C 1500 -63.52 -40.78 23.84
N UNK C 1501 -63.33 -41.01 25.13
CA UNK C 1501 -63.01 -42.33 25.63
C UNK C 1501 -64.11 -43.34 25.26
N UNK C 1502 -65.36 -42.95 25.47
CA UNK C 1502 -66.50 -43.81 25.16
C UNK C 1502 -66.49 -44.19 23.69
N UNK C 1503 -66.30 -43.22 22.82
CA UNK C 1503 -66.27 -43.46 21.38
C UNK C 1503 -65.20 -44.48 21.01
N UNK C 1504 -64.00 -44.30 21.55
CA UNK C 1504 -62.90 -45.20 21.27
C UNK C 1504 -63.24 -46.63 21.66
N UNK C 1505 -63.81 -46.80 22.85
CA UNK C 1505 -64.19 -48.12 23.35
C UNK C 1505 -65.16 -48.80 22.40
N UNK C 1506 -66.45 -48.55 22.61
CA UNK C 1506 -67.49 -49.09 21.75
C UNK C 1506 -68.01 -48.03 20.78
N UNK C 1507 -68.35 -48.44 19.56
CA UNK C 1507 -68.85 -47.50 18.56
C UNK C 1507 -67.93 -47.44 17.35
N UNK C 1508 -67.16 -48.50 17.15
CA UNK C 1508 -66.25 -48.58 16.01
C UNK C 1508 -67.07 -48.56 14.72
N UNK C 1509 -68.20 -49.27 14.73
CA UNK C 1509 -69.08 -49.35 13.58
C UNK C 1509 -69.21 -48.03 12.83
N UNK C 1510 -70.17 -47.21 13.26
CA UNK C 1510 -70.43 -45.94 12.57
C UNK C 1510 -69.36 -45.62 11.54
N UNK C 1511 -68.10 -45.89 11.89
CA UNK C 1511 -66.97 -45.63 11.00
C UNK C 1511 -67.04 -46.47 9.72
N UNK C 1512 -67.46 -47.73 9.86
CA UNK C 1512 -67.40 -48.69 8.77
C UNK C 1512 -68.21 -48.35 7.52
N UNK C 1513 -69.44 -47.85 7.70
CA UNK C 1513 -70.29 -47.56 6.56
C UNK C 1513 -69.62 -46.56 5.61
N UNK C 1514 -68.96 -45.56 6.19
CA UNK C 1514 -68.27 -44.54 5.41
C UNK C 1514 -66.91 -45.05 4.93
N UNK C 1739 -22.17 -50.32 16.01
CA UNK C 1739 -21.66 -49.38 16.99
C UNK C 1739 -22.63 -48.24 17.22
N UNK C 1740 -23.92 -48.53 17.03
CA UNK C 1740 -24.96 -47.51 17.20
C UNK C 1740 -25.00 -47.02 18.64
N UNK C 1741 -24.87 -47.95 19.58
CA UNK C 1741 -24.88 -47.59 21.00
C UNK C 1741 -23.68 -46.70 21.32
N UNK C 1742 -22.53 -47.03 20.76
CA UNK C 1742 -21.33 -46.23 20.94
C UNK C 1742 -21.56 -44.86 20.33
N UNK C 1743 -22.19 -44.85 19.17
CA UNK C 1743 -22.53 -43.60 18.48
C UNK C 1743 -23.49 -42.80 19.34
N UNK C 1744 -24.44 -43.49 19.95
CA UNK C 1744 -25.41 -42.83 20.82
C UNK C 1744 -24.70 -42.18 21.99
N UNK C 1745 -23.71 -42.88 22.53
CA UNK C 1745 -22.91 -42.32 23.61
C UNK C 1745 -22.18 -41.11 23.06
N UNK C 1746 -21.66 -41.26 21.84
CA UNK C 1746 -21.06 -40.14 21.14
C UNK C 1746 -22.13 -39.10 20.88
N UNK C 1747 -23.32 -39.57 20.51
CA UNK C 1747 -24.44 -38.69 20.27
C UNK C 1747 -24.78 -37.93 21.54
N UNK C 1748 -25.10 -38.68 22.60
CA UNK C 1748 -25.38 -38.08 23.88
C UNK C 1748 -24.37 -36.97 24.11
N UNK C 1749 -23.12 -37.24 23.75
CA UNK C 1749 -22.07 -36.24 23.83
C UNK C 1749 -22.43 -35.11 22.89
N UNK C 1750 -22.94 -35.47 21.72
CA UNK C 1750 -23.52 -34.49 20.80
C UNK C 1750 -24.70 -33.88 21.52
N UNK C 1751 -25.45 -34.73 22.20
CA UNK C 1751 -26.54 -34.28 23.06
C UNK C 1751 -25.92 -33.45 24.17
N UNK C 1752 -24.77 -33.91 24.66
CA UNK C 1752 -24.02 -33.18 25.66
C UNK C 1752 -23.60 -31.84 25.05
N UNK C 1753 -23.21 -31.89 23.78
CA UNK C 1753 -22.86 -30.68 23.05
C UNK C 1753 -24.08 -29.78 22.98
N UNK C 1754 -25.24 -30.38 22.74
CA UNK C 1754 -26.49 -29.64 22.79
C UNK C 1754 -26.64 -29.17 24.22
N UNK C 1755 -26.30 -30.05 25.15
CA UNK C 1755 -26.19 -29.70 26.56
C UNK C 1755 -25.07 -28.68 26.66
N UNK C 1756 -24.02 -28.92 25.89
CA UNK C 1756 -22.90 -27.99 25.81
C UNK C 1756 -23.43 -26.69 25.22
N UNK C 1757 -24.32 -26.80 24.24
CA UNK C 1757 -24.93 -25.61 23.65
C UNK C 1757 -25.71 -24.93 24.77
N UNK C 1758 -26.40 -25.73 25.56
CA UNK C 1758 -26.99 -25.26 26.81
C UNK C 1758 -25.84 -24.83 27.71
N UNK C 1759 -24.77 -25.62 27.67
CA UNK C 1759 -23.57 -25.37 28.44
C UNK C 1759 -23.87 -25.32 29.94
N UNK C 1760 -23.36 -24.31 30.64
CA UNK C 1760 -23.57 -24.20 32.07
C UNK C 1760 -23.06 -25.47 32.75
N UNK C 1761 -23.85 -26.05 33.65
CA UNK C 1761 -23.50 -27.30 34.31
C UNK C 1761 -23.38 -28.45 33.32
N UNK C 1762 -24.29 -28.48 32.35
CA UNK C 1762 -24.35 -29.59 31.40
C UNK C 1762 -23.07 -29.69 30.59
N UNK C 1763 -22.55 -28.55 30.16
CA UNK C 1763 -21.28 -28.52 29.46
C UNK C 1763 -20.21 -29.04 30.40
N UNK C 1764 -20.31 -28.62 31.66
CA UNK C 1764 -19.38 -29.06 32.70
C UNK C 1764 -19.36 -30.58 32.80
N UNK C 1765 -20.54 -31.20 32.69
CA UNK C 1765 -20.65 -32.64 32.82
C UNK C 1765 -19.85 -33.36 31.75
N UNK C 1766 -19.90 -32.84 30.52
CA UNK C 1766 -19.19 -33.47 29.41
C UNK C 1766 -17.68 -33.48 29.65
N UNK C 1767 -17.15 -32.38 30.16
CA UNK C 1767 -15.73 -32.31 30.47
C UNK C 1767 -15.41 -33.32 31.55
N UNK C 1768 -16.31 -33.42 32.53
CA UNK C 1768 -16.23 -34.43 33.57
C UNK C 1768 -16.56 -35.78 32.97
N UNK C 1769 -17.57 -35.79 32.10
CA UNK C 1769 -17.99 -37.02 31.43
C UNK C 1769 -16.87 -37.56 30.56
N UNK C 1770 -16.17 -36.67 29.86
CA UNK C 1770 -15.10 -37.07 28.96
C UNK C 1770 -13.99 -37.77 29.72
N UNK C 1771 -13.64 -37.24 30.89
CA UNK C 1771 -12.64 -37.87 31.73
C UNK C 1771 -13.16 -39.22 32.17
N UNK C 1772 -14.43 -39.25 32.58
CA UNK C 1772 -15.08 -40.49 32.94
C UNK C 1772 -15.13 -41.36 31.69
N UNK C 1773 -15.44 -40.72 30.57
CA UNK C 1773 -15.46 -41.41 29.29
C UNK C 1773 -14.07 -41.91 28.96
N UNK C 1774 -13.05 -41.09 29.20
CA UNK C 1774 -11.68 -41.51 28.96
C UNK C 1774 -11.35 -42.69 29.86
N UNK C 1775 -11.76 -42.58 31.12
CA UNK C 1775 -11.67 -43.71 32.04
C UNK C 1775 -12.60 -44.80 31.52
N UNK C 1776 -13.77 -44.36 31.07
CA UNK C 1776 -14.79 -45.25 30.53
C UNK C 1776 -14.29 -45.98 29.28
N UNK C 1777 -13.56 -45.26 28.44
CA UNK C 1777 -13.14 -45.79 27.15
C UNK C 1777 -12.21 -47.00 27.31
N UNK C 1778 -11.30 -46.94 28.28
CA UNK C 1778 -10.39 -48.05 28.52
C UNK C 1778 -11.17 -49.29 28.93
N UNK C 1779 -12.16 -49.09 29.79
CA UNK C 1779 -13.01 -50.18 30.27
C UNK C 1779 -14.26 -50.33 29.42
N UNK C 1780 -14.37 -49.49 28.39
CA UNK C 1780 -15.57 -49.43 27.56
C UNK C 1780 -16.67 -48.65 28.27
N UNK C 1781 -16.27 -47.98 29.35
CA UNK C 1781 -17.14 -47.12 30.16
C UNK C 1781 -17.83 -47.86 31.29
N UNK C 1782 -18.33 -47.10 32.26
CA UNK C 1782 -19.03 -47.68 33.40
C UNK C 1782 -20.47 -47.19 33.47
N UNK C 1783 -21.41 -48.13 33.56
CA UNK C 1783 -22.83 -47.81 33.65
C UNK C 1783 -23.16 -47.04 34.92
N UNK C 1784 -22.53 -47.43 36.01
CA UNK C 1784 -22.86 -46.93 37.33
C UNK C 1784 -22.65 -45.42 37.50
N UNK C 1785 -21.55 -44.90 36.96
CA UNK C 1785 -21.25 -43.49 37.15
C UNK C 1785 -22.13 -42.64 36.25
N UNK C 1786 -22.41 -43.16 35.06
CA UNK C 1786 -23.12 -42.42 34.02
C UNK C 1786 -24.54 -42.01 34.46
N UNK C 1787 -25.22 -42.87 35.20
CA UNK C 1787 -26.58 -42.57 35.62
C UNK C 1787 -26.59 -41.31 36.47
N UNK C 1788 -25.62 -41.21 37.38
CA UNK C 1788 -25.51 -40.05 38.25
C UNK C 1788 -25.91 -38.79 37.49
N UNK C 1789 -25.02 -38.32 36.63
CA UNK C 1789 -25.31 -37.14 35.81
C UNK C 1789 -26.70 -37.27 35.20
N UNK C 1790 -26.96 -38.40 34.55
CA UNK C 1790 -28.26 -38.67 33.96
C UNK C 1790 -29.36 -38.31 34.94
N UNK C 1791 -29.23 -38.80 36.17
CA UNK C 1791 -30.18 -38.48 37.22
C UNK C 1791 -30.09 -37.00 37.56
N UNK C 1792 -28.91 -36.55 37.97
CA UNK C 1792 -28.69 -35.16 38.27
C UNK C 1792 -29.12 -34.29 37.10
N UNK C 1793 -28.73 -34.71 35.90
CA UNK C 1793 -29.10 -34.00 34.68
C UNK C 1793 -30.58 -33.64 34.71
N UNK C 1794 -31.41 -34.56 34.26
CA UNK C 1794 -32.85 -34.36 34.25
C UNK C 1794 -33.32 -33.76 35.57
N UNK C 1795 -32.83 -34.31 36.67
CA UNK C 1795 -33.16 -33.79 38.00
C UNK C 1795 -32.77 -32.33 38.12
N UNK C 1796 -31.47 -32.06 38.05
CA UNK C 1796 -30.97 -30.69 38.14
C UNK C 1796 -31.69 -29.79 37.14
N UNK C 1797 -31.97 -30.33 35.95
CA UNK C 1797 -32.67 -29.59 34.92
C UNK C 1797 -34.15 -29.51 35.22
N UNK C 1798 -34.69 -30.55 35.87
CA UNK C 1798 -36.10 -30.60 36.21
C UNK C 1798 -36.42 -29.66 37.36
N UNK C 1799 -35.39 -29.30 38.12
CA UNK C 1799 -35.56 -28.41 39.26
C UNK C 1799 -35.22 -26.97 38.90
N UNK C 1800 -33.92 -26.69 38.80
CA UNK C 1800 -33.45 -25.35 38.45
C UNK C 1800 -34.47 -24.61 37.59
N UNK C 1801 -34.96 -25.28 36.56
CA UNK C 1801 -35.95 -24.70 35.65
C UNK C 1801 -37.19 -24.24 36.42
N UNK C 1802 -37.70 -25.10 37.29
CA UNK C 1802 -38.89 -24.79 38.07
C UNK C 1802 -38.68 -23.53 38.91
N UNK C 1803 -37.53 -23.46 39.59
CA UNK C 1803 -37.20 -22.31 40.42
C UNK C 1803 -37.21 -21.03 39.61
N UNK C 1804 -36.57 -21.05 38.45
CA UNK C 1804 -36.50 -19.88 37.58
C UNK C 1804 -37.90 -19.40 37.20
N PHE C 1961 -24.98 -25.08 43.60
CA PHE C 1961 -25.52 -26.25 44.28
C PHE C 1961 -24.63 -27.47 44.04
N PHE C 1962 -24.39 -27.78 42.78
CA PHE C 1962 -23.55 -28.92 42.42
C PHE C 1962 -22.14 -28.74 42.94
N HIS C 1963 -21.62 -27.52 42.83
CA HIS C 1963 -20.28 -27.21 43.31
C HIS C 1963 -20.22 -27.42 44.81
N ASP C 1964 -21.27 -27.02 45.50
CA ASP C 1964 -21.37 -27.18 46.94
C ASP C 1964 -21.36 -28.65 47.34
N ILE C 1965 -22.04 -29.48 46.55
CA ILE C 1965 -22.14 -30.90 46.85
C ILE C 1965 -20.76 -31.56 46.82
N LEU C 1966 -19.95 -31.19 45.84
CA LEU C 1966 -18.59 -31.71 45.76
C LEU C 1966 -17.79 -31.25 46.98
N HIS C 1967 -18.00 -30.00 47.36
CA HIS C 1967 -17.34 -29.43 48.53
C HIS C 1967 -17.75 -30.15 49.81
N THR C 1968 -19.02 -30.51 49.91
CA THR C 1968 -19.59 -31.09 51.12
C THR C 1968 -18.93 -32.40 51.53
N LYS C 1969 -18.63 -33.26 50.55
CA LYS C 1969 -18.01 -34.54 50.87
C LYS C 1969 -16.55 -34.59 50.42
N TYR C 1970 -15.66 -34.85 51.39
CA TYR C 1970 -14.23 -34.97 51.12
C TYR C 1970 -13.90 -36.17 50.23
N ARG C 1971 -14.58 -37.28 50.47
CA ARG C 1971 -14.27 -38.54 49.79
C ARG C 1971 -14.44 -38.47 48.28
N ALA C 1972 -15.51 -37.83 47.83
CA ALA C 1972 -15.77 -37.71 46.40
C ALA C 1972 -14.66 -36.94 45.69
N ALA C 1973 -14.20 -35.87 46.33
CA ALA C 1973 -13.16 -35.03 45.77
C ALA C 1973 -11.82 -35.76 45.61
N THR C 1974 -11.48 -36.58 46.60
CA THR C 1974 -10.18 -37.25 46.61
C THR C 1974 -10.28 -38.77 46.49
N ASP C 1975 -9.14 -39.44 46.67
CA ASP C 1975 -9.06 -40.91 46.55
C ASP C 1975 -9.42 -41.34 45.13
N VAL C 1976 -10.53 -40.77 44.66
CA VAL C 1976 -11.06 -41.04 43.32
C VAL C 1976 -10.00 -40.71 42.25
N TYR C 1977 -9.42 -39.55 42.43
CA TYR C 1977 -8.37 -39.03 41.53
C TYR C 1977 -7.20 -40.00 41.47
N ALA C 1978 -6.80 -40.44 42.65
CA ALA C 1978 -5.69 -41.38 42.82
C ALA C 1978 -5.98 -42.67 42.05
N LEU C 1979 -7.20 -43.15 42.24
CA LEU C 1979 -7.69 -44.38 41.60
C LEU C 1979 -7.59 -44.25 40.08
N MET C 1980 -8.05 -43.11 39.60
CA MET C 1980 -8.06 -42.77 38.17
C MET C 1980 -6.63 -42.83 37.62
N PHE C 1981 -5.74 -42.21 38.37
CA PHE C 1981 -4.32 -42.14 38.02
C PHE C 1981 -3.74 -43.55 37.88
N LEU C 1982 -4.07 -44.36 38.87
CA LEU C 1982 -3.62 -45.77 38.94
C LEU C 1982 -4.08 -46.51 37.69
N ALA C 1983 -5.34 -46.31 37.37
CA ALA C 1983 -5.99 -46.94 36.21
C ALA C 1983 -5.23 -46.57 34.94
N ASP C 1984 -4.96 -45.28 34.83
CA ASP C 1984 -4.24 -44.71 33.68
C ASP C 1984 -2.87 -45.38 33.53
N ILE C 1985 -2.15 -45.50 34.64
CA ILE C 1985 -0.84 -46.15 34.62
C ILE C 1985 -0.98 -47.64 34.35
N VAL C 1986 -1.50 -48.38 35.32
CA VAL C 1986 -1.69 -49.82 35.19
C VAL C 1986 -2.50 -50.13 33.93
N ASP C 1987 -3.70 -49.55 33.84
CA ASP C 1987 -4.56 -49.75 32.68
C ASP C 1987 -3.76 -49.63 31.39
N ILE C 1988 -3.17 -48.47 31.16
CA ILE C 1988 -2.35 -48.24 29.99
C ILE C 1988 -1.32 -49.36 29.85
N ILE C 1989 -0.84 -49.85 30.98
CA ILE C 1989 0.17 -50.90 30.99
C ILE C 1989 -0.45 -52.28 30.80
N ILE C 1990 -1.38 -52.64 31.68
CA ILE C 1990 -2.02 -53.94 31.62
C ILE C 1990 -2.80 -54.12 30.33
N ILE C 1991 -3.50 -53.07 29.91
CA ILE C 1991 -4.28 -53.12 28.69
C ILE C 1991 -3.43 -53.64 27.53
N ILE C 1992 -3.18 -54.94 27.52
CA ILE C 1992 -2.36 -55.54 26.48
C ILE C 1992 -2.68 -54.95 25.10
N PHE C 1993 -3.60 -55.60 24.39
CA PHE C 1993 -4.00 -55.12 23.07
C PHE C 1993 -5.05 -54.02 23.19
N GLY C 1994 -4.61 -52.80 23.40
CA GLY C 1994 -5.52 -51.67 23.55
C GLY C 1994 -4.82 -50.33 23.33
N PHE C 1995 -4.23 -49.79 24.39
CA PHE C 1995 -3.60 -48.48 24.33
C PHE C 1995 -3.67 -47.88 22.93
N TRP C 1996 -3.47 -48.70 21.92
CA TRP C 1996 -3.53 -48.24 20.53
C TRP C 1996 -4.93 -47.72 20.25
N ALA C 1997 -5.92 -48.44 20.74
CA ALA C 1997 -7.32 -48.01 20.61
C ALA C 1997 -7.52 -46.70 21.37
N PHE C 1998 -6.89 -46.60 22.53
CA PHE C 1998 -7.03 -45.41 23.36
C PHE C 1998 -6.47 -44.19 22.64
N GLY C 1999 -5.36 -44.37 21.96
CA GLY C 1999 -4.75 -43.28 21.21
C GLY C 1999 -5.69 -42.81 20.13
N LYS C 2000 -6.34 -43.76 19.46
CA LYS C 2000 -7.32 -43.44 18.43
C LYS C 2000 -8.50 -42.70 19.06
N HIS C 2001 -8.91 -43.17 20.23
CA HIS C 2001 -10.02 -42.55 20.94
C HIS C 2001 -9.69 -41.12 21.33
N SER C 2002 -8.46 -40.91 21.79
CA SER C 2002 -8.02 -39.59 22.21
C SER C 2002 -8.06 -38.65 21.03
N ALA C 2003 -7.61 -39.14 19.87
CA ALA C 2003 -7.63 -38.34 18.66
C ALA C 2003 -9.06 -38.00 18.29
N ALA C 2004 -9.95 -38.98 18.43
CA ALA C 2004 -11.36 -38.76 18.15
C ALA C 2004 -11.90 -37.68 19.08
N THR C 2005 -11.57 -37.81 20.36
CA THR C 2005 -12.02 -36.83 21.35
C THR C 2005 -11.61 -35.42 20.96
N ASP C 2006 -10.36 -35.26 20.56
CA ASP C 2006 -9.84 -33.95 20.17
C ASP C 2006 -10.64 -33.37 19.01
N ILE C 2007 -10.90 -34.19 18.00
CA ILE C 2007 -11.67 -33.75 16.82
C ILE C 2007 -13.05 -33.26 17.26
N ALA C 2008 -13.67 -34.06 18.10
CA ALA C 2008 -15.00 -33.78 18.64
C ALA C 2008 -15.00 -32.42 19.37
N SER C 2009 -13.98 -32.28 20.20
CA SER C 2009 -13.78 -31.05 21.00
C SER C 2009 -13.68 -29.83 20.08
N SER C 2010 -12.88 -30.01 19.05
CA SER C 2010 -12.64 -28.96 18.04
C SER C 2010 -13.97 -28.54 17.39
N LEU C 2011 -14.73 -29.56 17.02
CA LEU C 2011 -16.04 -29.38 16.39
C LEU C 2011 -16.97 -28.56 17.30
N SER C 2012 -16.97 -28.95 18.55
CA SER C 2012 -17.77 -28.31 19.60
C SER C 2012 -17.41 -26.82 19.69
N ASP C 2013 -16.12 -26.54 19.82
CA ASP C 2013 -15.64 -25.18 19.80
C ASP C 2013 -15.90 -24.55 18.44
N ASP C 2014 -15.60 -25.30 17.39
CA ASP C 2014 -15.87 -24.84 16.03
C ASP C 2014 -17.37 -24.71 15.82
N GLN C 2015 -18.11 -25.70 16.30
CA GLN C 2015 -19.56 -25.66 16.25
C GLN C 2015 -20.07 -24.53 17.15
N VAL C 2016 -19.44 -24.40 18.31
CA VAL C 2016 -19.82 -23.38 19.27
C VAL C 2016 -19.58 -21.98 18.72
N PRO C 2017 -18.45 -21.80 18.05
CA PRO C 2017 -18.11 -20.48 17.52
C PRO C 2017 -19.12 -20.02 16.47
N GLN C 2018 -19.37 -20.89 15.49
CA GLN C 2018 -20.34 -20.58 14.45
C GLN C 2018 -21.75 -20.49 15.04
N ALA C 2019 -22.07 -21.40 15.94
CA ALA C 2019 -23.43 -21.56 16.45
C ALA C 2019 -23.99 -20.37 17.24
N PHE C 2020 -23.18 -19.79 18.12
CA PHE C 2020 -23.71 -18.74 19.00
C PHE C 2020 -24.19 -17.51 18.24
N LEU C 2021 -23.37 -17.05 17.29
CA LEU C 2021 -23.75 -15.94 16.43
C LEU C 2021 -23.64 -14.62 17.18
N PHE C 2022 -23.87 -13.52 16.48
CA PHE C 2022 -24.09 -12.23 17.12
C PHE C 2022 -22.98 -11.84 18.10
N MET C 2023 -23.36 -11.38 19.29
CA MET C 2023 -22.44 -11.07 20.38
C MET C 2023 -22.88 -11.79 21.65
N LEU C 2024 -21.92 -12.38 22.35
CA LEU C 2024 -22.25 -13.15 23.55
C LEU C 2024 -21.64 -12.58 24.84
N LEU C 2025 -22.48 -12.43 25.86
CA LEU C 2025 -22.03 -12.03 27.19
C LEU C 2025 -20.51 -12.04 27.28
N VAL C 2026 -19.95 -10.98 27.86
CA VAL C 2026 -18.50 -10.90 28.04
C VAL C 2026 -18.05 -12.02 28.97
N GLN C 2027 -18.85 -12.28 30.01
CA GLN C 2027 -18.57 -13.35 30.95
C GLN C 2027 -18.58 -14.70 30.25
N PHE C 2028 -19.51 -14.86 29.31
CA PHE C 2028 -19.64 -16.12 28.57
C PHE C 2028 -18.37 -16.41 27.80
N GLY C 2029 -17.78 -15.36 27.23
CA GLY C 2029 -16.54 -15.50 26.48
C GLY C 2029 -15.45 -16.00 27.42
N THR C 2030 -15.44 -15.47 28.64
CA THR C 2030 -14.46 -15.88 29.64
C THR C 2030 -14.62 -17.34 30.00
N MET C 2031 -15.88 -17.79 30.10
CA MET C 2031 -16.16 -19.18 30.43
C MET C 2031 -15.63 -20.11 29.36
N VAL C 2032 -15.79 -19.71 28.11
CA VAL C 2032 -15.29 -20.51 26.99
C VAL C 2032 -13.78 -20.65 27.08
N ILE C 2033 -13.13 -19.55 27.45
CA ILE C 2033 -11.68 -19.55 27.63
C ILE C 2033 -11.32 -20.51 28.75
N ASP C 2034 -12.13 -20.51 29.80
CA ASP C 2034 -11.92 -21.44 30.91
C ASP C 2034 -12.08 -22.85 30.39
N ARG C 2035 -13.05 -23.03 29.49
CA ARG C 2035 -13.28 -24.33 28.87
C ARG C 2035 -12.06 -24.75 28.06
N ALA C 2036 -11.46 -23.79 27.36
CA ALA C 2036 -10.30 -24.08 26.53
C ALA C 2036 -9.15 -24.61 27.39
N LEU C 2037 -8.95 -23.98 28.54
CA LEU C 2037 -8.01 -24.50 29.53
C LEU C 2037 -8.16 -26.01 29.70
N TYR C 2038 -9.41 -26.46 29.84
CA TYR C 2038 -9.69 -27.87 30.00
C TYR C 2038 -9.15 -28.69 28.83
N LEU C 2039 -9.40 -28.22 27.61
CA LEU C 2039 -8.95 -28.91 26.42
C LEU C 2039 -7.43 -29.05 26.42
N ARG C 2040 -6.73 -27.97 26.73
CA ARG C 2040 -5.27 -27.98 26.77
C ARG C 2040 -4.76 -29.03 27.74
N LYS C 2041 -5.33 -29.05 28.94
CA LYS C 2041 -4.93 -30.00 29.96
C LYS C 2041 -5.07 -31.44 29.48
N THR C 2042 -6.25 -32.01 29.70
CA THR C 2042 -6.55 -33.37 29.25
C THR C 2042 -5.47 -33.86 28.29
N VAL C 2043 -5.38 -33.21 27.15
CA VAL C 2043 -4.35 -33.55 26.17
C VAL C 2043 -3.01 -33.66 26.86
N LEU C 2044 -2.80 -32.81 27.86
CA LEU C 2044 -1.58 -32.84 28.66
C LEU C 2044 -1.30 -34.28 29.09
N GLY C 2045 -2.34 -34.96 29.55
CA GLY C 2045 -2.23 -36.35 29.97
C GLY C 2045 -1.63 -37.20 28.87
N LYS C 2046 -2.48 -37.66 27.96
CA LYS C 2046 -2.03 -38.48 26.83
C LYS C 2046 -0.81 -37.85 26.16
N LEU C 2047 -0.59 -36.57 26.42
CA LEU C 2047 0.53 -35.85 25.84
C LEU C 2047 1.81 -36.67 25.91
N ALA C 2048 2.16 -37.11 27.12
CA ALA C 2048 3.36 -37.92 27.31
C ALA C 2048 2.99 -39.40 27.36
N PHE C 2049 1.83 -39.74 26.81
CA PHE C 2049 1.36 -41.11 26.79
C PHE C 2049 1.78 -41.82 25.50
N GLN C 2050 1.29 -41.30 24.38
CA GLN C 2050 1.61 -41.87 23.07
C GLN C 2050 3.09 -42.23 22.96
N VAL C 2051 3.97 -41.22 22.96
CA VAL C 2051 3.57 -39.81 23.08
C VAL C 2051 4.67 -38.91 22.51
N VAL C 2052 5.78 -38.83 23.23
CA VAL C 2052 6.93 -38.05 22.79
C VAL C 2052 8.01 -38.98 22.28
N LEU C 2053 8.53 -39.83 23.16
CA LEU C 2053 9.54 -40.80 22.78
C LEU C 2053 8.98 -41.81 21.79
N VAL C 2054 7.77 -42.28 22.06
CA VAL C 2054 7.11 -43.24 21.19
C VAL C 2054 6.64 -42.58 19.89
N VAL C 2055 6.50 -41.26 19.93
CA VAL C 2055 6.06 -40.50 18.77
C VAL C 2055 5.72 -39.07 19.14
N ALA C 2056 6.68 -38.37 19.74
CA ALA C 2056 6.50 -36.99 20.18
C ALA C 2056 5.75 -36.17 19.13
N ILE C 2057 5.79 -36.64 17.89
CA ILE C 2057 5.10 -35.95 16.80
C ILE C 2057 3.69 -35.57 17.22
N HIS C 2058 3.10 -36.38 18.09
CA HIS C 2058 1.76 -36.12 18.60
C HIS C 2058 1.70 -34.76 19.30
N ILE C 2059 1.76 -34.79 20.62
CA ILE C 2059 1.71 -33.55 21.40
C ILE C 2059 2.58 -32.48 20.76
N TRP C 2060 3.56 -32.91 19.97
CA TRP C 2060 4.45 -31.98 19.29
C TRP C 2060 3.70 -31.16 18.24
N MET C 2061 4.02 -31.40 16.97
CA MET C 2061 3.40 -30.65 15.88
C MET C 2061 1.96 -30.32 16.19
N PHE C 2062 1.25 -31.28 16.77
CA PHE C 2062 -0.15 -31.08 17.14
C PHE C 2062 -0.28 -30.00 18.20
N PHE C 2063 0.63 -30.00 19.16
CA PHE C 2063 0.60 -29.04 20.26
C PHE C 2063 0.77 -27.61 19.73
N ILE C 2064 1.70 -27.46 18.78
CA ILE C 2064 1.94 -26.16 18.17
C ILE C 2064 0.72 -25.66 17.41
N LEU C 2065 0.06 -26.58 16.72
CA LEU C 2065 -1.08 -26.23 15.87
C LEU C 2065 -2.35 -25.94 16.67
N PRO C 2066 -2.21 -25.22 17.78
CA PRO C 2066 -3.37 -24.86 18.59
C PRO C 2066 -3.14 -23.57 19.37
N ALA C 2067 -1.93 -23.43 19.91
CA ALA C 2067 -1.61 -22.26 20.71
C ALA C 2067 -1.70 -20.99 19.89
N VAL C 2068 -1.20 -21.06 18.65
CA VAL C 2068 -1.26 -19.92 17.75
C VAL C 2068 -2.71 -19.58 17.43
N THR C 2069 -3.53 -20.60 17.21
CA THR C 2069 -4.94 -20.42 16.90
C THR C 2069 -5.69 -19.77 18.05
N GLU C 2070 -5.41 -20.19 19.27
CA GLU C 2070 -6.11 -19.67 20.44
C GLU C 2070 -5.87 -18.18 20.63
N ARG C 2071 -4.63 -17.75 20.42
CA ARG C 2071 -4.28 -16.34 20.55
C ARG C 2071 -5.03 -15.50 19.52
N MET C 2072 -5.09 -16.00 18.30
CA MET C 2072 -5.76 -15.28 17.21
C MET C 2072 -7.25 -15.11 17.44
N PHE C 2073 -7.90 -16.17 17.94
CA PHE C 2073 -9.35 -16.13 18.11
C PHE C 2073 -9.79 -15.07 19.11
N SER C 2074 -9.07 -14.98 20.23
CA SER C 2074 -9.37 -13.95 21.21
C SER C 2074 -9.13 -12.58 20.62
N GLN C 2075 -8.02 -12.45 19.90
CA GLN C 2075 -7.66 -11.20 19.24
C GLN C 2075 -8.66 -10.82 18.15
N ASN C 2076 -9.11 -11.82 17.40
CA ASN C 2076 -9.96 -11.59 16.24
C ASN C 2076 -11.29 -10.94 16.58
N ALA C 2077 -11.92 -11.40 17.66
CA ALA C 2077 -13.24 -10.88 18.02
C ALA C 2077 -13.21 -9.40 18.36
N VAL C 2078 -12.21 -8.98 19.11
CA VAL C 2078 -12.06 -7.58 19.48
C VAL C 2078 -13.35 -7.09 20.13
N ALA C 2079 -13.83 -5.90 19.75
CA ALA C 2079 -15.15 -5.43 20.13
C ALA C 2079 -16.05 -5.34 18.90
N GLN C 2080 -15.42 -5.29 17.73
CA GLN C 2080 -16.12 -5.18 16.46
C GLN C 2080 -16.99 -6.40 16.15
N LEU C 2081 -16.46 -7.58 16.46
CA LEU C 2081 -17.12 -8.85 16.14
C LEU C 2081 -16.84 -9.27 14.71
N TRP C 2082 -17.44 -10.39 14.30
CA TRP C 2082 -17.23 -10.94 12.96
C TRP C 2082 -15.91 -11.70 12.92
N TYR C 2083 -15.30 -11.86 14.09
CA TYR C 2083 -14.04 -12.59 14.23
C TYR C 2083 -14.19 -14.05 13.85
N PHE C 2084 -15.34 -14.62 14.21
CA PHE C 2084 -15.56 -16.06 14.07
C PHE C 2084 -15.48 -16.53 12.63
N VAL C 2085 -16.01 -15.76 11.68
CA VAL C 2085 -15.96 -16.17 10.30
C VAL C 2085 -14.50 -16.30 9.88
N LYS C 2086 -13.70 -15.31 10.26
CA LYS C 2086 -12.25 -15.43 10.16
C LYS C 2086 -11.78 -16.52 11.10
N CYS C 2087 -12.37 -16.53 12.30
CA CYS C 2087 -12.03 -17.49 13.34
C CYS C 2087 -12.35 -18.92 12.96
N ILE C 2088 -13.48 -19.11 12.29
CA ILE C 2088 -13.95 -20.45 11.95
C ILE C 2088 -12.94 -21.17 11.07
N TYR C 2089 -12.37 -20.44 10.12
CA TYR C 2089 -11.34 -21.02 9.26
C TYR C 2089 -10.26 -21.72 10.07
N PHE C 2090 -9.87 -21.12 11.19
CA PHE C 2090 -8.78 -21.63 12.00
C PHE C 2090 -9.07 -23.02 12.56
N ALA C 2091 -10.30 -23.22 12.99
CA ALA C 2091 -10.70 -24.49 13.58
C ALA C 2091 -10.58 -25.62 12.56
N LEU C 2092 -10.97 -25.34 11.32
CA LEU C 2092 -10.94 -26.35 10.27
C LEU C 2092 -9.52 -26.85 10.01
N SER C 2093 -8.57 -25.92 10.01
CA SER C 2093 -7.18 -26.28 9.76
C SER C 2093 -6.68 -27.22 10.84
N ALA C 2094 -7.07 -26.95 12.09
CA ALA C 2094 -6.70 -27.81 13.21
C ALA C 2094 -7.34 -29.19 13.02
N TYR C 2095 -8.58 -29.19 12.56
CA TYR C 2095 -9.33 -30.43 12.38
C TYR C 2095 -8.68 -31.35 11.36
N GLN C 2096 -8.20 -30.79 10.26
CA GLN C 2096 -7.61 -31.59 9.20
C GLN C 2096 -6.38 -32.35 9.69
N ILE C 2097 -5.57 -31.67 10.50
CA ILE C 2097 -4.39 -32.29 11.08
C ILE C 2097 -4.81 -33.42 12.00
N ARG C 2098 -5.89 -33.20 12.74
CA ARG C 2098 -6.38 -34.16 13.71
C ARG C 2098 -6.80 -35.48 13.05
N CYS C 2099 -7.46 -35.37 11.89
CA CYS C 2099 -7.92 -36.57 11.20
C CYS C 2099 -6.72 -37.43 10.82
N GLY C 2100 -5.67 -36.77 10.34
CA GLY C 2100 -4.41 -37.44 10.08
C GLY C 2100 -3.85 -37.96 11.39
N TYR C 2101 -4.00 -37.15 12.44
CA TYR C 2101 -3.43 -37.44 13.75
C TYR C 2101 -4.00 -38.70 14.40
N PRO C 2102 -5.30 -38.93 14.26
CA PRO C 2102 -5.93 -40.03 14.98
C PRO C 2102 -5.34 -41.37 14.58
N THR C 2103 -5.12 -41.57 13.29
CA THR C 2103 -4.36 -42.72 12.83
C THR C 2103 -2.95 -42.57 13.36
N ARG C 2104 -2.47 -41.33 13.32
CA ARG C 2104 -1.13 -40.97 13.77
C ARG C 2104 -0.73 -41.53 15.14
N ILE C 2105 -1.70 -41.62 16.05
CA ILE C 2105 -1.39 -41.84 17.46
C ILE C 2105 -0.61 -43.13 17.72
N LEU C 2106 -0.95 -44.21 17.02
CA LEU C 2106 -0.13 -45.41 17.10
C LEU C 2106 1.01 -45.24 16.10
N GLY C 2107 1.89 -44.29 16.39
CA GLY C 2107 2.98 -43.95 15.48
C GLY C 2107 3.95 -45.10 15.27
N ASN C 2108 4.32 -45.79 16.35
CA ASN C 2108 5.20 -46.94 16.22
C ASN C 2108 4.48 -48.00 15.40
N PHE C 2109 3.20 -48.20 15.73
CA PHE C 2109 2.31 -49.03 14.94
C PHE C 2109 2.06 -48.42 13.57
N LEU C 2110 1.90 -47.11 13.55
CA LEU C 2110 1.50 -46.37 12.34
C LEU C 2110 2.50 -46.47 11.20
N THR C 2111 3.79 -46.37 11.53
CA THR C 2111 4.83 -46.37 10.50
C THR C 2111 4.64 -45.19 9.56
N LYS C 2112 5.50 -44.18 9.70
CA LYS C 2112 5.40 -42.96 8.91
C LYS C 2112 5.58 -43.26 7.42
N LYS C 2113 6.50 -44.17 7.12
CA LYS C 2113 6.80 -44.53 5.74
C LYS C 2113 5.58 -45.14 5.05
N TYR C 2114 4.83 -45.95 5.79
CA TYR C 2114 3.69 -46.66 5.24
C TYR C 2114 2.60 -45.71 4.73
N ASN C 2115 2.36 -44.62 5.46
CA ASN C 2115 1.30 -43.68 5.10
C ASN C 2115 1.53 -43.05 3.73
N HIS C 2116 2.79 -42.69 3.46
CA HIS C 2116 3.15 -42.13 2.17
C HIS C 2116 2.91 -43.14 1.04
N LEU C 2117 3.22 -44.39 1.32
CA LEU C 2117 3.10 -45.46 0.34
C LEU C 2117 1.66 -45.66 -0.13
N ASN C 2118 0.72 -45.53 0.80
CA ASN C 2118 -0.69 -45.73 0.50
C ASN C 2118 -1.15 -44.71 -0.53
N LEU C 2119 -0.67 -43.48 -0.40
CA LEU C 2119 -1.01 -42.44 -1.35
C LEU C 2119 -0.50 -42.83 -2.73
N PHE C 2120 0.70 -43.40 -2.75
CA PHE C 2120 1.27 -43.92 -3.99
C PHE C 2120 0.26 -44.86 -4.62
N LEU C 2121 -0.37 -45.67 -3.78
CA LEU C 2121 -1.42 -46.56 -4.22
C LEU C 2121 -2.57 -45.74 -4.79
N PHE C 2122 -2.84 -44.62 -4.13
CA PHE C 2122 -3.87 -43.69 -4.58
C PHE C 2122 -3.50 -43.13 -5.96
N GLN C 2123 -2.21 -42.89 -6.16
CA GLN C 2123 -1.73 -42.42 -7.46
C GLN C 2123 -2.32 -41.06 -7.84
N GLY C 2124 -2.95 -40.96 -9.02
CA GLY C 2124 -3.39 -39.68 -9.55
C GLY C 2124 -4.37 -39.01 -8.62
N PHE C 2125 -5.30 -39.78 -8.07
CA PHE C 2125 -6.19 -39.28 -7.04
C PHE C 2125 -5.38 -38.90 -5.81
N ARG C 2126 -4.42 -39.76 -5.49
CA ARG C 2126 -3.50 -39.52 -4.37
C ARG C 2126 -2.64 -38.30 -4.64
N LEU C 2127 -2.21 -38.16 -5.89
CA LEU C 2127 -1.33 -37.07 -6.30
C LEU C 2127 -2.00 -35.72 -6.12
N VAL C 2128 -3.29 -35.66 -6.42
CA VAL C 2128 -4.04 -34.42 -6.31
C VAL C 2128 -4.04 -33.91 -4.88
N PRO C 2129 -4.17 -34.83 -3.93
CA PRO C 2129 -4.18 -34.46 -2.52
C PRO C 2129 -2.86 -33.83 -2.10
N PHE C 2130 -1.76 -34.39 -2.60
CA PHE C 2130 -0.43 -33.86 -2.28
C PHE C 2130 -0.27 -32.45 -2.83
N LEU C 2131 -0.78 -32.23 -4.03
CA LEU C 2131 -0.72 -30.92 -4.67
C LEU C 2131 -1.52 -29.89 -3.88
N VAL C 2132 -2.65 -30.32 -3.34
CA VAL C 2132 -3.58 -29.43 -2.66
C VAL C 2132 -2.98 -28.76 -1.43
N GLU C 2133 -2.19 -29.51 -0.67
CA GLU C 2133 -1.61 -28.98 0.56
C GLU C 2133 -0.71 -27.78 0.26
N LEU C 2134 0.07 -27.89 -0.80
CA LEU C 2134 0.91 -26.80 -1.28
C LEU C 2134 2.23 -26.69 -0.51
N ARG C 2135 3.06 -25.74 -0.93
CA ARG C 2135 4.36 -25.51 -0.31
C ARG C 2135 4.31 -25.03 1.14
N ALA C 2136 3.38 -24.14 1.44
CA ALA C 2136 3.36 -23.49 2.76
C ALA C 2136 3.15 -24.49 3.88
N VAL C 2137 2.23 -25.43 3.67
CA VAL C 2137 2.02 -26.48 4.65
C VAL C 2137 3.26 -27.35 4.79
N MET C 2138 3.87 -27.66 3.63
CA MET C 2138 5.07 -28.49 3.60
C MET C 2138 6.25 -27.86 4.33
N ASP C 2139 6.43 -26.55 4.13
CA ASP C 2139 7.56 -25.87 4.73
C ASP C 2139 7.46 -25.92 6.25
N TRP C 2140 6.26 -25.71 6.76
CA TRP C 2140 6.01 -25.82 8.19
C TRP C 2140 6.24 -27.25 8.63
N VAL C 2141 5.81 -28.20 7.81
CA VAL C 2141 5.87 -29.61 8.15
C VAL C 2141 7.28 -30.15 7.95
N TRP C 2142 7.92 -29.73 6.87
CA TRP C 2142 9.29 -30.12 6.60
C TRP C 2142 10.16 -29.86 7.82
N THR C 2143 9.90 -28.75 8.49
CA THR C 2143 10.72 -28.33 9.63
C THR C 2143 10.66 -29.35 10.77
N ASP C 2144 9.49 -29.90 11.04
CA ASP C 2144 9.35 -30.87 12.11
C ASP C 2144 10.21 -32.09 11.82
N THR C 2145 10.20 -32.53 10.57
CA THR C 2145 11.08 -33.61 10.12
C THR C 2145 12.52 -33.12 10.26
N THR C 2146 12.72 -31.87 9.91
CA THR C 2146 14.03 -31.23 10.02
C THR C 2146 14.45 -31.17 11.49
N LEU C 2147 13.47 -30.93 12.36
CA LEU C 2147 13.77 -30.73 13.77
C LEU C 2147 14.40 -31.97 14.38
N SER C 2148 13.92 -33.15 14.00
CA SER C 2148 14.49 -34.39 14.49
C SER C 2148 15.95 -34.51 14.04
N LEU C 2149 16.20 -34.16 12.78
CA LEU C 2149 17.54 -34.17 12.23
C LEU C 2149 17.82 -32.87 11.46
N SER C 2150 18.01 -31.78 12.19
CA SER C 2150 18.16 -30.47 11.57
C SER C 2150 19.38 -30.31 10.65
N ASN C 2151 20.53 -30.83 11.08
CA ASN C 2151 21.75 -30.67 10.29
C ASN C 2151 21.63 -31.36 8.93
N TRP C 2152 21.10 -32.58 8.95
CA TRP C 2152 20.81 -33.31 7.73
C TRP C 2152 19.72 -32.58 6.96
N MET C 2153 18.74 -32.07 7.70
CA MET C 2153 17.59 -31.39 7.13
C MET C 2153 17.98 -30.46 5.98
N CYS C 2154 18.91 -29.55 6.26
CA CYS C 2154 19.32 -28.61 5.23
C CYS C 2154 19.69 -29.44 4.02
N VAL C 2155 20.43 -30.51 4.25
CA VAL C 2155 20.64 -31.54 3.24
C VAL C 2155 19.31 -32.22 2.95
N GLU C 2156 18.55 -32.46 4.02
CA GLU C 2156 17.28 -33.17 3.95
C GLU C 2156 16.23 -32.42 3.12
N ASP C 2157 16.22 -31.10 3.26
CA ASP C 2157 15.17 -30.30 2.63
C ASP C 2157 15.21 -30.47 1.11
N ILE C 2158 16.40 -30.51 0.54
CA ILE C 2158 16.55 -30.72 -0.88
C ILE C 2158 16.00 -32.09 -1.28
N TYR C 2159 16.26 -33.09 -0.45
CA TYR C 2159 15.81 -34.44 -0.73
C TYR C 2159 14.28 -34.54 -0.75
N ALA C 2160 13.64 -33.85 0.18
CA ALA C 2160 12.18 -33.90 0.27
C ALA C 2160 11.55 -33.33 -0.99
N ASN C 2161 12.13 -32.23 -1.48
CA ASN C 2161 11.67 -31.62 -2.73
C ASN C 2161 11.83 -32.61 -3.90
N ILE C 2162 13.00 -33.21 -3.92
CA ILE C 2162 13.37 -34.20 -4.95
C ILE C 2162 12.37 -35.36 -4.93
N PHE C 2163 12.11 -35.83 -3.73
CA PHE C 2163 11.18 -36.94 -3.48
C PHE C 2163 9.80 -36.61 -4.05
N ILE C 2164 9.32 -35.40 -3.73
CA ILE C 2164 8.02 -34.96 -4.19
C ILE C 2164 7.88 -35.11 -5.69
N ILE C 2165 8.87 -34.57 -6.42
CA ILE C 2165 8.87 -34.64 -7.87
C ILE C 2165 8.93 -36.09 -8.32
N LYS C 2166 9.74 -36.88 -7.64
CA LYS C 2166 9.88 -38.31 -7.96
C LYS C 2166 8.53 -38.98 -7.77
N CYS C 2167 7.84 -38.61 -6.70
CA CYS C 2167 6.51 -39.14 -6.43
C CYS C 2167 5.55 -38.73 -7.54
N SER C 2168 5.68 -37.50 -8.00
CA SER C 2168 4.84 -36.98 -9.08
C SER C 2168 5.06 -37.78 -10.36
N ARG C 2169 6.32 -38.10 -10.65
CA ARG C 2169 6.65 -38.84 -11.85
C ARG C 2169 6.03 -40.23 -11.83
N GLU C 2170 6.04 -40.87 -10.67
CA GLU C 2170 5.45 -42.20 -10.52
C GLU C 2170 3.96 -42.16 -10.78
N THR C 2171 3.30 -41.12 -10.28
CA THR C 2171 1.85 -40.97 -10.45
C THR C 2171 1.50 -40.84 -11.91
N GLU C 2172 2.31 -40.08 -12.64
CA GLU C 2172 2.12 -39.89 -14.07
C GLU C 2172 2.27 -41.23 -14.79
N LYS C 2173 3.26 -42.01 -14.37
CA LYS C 2173 3.50 -43.32 -14.97
C LYS C 2173 2.29 -44.21 -14.77
N LYS C 2174 1.74 -44.17 -13.57
CA LYS C 2174 0.66 -45.07 -13.16
C LYS C 2174 -0.58 -44.98 -14.05
N TYR C 2175 -1.53 -44.15 -13.63
CA TYR C 2175 -2.77 -43.99 -14.37
C TYR C 2175 -2.48 -43.60 -15.82
N PRO C 2176 -1.29 -43.04 -16.03
CA PRO C 2176 -0.88 -42.59 -17.35
C PRO C 2176 -0.79 -43.72 -18.36
N GLN C 2177 -0.26 -44.86 -17.93
CA GLN C 2177 -0.06 -45.98 -18.86
C GLN C 2177 -1.39 -46.47 -19.42
N PRO C 2178 -2.39 -46.61 -18.56
CA PRO C 2178 -3.72 -46.97 -19.02
C PRO C 2178 -4.29 -45.85 -19.89
N LYS C 2179 -4.12 -44.62 -19.41
CA LYS C 2179 -4.61 -43.44 -20.11
C LYS C 2179 -3.93 -43.22 -21.45
N GLY C 2180 -2.63 -43.49 -21.49
CA GLY C 2180 -1.81 -43.13 -22.64
C GLY C 2180 -2.21 -43.81 -23.95
N GLN C 2181 -2.15 -43.03 -25.02
CA GLN C 2181 -2.46 -43.50 -26.37
C GLN C 2181 -1.39 -42.96 -27.33
N LYS C 2182 -1.20 -43.63 -28.45
CA LYS C 2182 -0.16 -43.22 -29.39
C LYS C 2182 -0.76 -42.49 -30.60
N LYS C 2183 -0.25 -41.29 -30.85
CA LYS C 2183 -0.72 -40.48 -31.96
C LYS C 2183 -2.21 -40.20 -31.82
N LYS C 2184 -2.67 -40.02 -30.59
CA LYS C 2184 -4.07 -39.75 -30.32
C LYS C 2184 -4.27 -38.41 -29.63
N LYS C 2185 -5.15 -37.58 -30.18
CA LYS C 2185 -5.46 -36.28 -29.61
C LYS C 2185 -6.96 -36.11 -29.38
N ILE C 2186 -7.33 -35.62 -28.21
CA ILE C 2186 -8.74 -35.38 -27.90
C ILE C 2186 -9.01 -33.88 -27.77
N VAL C 2187 -9.97 -33.39 -28.54
CA VAL C 2187 -10.32 -31.98 -28.55
C VAL C 2187 -10.87 -31.51 -27.20
N LYS C 2188 -11.71 -32.35 -26.59
CA LYS C 2188 -12.40 -31.96 -25.36
C LYS C 2188 -11.43 -31.70 -24.21
N TYR C 2189 -10.41 -32.55 -24.08
CA TYR C 2189 -9.43 -32.38 -23.02
C TYR C 2189 -8.67 -31.07 -23.20
N GLY C 2190 -8.31 -30.78 -24.44
CA GLY C 2190 -7.60 -29.55 -24.77
C GLY C 2190 -8.44 -28.32 -24.47
N MET C 2191 -9.72 -28.40 -24.80
CA MET C 2191 -10.62 -27.27 -24.66
C MET C 2191 -10.78 -26.79 -23.22
N GLY C 2192 -10.89 -27.74 -22.30
CA GLY C 2192 -11.09 -27.39 -20.90
C GLY C 2192 -9.91 -26.61 -20.33
N GLY C 2193 -8.71 -27.06 -20.66
CA GLY C 2193 -7.49 -26.37 -20.24
C GLY C 2193 -7.40 -24.97 -20.84
N LEU C 2194 -7.78 -24.89 -22.11
CA LEU C 2194 -7.66 -23.66 -22.89
C LEU C 2194 -8.76 -22.66 -22.54
N ILE C 2195 -9.97 -23.17 -22.37
CA ILE C 2195 -11.09 -22.31 -21.99
C ILE C 2195 -10.83 -21.71 -20.61
N ILE C 2196 -10.30 -22.54 -19.70
CA ILE C 2196 -9.95 -22.08 -18.37
C ILE C 2196 -8.85 -21.02 -18.44
N LEU C 2197 -7.87 -21.25 -19.32
CA LEU C 2197 -6.77 -20.32 -19.48
C LEU C 2197 -7.27 -18.97 -19.97
N PHE C 2198 -8.21 -19.00 -20.92
CA PHE C 2198 -8.79 -17.77 -21.45
C PHE C 2198 -9.53 -17.05 -20.33
N LEU C 2199 -10.26 -17.82 -19.52
CA LEU C 2199 -10.98 -17.27 -18.39
C LEU C 2199 -10.03 -16.65 -17.38
N ILE C 2200 -8.91 -17.35 -17.13
CA ILE C 2200 -7.91 -16.86 -16.20
C ILE C 2200 -7.31 -15.56 -16.71
N ALA C 2201 -7.05 -15.50 -18.00
CA ALA C 2201 -6.53 -14.29 -18.63
C ALA C 2201 -7.55 -13.17 -18.51
N ILE C 2202 -8.82 -13.51 -18.71
CA ILE C 2202 -9.89 -12.54 -18.61
C ILE C 2202 -10.01 -12.00 -17.18
N ILE C 2203 -9.86 -12.89 -16.22
CA ILE C 2203 -9.94 -12.50 -14.81
C ILE C 2203 -8.80 -11.53 -14.49
N TRP C 2204 -7.62 -11.83 -15.02
CA TRP C 2204 -6.47 -10.96 -14.86
C TRP C 2204 -6.74 -9.63 -15.53
N PHE C 2205 -7.37 -9.70 -16.71
CA PHE C 2205 -7.69 -8.51 -17.48
C PHE C 2205 -9.00 -7.93 -16.96
N PRO C 2206 -9.94 -8.83 -16.67
CA PRO C 2206 -11.25 -8.46 -16.16
C PRO C 2206 -11.15 -7.80 -14.79
N LEU C 2207 -10.25 -8.32 -13.96
CA LEU C 2207 -10.10 -7.81 -12.60
C LEU C 2207 -9.67 -6.36 -12.62
N LEU C 2208 -8.76 -6.01 -13.51
CA LEU C 2208 -8.36 -4.63 -13.67
C LEU C 2208 -9.55 -3.79 -14.12
N PHE C 2209 -10.33 -4.36 -15.05
CA PHE C 2209 -11.56 -3.74 -15.52
C PHE C 2209 -12.58 -3.64 -14.39
N MET C 2210 -12.65 -4.69 -13.57
CA MET C 2210 -13.62 -4.77 -12.49
C MET C 2210 -13.41 -3.68 -11.45
N SER C 2211 -12.15 -3.42 -11.12
CA SER C 2211 -11.80 -2.43 -10.10
C SER C 2211 -11.77 -1.01 -10.68
N LEU C 2212 -11.43 -0.91 -11.96
CA LEU C 2212 -11.36 0.38 -12.63
C LEU C 2212 -12.58 1.25 -12.29
N ILE C 2213 -13.67 0.59 -11.93
CA ILE C 2213 -14.89 1.30 -11.56
C ILE C 2213 -15.37 0.86 -10.18
N ARG C 2214 -14.61 -0.02 -9.54
CA ARG C 2214 -14.95 -0.51 -8.22
C ARG C 2214 -15.37 0.63 -7.29
N SER C 2215 -15.00 1.86 -7.66
CA SER C 2215 -15.34 3.02 -6.86
C SER C 2215 -16.43 3.86 -7.52
N VAL C 2216 -17.28 4.47 -6.71
CA VAL C 2216 -18.36 5.30 -7.23
C VAL C 2216 -19.37 5.69 -6.16
N VAL C 2217 -20.03 6.82 -6.34
CA VAL C 2217 -21.05 7.33 -5.41
C VAL C 2217 -21.87 8.50 -5.99
N GLY C 2218 -23.12 8.67 -5.52
CA GLY C 2218 -24.04 9.61 -6.16
C GLY C 2218 -25.37 9.69 -5.45
N VAL C 2219 -25.51 10.68 -4.58
CA VAL C 2219 -26.77 10.90 -3.85
C VAL C 2219 -27.15 12.39 -3.85
N VAL C 2220 -28.45 12.64 -3.87
CA VAL C 2220 -28.97 13.98 -4.03
C VAL C 2220 -28.68 14.85 -2.81
N ASN C 2221 -28.29 16.09 -3.06
CA ASN C 2221 -28.11 17.05 -1.98
C ASN C 2221 -29.04 18.24 -2.14
N GLN C 2222 -29.85 18.48 -1.12
CA GLN C 2222 -30.71 19.65 -1.08
C GLN C 2222 -30.40 20.39 0.21
N PRO C 2223 -30.16 21.77 0.09
CA PRO C 2223 -29.82 22.40 1.37
C PRO C 2223 -30.98 22.27 2.35
N ILE C 2224 -30.68 21.85 3.57
CA ILE C 2224 -31.67 21.77 4.62
C ILE C 2224 -32.18 23.17 4.93
N ASP C 2225 -31.24 24.10 4.93
CA ASP C 2225 -31.47 25.48 5.36
C ASP C 2225 -30.88 26.42 4.31
N VAL C 2226 -31.66 27.43 3.94
CA VAL C 2226 -31.22 28.48 3.04
C VAL C 2226 -31.36 29.80 3.81
N THR C 2227 -30.22 30.41 4.11
CA THR C 2227 -30.21 31.64 4.90
C THR C 2227 -29.71 32.78 4.04
N VAL C 2228 -30.50 33.86 3.99
CA VAL C 2228 -30.16 35.03 3.19
C VAL C 2228 -30.23 36.28 4.05
N THR C 2229 -29.39 37.25 3.72
CA THR C 2229 -29.42 38.53 4.41
C THR C 2229 -29.27 39.68 3.43
N LEU C 2230 -29.81 40.84 3.81
CA LEU C 2230 -29.57 42.10 3.10
C LEU C 2230 -29.03 43.10 4.11
N LYS C 2231 -27.85 43.63 3.82
CA LYS C 2231 -27.13 44.48 4.76
C LYS C 2231 -26.55 45.71 4.05
N LEU C 2232 -26.82 46.88 4.61
CA LEU C 2232 -26.30 48.13 4.11
C LEU C 2232 -25.07 48.54 4.93
N GLY C 2233 -23.94 48.65 4.25
CA GLY C 2233 -22.70 49.05 4.89
C GLY C 2233 -22.41 48.17 6.11
N GLY C 2234 -21.95 48.80 7.18
CA GLY C 2234 -21.70 48.10 8.43
C GLY C 2234 -22.88 48.18 9.41
N TYR C 2235 -24.01 48.72 8.96
CA TYR C 2235 -25.18 48.86 9.83
C TYR C 2235 -25.84 47.51 10.09
N GLU C 2236 -26.53 47.39 11.22
CA GLU C 2236 -27.27 46.17 11.54
C GLU C 2236 -28.10 45.73 10.33
N PRO C 2237 -28.00 44.45 9.95
CA PRO C 2237 -28.64 43.99 8.72
C PRO C 2237 -30.13 44.34 8.64
N LEU C 2238 -30.57 44.75 7.46
CA LEU C 2238 -31.96 45.17 7.27
C LEU C 2238 -32.88 43.97 7.28
N PHE C 2239 -32.42 42.86 6.69
CA PHE C 2239 -33.27 41.72 6.44
C PHE C 2239 -32.48 40.45 6.64
N THR C 2240 -33.05 39.50 7.37
CA THR C 2240 -32.51 38.15 7.49
C THR C 2240 -33.65 37.15 7.38
N MET C 2241 -33.38 36.02 6.73
CA MET C 2241 -34.40 34.98 6.63
C MET C 2241 -33.74 33.63 6.43
N SER C 2242 -34.21 32.63 7.17
CA SER C 2242 -33.76 31.26 7.00
C SER C 2242 -34.94 30.38 6.64
N ALA C 2243 -34.91 29.83 5.42
CA ALA C 2243 -35.93 28.91 4.93
C ALA C 2243 -35.52 27.47 5.24
N GLN C 2244 -36.46 26.72 5.82
CA GLN C 2244 -36.30 25.29 6.08
C GLN C 2244 -37.59 24.59 5.64
N GLN C 2245 -37.65 23.27 5.83
CA GLN C 2245 -38.83 22.48 5.45
C GLN C 2245 -40.15 23.14 5.92
N PRO C 2246 -41.18 23.15 5.05
CA PRO C 2246 -41.27 22.66 3.68
C PRO C 2246 -41.08 23.81 2.69
N SER C 2247 -40.41 24.89 3.12
CA SER C 2247 -40.17 26.06 2.26
C SER C 2247 -39.07 25.82 1.23
N ILE C 2248 -38.37 24.70 1.35
CA ILE C 2248 -37.39 24.29 0.35
C ILE C 2248 -38.05 23.19 -0.49
N VAL C 2249 -38.54 23.55 -1.67
CA VAL C 2249 -39.42 22.67 -2.44
C VAL C 2249 -38.66 22.02 -3.59
N PRO C 2250 -38.47 20.70 -3.52
CA PRO C 2250 -37.79 20.03 -4.64
C PRO C 2250 -38.58 20.18 -5.94
N PHE C 2251 -37.87 20.28 -7.06
CA PHE C 2251 -38.51 20.32 -8.36
C PHE C 2251 -39.32 19.05 -8.62
N THR C 2252 -40.54 19.23 -9.11
CA THR C 2252 -41.31 18.15 -9.70
C THR C 2252 -40.92 18.05 -11.17
N PRO C 2253 -41.34 16.98 -11.86
CA PRO C 2253 -41.12 16.97 -13.31
C PRO C 2253 -41.81 18.13 -14.01
N GLN C 2254 -42.91 18.64 -13.46
CA GLN C 2254 -43.56 19.81 -14.04
C GLN C 2254 -42.66 21.04 -13.94
N ALA C 2255 -42.08 21.28 -12.75
CA ALA C 2255 -41.17 22.40 -12.58
C ALA C 2255 -39.98 22.28 -13.53
N TYR C 2256 -39.47 21.07 -13.69
CA TYR C 2256 -38.32 20.85 -14.57
C TYR C 2256 -38.68 21.14 -16.03
N GLU C 2257 -39.87 20.69 -16.44
CA GLU C 2257 -40.35 20.98 -17.78
C GLU C 2257 -40.54 22.48 -18.01
N GLU C 2258 -41.11 23.18 -17.03
CA GLU C 2258 -41.31 24.62 -17.14
C GLU C 2258 -39.98 25.36 -17.25
N LEU C 2259 -39.00 24.93 -16.45
CA LEU C 2259 -37.68 25.54 -16.50
C LEU C 2259 -37.03 25.28 -17.86
N SER C 2260 -37.20 24.06 -18.37
CA SER C 2260 -36.67 23.71 -19.68
C SER C 2260 -37.32 24.53 -20.80
N GLN C 2261 -38.61 24.78 -20.68
CA GLN C 2261 -39.32 25.61 -21.67
C GLN C 2261 -38.82 27.04 -21.63
N GLN C 2262 -38.54 27.54 -20.43
CA GLN C 2262 -38.06 28.89 -20.25
C GLN C 2262 -36.72 29.10 -20.93
N PHE C 2263 -35.84 28.10 -20.84
CA PHE C 2263 -34.46 28.23 -21.31
C PHE C 2263 -34.20 27.49 -22.62
N ASP C 2264 -35.26 26.93 -23.20
CA ASP C 2264 -35.13 26.17 -24.45
C ASP C 2264 -34.36 26.86 -25.57
N PRO C 2265 -34.55 28.19 -25.78
CA PRO C 2265 -33.83 28.80 -26.90
C PRO C 2265 -32.30 28.86 -26.73
N TYR C 2266 -31.79 28.49 -25.56
CA TYR C 2266 -30.39 28.73 -25.21
C TYR C 2266 -29.65 27.43 -24.91
N PRO C 2267 -28.88 26.92 -25.90
CA PRO C 2267 -28.16 25.65 -25.72
C PRO C 2267 -27.26 25.58 -24.49
N LEU C 2268 -26.56 26.67 -24.15
CA LEU C 2268 -25.66 26.62 -22.98
C LEU C 2268 -26.45 26.45 -21.69
N ALA C 2269 -27.58 27.14 -21.60
CA ALA C 2269 -28.46 27.00 -20.44
C ALA C 2269 -29.00 25.58 -20.36
N MET C 2270 -29.43 25.05 -21.50
CA MET C 2270 -29.96 23.70 -21.53
C MET C 2270 -28.89 22.67 -21.19
N GLN C 2271 -27.66 22.91 -21.62
CA GLN C 2271 -26.55 22.01 -21.27
C GLN C 2271 -26.31 21.99 -19.76
N PHE C 2272 -26.44 23.15 -19.12
CA PHE C 2272 -26.34 23.23 -17.67
C PHE C 2272 -27.49 22.47 -17.01
N ILE C 2273 -28.72 22.78 -17.43
CA ILE C 2273 -29.92 22.20 -16.83
C ILE C 2273 -29.95 20.68 -16.94
N SER C 2274 -29.49 20.15 -18.08
CA SER C 2274 -29.51 18.72 -18.32
C SER C 2274 -28.58 17.91 -17.39
N GLN C 2275 -27.70 18.61 -16.68
CA GLN C 2275 -26.78 17.95 -15.75
C GLN C 2275 -27.48 17.62 -14.44
N TYR C 2276 -28.71 18.11 -14.29
CA TYR C 2276 -29.46 17.97 -13.04
C TYR C 2276 -30.76 17.22 -13.27
N SER C 2277 -31.08 16.32 -12.34
CA SER C 2277 -32.40 15.70 -12.27
C SER C 2277 -33.28 16.64 -11.47
N PRO C 2278 -34.63 16.50 -11.62
CA PRO C 2278 -35.53 17.32 -10.80
C PRO C 2278 -35.16 17.26 -9.30
N GLU C 2279 -34.81 16.08 -8.81
CA GLU C 2279 -34.50 15.91 -7.40
C GLU C 2279 -33.26 16.70 -6.95
N ASP C 2280 -32.42 17.10 -7.89
CA ASP C 2280 -31.24 17.88 -7.57
C ASP C 2280 -31.51 19.37 -7.45
N ILE C 2281 -32.74 19.79 -7.76
CA ILE C 2281 -33.05 21.22 -7.82
C ILE C 2281 -34.16 21.53 -6.83
N VAL C 2282 -34.01 22.64 -6.11
CA VAL C 2282 -35.07 23.10 -5.22
C VAL C 2282 -35.42 24.55 -5.50
N THR C 2283 -36.64 24.94 -5.13
CA THR C 2283 -36.99 26.35 -5.01
C THR C 2283 -37.06 26.68 -3.52
N ALA C 2284 -36.18 27.55 -3.06
CA ALA C 2284 -36.25 28.07 -1.71
C ALA C 2284 -37.24 29.21 -1.76
N GLN C 2285 -38.39 29.01 -1.12
CA GLN C 2285 -39.44 30.02 -1.12
C GLN C 2285 -39.19 30.96 0.05
N ILE C 2286 -38.30 31.93 -0.19
CA ILE C 2286 -37.82 32.80 0.86
C ILE C 2286 -38.90 33.82 1.25
N GLU C 2287 -39.30 33.84 2.52
CA GLU C 2287 -40.23 34.85 3.00
C GLU C 2287 -39.57 36.22 2.97
N GLY C 2288 -40.28 37.22 2.43
CA GLY C 2288 -39.68 38.53 2.26
C GLY C 2288 -39.75 39.46 3.45
N SER C 2289 -40.56 39.12 4.45
CA SER C 2289 -40.58 39.90 5.68
C SER C 2289 -39.43 39.41 6.56
N SER C 2290 -38.56 40.30 7.01
CA SER C 2290 -37.41 39.88 7.82
C SER C 2290 -37.85 39.02 9.01
N GLY C 2291 -37.06 38.02 9.33
CA GLY C 2291 -37.37 37.12 10.43
C GLY C 2291 -37.10 37.73 11.81
N ALA C 2292 -36.40 38.85 11.84
CA ALA C 2292 -36.05 39.48 13.10
C ALA C 2292 -36.31 40.98 13.04
N LEU C 2293 -36.63 41.55 14.20
CA LEU C 2293 -36.71 42.99 14.33
C LEU C 2293 -35.36 43.62 14.01
N TRP C 2294 -35.42 44.82 13.44
CA TRP C 2294 -34.21 45.60 13.21
C TRP C 2294 -33.74 46.09 14.58
N ARG C 2295 -32.47 45.83 14.86
CA ARG C 2295 -31.91 45.97 16.19
C ARG C 2295 -31.00 47.17 16.28
N ILE C 2296 -31.00 47.99 15.23
CA ILE C 2296 -30.12 49.15 15.17
C ILE C 2296 -30.36 50.09 16.35
N SER C 2297 -29.28 50.66 16.86
CA SER C 2297 -29.37 51.64 17.95
C SER C 2297 -29.86 52.98 17.39
N PRO C 2298 -30.44 53.84 18.24
CA PRO C 2298 -30.84 55.16 17.70
C PRO C 2298 -29.69 55.98 17.09
N PRO C 2299 -28.50 56.04 17.71
CA PRO C 2299 -27.47 56.83 17.03
C PRO C 2299 -27.03 56.26 15.68
N SER C 2300 -26.99 54.93 15.57
CA SER C 2300 -26.59 54.35 14.30
C SER C 2300 -27.68 54.51 13.23
N ARG C 2301 -28.95 54.48 13.63
CA ARG C 2301 -30.03 54.75 12.69
C ARG C 2301 -29.91 56.17 12.14
N ALA C 2302 -29.62 57.11 13.02
CA ALA C 2302 -29.39 58.50 12.61
C ALA C 2302 -28.16 58.62 11.70
N GLN C 2303 -27.10 57.88 12.04
CA GLN C 2303 -25.88 57.91 11.23
C GLN C 2303 -26.16 57.34 9.83
N MET C 2304 -26.93 56.26 9.78
CA MET C 2304 -27.29 55.65 8.51
C MET C 2304 -28.10 56.59 7.62
N LYS C 2305 -29.10 57.25 8.21
CA LYS C 2305 -29.90 58.21 7.44
C LYS C 2305 -29.02 59.31 6.90
N GLN C 2306 -28.16 59.83 7.76
CA GLN C 2306 -27.23 60.89 7.38
C GLN C 2306 -26.25 60.45 6.29
N GLU C 2307 -25.72 59.23 6.42
CA GLU C 2307 -24.79 58.74 5.42
C GLU C 2307 -25.46 58.53 4.07
N LEU C 2308 -26.67 57.97 4.09
CA LEU C 2308 -27.43 57.77 2.86
C LEU C 2308 -27.67 59.10 2.14
N TYR C 2309 -28.12 60.11 2.87
CA TYR C 2309 -28.39 61.43 2.29
C TYR C 2309 -27.11 62.21 1.92
N ASN C 2310 -26.17 62.30 2.86
CA ASN C 2310 -25.10 63.30 2.77
C ASN C 2310 -23.72 62.73 2.50
N GLY C 2311 -23.59 61.42 2.57
CA GLY C 2311 -22.31 60.78 2.39
C GLY C 2311 -21.71 61.09 1.03
N THR C 2312 -20.39 61.27 1.01
CA THR C 2312 -19.69 61.54 -0.24
C THR C 2312 -18.97 60.31 -0.80
N ALA C 2313 -19.07 59.19 -0.10
CA ALA C 2313 -18.49 57.93 -0.57
C ALA C 2313 -19.60 56.99 -0.98
N ASP C 2314 -19.24 55.93 -1.72
CA ASP C 2314 -20.18 54.85 -1.98
C ASP C 2314 -20.62 54.21 -0.66
N ILE C 2315 -21.77 53.55 -0.70
CA ILE C 2315 -22.17 52.70 0.42
C ILE C 2315 -22.51 51.33 -0.17
N THR C 2316 -22.06 50.27 0.47
CA THR C 2316 -22.25 48.93 -0.06
C THR C 2316 -23.60 48.34 0.38
N LEU C 2317 -24.33 47.76 -0.56
CA LEU C 2317 -25.52 46.96 -0.27
C LEU C 2317 -25.21 45.52 -0.63
N ARG C 2318 -25.34 44.63 0.34
CA ARG C 2318 -24.90 43.24 0.19
C ARG C 2318 -26.07 42.29 0.38
N PHE C 2319 -26.25 41.39 -0.59
CA PHE C 2319 -27.22 40.31 -0.46
C PHE C 2319 -26.42 39.02 -0.37
N THR C 2320 -26.59 38.30 0.74
CA THR C 2320 -25.83 37.07 0.98
C THR C 2320 -26.75 35.85 0.94
N TRP C 2321 -26.17 34.70 0.59
CA TRP C 2321 -26.86 33.42 0.71
C TRP C 2321 -25.90 32.37 1.26
N ASN C 2322 -26.43 31.46 2.06
CA ASN C 2322 -25.64 30.41 2.69
C ASN C 2322 -26.52 29.18 2.75
N PHE C 2323 -26.09 28.11 2.09
CA PHE C 2323 -26.89 26.89 2.02
C PHE C 2323 -26.24 25.83 2.91
N GLN C 2324 -27.03 25.29 3.82
CA GLN C 2324 -26.61 24.21 4.70
C GLN C 2324 -27.06 22.86 4.16
N ARG C 2325 -26.14 21.89 4.19
CA ARG C 2325 -26.42 20.53 3.71
C ARG C 2325 -26.23 19.54 4.86
N ASP C 2326 -26.82 18.37 4.70
CA ASP C 2326 -26.71 17.31 5.69
C ASP C 2326 -25.57 16.33 5.34
N LEU C 2327 -24.47 16.41 6.10
CA LEU C 2327 -23.28 15.59 5.82
C LEU C 2327 -23.53 14.11 6.09
N ALA C 2328 -24.56 13.80 6.86
CA ALA C 2328 -24.89 12.40 7.17
C ALA C 2328 -25.26 11.62 5.92
N LYS C 2329 -25.72 12.32 4.89
CA LYS C 2329 -26.07 11.69 3.61
C LYS C 2329 -24.87 11.54 2.68
N GLY C 2330 -23.81 12.29 2.96
CA GLY C 2330 -22.64 12.30 2.12
C GLY C 2330 -22.08 13.70 1.99
N GLY C 2331 -20.98 13.83 1.24
CA GLY C 2331 -20.36 15.12 1.06
C GLY C 2331 -19.42 15.47 2.20
N THR C 2332 -18.64 16.53 2.01
CA THR C 2332 -17.63 16.94 2.98
C THR C 2332 -17.78 18.39 3.45
N VAL C 2333 -18.46 19.20 2.64
CA VAL C 2333 -18.58 20.64 2.94
C VAL C 2333 -20.02 21.01 3.31
N GLU C 2334 -20.25 21.28 4.59
CA GLU C 2334 -21.61 21.51 5.10
C GLU C 2334 -22.27 22.75 4.51
N TYR C 2335 -21.55 23.86 4.51
CA TYR C 2335 -22.11 25.14 4.05
C TYR C 2335 -21.46 25.56 2.75
N THR C 2336 -22.27 26.05 1.82
CA THR C 2336 -21.76 26.65 0.60
C THR C 2336 -22.47 27.99 0.43
N ASN C 2337 -21.71 29.02 0.05
CA ASN C 2337 -22.23 30.38 0.14
C ASN C 2337 -21.55 31.34 -0.82
N GLU C 2338 -22.13 32.51 -0.96
CA GLU C 2338 -21.51 33.62 -1.68
C GLU C 2338 -22.38 34.85 -1.43
N LYS C 2339 -22.05 35.93 -2.12
CA LYS C 2339 -22.79 37.17 -1.95
C LYS C 2339 -22.77 37.97 -3.23
N HIS C 2340 -23.71 38.90 -3.33
CA HIS C 2340 -23.75 39.87 -4.41
C HIS C 2340 -23.74 41.24 -3.77
N THR C 2341 -22.87 42.12 -4.24
CA THR C 2341 -22.81 43.46 -3.67
C THR C 2341 -23.07 44.51 -4.75
N LEU C 2342 -23.66 45.62 -4.32
CA LEU C 2342 -23.86 46.78 -5.19
C LEU C 2342 -23.30 47.99 -4.45
N GLU C 2343 -22.58 48.85 -5.16
CA GLU C 2343 -22.13 50.10 -4.55
C GLU C 2343 -23.13 51.20 -4.91
N LEU C 2344 -23.85 51.69 -3.91
CA LEU C 2344 -24.81 52.77 -4.10
C LEU C 2344 -24.07 54.11 -4.13
N ALA C 2345 -24.06 54.77 -5.29
CA ALA C 2345 -23.33 56.02 -5.44
C ALA C 2345 -23.93 57.15 -4.61
N PRO C 2346 -23.08 58.08 -4.13
CA PRO C 2346 -23.53 59.27 -3.40
C PRO C 2346 -24.58 60.03 -4.21
N ASN C 2347 -25.63 60.51 -3.54
CA ASN C 2347 -26.69 61.29 -4.19
C ASN C 2347 -27.51 60.54 -5.24
N SER C 2348 -27.31 59.24 -5.37
CA SER C 2348 -28.07 58.47 -6.34
C SER C 2348 -29.53 58.38 -5.92
N THR C 2349 -30.41 58.18 -6.89
CA THR C 2349 -31.84 58.16 -6.61
C THR C 2349 -32.23 57.07 -5.60
N ALA C 2350 -31.76 55.85 -5.83
CA ALA C 2350 -32.09 54.74 -4.93
C ALA C 2350 -31.60 54.99 -3.50
N ARG C 2351 -30.43 55.59 -3.39
CA ARG C 2351 -29.85 55.90 -2.09
C ARG C 2351 -30.70 56.91 -1.34
N ARG C 2352 -31.11 57.97 -2.02
CA ARG C 2352 -31.96 58.97 -1.37
C ARG C 2352 -33.32 58.40 -1.03
N GLN C 2353 -33.86 57.56 -1.92
CA GLN C 2353 -35.17 56.96 -1.70
C GLN C 2353 -35.14 55.97 -0.53
N LEU C 2354 -34.04 55.24 -0.38
CA LEU C 2354 -33.88 54.35 0.76
C LEU C 2354 -33.85 55.16 2.06
N ALA C 2355 -33.09 56.26 2.04
CA ALA C 2355 -33.02 57.14 3.21
C ALA C 2355 -34.41 57.67 3.60
N GLN C 2356 -35.17 58.06 2.58
CA GLN C 2356 -36.54 58.55 2.77
C GLN C 2356 -37.45 57.54 3.49
N LEU C 2357 -37.19 56.25 3.31
CA LEU C 2357 -38.03 55.24 3.94
C LEU C 2357 -37.98 55.33 5.45
N LEU C 2358 -36.84 55.81 5.97
CA LEU C 2358 -36.68 55.92 7.42
C LEU C 2358 -37.64 56.93 8.05
N GLU C 2359 -38.22 57.81 7.23
CA GLU C 2359 -39.14 58.79 7.80
C GLU C 2359 -40.45 58.13 8.23
N GLY C 2360 -40.74 56.94 7.73
CA GLY C 2360 -41.83 56.16 8.25
C GLY C 2360 -43.18 56.34 7.56
N ARG C 2361 -43.16 56.81 6.32
CA ARG C 2361 -44.38 56.83 5.52
C ARG C 2361 -44.61 55.45 4.91
N PRO C 2362 -45.66 54.74 5.38
CA PRO C 2362 -45.82 53.30 5.11
C PRO C 2362 -46.02 52.92 3.64
N ASP C 2363 -46.49 53.87 2.83
CA ASP C 2363 -46.79 53.59 1.42
C ASP C 2363 -45.55 53.66 0.55
N GLN C 2364 -44.45 54.17 1.10
CA GLN C 2364 -43.25 54.39 0.30
C GLN C 2364 -42.38 53.14 0.18
N SER C 2365 -41.63 53.08 -0.90
CA SER C 2365 -40.71 51.97 -1.15
C SER C 2365 -39.56 52.43 -2.03
N VAL C 2366 -38.54 51.59 -2.14
CA VAL C 2366 -37.47 51.83 -3.10
C VAL C 2366 -37.20 50.56 -3.88
N VAL C 2367 -36.92 50.69 -5.18
CA VAL C 2367 -36.52 49.56 -6.00
C VAL C 2367 -35.02 49.60 -6.19
N ILE C 2368 -34.37 48.48 -5.88
CA ILE C 2368 -32.95 48.31 -6.16
C ILE C 2368 -32.83 47.35 -7.33
N PRO C 2369 -32.39 47.85 -8.49
CA PRO C 2369 -32.27 46.96 -9.64
C PRO C 2369 -31.16 45.93 -9.45
N HIS C 2370 -31.32 44.75 -10.05
CA HIS C 2370 -30.23 43.81 -10.20
C HIS C 2370 -29.61 43.35 -8.88
N LEU C 2371 -30.48 43.01 -7.93
CA LEU C 2371 -30.05 42.66 -6.58
C LEU C 2371 -30.14 41.15 -6.28
N PHE C 2372 -31.13 40.48 -6.86
CA PHE C 2372 -31.45 39.10 -6.48
C PHE C 2372 -31.05 38.12 -7.57
N PRO C 2373 -29.99 37.31 -7.34
CA PRO C 2373 -29.68 36.29 -8.34
C PRO C 2373 -30.60 35.09 -8.16
N LYS C 2374 -31.53 34.91 -9.08
CA LYS C 2374 -32.53 33.85 -8.91
C LYS C 2374 -31.96 32.43 -8.99
N TYR C 2375 -30.99 32.20 -9.88
CA TYR C 2375 -30.48 30.86 -10.13
C TYR C 2375 -29.09 30.73 -9.58
N ILE C 2376 -28.92 29.85 -8.60
CA ILE C 2376 -27.63 29.67 -7.95
C ILE C 2376 -27.27 28.19 -7.87
N ARG C 2377 -25.99 27.88 -8.05
CA ARG C 2377 -25.49 26.52 -7.91
C ARG C 2377 -24.96 26.29 -6.50
N ALA C 2378 -25.27 25.11 -5.94
CA ALA C 2378 -24.80 24.71 -4.63
C ALA C 2378 -23.94 23.47 -4.84
N PRO C 2379 -22.65 23.69 -5.13
CA PRO C 2379 -21.81 22.57 -5.55
C PRO C 2379 -21.24 21.86 -4.34
N ASN C 2380 -20.38 20.89 -4.58
CA ASN C 2380 -19.77 20.15 -3.48
C ASN C 2380 -18.89 21.02 -2.60
N GLY C 2381 -18.26 22.03 -3.21
CA GLY C 2381 -17.35 22.92 -2.51
C GLY C 2381 -18.06 24.10 -1.87
N PRO C 2382 -17.30 24.97 -1.19
CA PRO C 2382 -17.88 26.02 -0.32
C PRO C 2382 -18.31 27.31 -1.03
N GLU C 2383 -18.12 27.39 -2.34
CA GLU C 2383 -18.45 28.60 -3.07
C GLU C 2383 -19.66 28.34 -3.99
N ALA C 2384 -20.74 29.06 -3.73
CA ALA C 2384 -22.00 28.86 -4.42
C ALA C 2384 -22.29 30.05 -5.33
N ASN C 2385 -21.90 29.96 -6.60
CA ASN C 2385 -22.04 31.10 -7.49
C ASN C 2385 -23.36 31.12 -8.24
N PRO C 2386 -23.86 32.34 -8.54
CA PRO C 2386 -25.01 32.39 -9.45
C PRO C 2386 -24.65 31.70 -10.78
N VAL C 2387 -25.61 31.03 -11.39
CA VAL C 2387 -25.34 30.26 -12.60
C VAL C 2387 -25.21 31.18 -13.82
N LYS C 2388 -23.99 31.32 -14.34
CA LYS C 2388 -23.77 32.20 -15.48
C LYS C 2388 -24.49 31.70 -16.73
N GLN C 2389 -24.59 30.39 -16.89
CA GLN C 2389 -25.26 29.84 -18.08
C GLN C 2389 -26.73 30.22 -18.15
N LEU C 2390 -27.35 30.50 -17.00
CA LEU C 2390 -28.75 30.91 -16.97
C LEU C 2390 -28.87 32.41 -16.80
N GLN C 2391 -27.77 33.05 -16.39
CA GLN C 2391 -27.70 34.50 -16.21
C GLN C 2391 -26.43 35.04 -16.89
N PRO C 2392 -26.37 34.93 -18.24
CA PRO C 2392 -25.12 35.20 -18.95
C PRO C 2392 -24.63 36.65 -18.90
N ASP C 2393 -25.53 37.59 -18.68
CA ASP C 2393 -25.13 38.99 -18.52
C ASP C 2393 -24.87 39.32 -17.05
N GLU C 2394 -24.73 38.27 -16.26
CA GLU C 2394 -24.34 38.38 -14.85
C GLU C 2394 -25.28 39.29 -14.06
N GLU C 2395 -24.75 40.33 -13.41
CA GLU C 2395 -25.61 41.17 -12.57
C GLU C 2395 -26.78 41.79 -13.32
N GLU C 2396 -26.62 42.04 -14.62
CA GLU C 2396 -27.71 42.61 -15.42
C GLU C 2396 -28.89 41.64 -15.52
N ASP C 2397 -28.64 40.36 -15.24
CA ASP C 2397 -29.68 39.35 -15.26
C ASP C 2397 -30.26 39.05 -13.87
N TYR C 2398 -29.76 39.73 -12.85
CA TYR C 2398 -30.32 39.56 -11.51
C TYR C 2398 -31.59 40.39 -11.38
N LEU C 2399 -32.48 39.99 -10.49
CA LEU C 2399 -33.81 40.61 -10.43
C LEU C 2399 -33.85 41.83 -9.50
N GLY C 2400 -34.66 42.82 -9.87
CA GLY C 2400 -34.89 43.97 -9.02
C GLY C 2400 -35.67 43.59 -7.77
N VAL C 2401 -35.39 44.32 -6.69
CA VAL C 2401 -36.00 44.08 -5.39
C VAL C 2401 -36.61 45.36 -4.85
N ARG C 2402 -37.88 45.29 -4.47
CA ARG C 2402 -38.58 46.42 -3.86
C ARG C 2402 -38.46 46.29 -2.34
N ILE C 2403 -38.00 47.35 -1.69
CA ILE C 2403 -37.75 47.35 -0.25
C ILE C 2403 -38.70 48.32 0.46
N GLN C 2404 -39.23 47.89 1.61
CA GLN C 2404 -40.09 48.72 2.43
C GLN C 2404 -39.73 48.55 3.90
N LEU C 2405 -40.02 49.58 4.68
CA LEU C 2405 -39.83 49.55 6.12
C LEU C 2405 -41.18 49.45 6.82
N ARG C 2406 -41.35 48.42 7.64
CA ARG C 2406 -42.58 48.22 8.42
C ARG C 2406 -42.35 48.69 9.84
N ARG C 2407 -43.34 49.40 10.40
CA ARG C 2407 -43.24 49.89 11.77
C ARG C 2407 -44.56 49.70 12.52
N GLU C 2408 -44.47 49.05 13.67
CA GLU C 2408 -45.67 48.79 14.48
C GLU C 2408 -45.57 49.41 15.87
N GLN C 2409 -46.72 49.54 16.53
CA GLN C 2409 -46.80 50.23 17.82
C GLN C 2409 -46.75 49.30 19.03
N VAL C 2410 -46.18 49.75 20.15
CA VAL C 2410 -45.45 51.00 20.30
C VAL C 2410 -46.30 52.02 21.02
N GLY C 2411 -45.66 52.99 21.67
CA GLY C 2411 -46.38 53.99 22.45
C GLY C 2411 -47.27 53.29 23.48
N SER C 2424 -43.88 58.32 17.27
CA SER C 2424 -42.92 58.00 18.32
C SER C 2424 -42.22 56.69 18.00
N ASP C 2425 -41.39 56.21 18.94
CA ASP C 2425 -40.63 54.98 18.72
C ASP C 2425 -41.55 53.77 18.55
N PHE C 2426 -41.21 52.93 17.57
CA PHE C 2426 -41.98 51.73 17.28
C PHE C 2426 -41.03 50.60 16.88
N LEU C 2427 -41.43 49.35 17.09
CA LEU C 2427 -40.71 48.26 16.45
C LEU C 2427 -40.52 48.51 14.95
N GLU C 2428 -39.37 48.10 14.43
CA GLU C 2428 -39.11 48.22 13.00
C GLU C 2428 -38.57 46.93 12.42
N TRP C 2429 -39.02 46.60 11.21
CA TRP C 2429 -38.44 45.51 10.43
C TRP C 2429 -38.59 45.79 8.96
N TRP C 2430 -37.72 45.18 8.16
CA TRP C 2430 -37.70 45.45 6.73
C TRP C 2430 -38.38 44.33 5.97
N VAL C 2431 -39.01 44.69 4.85
CA VAL C 2431 -39.68 43.74 3.98
C VAL C 2431 -39.17 43.93 2.57
N ILE C 2432 -38.77 42.82 1.94
CA ILE C 2432 -38.36 42.87 0.55
C ILE C 2432 -39.31 42.01 -0.29
N GLU C 2433 -39.41 42.37 -1.57
CA GLU C 2433 -40.17 41.58 -2.54
C GLU C 2433 -39.50 41.73 -3.90
N LEU C 2434 -39.71 40.76 -4.78
CA LEU C 2434 -39.22 40.91 -6.14
C LEU C 2434 -40.03 42.03 -6.79
N GLN C 2435 -39.33 42.90 -7.53
CA GLN C 2435 -39.97 44.05 -8.16
C GLN C 2435 -41.15 43.61 -9.02
N ASP C 2436 -40.98 42.51 -9.74
CA ASP C 2436 -42.02 42.05 -10.65
C ASP C 2436 -42.87 40.91 -10.10
N CYS C 2437 -42.97 40.80 -8.78
CA CYS C 2437 -43.79 39.75 -8.19
C CYS C 2437 -45.26 39.90 -8.61
N LYS C 2438 -45.93 38.78 -8.82
CA LYS C 2438 -47.31 38.80 -9.27
C LYS C 2438 -48.22 38.07 -8.29
N ALA C 2439 -48.10 36.74 -8.22
CA ALA C 2439 -49.04 35.94 -7.44
C ALA C 2439 -48.66 35.79 -5.97
N ASP C 2440 -47.37 35.83 -5.68
CA ASP C 2440 -46.91 35.56 -4.33
C ASP C 2440 -45.83 36.55 -3.92
N CYS C 2441 -46.22 37.81 -3.74
CA CYS C 2441 -45.25 38.84 -3.42
C CYS C 2441 -44.55 38.65 -2.07
N ASN C 2442 -45.11 37.81 -1.20
CA ASN C 2442 -44.45 37.51 0.07
C ASN C 2442 -43.24 36.59 -0.09
N LEU C 2443 -43.06 36.00 -1.27
CA LEU C 2443 -42.01 35.01 -1.50
C LEU C 2443 -41.00 35.47 -2.53
N LEU C 2444 -39.72 35.17 -2.26
CA LEU C 2444 -38.67 35.42 -3.24
C LEU C 2444 -38.07 34.07 -3.61
N PRO C 2445 -38.54 33.49 -4.71
CA PRO C 2445 -38.12 32.11 -5.01
C PRO C 2445 -36.73 32.03 -5.61
N MET C 2446 -35.83 31.38 -4.88
CA MET C 2446 -34.47 31.19 -5.32
C MET C 2446 -34.32 29.74 -5.76
N VAL C 2447 -33.90 29.54 -6.99
CA VAL C 2447 -33.76 28.22 -7.59
C VAL C 2447 -32.32 27.74 -7.44
N ILE C 2448 -32.16 26.61 -6.77
CA ILE C 2448 -30.84 26.13 -6.37
C ILE C 2448 -30.55 24.76 -6.96
N PHE C 2449 -29.46 24.67 -7.73
CA PHE C 2449 -29.05 23.41 -8.39
C PHE C 2449 -27.92 22.83 -7.58
N SER C 2450 -28.16 21.66 -6.98
CA SER C 2450 -27.15 21.03 -6.14
C SER C 2450 -26.50 19.82 -6.80
N ASP C 2451 -25.19 19.87 -6.98
CA ASP C 2451 -24.47 18.71 -7.48
C ASP C 2451 -24.63 17.54 -6.49
N LYS C 2452 -24.73 16.33 -7.02
CA LYS C 2452 -24.80 15.16 -6.16
C LYS C 2452 -23.49 14.96 -5.41
N VAL C 2453 -23.54 14.20 -4.31
CA VAL C 2453 -22.35 13.88 -3.53
C VAL C 2453 -22.13 12.37 -3.40
N SER C 2454 -20.90 11.99 -3.07
CA SER C 2454 -20.53 10.59 -2.93
C SER C 2454 -19.72 10.37 -1.65
N PRO C 2455 -19.95 9.15 -0.98
CA PRO C 2455 -19.17 9.02 0.27
C PRO C 2455 -17.65 9.01 0.08
N PRO C 2456 -17.16 8.27 -0.91
CA PRO C 2456 -15.71 8.16 -1.11
C PRO C 2456 -15.24 8.50 -2.52
N SER C 2457 -14.25 9.38 -2.60
CA SER C 2457 -13.59 9.70 -3.87
C SER C 2457 -12.84 8.49 -4.44
N LEU C 2458 -12.21 7.72 -3.56
CA LEU C 2458 -11.46 6.54 -3.98
C LEU C 2458 -9.99 6.84 -4.29
N GLY C 2459 -9.71 7.11 -5.56
CA GLY C 2459 -8.33 7.24 -6.04
C GLY C 2459 -7.56 8.37 -5.36
N PHE C 2460 -8.23 9.49 -5.11
CA PHE C 2460 -7.56 10.64 -4.52
C PHE C 2460 -6.46 11.12 -5.48
N LEU C 2461 -5.23 11.26 -4.99
CA LEU C 2461 -4.16 11.80 -5.82
C LEU C 2461 -3.92 10.90 -7.02
N ALA C 2462 -3.71 11.53 -8.17
CA ALA C 2462 -3.56 10.80 -9.43
C ALA C 2462 -2.34 9.90 -9.44
N GLY C 2463 -1.23 10.39 -8.89
CA GLY C 2463 0.02 9.64 -8.89
C GLY C 2463 -0.11 8.32 -8.11
N TYR C 2464 -0.78 8.37 -6.96
CA TYR C 2464 -0.95 7.18 -6.14
C TYR C 2464 -1.77 6.12 -6.86
N GLY C 2465 -2.83 6.53 -7.54
CA GLY C 2465 -3.67 5.62 -8.29
C GLY C 2465 -2.90 4.95 -9.42
N ILE C 2466 -2.09 5.75 -10.12
CA ILE C 2466 -1.28 5.24 -11.22
C ILE C 2466 -0.26 4.22 -10.72
N VAL C 2467 0.35 4.52 -9.58
CA VAL C 2467 1.37 3.65 -9.00
C VAL C 2467 0.79 2.28 -8.64
N GLY C 2468 -0.41 2.28 -8.08
CA GLY C 2468 -1.05 1.03 -7.67
C GLY C 2468 -1.29 0.14 -8.88
N LEU C 2469 -1.74 0.74 -9.97
CA LEU C 2469 -1.96 0.00 -11.20
C LEU C 2469 -0.63 -0.55 -11.71
N TYR C 2470 0.41 0.27 -11.63
CA TYR C 2470 1.74 -0.14 -12.05
C TYR C 2470 2.23 -1.28 -11.15
N VAL C 2471 1.98 -1.14 -9.86
CA VAL C 2471 2.33 -2.19 -8.91
C VAL C 2471 1.54 -3.44 -9.23
N SER C 2472 0.27 -3.24 -9.56
CA SER C 2472 -0.60 -4.34 -9.95
C SER C 2472 -0.07 -4.99 -11.22
N ILE C 2473 0.39 -4.17 -12.14
CA ILE C 2473 0.92 -4.67 -13.40
C ILE C 2473 2.38 -5.04 -13.22
N VAL C 2474 3.10 -4.19 -12.48
CA VAL C 2474 4.50 -4.45 -12.17
C VAL C 2474 4.60 -5.63 -11.20
N LEU C 2475 3.94 -5.50 -10.05
CA LEU C 2475 3.92 -6.59 -9.08
C LEU C 2475 3.53 -7.91 -9.76
N VAL C 2476 2.48 -7.81 -10.55
CA VAL C 2476 1.93 -8.94 -11.30
C VAL C 2476 3.02 -9.53 -12.21
N VAL C 2477 3.69 -8.63 -12.90
CA VAL C 2477 4.77 -8.98 -13.84
C VAL C 2477 5.86 -9.75 -13.11
N GLY C 2478 6.23 -9.21 -11.96
CA GLY C 2478 7.27 -9.79 -11.09
C GLY C 2478 6.89 -11.22 -10.70
N LYS C 2479 5.66 -11.40 -10.24
CA LYS C 2479 5.19 -12.73 -9.87
C LYS C 2479 5.14 -13.64 -11.09
N PHE C 2480 4.66 -13.12 -12.21
CA PHE C 2480 4.61 -13.87 -13.46
C PHE C 2480 6.02 -14.19 -13.95
N VAL C 2481 6.90 -13.20 -13.83
CA VAL C 2481 8.29 -13.33 -14.24
C VAL C 2481 8.99 -14.38 -13.41
N ARG C 2482 8.66 -14.42 -12.13
CA ARG C 2482 9.39 -15.22 -11.15
C ARG C 2482 9.36 -16.72 -11.44
N GLY C 2483 8.22 -17.24 -11.87
CA GLY C 2483 8.12 -18.69 -12.05
C GLY C 2483 9.10 -19.19 -13.09
N PHE C 2484 9.19 -18.50 -14.23
CA PHE C 2484 10.22 -18.76 -15.22
C PHE C 2484 10.09 -20.16 -15.81
N PHE C 2485 11.20 -20.66 -16.35
CA PHE C 2485 11.32 -22.06 -16.73
C PHE C 2485 12.60 -22.66 -16.15
N SER C 2486 12.47 -23.77 -15.41
CA SER C 2486 13.63 -24.47 -14.88
C SER C 2486 14.17 -25.51 -15.85
N GLU C 2487 14.82 -25.06 -16.92
CA GLU C 2487 15.30 -25.99 -17.94
C GLU C 2487 16.36 -26.96 -17.43
N ILE C 2488 17.30 -26.45 -16.65
CA ILE C 2488 18.38 -27.28 -16.11
C ILE C 2488 17.87 -28.35 -15.15
N SER C 2489 17.01 -27.94 -14.23
CA SER C 2489 16.43 -28.86 -13.25
C SER C 2489 15.56 -29.89 -13.96
N HIS C 2490 14.80 -29.43 -14.94
CA HIS C 2490 13.87 -30.29 -15.66
C HIS C 2490 14.59 -31.38 -16.43
N SER C 2491 15.72 -31.04 -17.06
CA SER C 2491 16.42 -31.98 -17.89
C SER C 2491 16.90 -33.18 -17.08
N ILE C 2492 17.45 -32.91 -15.90
CA ILE C 2492 17.87 -33.99 -15.03
C ILE C 2492 16.68 -34.82 -14.56
N MET C 2493 15.60 -34.12 -14.19
CA MET C 2493 14.39 -34.78 -13.72
C MET C 2493 13.68 -35.59 -14.82
N PHE C 2494 13.62 -35.01 -16.01
CA PHE C 2494 12.89 -35.63 -17.12
C PHE C 2494 13.49 -36.95 -17.56
N GLU C 2495 14.81 -37.01 -17.63
CA GLU C 2495 15.50 -38.19 -18.12
C GLU C 2495 15.26 -39.40 -17.23
N GLU C 2496 15.27 -39.18 -15.92
CA GLU C 2496 15.16 -40.27 -14.98
C GLU C 2496 13.83 -41.01 -15.07
N LEU C 2497 12.74 -40.28 -15.22
CA LEU C 2497 11.43 -40.92 -15.28
C LEU C 2497 11.31 -41.83 -16.49
N PRO C 2498 11.64 -41.30 -17.66
CA PRO C 2498 11.77 -42.11 -18.86
C PRO C 2498 12.95 -43.07 -18.69
N CYS C 2499 14.01 -42.53 -18.11
CA CYS C 2499 15.28 -43.26 -17.94
C CYS C 2499 15.20 -44.38 -16.92
N VAL C 2500 15.95 -45.45 -17.19
CA VAL C 2500 16.11 -46.55 -16.25
C VAL C 2500 16.97 -46.08 -15.08
N ASP C 2501 16.78 -46.68 -13.92
CA ASP C 2501 17.51 -46.26 -12.73
C ASP C 2501 19.01 -46.46 -12.92
N ARG C 2502 19.39 -47.57 -13.54
CA ARG C 2502 20.80 -47.82 -13.82
C ARG C 2502 21.34 -46.76 -14.77
N ILE C 2503 20.58 -46.52 -15.85
CA ILE C 2503 20.93 -45.48 -16.81
C ILE C 2503 20.87 -44.15 -16.09
N LEU C 2504 19.84 -44.00 -15.26
CA LEU C 2504 19.68 -42.81 -14.46
C LEU C 2504 20.86 -42.73 -13.50
N LYS C 2505 21.25 -43.88 -12.97
CA LYS C 2505 22.36 -43.94 -12.03
C LYS C 2505 23.63 -43.48 -12.71
N LEU C 2506 23.85 -43.92 -13.95
CA LEU C 2506 24.97 -43.42 -14.73
C LEU C 2506 24.75 -41.94 -14.92
N CYS C 2507 23.51 -41.59 -15.23
CA CYS C 2507 23.07 -40.20 -15.28
C CYS C 2507 23.15 -39.61 -13.88
N GLN C 2508 22.77 -40.42 -12.90
CA GLN C 2508 22.65 -40.00 -11.51
C GLN C 2508 23.96 -39.55 -10.87
N ASP C 2509 25.05 -40.22 -11.23
CA ASP C 2509 26.33 -39.98 -10.56
C ASP C 2509 26.85 -38.55 -10.70
N ILE C 2510 26.73 -37.97 -11.89
CA ILE C 2510 27.25 -36.63 -12.11
C ILE C 2510 26.53 -35.62 -11.23
N PHE C 2511 25.14 -35.78 -11.14
CA PHE C 2511 24.50 -34.84 -10.19
C PHE C 2511 24.76 -35.23 -8.74
N LEU C 2512 24.47 -34.28 -7.85
CA LEU C 2512 24.71 -34.45 -6.42
C LEU C 2512 23.85 -35.60 -5.88
N VAL C 2513 22.77 -35.90 -6.58
CA VAL C 2513 21.82 -36.91 -6.12
C VAL C 2513 22.51 -38.27 -5.98
N ARG C 2514 23.41 -38.58 -6.89
CA ARG C 2514 24.18 -39.83 -6.79
C ARG C 2514 24.98 -39.77 -5.50
N GLU C 2515 25.52 -38.60 -5.20
CA GLU C 2515 26.25 -38.38 -3.96
C GLU C 2515 25.31 -38.60 -2.78
N THR C 2516 24.06 -38.16 -2.94
CA THR C 2516 23.06 -38.32 -1.90
C THR C 2516 22.85 -39.82 -1.65
N ARG C 2517 22.87 -40.59 -2.71
CA ARG C 2517 22.76 -42.03 -2.61
C ARG C 2517 23.94 -42.53 -1.78
N GLU C 2518 25.09 -41.92 -2.02
CA GLU C 2518 26.29 -42.24 -1.25
C GLU C 2518 26.06 -41.92 0.22
N LEU C 2519 25.37 -40.81 0.48
CA LEU C 2519 25.06 -40.43 1.86
C LEU C 2519 24.19 -41.53 2.45
N GLU C 2520 23.25 -42.02 1.64
CA GLU C 2520 22.51 -43.23 1.98
C GLU C 2520 23.42 -44.14 2.79
N LEU C 2521 24.71 -44.13 2.43
CA LEU C 2521 25.69 -44.97 3.09
C LEU C 2521 25.78 -44.61 4.56
N GLU C 2522 25.68 -43.33 4.88
CA GLU C 2522 25.72 -42.89 6.27
C GLU C 2522 24.57 -43.54 7.02
N GLU C 2523 23.41 -43.59 6.38
CA GLU C 2523 22.31 -44.41 6.86
C GLU C 2523 22.77 -45.55 7.76
N GLU C 2524 23.90 -46.14 7.43
CA GLU C 2524 24.38 -47.32 8.15
C GLU C 2524 24.62 -46.99 9.62
N LEU C 2525 25.19 -45.82 9.88
CA LEU C 2525 25.39 -45.37 11.26
C LEU C 2525 24.02 -45.08 11.89
N TYR C 2526 23.26 -44.19 11.24
CA TYR C 2526 21.91 -43.87 11.67
C TYR C 2526 21.14 -45.07 12.22
N ALA C 2527 20.25 -44.80 13.15
CA ALA C 2527 19.41 -45.85 13.75
C ALA C 2527 18.51 -46.46 12.69
N LYS C 2528 18.24 -47.75 12.81
CA LYS C 2528 17.52 -48.49 11.78
C LYS C 2528 16.10 -47.96 11.55
N LEU C 2529 15.40 -47.63 12.63
CA LEU C 2529 14.04 -47.12 12.48
C LEU C 2529 14.06 -45.80 11.71
N ILE C 2530 14.99 -44.93 12.06
CA ILE C 2530 15.18 -43.68 11.31
C ILE C 2530 15.75 -44.05 9.95
N PHE C 2531 16.50 -45.13 9.92
CA PHE C 2531 17.09 -45.65 8.69
C PHE C 2531 16.00 -46.05 7.70
N LEU C 2532 14.92 -46.62 8.22
CA LEU C 2532 13.85 -47.14 7.39
C LEU C 2532 13.22 -46.04 6.55
N TYR C 2533 13.05 -44.86 7.14
CA TYR C 2533 12.49 -43.74 6.39
C TYR C 2533 13.45 -43.43 5.25
N ARG C 2534 14.74 -43.48 5.54
CA ARG C 2534 15.77 -43.36 4.52
C ARG C 2534 15.66 -44.52 3.56
N SER C 2535 15.39 -45.70 4.11
CA SER C 2535 15.31 -46.94 3.33
C SER C 2535 14.19 -46.87 2.31
N PRO C 2536 13.05 -46.28 2.69
CA PRO C 2536 11.94 -46.11 1.79
C PRO C 2536 12.42 -45.47 0.49
N GLU C 2537 13.39 -44.57 0.61
CA GLU C 2537 13.95 -43.89 -0.54
C GLU C 2537 14.62 -44.89 -1.47
N THR C 2538 15.31 -45.86 -0.88
CA THR C 2538 15.99 -46.88 -1.66
C THR C 2538 14.97 -47.66 -2.47
N MET C 2539 13.84 -47.97 -1.84
CA MET C 2539 12.75 -48.61 -2.54
C MET C 2539 12.28 -47.67 -3.64
N ILE C 2540 12.21 -46.39 -3.28
CA ILE C 2540 11.90 -45.36 -4.27
C ILE C 2540 13.02 -45.32 -5.30
N LYS C 2541 14.25 -45.46 -4.82
CA LYS C 2541 15.41 -45.48 -5.70
C LYS C 2541 15.32 -46.69 -6.63
N TRP C 2542 14.90 -47.82 -6.08
CA TRP C 2542 14.71 -49.02 -6.87
C TRP C 2542 13.63 -48.78 -7.91
N THR C 2543 12.57 -48.09 -7.49
CA THR C 2543 11.48 -47.74 -8.38
C THR C 2543 11.98 -46.81 -9.48
N ARG C 2544 12.85 -45.87 -9.09
CA ARG C 2544 13.41 -44.92 -10.05
C ARG C 2544 13.87 -45.63 -11.32
#